data_7KRZ
#
_entry.id   7KRZ
#
_cell.length_a   1.00
_cell.length_b   1.00
_cell.length_c   1.00
_cell.angle_alpha   90.00
_cell.angle_beta   90.00
_cell.angle_gamma   90.00
#
_symmetry.space_group_name_H-M   'P 1'
#
loop_
_entity.id
_entity.type
_entity.pdbx_description
1 polymer 'Lon protease homolog, mitochondrial'
2 polymer 'Endogenous co-purified substrate'
3 non-polymer "ADENOSINE-5'-TRIPHOSPHATE"
4 non-polymer 'MAGNESIUM ION'
5 non-polymer N-[(1R)-1-(DIHYDROXYBORYL)-3-METHYLBUTYL]-N-(PYRAZIN-2-YLCARBONYL)-L-PHENYLALANINAMIDE
6 non-polymer "ADENOSINE-5'-DIPHOSPHATE"
#
loop_
_entity_poly.entity_id
_entity_poly.type
_entity_poly.pdbx_seq_one_letter_code
_entity_poly.pdbx_strand_id
1 'polypeptide(L)'
;KDAIEEKFRERLKELVVPKHVMDVVDEELSKLGLLDNHSSEFNVTRNYLDWLTSIPWGKYSNENLDLARAQAVLEEDHYG
MEDVKKRILEFIAVSQLRGSTQGKILCFYGPPGVGKTSIARSIARALNREYFRFSVGGMTDVAEIKGHRRTYVGAMPGKI
IQCLKKTKTENPLILIDEVDKIGRGYQGDPSSALLELLDPEQNANFLDHYLDVPVDLSKVLFICTANVTDTIPEPLRDRM
EMINVSGYVAQEKLAIAERYLVPQARALCGLDESKAKLSSDVLTLLIKQYCRESGVRNLQKQVEKVLRKSAYKIVSGEAE
SVEVTPENLQDFVGKPVFTVERMYDVTPPGVVMGLAWTAMGGSTLFVETSLRRPQDKDAKGDKDGSLEVTGQLGEVMKES
ARIAYTFARAFLMQHAPANDYLVTSHIHLHVPEGATPKDGPSAGCTIVTALLSLAMGRPVRQNLAMTGEVSLTGKILPVG
GIKEKTIAAKRAGVTCIVLPAENKKDFYDLAAFITEGLEVHFVEHYREIFDIAF
;
A,B,C,D,E,F
2 'polypeptide(L)' (UNK)(UNK)(UNK)(UNK)(UNK)(UNK)(UNK)(UNK)(UNK)(UNK)(UNK)(UNK) G
#
# COMPACT_ATOMS: atom_id res chain seq x y z
N ILE A 4 -56.46 30.01 5.99
CA ILE A 4 -55.07 29.80 5.64
C ILE A 4 -54.19 30.63 6.56
N GLU A 5 -54.36 31.94 6.49
CA GLU A 5 -53.60 32.83 7.35
C GLU A 5 -54.03 32.69 8.80
N GLU A 6 -55.33 32.48 9.02
CA GLU A 6 -55.84 32.40 10.38
C GLU A 6 -55.24 31.23 11.14
N LYS A 7 -55.15 30.07 10.50
CA LYS A 7 -54.61 28.90 11.20
C LYS A 7 -53.11 29.04 11.41
N PHE A 8 -52.39 29.60 10.44
CA PHE A 8 -50.95 29.74 10.58
C PHE A 8 -50.60 30.75 11.67
N ARG A 9 -51.37 31.83 11.78
CA ARG A 9 -51.11 32.80 12.83
C ARG A 9 -51.63 32.34 14.18
N GLU A 10 -52.61 31.43 14.20
CA GLU A 10 -53.04 30.86 15.48
C GLU A 10 -52.04 29.84 16.00
N ARG A 11 -51.44 29.06 15.11
CA ARG A 11 -50.45 28.08 15.50
C ARG A 11 -49.28 28.71 16.25
N LEU A 12 -49.05 30.01 16.05
CA LEU A 12 -48.01 30.76 16.75
C LEU A 12 -48.54 31.38 18.03
N LYS A 13 -49.19 30.58 18.87
CA LYS A 13 -49.77 31.06 20.11
C LYS A 13 -49.06 30.47 21.32
N GLU A 14 -49.04 29.15 21.43
CA GLU A 14 -48.44 28.48 22.59
C GLU A 14 -46.91 28.42 22.50
N LEU A 15 -46.31 29.12 21.55
CA LEU A 15 -44.87 29.14 21.37
C LEU A 15 -44.33 30.46 21.87
N VAL A 16 -43.01 30.64 21.73
CA VAL A 16 -42.38 31.95 21.89
C VAL A 16 -41.46 32.13 20.67
N VAL A 17 -41.99 32.75 19.63
CA VAL A 17 -41.29 32.87 18.36
C VAL A 17 -40.26 33.99 18.45
N PRO A 18 -38.98 33.70 18.22
CA PRO A 18 -37.98 34.76 18.20
C PRO A 18 -38.21 35.72 17.04
N LYS A 19 -37.61 36.90 17.15
CA LYS A 19 -37.87 37.95 16.17
C LYS A 19 -37.25 37.63 14.82
N HIS A 20 -35.99 37.16 14.82
CA HIS A 20 -35.27 36.91 13.59
C HIS A 20 -35.96 35.86 12.72
N VAL A 21 -36.99 35.18 13.24
CA VAL A 21 -37.85 34.35 12.42
C VAL A 21 -39.29 34.83 12.42
N MET A 22 -39.72 35.63 13.40
CA MET A 22 -41.06 36.19 13.35
C MET A 22 -41.21 37.19 12.21
N ASP A 23 -40.19 38.01 11.98
CA ASP A 23 -40.22 38.89 10.81
C ASP A 23 -40.22 38.11 9.52
N VAL A 24 -39.55 36.95 9.49
CA VAL A 24 -39.56 36.11 8.30
C VAL A 24 -40.95 35.57 8.04
N VAL A 25 -41.59 35.01 9.07
CA VAL A 25 -42.92 34.45 8.86
C VAL A 25 -43.90 35.55 8.50
N ASP A 26 -43.70 36.76 9.03
CA ASP A 26 -44.59 37.87 8.66
C ASP A 26 -44.39 38.29 7.21
N GLU A 27 -43.14 38.41 6.77
CA GLU A 27 -42.86 38.71 5.37
C GLU A 27 -43.49 37.67 4.45
N GLU A 28 -43.44 36.40 4.86
CA GLU A 28 -44.02 35.36 4.01
C GLU A 28 -45.54 35.41 4.03
N LEU A 29 -46.14 35.71 5.19
CA LEU A 29 -47.59 35.87 5.24
C LEU A 29 -48.05 36.99 4.33
N SER A 30 -47.27 38.06 4.24
CA SER A 30 -47.63 39.17 3.36
C SER A 30 -47.69 38.77 1.89
N LYS A 31 -47.23 37.58 1.53
CA LYS A 31 -47.25 37.14 0.13
C LYS A 31 -48.51 36.38 -0.22
N LEU A 32 -49.10 35.66 0.74
CA LEU A 32 -50.28 34.86 0.44
C LEU A 32 -51.44 35.72 -0.05
N GLY A 33 -51.61 36.90 0.54
CA GLY A 33 -52.66 37.80 0.10
C GLY A 33 -52.49 38.26 -1.33
N LEU A 34 -51.25 38.40 -1.78
CA LEU A 34 -50.99 38.83 -3.14
C LEU A 34 -51.16 37.68 -4.13
N LEU A 35 -50.50 36.56 -3.86
CA LEU A 35 -50.51 35.42 -4.77
C LEU A 35 -51.93 34.88 -4.96
N ASP A 36 -52.09 34.02 -5.97
CA ASP A 36 -53.37 33.42 -6.30
C ASP A 36 -53.35 31.92 -5.99
N ASN A 37 -54.49 31.42 -5.54
CA ASN A 37 -54.60 30.05 -5.04
C ASN A 37 -54.36 28.99 -6.12
N HIS A 38 -54.13 29.43 -7.35
CA HIS A 38 -53.86 28.50 -8.45
C HIS A 38 -52.38 28.38 -8.77
N SER A 39 -51.54 29.27 -8.25
CA SER A 39 -50.16 29.35 -8.71
C SER A 39 -49.29 28.30 -8.03
N SER A 40 -48.05 28.17 -8.54
CA SER A 40 -47.07 27.30 -7.92
C SER A 40 -46.38 27.99 -6.76
N GLU A 41 -46.03 29.27 -6.93
CA GLU A 41 -45.50 30.05 -5.82
C GLU A 41 -46.43 30.03 -4.62
N PHE A 42 -47.74 29.97 -4.88
CA PHE A 42 -48.70 29.94 -3.78
C PHE A 42 -48.48 28.73 -2.90
N ASN A 43 -48.44 27.53 -3.49
CA ASN A 43 -48.27 26.32 -2.70
C ASN A 43 -46.87 26.21 -2.14
N VAL A 44 -45.87 26.69 -2.88
CA VAL A 44 -44.50 26.74 -2.34
C VAL A 44 -44.49 27.49 -1.02
N THR A 45 -45.03 28.72 -1.02
CA THR A 45 -45.01 29.50 0.20
C THR A 45 -45.99 28.97 1.23
N ARG A 46 -47.07 28.32 0.80
CA ARG A 46 -48.02 27.74 1.75
C ARG A 46 -47.38 26.66 2.58
N ASN A 47 -46.72 25.69 1.94
CA ASN A 47 -46.09 24.65 2.73
C ASN A 47 -44.79 25.12 3.38
N TYR A 48 -44.14 26.14 2.83
CA TYR A 48 -43.04 26.77 3.56
C TYR A 48 -43.51 27.32 4.89
N LEU A 49 -44.66 28.00 4.89
CA LEU A 49 -45.21 28.50 6.14
C LEU A 49 -45.68 27.38 7.03
N ASP A 50 -46.20 26.30 6.45
CA ASP A 50 -46.53 25.12 7.24
C ASP A 50 -45.30 24.65 8.02
N TRP A 51 -44.17 24.51 7.33
CA TRP A 51 -42.94 24.07 7.98
C TRP A 51 -42.47 25.07 9.01
N LEU A 52 -42.59 26.36 8.73
CA LEU A 52 -42.13 27.38 9.66
C LEU A 52 -42.97 27.39 10.94
N THR A 53 -44.29 27.29 10.81
CA THR A 53 -45.15 27.33 11.97
C THR A 53 -45.19 26.01 12.71
N SER A 54 -44.77 24.91 12.07
CA SER A 54 -44.78 23.62 12.74
C SER A 54 -43.57 23.40 13.63
N ILE A 55 -42.52 24.18 13.47
CA ILE A 55 -41.33 24.03 14.31
C ILE A 55 -41.68 24.40 15.74
N PRO A 56 -41.26 23.62 16.74
CA PRO A 56 -41.47 24.02 18.14
C PRO A 56 -40.49 25.11 18.51
N TRP A 57 -40.98 26.35 18.56
CA TRP A 57 -40.07 27.48 18.54
C TRP A 57 -39.54 27.85 19.92
N GLY A 58 -40.25 27.55 20.98
CA GLY A 58 -39.70 27.83 22.28
C GLY A 58 -40.07 26.84 23.37
N LYS A 59 -40.71 25.75 23.02
CA LYS A 59 -41.23 24.85 24.04
C LYS A 59 -40.30 23.67 24.26
N TYR A 60 -40.38 23.12 25.47
CA TYR A 60 -39.56 21.99 25.90
C TYR A 60 -40.46 20.89 26.41
N SER A 61 -39.88 19.88 27.05
CA SER A 61 -40.63 18.85 27.74
C SER A 61 -40.44 19.00 29.24
N ASN A 62 -41.35 18.40 30.00
CA ASN A 62 -41.22 18.40 31.46
C ASN A 62 -40.10 17.44 31.84
N GLU A 63 -38.88 17.95 31.73
CA GLU A 63 -37.69 17.14 31.94
C GLU A 63 -37.61 16.70 33.40
N ASN A 64 -37.55 15.39 33.62
CA ASN A 64 -37.49 14.82 34.96
C ASN A 64 -36.12 15.04 35.55
N LEU A 65 -36.01 15.99 36.47
CA LEU A 65 -34.74 16.27 37.15
C LEU A 65 -34.69 15.62 38.53
N ASP A 66 -35.47 14.57 38.75
CA ASP A 66 -35.42 13.82 39.99
C ASP A 66 -34.43 12.67 39.85
N LEU A 67 -33.56 12.51 40.83
CA LEU A 67 -32.45 11.57 40.69
C LEU A 67 -32.86 10.15 41.00
N ALA A 68 -33.64 9.93 42.05
CA ALA A 68 -34.01 8.57 42.42
C ALA A 68 -34.87 7.92 41.35
N ARG A 69 -35.84 8.66 40.82
CA ARG A 69 -36.68 8.11 39.76
C ARG A 69 -35.87 7.79 38.52
N ALA A 70 -34.91 8.67 38.17
CA ALA A 70 -34.07 8.43 37.01
C ALA A 70 -33.21 7.20 37.20
N GLN A 71 -32.66 7.03 38.39
CA GLN A 71 -31.85 5.85 38.68
C GLN A 71 -32.69 4.58 38.60
N ALA A 72 -33.92 4.64 39.10
CA ALA A 72 -34.78 3.47 39.04
C ALA A 72 -35.12 3.10 37.60
N VAL A 73 -35.53 4.07 36.80
CA VAL A 73 -35.88 3.78 35.41
C VAL A 73 -34.66 3.40 34.59
N LEU A 74 -33.47 3.84 34.98
CA LEU A 74 -32.26 3.41 34.29
C LEU A 74 -31.92 1.97 34.62
N GLU A 75 -32.02 1.60 35.90
CA GLU A 75 -31.68 0.24 36.31
C GLU A 75 -32.78 -0.76 35.97
N GLU A 76 -33.96 -0.30 35.56
CA GLU A 76 -34.99 -1.24 35.14
C GLU A 76 -34.66 -1.88 33.80
N ASP A 77 -34.18 -1.09 32.84
CA ASP A 77 -34.11 -1.57 31.46
C ASP A 77 -32.85 -2.36 31.17
N HIS A 78 -31.72 -2.01 31.78
CA HIS A 78 -30.45 -2.66 31.49
C HIS A 78 -29.75 -3.04 32.79
N TYR A 79 -28.83 -3.98 32.67
CA TYR A 79 -28.12 -4.51 33.84
C TYR A 79 -26.72 -3.91 33.90
N GLY A 80 -26.49 -3.05 34.89
CA GLY A 80 -25.17 -2.60 35.27
C GLY A 80 -24.26 -2.09 34.17
N MET A 81 -24.69 -1.06 33.46
CA MET A 81 -23.78 -0.29 32.61
C MET A 81 -23.35 0.98 33.35
N GLU A 82 -22.66 0.76 34.47
CA GLU A 82 -22.51 1.81 35.48
C GLU A 82 -21.76 3.01 34.95
N ASP A 83 -20.77 2.79 34.08
CA ASP A 83 -20.02 3.92 33.56
C ASP A 83 -20.89 4.88 32.76
N VAL A 84 -22.05 4.42 32.29
CA VAL A 84 -22.95 5.25 31.52
C VAL A 84 -24.06 5.84 32.38
N LYS A 85 -24.60 5.02 33.30
CA LYS A 85 -25.61 5.52 34.21
C LYS A 85 -25.05 6.59 35.12
N LYS A 86 -23.82 6.40 35.60
CA LYS A 86 -23.16 7.43 36.40
C LYS A 86 -23.08 8.74 35.64
N ARG A 87 -22.73 8.67 34.36
CA ARG A 87 -22.63 9.89 33.56
C ARG A 87 -23.98 10.56 33.39
N ILE A 88 -25.03 9.77 33.15
CA ILE A 88 -26.36 10.38 32.98
C ILE A 88 -26.82 11.00 34.30
N LEU A 89 -26.50 10.38 35.42
CA LEU A 89 -26.91 10.93 36.71
C LEU A 89 -26.14 12.20 37.03
N GLU A 90 -24.83 12.21 36.78
CA GLU A 90 -24.07 13.45 36.96
C GLU A 90 -24.56 14.53 36.03
N PHE A 91 -25.00 14.16 34.82
CA PHE A 91 -25.58 15.13 33.90
C PHE A 91 -26.84 15.73 34.47
N ILE A 92 -27.72 14.90 35.03
CA ILE A 92 -28.91 15.42 35.69
C ILE A 92 -28.54 16.34 36.85
N ALA A 93 -27.58 15.93 37.67
CA ALA A 93 -27.20 16.72 38.84
C ALA A 93 -26.67 18.08 38.43
N VAL A 94 -25.81 18.12 37.42
CA VAL A 94 -25.27 19.39 36.94
C VAL A 94 -26.38 20.23 36.32
N SER A 95 -27.20 19.64 35.47
CA SER A 95 -28.32 20.36 34.86
C SER A 95 -29.30 20.88 35.90
N GLN A 96 -29.32 20.30 37.10
CA GLN A 96 -30.18 20.79 38.16
C GLN A 96 -29.51 21.86 39.02
N LEU A 97 -28.19 21.78 39.17
CA LEU A 97 -27.50 22.79 39.96
C LEU A 97 -27.46 24.12 39.24
N ARG A 98 -27.13 24.12 37.96
CA ARG A 98 -27.05 25.37 37.20
C ARG A 98 -28.38 25.69 36.52
N GLY A 99 -29.46 25.61 37.28
CA GLY A 99 -30.74 26.10 36.82
C GLY A 99 -31.40 25.31 35.72
N SER A 100 -31.41 25.87 34.50
CA SER A 100 -32.23 25.35 33.43
C SER A 100 -31.63 24.09 32.82
N THR A 101 -32.37 23.50 31.89
CA THR A 101 -31.94 22.29 31.21
C THR A 101 -30.68 22.56 30.38
N GLN A 102 -29.93 21.50 30.12
CA GLN A 102 -28.66 21.59 29.43
C GLN A 102 -28.66 20.69 28.21
N GLY A 103 -27.51 20.60 27.57
CA GLY A 103 -27.31 19.71 26.45
C GLY A 103 -25.87 19.29 26.31
N LYS A 104 -25.62 17.99 26.26
CA LYS A 104 -24.29 17.46 26.06
C LYS A 104 -24.21 16.77 24.70
N ILE A 105 -23.00 16.37 24.35
CA ILE A 105 -22.74 15.57 23.15
C ILE A 105 -21.90 14.39 23.61
N LEU A 106 -22.54 13.27 23.90
CA LEU A 106 -21.89 12.07 24.38
C LEU A 106 -21.69 11.10 23.23
N CYS A 107 -20.71 10.21 23.39
CA CYS A 107 -20.45 9.16 22.43
C CYS A 107 -20.12 7.88 23.17
N PHE A 108 -20.84 6.82 22.86
CA PHE A 108 -20.59 5.50 23.43
C PHE A 108 -19.87 4.65 22.40
N TYR A 109 -18.77 4.03 22.80
CA TYR A 109 -18.05 3.12 21.92
C TYR A 109 -17.76 1.83 22.67
N GLY A 110 -17.67 0.74 21.91
CA GLY A 110 -17.45 -0.56 22.50
C GLY A 110 -17.72 -1.68 21.53
N PRO A 111 -17.47 -2.92 21.96
CA PRO A 111 -17.68 -4.07 21.09
C PRO A 111 -19.14 -4.23 20.72
N PRO A 112 -19.46 -5.08 19.74
CA PRO A 112 -20.86 -5.26 19.36
C PRO A 112 -21.65 -5.96 20.45
N GLY A 113 -22.87 -5.48 20.66
CA GLY A 113 -23.82 -6.15 21.53
C GLY A 113 -23.70 -5.85 23.00
N VAL A 114 -23.14 -4.70 23.38
CA VAL A 114 -22.96 -4.38 24.80
C VAL A 114 -24.05 -3.46 25.34
N GLY A 115 -24.90 -2.92 24.50
CA GLY A 115 -25.98 -2.07 24.95
C GLY A 115 -25.86 -0.61 24.59
N LYS A 116 -25.06 -0.26 23.59
CA LYS A 116 -24.89 1.14 23.26
C LYS A 116 -26.15 1.74 22.67
N THR A 117 -26.66 1.15 21.59
CA THR A 117 -27.88 1.66 20.97
C THR A 117 -29.09 1.40 21.85
N SER A 118 -29.11 0.27 22.54
CA SER A 118 -30.28 -0.12 23.30
C SER A 118 -30.52 0.76 24.51
N ILE A 119 -29.52 1.52 24.96
CA ILE A 119 -29.67 2.27 26.19
C ILE A 119 -30.19 3.68 25.96
N ALA A 120 -30.13 4.19 24.72
CA ALA A 120 -30.55 5.56 24.47
C ALA A 120 -32.03 5.74 24.78
N ARG A 121 -32.85 4.75 24.48
CA ARG A 121 -34.28 4.87 24.74
C ARG A 121 -34.56 4.93 26.23
N SER A 122 -33.91 4.08 27.03
CA SER A 122 -34.11 4.12 28.46
C SER A 122 -33.55 5.41 29.05
N ILE A 123 -32.48 5.95 28.46
CA ILE A 123 -31.96 7.23 28.94
C ILE A 123 -32.97 8.35 28.67
N ALA A 124 -33.57 8.36 27.47
CA ALA A 124 -34.57 9.37 27.17
C ALA A 124 -35.81 9.19 28.02
N ARG A 125 -36.09 7.97 28.47
CA ARG A 125 -37.19 7.77 29.40
C ARG A 125 -36.83 8.27 30.79
N ALA A 126 -35.56 8.10 31.18
CA ALA A 126 -35.11 8.59 32.48
C ALA A 126 -35.13 10.11 32.54
N LEU A 127 -34.72 10.77 31.47
CA LEU A 127 -34.75 12.22 31.39
C LEU A 127 -36.12 12.75 31.02
N ASN A 128 -37.06 11.89 30.65
CA ASN A 128 -38.38 12.29 30.21
C ASN A 128 -38.30 13.17 28.96
N ARG A 129 -37.42 12.79 28.04
CA ARG A 129 -37.25 13.48 26.77
C ARG A 129 -37.91 12.69 25.64
N GLU A 130 -37.99 13.32 24.49
CA GLU A 130 -38.59 12.72 23.30
C GLU A 130 -37.49 12.07 22.47
N TYR A 131 -37.43 10.74 22.51
CA TYR A 131 -36.36 10.01 21.85
C TYR A 131 -36.57 10.01 20.34
N PHE A 132 -35.51 10.36 19.61
CA PHE A 132 -35.50 10.28 18.16
C PHE A 132 -34.18 9.68 17.72
N ARG A 133 -34.21 8.89 16.65
CA ARG A 133 -33.03 8.15 16.21
C ARG A 133 -32.95 8.17 14.70
N PHE A 134 -31.73 8.30 14.18
CA PHE A 134 -31.48 8.04 12.76
C PHE A 134 -30.06 7.54 12.58
N SER A 135 -29.91 6.54 11.73
CA SER A 135 -28.61 5.95 11.45
C SER A 135 -27.86 6.79 10.43
N VAL A 136 -26.54 6.80 10.57
CA VAL A 136 -25.68 7.60 9.72
C VAL A 136 -24.76 6.73 8.86
N GLY A 137 -24.48 5.50 9.27
CA GLY A 137 -23.66 4.62 8.47
C GLY A 137 -24.16 4.45 7.06
N GLY A 138 -23.27 4.65 6.08
CA GLY A 138 -23.64 4.53 4.69
C GLY A 138 -24.27 5.77 4.08
N MET A 139 -24.50 6.81 4.86
CA MET A 139 -25.13 8.01 4.32
C MET A 139 -24.15 8.75 3.43
N THR A 140 -24.61 9.14 2.25
CA THR A 140 -23.73 9.73 1.25
C THR A 140 -23.92 11.23 1.05
N ASP A 141 -25.14 11.75 1.13
CA ASP A 141 -25.36 13.15 0.80
C ASP A 141 -25.73 13.95 2.04
N VAL A 142 -25.47 15.26 1.96
CA VAL A 142 -25.78 16.16 3.06
C VAL A 142 -27.25 16.52 3.12
N ALA A 143 -28.00 16.30 2.03
CA ALA A 143 -29.40 16.66 2.01
C ALA A 143 -30.21 15.95 3.09
N GLU A 144 -29.73 14.81 3.59
CA GLU A 144 -30.41 14.16 4.69
C GLU A 144 -30.21 14.92 5.99
N ILE A 145 -29.05 15.55 6.17
CA ILE A 145 -28.80 16.35 7.35
C ILE A 145 -29.26 17.79 7.15
N LYS A 146 -29.04 18.35 5.96
CA LYS A 146 -29.28 19.76 5.69
C LYS A 146 -30.60 20.00 4.97
N GLY A 147 -30.84 19.33 3.86
CA GLY A 147 -32.03 19.56 3.07
C GLY A 147 -31.73 20.33 1.79
N HIS A 148 -32.80 20.74 1.14
CA HIS A 148 -32.71 21.42 -0.15
C HIS A 148 -33.39 22.77 -0.10
N ARG A 149 -32.83 23.72 -0.87
CA ARG A 149 -33.46 25.02 -1.05
C ARG A 149 -34.89 24.85 -1.56
N ARG A 150 -35.82 25.56 -0.94
CA ARG A 150 -37.21 25.38 -1.27
C ARG A 150 -37.55 25.83 -2.69
N THR A 151 -36.59 26.36 -3.44
CA THR A 151 -36.83 26.64 -4.85
C THR A 151 -37.07 25.35 -5.63
N TYR A 152 -36.31 24.31 -5.31
CA TYR A 152 -36.45 23.04 -6.00
C TYR A 152 -37.85 22.48 -5.84
N VAL A 153 -38.24 21.58 -6.74
CA VAL A 153 -39.64 21.18 -6.86
C VAL A 153 -40.10 20.46 -5.60
N GLY A 154 -39.50 19.33 -5.30
CA GLY A 154 -39.94 18.55 -4.16
C GLY A 154 -39.07 18.71 -2.94
N ALA A 155 -38.62 19.94 -2.69
CA ALA A 155 -37.69 20.19 -1.59
C ALA A 155 -38.31 19.80 -0.25
N MET A 156 -37.44 19.47 0.70
CA MET A 156 -37.85 19.04 2.03
C MET A 156 -36.77 19.44 3.01
N PRO A 157 -37.13 19.59 4.29
CA PRO A 157 -36.18 20.15 5.27
C PRO A 157 -34.96 19.30 5.59
N GLY A 158 -35.14 18.04 5.98
CA GLY A 158 -34.04 17.23 6.46
C GLY A 158 -34.38 16.58 7.78
N LYS A 159 -33.48 15.68 8.20
CA LYS A 159 -33.79 14.80 9.32
C LYS A 159 -33.93 15.55 10.63
N ILE A 160 -33.14 16.60 10.84
CA ILE A 160 -33.16 17.27 12.13
C ILE A 160 -34.38 18.15 12.28
N ILE A 161 -34.75 18.87 11.22
CA ILE A 161 -35.96 19.68 11.28
C ILE A 161 -37.18 18.78 11.35
N GLN A 162 -37.16 17.65 10.65
CA GLN A 162 -38.27 16.71 10.79
C GLN A 162 -38.32 16.13 12.20
N CYS A 163 -37.16 15.93 12.83
CA CYS A 163 -37.15 15.50 14.22
C CYS A 163 -37.78 16.54 15.14
N LEU A 164 -37.43 17.81 14.92
CA LEU A 164 -38.01 18.87 15.75
C LEU A 164 -39.51 18.97 15.54
N LYS A 165 -39.98 18.74 14.31
CA LYS A 165 -41.41 18.79 14.06
C LYS A 165 -42.12 17.59 14.67
N LYS A 166 -41.49 16.42 14.64
CA LYS A 166 -42.16 15.21 15.08
C LYS A 166 -42.14 15.04 16.59
N THR A 167 -41.08 15.49 17.24
CA THR A 167 -41.01 15.38 18.70
C THR A 167 -41.80 16.47 19.40
N LYS A 168 -42.13 17.56 18.70
CA LYS A 168 -42.89 18.67 19.27
C LYS A 168 -42.19 19.26 20.48
N THR A 169 -40.86 19.36 20.39
CA THR A 169 -40.04 19.93 21.44
C THR A 169 -38.67 20.25 20.85
N GLU A 170 -37.91 21.08 21.57
CA GLU A 170 -36.56 21.39 21.12
C GLU A 170 -35.52 21.07 22.19
N ASN A 171 -35.80 20.07 23.02
CA ASN A 171 -34.77 19.41 23.82
C ASN A 171 -34.94 17.90 23.79
N PRO A 172 -34.97 17.29 22.61
CA PRO A 172 -35.10 15.83 22.53
C PRO A 172 -33.75 15.17 22.76
N LEU A 173 -33.76 13.86 22.72
CA LEU A 173 -32.55 13.05 22.80
C LEU A 173 -32.37 12.40 21.43
N ILE A 174 -31.47 12.94 20.63
CA ILE A 174 -31.26 12.47 19.28
C ILE A 174 -30.11 11.47 19.30
N LEU A 175 -30.43 10.20 19.07
CA LEU A 175 -29.42 9.15 18.98
C LEU A 175 -28.93 9.07 17.55
N ILE A 176 -27.68 9.46 17.32
CA ILE A 176 -27.07 9.45 16.00
C ILE A 176 -26.23 8.19 15.91
N ASP A 177 -26.75 7.19 15.21
CA ASP A 177 -26.22 5.84 15.28
C ASP A 177 -25.19 5.62 14.18
N GLU A 178 -24.12 4.90 14.52
CA GLU A 178 -23.05 4.54 13.59
C GLU A 178 -22.36 5.78 13.00
N VAL A 179 -21.74 6.57 13.88
CA VAL A 179 -21.05 7.78 13.44
C VAL A 179 -19.64 7.52 12.96
N ASP A 180 -19.17 6.28 13.00
CA ASP A 180 -17.86 5.94 12.44
C ASP A 180 -17.95 5.34 11.05
N LYS A 181 -19.07 4.69 10.72
CA LYS A 181 -19.32 4.19 9.38
C LYS A 181 -19.92 5.24 8.46
N ILE A 182 -19.73 6.52 8.79
CA ILE A 182 -20.31 7.59 8.00
C ILE A 182 -19.56 7.71 6.68
N GLY A 183 -20.32 7.82 5.58
CA GLY A 183 -19.70 7.96 4.28
C GLY A 183 -19.07 9.33 4.10
N ARG A 184 -18.07 9.39 3.23
CA ARG A 184 -17.31 10.61 3.00
C ARG A 184 -17.22 10.92 1.51
N GLY A 185 -18.37 10.87 0.84
CA GLY A 185 -18.45 11.39 -0.52
C GLY A 185 -18.24 12.90 -0.49
N TYR A 186 -17.19 13.37 -1.15
CA TYR A 186 -16.79 14.77 -0.99
C TYR A 186 -17.59 15.74 -1.85
N GLN A 187 -18.43 15.24 -2.77
CA GLN A 187 -19.36 16.09 -3.51
C GLN A 187 -20.59 16.38 -2.64
N GLY A 188 -20.32 17.01 -1.49
CA GLY A 188 -21.28 17.17 -0.43
C GLY A 188 -20.98 16.17 0.66
N ASP A 189 -20.24 16.61 1.67
CA ASP A 189 -19.66 15.72 2.65
C ASP A 189 -20.51 15.72 3.91
N PRO A 190 -21.17 14.60 4.25
CA PRO A 190 -22.06 14.62 5.43
C PRO A 190 -21.32 14.75 6.74
N SER A 191 -20.02 14.44 6.78
CA SER A 191 -19.28 14.61 8.03
C SER A 191 -19.19 16.07 8.43
N SER A 192 -19.16 16.99 7.46
CA SER A 192 -19.11 18.41 7.79
C SER A 192 -20.44 18.91 8.30
N ALA A 193 -21.55 18.39 7.76
CA ALA A 193 -22.85 18.69 8.32
C ALA A 193 -22.97 18.17 9.73
N LEU A 194 -22.46 16.95 9.97
CA LEU A 194 -22.48 16.43 11.34
C LEU A 194 -21.60 17.26 12.26
N LEU A 195 -20.52 17.84 11.73
CA LEU A 195 -19.72 18.75 12.53
C LEU A 195 -20.49 20.01 12.88
N GLU A 196 -21.23 20.56 11.91
CA GLU A 196 -22.08 21.71 12.19
C GLU A 196 -23.15 21.37 13.22
N LEU A 197 -23.59 20.12 13.25
CA LEU A 197 -24.59 19.71 14.22
C LEU A 197 -24.00 19.54 15.61
N LEU A 198 -22.82 18.91 15.70
CA LEU A 198 -22.25 18.51 16.97
C LEU A 198 -21.16 19.45 17.46
N ASP A 199 -21.19 20.72 17.02
CA ASP A 199 -20.19 21.68 17.44
C ASP A 199 -20.85 22.72 18.33
N PRO A 200 -20.64 22.67 19.65
CA PRO A 200 -21.40 23.55 20.56
C PRO A 200 -21.22 25.02 20.28
N GLU A 201 -20.14 25.43 19.62
CA GLU A 201 -19.93 26.85 19.35
C GLU A 201 -20.83 27.35 18.24
N GLN A 202 -21.27 26.47 17.35
CA GLN A 202 -22.09 26.89 16.21
C GLN A 202 -23.42 26.14 16.12
N ASN A 203 -23.65 25.12 16.93
CA ASN A 203 -24.92 24.41 16.83
C ASN A 203 -26.08 25.23 17.42
N ALA A 204 -25.79 26.38 18.02
CA ALA A 204 -26.85 27.29 18.43
C ALA A 204 -27.59 27.87 17.24
N ASN A 205 -26.96 27.89 16.06
CA ASN A 205 -27.61 28.36 14.83
C ASN A 205 -27.38 27.29 13.77
N PHE A 206 -28.22 26.28 13.75
CA PHE A 206 -28.15 25.25 12.73
C PHE A 206 -29.00 25.71 11.55
N LEU A 207 -28.35 26.19 10.50
CA LEU A 207 -29.05 26.73 9.34
C LEU A 207 -29.43 25.59 8.41
N ASP A 208 -30.69 25.21 8.43
CA ASP A 208 -31.22 24.23 7.51
C ASP A 208 -31.42 24.86 6.14
N HIS A 209 -31.18 24.09 5.08
CA HIS A 209 -31.26 24.64 3.74
C HIS A 209 -32.69 24.90 3.29
N TYR A 210 -33.67 24.29 3.94
CA TYR A 210 -35.06 24.56 3.59
C TYR A 210 -35.64 25.69 4.44
N LEU A 211 -35.58 25.54 5.77
CA LEU A 211 -36.06 26.60 6.65
C LEU A 211 -35.35 27.91 6.35
N ASP A 212 -34.03 27.85 6.17
CA ASP A 212 -33.19 29.01 5.91
C ASP A 212 -33.28 30.03 7.03
N VAL A 213 -33.73 29.61 8.20
CA VAL A 213 -33.63 30.41 9.42
C VAL A 213 -32.90 29.54 10.43
N PRO A 214 -32.07 30.10 11.30
CA PRO A 214 -31.32 29.26 12.24
C PRO A 214 -32.22 28.72 13.34
N VAL A 215 -31.94 27.48 13.75
CA VAL A 215 -32.64 26.85 14.86
C VAL A 215 -31.64 26.59 15.97
N ASP A 216 -32.11 26.69 17.21
CA ASP A 216 -31.25 26.58 18.39
C ASP A 216 -31.24 25.13 18.86
N LEU A 217 -30.21 24.39 18.46
CA LEU A 217 -30.06 22.99 18.84
C LEU A 217 -29.06 22.81 19.98
N SER A 218 -28.98 23.78 20.89
CA SER A 218 -28.03 23.71 21.98
C SER A 218 -28.59 23.01 23.21
N LYS A 219 -29.89 22.71 23.23
CA LYS A 219 -30.52 22.07 24.37
C LYS A 219 -30.84 20.61 24.12
N VAL A 220 -30.38 20.05 23.02
CA VAL A 220 -30.59 18.64 22.72
C VAL A 220 -29.46 17.83 23.34
N LEU A 221 -29.75 16.59 23.65
CA LEU A 221 -28.75 15.66 24.15
C LEU A 221 -28.43 14.71 23.01
N PHE A 222 -27.41 15.05 22.23
CA PHE A 222 -26.92 14.16 21.20
C PHE A 222 -26.19 12.99 21.83
N ILE A 223 -26.45 11.79 21.31
CA ILE A 223 -25.71 10.61 21.71
C ILE A 223 -25.28 9.89 20.45
N CYS A 224 -23.99 9.65 20.32
CA CYS A 224 -23.42 8.99 19.16
C CYS A 224 -22.97 7.59 19.56
N THR A 225 -23.04 6.67 18.61
CA THR A 225 -22.70 5.28 18.84
C THR A 225 -21.64 4.87 17.84
N ALA A 226 -20.53 4.33 18.35
CA ALA A 226 -19.44 3.90 17.50
C ALA A 226 -18.95 2.53 17.96
N ASN A 227 -18.47 1.74 17.01
CA ASN A 227 -17.84 0.48 17.34
C ASN A 227 -16.33 0.62 17.48
N VAL A 228 -15.74 1.51 16.70
CA VAL A 228 -14.32 1.83 16.79
C VAL A 228 -14.16 3.32 16.59
N THR A 229 -13.38 3.96 17.45
CA THR A 229 -13.25 5.41 17.43
C THR A 229 -12.24 5.90 16.40
N ASP A 230 -11.38 5.02 15.91
CA ASP A 230 -10.27 5.41 15.07
C ASP A 230 -10.67 5.73 13.64
N THR A 231 -11.93 5.50 13.26
CA THR A 231 -12.42 5.93 11.96
C THR A 231 -13.49 7.00 12.09
N ILE A 232 -13.76 7.48 13.29
CA ILE A 232 -14.56 8.70 13.44
C ILE A 232 -13.72 9.88 12.95
N PRO A 233 -14.28 10.79 12.17
CA PRO A 233 -13.52 11.97 11.75
C PRO A 233 -12.92 12.69 12.95
N GLU A 234 -11.65 13.09 12.81
CA GLU A 234 -10.96 13.73 13.93
C GLU A 234 -11.65 14.99 14.43
N PRO A 235 -12.09 15.93 13.58
CA PRO A 235 -12.82 17.08 14.12
C PRO A 235 -14.09 16.68 14.85
N LEU A 236 -14.84 15.71 14.34
CA LEU A 236 -16.01 15.23 15.06
C LEU A 236 -15.62 14.60 16.38
N ARG A 237 -14.54 13.82 16.38
CA ARG A 237 -14.10 13.18 17.61
C ARG A 237 -13.66 14.19 18.65
N ASP A 238 -13.23 15.38 18.23
CA ASP A 238 -12.81 16.41 19.15
C ASP A 238 -13.95 17.25 19.70
N ARG A 239 -15.20 16.79 19.56
CA ARG A 239 -16.34 17.46 20.16
C ARG A 239 -17.26 16.50 20.88
N MET A 240 -16.77 15.32 21.28
CA MET A 240 -17.59 14.33 21.92
C MET A 240 -16.89 13.81 23.17
N GLU A 241 -17.69 13.35 24.13
CA GLU A 241 -17.17 12.72 25.34
C GLU A 241 -17.22 11.22 25.15
N MET A 242 -16.08 10.62 24.82
CA MET A 242 -16.02 9.18 24.58
C MET A 242 -16.20 8.45 25.89
N ILE A 243 -17.30 7.71 26.01
CA ILE A 243 -17.59 6.89 27.17
C ILE A 243 -17.52 5.43 26.73
N ASN A 244 -16.67 4.65 27.37
CA ASN A 244 -16.42 3.28 26.94
C ASN A 244 -17.45 2.35 27.58
N VAL A 245 -18.27 1.72 26.74
CA VAL A 245 -19.20 0.70 27.17
C VAL A 245 -18.54 -0.65 26.90
N SER A 246 -17.88 -1.19 27.92
CA SER A 246 -17.15 -2.44 27.77
C SER A 246 -18.12 -3.62 27.76
N GLY A 247 -17.57 -4.82 27.65
CA GLY A 247 -18.37 -6.02 27.63
C GLY A 247 -18.82 -6.45 29.00
N TYR A 248 -19.09 -7.75 29.13
CA TYR A 248 -19.60 -8.32 30.37
C TYR A 248 -18.83 -9.59 30.67
N VAL A 249 -19.03 -10.11 31.88
CA VAL A 249 -18.37 -11.34 32.32
C VAL A 249 -19.43 -12.39 32.56
N ALA A 250 -19.03 -13.58 32.99
CA ALA A 250 -19.96 -14.70 33.10
C ALA A 250 -21.14 -14.38 34.00
N GLN A 251 -20.88 -13.75 35.15
CA GLN A 251 -21.95 -13.48 36.10
C GLN A 251 -22.86 -12.35 35.63
N GLU A 252 -22.28 -11.30 35.04
CA GLU A 252 -23.09 -10.28 34.42
C GLU A 252 -23.94 -10.84 33.30
N LYS A 253 -23.35 -11.69 32.47
CA LYS A 253 -24.10 -12.33 31.39
C LYS A 253 -25.23 -13.19 31.94
N LEU A 254 -25.00 -13.87 33.07
CA LEU A 254 -26.04 -14.70 33.65
C LEU A 254 -27.21 -13.86 34.15
N ALA A 255 -26.90 -12.76 34.85
CA ALA A 255 -27.95 -11.86 35.29
C ALA A 255 -28.73 -11.32 34.11
N ILE A 256 -28.02 -10.88 33.08
CA ILE A 256 -28.67 -10.34 31.88
C ILE A 256 -29.57 -11.38 31.25
N ALA A 257 -29.06 -12.61 31.09
CA ALA A 257 -29.85 -13.69 30.52
C ALA A 257 -31.13 -13.87 31.31
N GLU A 258 -31.00 -14.23 32.59
CA GLU A 258 -32.16 -14.53 33.43
C GLU A 258 -33.18 -13.40 33.43
N ARG A 259 -32.73 -12.15 33.44
CA ARG A 259 -33.69 -11.06 33.60
C ARG A 259 -34.31 -10.63 32.28
N TYR A 260 -33.57 -10.66 31.18
CA TYR A 260 -34.07 -10.11 29.93
C TYR A 260 -34.11 -11.12 28.79
N LEU A 261 -33.04 -11.90 28.60
CA LEU A 261 -32.91 -12.64 27.35
C LEU A 261 -33.84 -13.84 27.31
N VAL A 262 -33.89 -14.62 28.38
CA VAL A 262 -34.74 -15.81 28.41
C VAL A 262 -36.22 -15.41 28.43
N PRO A 263 -36.66 -14.44 29.24
CA PRO A 263 -38.08 -14.05 29.15
C PRO A 263 -38.50 -13.54 27.78
N GLN A 264 -37.67 -12.76 27.10
CA GLN A 264 -38.04 -12.29 25.77
C GLN A 264 -38.06 -13.43 24.77
N ALA A 265 -37.09 -14.34 24.85
CA ALA A 265 -37.08 -15.49 23.96
C ALA A 265 -38.25 -16.42 24.21
N ARG A 266 -38.76 -16.45 25.45
CA ARG A 266 -39.96 -17.23 25.75
C ARG A 266 -41.20 -16.55 25.23
N ALA A 267 -41.26 -15.22 25.31
CA ALA A 267 -42.36 -14.50 24.68
C ALA A 267 -42.37 -14.74 23.18
N LEU A 268 -41.19 -14.85 22.57
CA LEU A 268 -41.13 -15.08 21.13
C LEU A 268 -41.50 -16.51 20.76
N CYS A 269 -40.74 -17.49 21.27
CA CYS A 269 -40.95 -18.88 20.90
C CYS A 269 -42.25 -19.46 21.44
N GLY A 270 -42.91 -18.78 22.39
CA GLY A 270 -44.19 -19.23 22.88
C GLY A 270 -44.12 -20.38 23.86
N LEU A 271 -43.01 -20.56 24.55
CA LEU A 271 -42.87 -21.58 25.56
C LEU A 271 -42.78 -20.92 26.93
N ASP A 272 -43.43 -21.52 27.92
CA ASP A 272 -43.32 -21.08 29.30
C ASP A 272 -42.54 -22.11 30.11
N GLU A 273 -42.17 -21.72 31.34
CA GLU A 273 -41.28 -22.52 32.15
C GLU A 273 -41.87 -23.87 32.54
N SER A 274 -43.14 -24.11 32.22
CA SER A 274 -43.71 -25.43 32.41
C SER A 274 -43.37 -26.39 31.28
N LYS A 275 -42.99 -25.86 30.12
CA LYS A 275 -42.69 -26.69 28.95
C LYS A 275 -41.20 -26.89 28.71
N ALA A 276 -40.39 -25.85 28.92
CA ALA A 276 -38.94 -25.93 28.71
C ALA A 276 -38.26 -25.27 29.89
N LYS A 277 -37.56 -26.06 30.70
CA LYS A 277 -36.91 -25.58 31.90
C LYS A 277 -35.45 -25.24 31.59
N LEU A 278 -35.12 -23.95 31.57
CA LEU A 278 -33.74 -23.49 31.49
C LEU A 278 -33.33 -23.06 32.90
N SER A 279 -32.81 -24.01 33.67
CA SER A 279 -32.31 -23.71 34.99
C SER A 279 -31.04 -22.86 34.90
N SER A 280 -30.59 -22.38 36.06
CA SER A 280 -29.42 -21.52 36.08
C SER A 280 -28.11 -22.28 35.95
N ASP A 281 -28.07 -23.56 36.32
CA ASP A 281 -26.86 -24.34 36.08
C ASP A 281 -26.65 -24.56 34.59
N VAL A 282 -27.74 -24.80 33.85
CA VAL A 282 -27.63 -24.92 32.41
C VAL A 282 -27.14 -23.61 31.80
N LEU A 283 -27.66 -22.49 32.28
CA LEU A 283 -27.24 -21.20 31.74
C LEU A 283 -25.79 -20.90 32.09
N THR A 284 -25.35 -21.27 33.29
CA THR A 284 -23.95 -21.09 33.64
C THR A 284 -23.05 -21.94 32.75
N LEU A 285 -23.42 -23.19 32.53
CA LEU A 285 -22.63 -24.05 31.65
C LEU A 285 -22.60 -23.51 30.23
N LEU A 286 -23.74 -22.99 29.74
CA LEU A 286 -23.79 -22.42 28.41
C LEU A 286 -22.86 -21.23 28.30
N ILE A 287 -22.95 -20.28 29.24
CA ILE A 287 -22.11 -19.10 29.18
C ILE A 287 -20.65 -19.47 29.32
N LYS A 288 -20.34 -20.52 30.07
CA LYS A 288 -18.94 -20.90 30.27
C LYS A 288 -18.36 -21.55 29.02
N GLN A 289 -19.09 -22.49 28.41
CA GLN A 289 -18.54 -23.28 27.32
C GLN A 289 -18.94 -22.80 25.94
N TYR A 290 -19.82 -21.86 25.81
CA TYR A 290 -20.22 -21.48 24.45
C TYR A 290 -20.11 -20.00 24.18
N CYS A 291 -20.45 -19.15 25.15
CA CYS A 291 -20.62 -17.72 24.92
C CYS A 291 -19.62 -16.97 25.79
N ARG A 292 -18.42 -16.76 25.26
CA ARG A 292 -17.35 -16.14 26.02
C ARG A 292 -16.92 -14.82 25.39
N GLU A 293 -17.79 -14.20 24.61
CA GLU A 293 -17.51 -12.93 23.94
C GLU A 293 -17.77 -11.78 24.90
N SER A 294 -17.84 -10.56 24.36
CA SER A 294 -18.07 -9.36 25.15
C SER A 294 -19.52 -8.93 25.17
N GLY A 295 -20.24 -9.09 24.06
CA GLY A 295 -21.63 -8.72 23.99
C GLY A 295 -22.55 -9.86 24.40
N VAL A 296 -23.83 -9.70 24.07
CA VAL A 296 -24.84 -10.65 24.51
C VAL A 296 -25.69 -11.13 23.34
N ARG A 297 -25.25 -10.84 22.11
CA ARG A 297 -26.03 -11.28 20.96
C ARG A 297 -25.85 -12.77 20.73
N ASN A 298 -24.64 -13.28 20.90
CA ASN A 298 -24.42 -14.71 20.71
C ASN A 298 -25.16 -15.53 21.75
N LEU A 299 -25.12 -15.09 23.01
CA LEU A 299 -25.85 -15.80 24.05
C LEU A 299 -27.35 -15.78 23.78
N GLN A 300 -27.87 -14.66 23.29
CA GLN A 300 -29.27 -14.59 22.93
C GLN A 300 -29.60 -15.57 21.81
N LYS A 301 -28.70 -15.71 20.84
CA LYS A 301 -28.94 -16.65 19.75
C LYS A 301 -28.90 -18.09 20.25
N GLN A 302 -28.01 -18.38 21.20
CA GLN A 302 -27.97 -19.72 21.78
C GLN A 302 -29.24 -20.04 22.55
N VAL A 303 -29.75 -19.07 23.31
CA VAL A 303 -30.98 -19.29 24.05
C VAL A 303 -32.14 -19.53 23.09
N GLU A 304 -32.22 -18.71 22.05
CA GLU A 304 -33.24 -18.93 21.02
C GLU A 304 -33.09 -20.29 20.38
N LYS A 305 -31.86 -20.76 20.22
CA LYS A 305 -31.63 -22.06 19.62
C LYS A 305 -32.18 -23.19 20.48
N VAL A 306 -31.84 -23.19 21.76
CA VAL A 306 -32.38 -24.20 22.67
C VAL A 306 -33.90 -24.14 22.68
N LEU A 307 -34.46 -22.94 22.70
CA LEU A 307 -35.91 -22.81 22.80
C LEU A 307 -36.60 -23.30 21.53
N ARG A 308 -36.04 -23.02 20.36
CA ARG A 308 -36.67 -23.49 19.13
C ARG A 308 -36.54 -25.00 18.97
N LYS A 309 -35.44 -25.59 19.45
CA LYS A 309 -35.34 -27.04 19.37
C LYS A 309 -36.33 -27.71 20.32
N SER A 310 -36.54 -27.15 21.51
CA SER A 310 -37.58 -27.67 22.40
C SER A 310 -38.96 -27.49 21.78
N ALA A 311 -39.20 -26.35 21.13
CA ALA A 311 -40.46 -26.12 20.47
C ALA A 311 -40.72 -27.17 19.40
N TYR A 312 -39.70 -27.54 18.63
CA TYR A 312 -39.90 -28.58 17.64
C TYR A 312 -40.15 -29.92 18.30
N LYS A 313 -39.46 -30.21 19.40
CA LYS A 313 -39.70 -31.46 20.12
C LYS A 313 -41.14 -31.55 20.58
N ILE A 314 -41.73 -30.43 20.98
CA ILE A 314 -43.12 -30.46 21.45
C ILE A 314 -44.09 -30.54 20.27
N VAL A 315 -43.92 -29.67 19.27
CA VAL A 315 -44.86 -29.61 18.16
C VAL A 315 -44.84 -30.89 17.34
N SER A 316 -43.68 -31.51 17.19
CA SER A 316 -43.64 -32.76 16.44
C SER A 316 -44.22 -33.91 17.20
N GLY A 317 -44.88 -33.66 18.33
CA GLY A 317 -45.49 -34.71 19.12
C GLY A 317 -44.51 -35.78 19.52
N GLU A 318 -43.45 -35.38 20.22
CA GLU A 318 -42.41 -36.34 20.59
C GLU A 318 -42.12 -36.31 22.08
N ALA A 319 -42.21 -35.15 22.71
CA ALA A 319 -41.80 -35.02 24.10
C ALA A 319 -42.88 -34.51 25.03
N GLU A 320 -43.66 -33.51 24.61
CA GLU A 320 -44.72 -32.89 25.39
C GLU A 320 -44.15 -32.03 26.52
N SER A 321 -42.85 -32.16 26.77
CA SER A 321 -42.12 -31.37 27.75
C SER A 321 -40.63 -31.69 27.60
N VAL A 322 -39.81 -30.65 27.65
CA VAL A 322 -38.38 -30.77 27.37
C VAL A 322 -37.61 -30.34 28.60
N GLU A 323 -36.85 -31.25 29.18
CA GLU A 323 -35.97 -30.96 30.31
C GLU A 323 -34.55 -30.78 29.79
N VAL A 324 -34.03 -29.56 29.90
CA VAL A 324 -32.68 -29.25 29.47
C VAL A 324 -31.76 -29.42 30.66
N THR A 325 -30.95 -30.47 30.64
CA THR A 325 -29.98 -30.75 31.69
C THR A 325 -28.58 -30.50 31.17
N PRO A 326 -27.62 -30.22 32.05
CA PRO A 326 -26.24 -30.01 31.59
C PRO A 326 -25.59 -31.23 30.95
N GLU A 327 -26.30 -32.35 30.88
CA GLU A 327 -25.77 -33.53 30.20
C GLU A 327 -26.15 -33.57 28.73
N ASN A 328 -27.37 -33.16 28.38
CA ASN A 328 -27.84 -33.19 27.01
C ASN A 328 -27.83 -31.82 26.36
N LEU A 329 -26.95 -30.93 26.81
CA LEU A 329 -26.88 -29.61 26.20
C LEU A 329 -26.24 -29.67 24.82
N GLN A 330 -25.32 -30.62 24.61
CA GLN A 330 -24.73 -30.80 23.29
C GLN A 330 -25.80 -31.06 22.25
N ASP A 331 -26.83 -31.83 22.59
CA ASP A 331 -27.89 -32.11 21.65
C ASP A 331 -28.64 -30.87 21.22
N PHE A 332 -28.59 -29.80 22.02
CA PHE A 332 -29.29 -28.58 21.70
C PHE A 332 -28.41 -27.52 21.05
N VAL A 333 -27.13 -27.45 21.39
CA VAL A 333 -26.28 -26.38 20.88
C VAL A 333 -25.04 -26.89 20.17
N GLY A 334 -24.73 -28.18 20.22
CA GLY A 334 -23.61 -28.71 19.48
C GLY A 334 -22.36 -28.89 20.32
N LYS A 335 -21.23 -28.85 19.64
CA LYS A 335 -19.96 -29.04 20.31
C LYS A 335 -19.55 -27.77 21.05
N PRO A 336 -19.00 -27.89 22.26
CA PRO A 336 -18.56 -26.71 22.99
C PRO A 336 -17.38 -26.03 22.30
N VAL A 337 -17.32 -24.71 22.47
CA VAL A 337 -16.22 -23.95 21.87
C VAL A 337 -15.00 -23.96 22.78
N PHE A 338 -15.19 -23.94 24.09
CA PHE A 338 -14.13 -24.04 25.07
C PHE A 338 -14.50 -25.17 26.02
N THR A 339 -13.58 -26.10 26.25
CA THR A 339 -13.95 -27.33 26.96
C THR A 339 -13.20 -27.55 28.27
N VAL A 340 -11.87 -27.62 28.29
CA VAL A 340 -11.20 -28.31 29.39
C VAL A 340 -10.65 -27.33 30.43
N GLU A 341 -10.28 -26.12 29.98
CA GLU A 341 -9.86 -25.02 30.85
C GLU A 341 -8.50 -25.23 31.50
N ARG A 342 -7.92 -26.43 31.38
CA ARG A 342 -6.57 -26.65 31.88
C ARG A 342 -6.05 -27.98 31.36
N MET A 343 -4.79 -27.98 30.94
CA MET A 343 -4.20 -29.15 30.29
C MET A 343 -3.63 -30.14 31.30
N TYR A 344 -3.13 -29.65 32.43
CA TYR A 344 -2.54 -30.47 33.46
C TYR A 344 -3.43 -30.46 34.70
N ASP A 345 -3.65 -31.64 35.27
CA ASP A 345 -4.32 -31.72 36.56
C ASP A 345 -3.32 -31.68 37.71
N VAL A 346 -2.26 -32.47 37.63
CA VAL A 346 -1.16 -32.44 38.56
C VAL A 346 0.11 -32.18 37.76
N THR A 347 0.82 -31.14 38.13
CA THR A 347 1.94 -30.71 37.31
C THR A 347 3.19 -31.52 37.62
N PRO A 348 3.88 -32.04 36.61
CA PRO A 348 5.16 -32.71 36.84
C PRO A 348 6.20 -31.73 37.34
N PRO A 349 7.42 -32.21 37.67
CA PRO A 349 8.42 -31.29 38.24
C PRO A 349 8.76 -30.08 37.39
N GLY A 350 8.56 -30.14 36.08
CA GLY A 350 9.04 -29.06 35.23
C GLY A 350 8.07 -27.96 34.90
N VAL A 351 6.78 -28.27 34.82
CA VAL A 351 5.81 -27.36 34.23
C VAL A 351 5.20 -26.48 35.32
N VAL A 352 4.80 -25.28 34.93
CA VAL A 352 4.21 -24.29 35.83
C VAL A 352 3.10 -23.57 35.09
N MET A 353 2.01 -23.27 35.80
CA MET A 353 0.86 -22.63 35.20
C MET A 353 1.02 -21.11 35.18
N GLY A 354 0.74 -20.51 34.03
CA GLY A 354 0.67 -19.07 33.89
C GLY A 354 -0.71 -18.65 33.45
N LEU A 355 -0.90 -17.34 33.37
CA LEU A 355 -2.18 -16.76 32.99
C LEU A 355 -1.96 -15.79 31.84
N ALA A 356 -2.88 -15.78 30.90
CA ALA A 356 -2.78 -14.96 29.70
C ALA A 356 -4.00 -14.06 29.61
N TRP A 357 -4.00 -13.22 28.58
CA TRP A 357 -5.08 -12.31 28.28
C TRP A 357 -5.60 -12.61 26.89
N THR A 358 -6.91 -12.51 26.70
CA THR A 358 -7.52 -12.74 25.40
C THR A 358 -8.81 -11.94 25.33
N ALA A 359 -9.27 -11.70 24.10
CA ALA A 359 -10.55 -11.02 23.92
C ALA A 359 -11.71 -11.88 24.36
N MET A 360 -11.55 -13.21 24.36
CA MET A 360 -12.59 -14.13 24.80
C MET A 360 -12.31 -14.57 26.23
N GLY A 361 -12.37 -13.60 27.14
CA GLY A 361 -11.97 -13.88 28.50
C GLY A 361 -10.48 -14.14 28.58
N GLY A 362 -10.05 -14.60 29.75
CA GLY A 362 -8.66 -14.90 29.96
C GLY A 362 -8.29 -16.24 29.37
N SER A 363 -7.10 -16.71 29.75
CA SER A 363 -6.65 -18.03 29.37
C SER A 363 -5.74 -18.57 30.46
N THR A 364 -5.37 -19.84 30.32
CA THR A 364 -4.45 -20.48 31.25
C THR A 364 -3.49 -21.33 30.44
N LEU A 365 -2.26 -20.86 30.30
CA LEU A 365 -1.23 -21.59 29.58
C LEU A 365 -0.17 -22.09 30.54
N PHE A 366 0.49 -23.17 30.16
CA PHE A 366 1.54 -23.76 30.96
C PHE A 366 2.89 -23.52 30.30
N VAL A 367 3.94 -23.67 31.09
CA VAL A 367 5.31 -23.47 30.62
C VAL A 367 6.05 -24.77 30.90
N GLU A 368 6.17 -25.61 29.89
CA GLU A 368 6.86 -26.88 30.03
C GLU A 368 8.34 -26.70 29.78
N THR A 369 9.16 -27.39 30.57
CA THR A 369 10.60 -27.43 30.38
C THR A 369 11.07 -28.86 30.48
N SER A 370 12.16 -29.17 29.79
CA SER A 370 12.63 -30.54 29.71
C SER A 370 14.10 -30.54 29.39
N LEU A 371 14.81 -31.53 29.93
CA LEU A 371 16.20 -31.75 29.58
C LEU A 371 16.29 -32.17 28.12
N ARG A 372 17.09 -31.46 27.34
CA ARG A 372 17.18 -31.73 25.92
C ARG A 372 18.23 -32.76 25.57
N ARG A 373 19.31 -32.83 26.34
CA ARG A 373 20.37 -33.79 26.10
C ARG A 373 20.65 -34.59 27.37
N PRO A 374 21.11 -35.83 27.23
CA PRO A 374 21.34 -36.66 28.42
C PRO A 374 22.55 -36.21 29.21
N GLN A 375 22.31 -35.61 30.37
CA GLN A 375 23.35 -35.16 31.28
C GLN A 375 22.66 -34.79 32.60
N ASP A 376 23.38 -34.08 33.45
CA ASP A 376 22.83 -33.57 34.70
C ASP A 376 21.50 -32.86 34.50
N LYS A 383 32.34 -25.58 28.56
CA LYS A 383 31.07 -26.12 28.10
C LYS A 383 29.93 -25.71 29.04
N ASP A 384 29.00 -24.92 28.54
CA ASP A 384 27.90 -24.42 29.36
C ASP A 384 26.57 -24.78 28.73
N GLY A 385 25.54 -24.81 29.58
CA GLY A 385 24.22 -25.18 29.14
C GLY A 385 23.61 -24.17 28.20
N SER A 386 22.47 -24.56 27.64
CA SER A 386 21.77 -23.76 26.65
C SER A 386 20.29 -23.71 27.02
N LEU A 387 19.54 -22.91 26.27
CA LEU A 387 18.10 -22.88 26.37
C LEU A 387 17.51 -22.77 24.99
N GLU A 388 16.77 -23.78 24.56
CA GLU A 388 16.02 -23.74 23.32
C GLU A 388 14.56 -23.45 23.65
N VAL A 389 13.96 -22.52 22.92
CA VAL A 389 12.66 -21.95 23.26
C VAL A 389 11.75 -22.07 22.05
N THR A 390 10.62 -22.76 22.20
CA THR A 390 9.65 -22.94 21.14
C THR A 390 8.25 -22.61 21.65
N GLY A 391 7.31 -22.53 20.72
CA GLY A 391 5.92 -22.26 21.05
C GLY A 391 5.37 -20.98 20.45
N GLN A 392 5.92 -20.56 19.31
CA GLN A 392 5.50 -19.35 18.61
C GLN A 392 5.55 -18.14 19.53
N LEU A 393 6.76 -17.82 19.98
CA LEU A 393 6.99 -16.76 20.94
C LEU A 393 7.47 -15.49 20.24
N GLY A 394 6.97 -14.35 20.68
CA GLY A 394 7.39 -13.09 20.13
C GLY A 394 8.78 -12.70 20.61
N GLU A 395 9.23 -11.53 20.16
CA GLU A 395 10.57 -11.08 20.52
C GLU A 395 10.65 -10.70 21.99
N VAL A 396 9.62 -10.01 22.50
CA VAL A 396 9.62 -9.64 23.91
C VAL A 396 9.60 -10.88 24.78
N MET A 397 8.88 -11.92 24.36
CA MET A 397 8.80 -13.12 25.18
C MET A 397 10.10 -13.92 25.14
N LYS A 398 10.76 -13.98 23.98
CA LYS A 398 12.07 -14.62 23.92
C LYS A 398 13.08 -13.88 24.78
N GLU A 399 13.06 -12.56 24.73
CA GLU A 399 13.97 -11.78 25.57
C GLU A 399 13.68 -12.01 27.04
N SER A 400 12.40 -12.05 27.41
CA SER A 400 12.06 -12.30 28.80
C SER A 400 12.47 -13.70 29.22
N ALA A 401 12.47 -14.65 28.29
CA ALA A 401 12.96 -15.98 28.61
C ALA A 401 14.46 -15.96 28.86
N ARG A 402 15.21 -15.18 28.07
CA ARG A 402 16.64 -15.05 28.32
C ARG A 402 16.91 -14.42 29.69
N ILE A 403 16.14 -13.38 30.03
CA ILE A 403 16.30 -12.71 31.32
C ILE A 403 15.99 -13.67 32.45
N ALA A 404 14.89 -14.42 32.33
CA ALA A 404 14.52 -15.40 33.34
C ALA A 404 15.58 -16.48 33.47
N TYR A 405 16.18 -16.89 32.36
CA TYR A 405 17.23 -17.90 32.40
C TYR A 405 18.44 -17.41 33.19
N THR A 406 18.89 -16.19 32.89
CA THR A 406 20.03 -15.64 33.63
C THR A 406 19.72 -15.50 35.12
N PHE A 407 18.54 -14.96 35.45
CA PHE A 407 18.23 -14.80 36.86
C PHE A 407 18.05 -16.15 37.55
N ALA A 408 17.54 -17.17 36.85
CA ALA A 408 17.39 -18.47 37.48
C ALA A 408 18.76 -19.07 37.77
N ARG A 409 19.71 -18.91 36.84
CA ARG A 409 21.08 -19.33 37.12
C ARG A 409 21.60 -18.65 38.38
N ALA A 410 21.44 -17.33 38.46
CA ALA A 410 21.95 -16.58 39.60
C ALA A 410 21.30 -17.02 40.91
N PHE A 411 19.98 -17.17 40.90
CA PHE A 411 19.25 -17.54 42.11
C PHE A 411 19.62 -18.94 42.57
N LEU A 412 19.78 -19.88 41.64
CA LEU A 412 20.17 -21.22 42.05
C LEU A 412 21.62 -21.25 42.52
N MET A 413 22.46 -20.36 42.00
CA MET A 413 23.82 -20.28 42.52
C MET A 413 23.82 -19.77 43.96
N GLN A 414 22.98 -18.76 44.25
CA GLN A 414 22.97 -18.22 45.60
C GLN A 414 22.18 -19.08 46.58
N HIS A 415 21.27 -19.93 46.11
CA HIS A 415 20.40 -20.69 47.00
C HIS A 415 20.95 -22.08 47.29
N ALA A 416 21.31 -22.83 46.25
CA ALA A 416 21.93 -24.14 46.39
C ALA A 416 23.20 -24.12 45.56
N PRO A 417 24.33 -23.72 46.15
CA PRO A 417 25.53 -23.44 45.35
C PRO A 417 26.12 -24.66 44.67
N ALA A 418 25.70 -25.87 45.05
CA ALA A 418 26.26 -27.09 44.49
C ALA A 418 25.27 -27.82 43.60
N ASN A 419 24.45 -27.09 42.85
CA ASN A 419 23.47 -27.75 42.00
C ASN A 419 23.99 -28.00 40.60
N ASP A 420 24.66 -27.02 40.00
CA ASP A 420 25.37 -27.19 38.72
C ASP A 420 24.38 -27.34 37.57
N TYR A 421 23.10 -27.48 37.91
CA TYR A 421 22.05 -27.48 36.92
C TYR A 421 21.91 -26.05 36.37
N LEU A 422 21.22 -25.93 35.24
CA LEU A 422 20.96 -24.63 34.61
C LEU A 422 22.24 -23.98 34.12
N VAL A 423 23.38 -24.58 34.42
CA VAL A 423 24.67 -24.11 33.95
C VAL A 423 25.29 -25.09 32.97
N THR A 424 25.16 -26.38 33.23
CA THR A 424 25.73 -27.42 32.41
C THR A 424 24.69 -28.22 31.64
N SER A 425 23.41 -27.91 31.80
CA SER A 425 22.34 -28.67 31.17
C SER A 425 21.80 -27.94 29.95
N HIS A 426 21.41 -28.71 28.95
CA HIS A 426 20.77 -28.19 27.75
C HIS A 426 19.27 -28.41 27.88
N ILE A 427 18.53 -27.31 27.99
CA ILE A 427 17.12 -27.34 28.37
C ILE A 427 16.28 -26.84 27.21
N HIS A 428 15.11 -27.43 27.04
CA HIS A 428 14.14 -27.02 26.06
C HIS A 428 12.91 -26.50 26.79
N LEU A 429 12.57 -25.24 26.55
CA LEU A 429 11.38 -24.63 27.12
C LEU A 429 10.30 -24.53 26.06
N HIS A 430 9.09 -24.95 26.42
CA HIS A 430 7.96 -24.96 25.50
C HIS A 430 6.74 -24.41 26.20
N VAL A 431 6.01 -23.54 25.52
CA VAL A 431 4.71 -23.08 26.00
C VAL A 431 3.65 -23.68 25.09
N PRO A 432 2.91 -24.69 25.55
CA PRO A 432 2.10 -25.51 24.63
C PRO A 432 0.98 -24.76 23.91
N GLU A 433 0.27 -25.51 23.07
CA GLU A 433 -0.49 -24.97 21.94
C GLU A 433 0.46 -24.27 20.97
N GLY A 434 1.31 -25.11 20.36
CA GLY A 434 2.33 -24.62 19.45
C GLY A 434 1.80 -23.84 18.26
N ALA A 435 0.53 -24.02 17.92
CA ALA A 435 -0.02 -23.30 16.78
C ALA A 435 -0.30 -21.84 17.11
N THR A 436 -0.63 -21.53 18.36
CA THR A 436 -1.05 -20.15 18.54
C THR A 436 0.12 -19.27 18.97
N PRO A 437 0.23 -18.09 18.38
CA PRO A 437 1.33 -17.18 18.74
C PRO A 437 1.05 -16.47 20.05
N LYS A 438 2.12 -16.14 20.75
CA LYS A 438 2.00 -15.57 22.07
C LYS A 438 3.18 -14.65 22.36
N ASP A 439 2.91 -13.55 23.04
CA ASP A 439 3.93 -12.55 23.32
C ASP A 439 3.63 -11.87 24.66
N GLY A 440 4.63 -11.18 25.19
CA GLY A 440 4.46 -10.38 26.38
C GLY A 440 5.56 -10.54 27.40
N PRO A 441 5.87 -9.45 28.11
CA PRO A 441 6.91 -9.52 29.14
C PRO A 441 6.52 -10.29 30.37
N SER A 442 5.23 -10.58 30.56
CA SER A 442 4.81 -11.40 31.68
C SER A 442 5.35 -12.82 31.51
N ALA A 443 4.98 -13.70 32.43
CA ALA A 443 5.47 -15.08 32.46
C ALA A 443 6.96 -15.15 32.71
N GLY A 444 7.60 -14.03 33.04
CA GLY A 444 9.00 -14.09 33.45
C GLY A 444 9.18 -14.87 34.74
N CYS A 445 8.34 -14.57 35.73
CA CYS A 445 8.34 -15.35 36.96
C CYS A 445 7.94 -16.79 36.70
N THR A 446 7.01 -17.00 35.76
CA THR A 446 6.63 -18.36 35.39
C THR A 446 7.82 -19.14 34.83
N ILE A 447 8.64 -18.48 34.02
CA ILE A 447 9.78 -19.15 33.41
C ILE A 447 10.86 -19.41 34.45
N VAL A 448 11.10 -18.44 35.33
CA VAL A 448 12.04 -18.68 36.43
C VAL A 448 11.60 -19.87 37.26
N THR A 449 10.30 -19.95 37.56
CA THR A 449 9.80 -21.04 38.38
C THR A 449 9.91 -22.37 37.66
N ALA A 450 9.62 -22.40 36.36
CA ALA A 450 9.77 -23.63 35.61
C ALA A 450 11.21 -24.12 35.64
N LEU A 451 12.16 -23.22 35.38
CA LEU A 451 13.57 -23.61 35.40
C LEU A 451 13.99 -24.09 36.78
N LEU A 452 13.58 -23.40 37.85
CA LEU A 452 14.00 -23.80 39.18
C LEU A 452 13.37 -25.12 39.60
N SER A 453 12.11 -25.34 39.27
CA SER A 453 11.47 -26.59 39.62
C SER A 453 12.03 -27.74 38.81
N LEU A 454 12.53 -27.47 37.61
CA LEU A 454 13.24 -28.51 36.87
C LEU A 454 14.58 -28.80 37.50
N ALA A 455 15.29 -27.77 37.95
CA ALA A 455 16.63 -27.96 38.50
C ALA A 455 16.58 -28.67 39.84
N MET A 456 15.60 -28.35 40.67
CA MET A 456 15.49 -28.95 42.00
C MET A 456 14.70 -30.25 41.99
N GLY A 457 14.03 -30.58 40.90
CA GLY A 457 13.25 -31.79 40.84
C GLY A 457 12.00 -31.77 41.70
N ARG A 458 11.43 -30.60 41.93
CA ARG A 458 10.27 -30.45 42.80
C ARG A 458 9.12 -29.83 42.03
N PRO A 459 7.95 -30.46 42.00
CA PRO A 459 6.77 -29.78 41.45
C PRO A 459 6.33 -28.66 42.37
N VAL A 460 5.83 -27.58 41.76
CA VAL A 460 5.34 -26.43 42.51
C VAL A 460 3.99 -26.78 43.13
N ARG A 461 3.50 -25.91 44.01
CA ARG A 461 2.15 -26.04 44.55
C ARG A 461 1.17 -26.29 43.41
N GLN A 462 0.15 -27.09 43.69
CA GLN A 462 -0.69 -27.62 42.61
C GLN A 462 -1.60 -26.55 42.02
N ASN A 463 -2.48 -25.97 42.85
CA ASN A 463 -3.41 -24.98 42.35
C ASN A 463 -2.83 -23.58 42.54
N LEU A 464 -1.73 -23.33 41.83
CA LEU A 464 -1.01 -22.06 41.91
C LEU A 464 -0.83 -21.50 40.52
N ALA A 465 -1.13 -20.21 40.35
CA ALA A 465 -0.92 -19.51 39.10
C ALA A 465 -0.25 -18.18 39.39
N MET A 466 0.60 -17.74 38.46
CA MET A 466 1.42 -16.56 38.68
C MET A 466 1.60 -15.80 37.39
N THR A 467 1.57 -14.48 37.49
CA THR A 467 1.90 -13.58 36.39
C THR A 467 2.82 -12.50 36.89
N GLY A 468 3.72 -12.05 36.03
CA GLY A 468 4.57 -10.94 36.41
C GLY A 468 5.87 -10.84 35.65
N GLU A 469 6.28 -9.60 35.34
CA GLU A 469 7.56 -9.38 34.70
C GLU A 469 8.67 -9.44 35.73
N VAL A 470 9.82 -9.98 35.31
CA VAL A 470 10.99 -10.09 36.17
C VAL A 470 12.13 -9.31 35.55
N SER A 471 12.95 -8.70 36.40
CA SER A 471 14.15 -8.01 35.95
C SER A 471 15.36 -8.89 36.17
N LEU A 472 16.53 -8.39 35.78
CA LEU A 472 17.72 -9.24 35.82
C LEU A 472 18.18 -9.50 37.24
N THR A 473 17.85 -8.61 38.18
CA THR A 473 18.21 -8.79 39.57
C THR A 473 17.11 -9.47 40.37
N GLY A 474 15.95 -9.70 39.78
CA GLY A 474 14.89 -10.44 40.42
C GLY A 474 13.70 -9.63 40.89
N LYS A 475 13.57 -8.38 40.46
CA LYS A 475 12.42 -7.59 40.86
C LYS A 475 11.21 -7.96 40.02
N ILE A 476 10.04 -7.95 40.66
CA ILE A 476 8.78 -8.26 39.99
C ILE A 476 8.10 -6.95 39.63
N LEU A 477 7.74 -6.81 38.37
CA LEU A 477 7.23 -5.58 37.80
C LEU A 477 5.77 -5.73 37.39
N PRO A 478 5.02 -4.63 37.26
CA PRO A 478 3.59 -4.75 36.98
C PRO A 478 3.32 -5.37 35.63
N VAL A 479 2.09 -5.84 35.47
CA VAL A 479 1.60 -6.39 34.22
C VAL A 479 0.21 -5.80 33.95
N GLY A 480 -0.33 -6.12 32.78
CA GLY A 480 -1.66 -5.70 32.39
C GLY A 480 -2.63 -6.87 32.34
N GLY A 481 -3.89 -6.54 32.12
CA GLY A 481 -4.91 -7.56 32.00
C GLY A 481 -5.11 -8.38 33.26
N ILE A 482 -5.13 -7.72 34.42
CA ILE A 482 -5.32 -8.45 35.67
C ILE A 482 -6.74 -9.00 35.77
N LYS A 483 -7.71 -8.28 35.21
CA LYS A 483 -9.09 -8.75 35.28
C LYS A 483 -9.27 -10.08 34.54
N GLU A 484 -8.79 -10.15 33.30
CA GLU A 484 -8.93 -11.37 32.52
C GLU A 484 -8.10 -12.50 33.10
N LYS A 485 -6.90 -12.20 33.58
CA LYS A 485 -6.05 -13.24 34.16
C LYS A 485 -6.69 -13.82 35.41
N THR A 486 -7.28 -12.97 36.25
CA THR A 486 -7.95 -13.46 37.45
C THR A 486 -9.20 -14.24 37.10
N ILE A 487 -9.97 -13.78 36.11
CA ILE A 487 -11.13 -14.53 35.67
C ILE A 487 -10.72 -15.91 35.16
N ALA A 488 -9.61 -15.98 34.43
CA ALA A 488 -9.14 -17.26 33.92
C ALA A 488 -8.69 -18.18 35.03
N ALA A 489 -7.92 -17.66 35.99
CA ALA A 489 -7.46 -18.50 37.08
C ALA A 489 -8.63 -18.99 37.92
N LYS A 490 -9.62 -18.15 38.13
CA LYS A 490 -10.82 -18.58 38.84
C LYS A 490 -11.55 -19.66 38.07
N ARG A 491 -11.65 -19.49 36.75
CA ARG A 491 -12.39 -20.44 35.92
C ARG A 491 -11.69 -21.79 35.88
N ALA A 492 -10.37 -21.81 35.90
CA ALA A 492 -9.64 -23.07 35.81
C ALA A 492 -9.45 -23.74 37.16
N GLY A 493 -10.02 -23.17 38.23
CA GLY A 493 -9.93 -23.80 39.53
C GLY A 493 -8.69 -23.47 40.32
N VAL A 494 -8.04 -22.35 40.05
CA VAL A 494 -6.86 -21.94 40.82
C VAL A 494 -7.32 -21.39 42.15
N THR A 495 -6.68 -21.83 43.22
CA THR A 495 -6.97 -21.35 44.57
C THR A 495 -6.01 -20.25 45.02
N CYS A 496 -4.74 -20.34 44.63
CA CYS A 496 -3.73 -19.36 45.03
C CYS A 496 -3.20 -18.68 43.79
N ILE A 497 -3.33 -17.36 43.74
CA ILE A 497 -2.86 -16.55 42.63
C ILE A 497 -1.76 -15.63 43.15
N VAL A 498 -0.75 -15.38 42.31
CA VAL A 498 0.38 -14.54 42.67
C VAL A 498 0.48 -13.41 41.67
N LEU A 499 0.52 -12.18 42.17
CA LEU A 499 0.55 -10.97 41.37
C LEU A 499 1.68 -10.07 41.86
N PRO A 500 2.18 -9.18 41.02
CA PRO A 500 3.15 -8.19 41.48
C PRO A 500 2.52 -7.24 42.48
N ALA A 501 3.34 -6.75 43.41
CA ALA A 501 2.81 -5.89 44.46
C ALA A 501 2.27 -4.59 43.92
N GLU A 502 2.68 -4.19 42.72
CA GLU A 502 2.24 -2.94 42.14
C GLU A 502 0.95 -3.08 41.33
N ASN A 503 0.31 -4.26 41.40
CA ASN A 503 -1.02 -4.46 40.84
C ASN A 503 -2.08 -4.63 41.92
N LYS A 504 -1.77 -4.23 43.15
CA LYS A 504 -2.72 -4.35 44.24
C LYS A 504 -3.98 -3.54 43.96
N LYS A 505 -3.82 -2.34 43.41
CA LYS A 505 -4.98 -1.52 43.11
C LYS A 505 -5.83 -2.14 42.01
N ASP A 506 -5.19 -2.68 40.97
CA ASP A 506 -5.95 -3.34 39.91
C ASP A 506 -6.69 -4.55 40.43
N PHE A 507 -6.09 -5.29 41.35
CA PHE A 507 -6.77 -6.48 41.85
C PHE A 507 -7.92 -6.11 42.78
N TYR A 508 -7.73 -5.09 43.61
CA TYR A 508 -8.79 -4.68 44.52
C TYR A 508 -9.82 -3.77 43.88
N ASP A 509 -9.63 -3.45 42.60
CA ASP A 509 -10.66 -2.73 41.85
C ASP A 509 -11.65 -3.64 41.17
N LEU A 510 -11.45 -4.96 41.24
CA LEU A 510 -12.35 -5.88 40.57
C LEU A 510 -13.61 -6.10 41.40
N ALA A 511 -14.66 -6.54 40.73
CA ALA A 511 -15.91 -6.81 41.41
C ALA A 511 -15.72 -7.92 42.44
N ALA A 512 -16.54 -7.89 43.48
CA ALA A 512 -16.33 -8.76 44.62
C ALA A 512 -16.49 -10.23 44.24
N PHE A 513 -17.41 -10.55 43.33
CA PHE A 513 -17.63 -11.94 42.97
C PHE A 513 -16.47 -12.51 42.17
N ILE A 514 -15.69 -11.66 41.52
CA ILE A 514 -14.56 -12.15 40.73
C ILE A 514 -13.49 -12.74 41.62
N THR A 515 -13.21 -12.10 42.76
CA THR A 515 -12.12 -12.49 43.64
C THR A 515 -12.64 -13.09 44.94
N GLU A 516 -13.70 -13.90 44.86
CA GLU A 516 -14.35 -14.40 46.06
C GLU A 516 -13.41 -15.28 46.87
N GLY A 517 -13.04 -16.43 46.33
CA GLY A 517 -12.31 -17.41 47.10
C GLY A 517 -10.87 -17.59 46.68
N LEU A 518 -10.26 -16.50 46.19
CA LEU A 518 -8.88 -16.53 45.73
C LEU A 518 -7.94 -16.12 46.86
N GLU A 519 -6.88 -16.87 47.03
CA GLU A 519 -5.82 -16.53 47.97
C GLU A 519 -4.72 -15.82 47.18
N VAL A 520 -4.73 -14.50 47.22
CA VAL A 520 -3.81 -13.70 46.44
C VAL A 520 -2.57 -13.39 47.26
N HIS A 521 -1.41 -13.37 46.60
CA HIS A 521 -0.15 -12.97 47.20
C HIS A 521 0.50 -11.91 46.33
N PHE A 522 0.81 -10.77 46.93
CA PHE A 522 1.44 -9.66 46.22
C PHE A 522 2.92 -9.63 46.56
N VAL A 523 3.76 -9.79 45.54
CA VAL A 523 5.20 -9.94 45.74
C VAL A 523 5.92 -8.75 45.14
N GLU A 524 7.14 -8.53 45.61
CA GLU A 524 8.01 -7.49 45.09
C GLU A 524 9.26 -8.05 44.43
N HIS A 525 9.91 -9.01 45.06
CA HIS A 525 11.06 -9.71 44.52
C HIS A 525 10.68 -11.16 44.25
N TYR A 526 11.62 -11.92 43.71
CA TYR A 526 11.33 -13.31 43.39
C TYR A 526 11.52 -14.23 44.59
N ARG A 527 12.27 -13.82 45.61
CA ARG A 527 12.45 -14.70 46.76
C ARG A 527 11.11 -15.01 47.43
N GLU A 528 10.18 -14.06 47.41
CA GLU A 528 8.85 -14.32 47.94
C GLU A 528 8.12 -15.35 47.10
N ILE A 529 8.22 -15.25 45.77
CA ILE A 529 7.58 -16.22 44.90
C ILE A 529 8.18 -17.60 45.14
N PHE A 530 9.49 -17.66 45.40
CA PHE A 530 10.10 -18.94 45.70
C PHE A 530 9.56 -19.51 47.01
N ASP A 531 9.46 -18.67 48.03
CA ASP A 531 8.93 -19.14 49.31
C ASP A 531 7.49 -19.60 49.20
N ILE A 532 6.72 -19.04 48.26
CA ILE A 532 5.34 -19.44 48.09
C ILE A 532 5.23 -20.72 47.29
N ALA A 533 5.94 -20.79 46.17
CA ALA A 533 5.82 -21.91 45.25
C ALA A 533 6.49 -23.17 45.75
N PHE A 534 7.12 -23.15 46.91
CA PHE A 534 7.78 -24.33 47.45
C PHE A 534 7.63 -24.41 48.96
N ALA B 3 -61.33 10.97 -8.78
CA ALA B 3 -60.76 9.76 -9.35
C ALA B 3 -59.54 9.31 -8.56
N ILE B 4 -58.44 10.05 -8.70
CA ILE B 4 -57.19 9.67 -8.06
C ILE B 4 -57.35 9.67 -6.54
N GLU B 5 -58.16 10.59 -6.02
CA GLU B 5 -58.47 10.58 -4.59
C GLU B 5 -59.25 9.34 -4.19
N GLU B 6 -59.85 8.65 -5.15
CA GLU B 6 -60.58 7.40 -4.91
C GLU B 6 -59.81 6.16 -5.33
N LYS B 7 -58.94 6.27 -6.34
CA LYS B 7 -58.06 5.17 -6.67
C LYS B 7 -57.18 4.81 -5.49
N PHE B 8 -56.54 5.82 -4.90
CA PHE B 8 -55.95 5.65 -3.58
C PHE B 8 -57.05 5.60 -2.53
N ARG B 9 -56.68 5.20 -1.32
CA ARG B 9 -57.58 4.97 -0.20
C ARG B 9 -58.63 3.91 -0.54
N GLU B 10 -58.50 3.31 -1.72
CA GLU B 10 -59.20 2.09 -2.07
C GLU B 10 -58.28 0.88 -2.00
N ARG B 11 -57.02 1.06 -2.37
CA ARG B 11 -56.03 0.03 -2.11
C ARG B 11 -55.88 -0.21 -0.61
N LEU B 12 -56.02 0.84 0.19
CA LEU B 12 -55.89 0.74 1.64
C LEU B 12 -57.15 0.21 2.31
N LYS B 13 -58.11 -0.31 1.54
CA LYS B 13 -59.30 -0.91 2.14
C LYS B 13 -58.99 -2.29 2.70
N GLU B 14 -58.35 -3.14 1.90
CA GLU B 14 -57.98 -4.48 2.32
C GLU B 14 -56.63 -4.53 3.03
N LEU B 15 -56.16 -3.40 3.55
CA LEU B 15 -54.85 -3.31 4.18
C LEU B 15 -55.00 -2.91 5.64
N VAL B 16 -53.97 -3.22 6.42
CA VAL B 16 -53.90 -2.78 7.81
C VAL B 16 -52.83 -1.71 7.91
N VAL B 17 -53.23 -0.46 7.77
CA VAL B 17 -52.28 0.65 7.74
C VAL B 17 -51.96 1.08 9.16
N PRO B 18 -50.69 1.31 9.49
CA PRO B 18 -50.37 1.89 10.79
C PRO B 18 -50.74 3.36 10.84
N LYS B 19 -50.76 3.90 12.06
CA LYS B 19 -51.13 5.29 12.25
C LYS B 19 -50.12 6.23 11.61
N HIS B 20 -48.83 5.99 11.84
CA HIS B 20 -47.80 6.89 11.35
C HIS B 20 -47.70 6.89 9.83
N VAL B 21 -48.38 5.99 9.15
CA VAL B 21 -48.45 5.98 7.70
C VAL B 21 -49.77 6.58 7.21
N MET B 22 -50.87 6.32 7.92
CA MET B 22 -52.13 6.92 7.54
C MET B 22 -52.09 8.43 7.70
N ASP B 23 -51.39 8.92 8.71
CA ASP B 23 -51.19 10.37 8.86
C ASP B 23 -50.54 10.95 7.62
N VAL B 24 -49.46 10.33 7.15
CA VAL B 24 -48.72 10.88 6.03
C VAL B 24 -49.54 10.78 4.75
N VAL B 25 -50.21 9.65 4.53
CA VAL B 25 -50.98 9.53 3.30
C VAL B 25 -52.14 10.51 3.30
N ASP B 26 -52.71 10.81 4.48
CA ASP B 26 -53.79 11.79 4.53
C ASP B 26 -53.28 13.19 4.24
N GLU B 27 -52.16 13.57 4.85
CA GLU B 27 -51.60 14.89 4.58
C GLU B 27 -51.22 15.03 3.11
N GLU B 28 -50.68 13.96 2.51
CA GLU B 28 -50.27 14.02 1.12
C GLU B 28 -51.48 14.11 0.19
N LEU B 29 -52.55 13.36 0.48
CA LEU B 29 -53.77 13.49 -0.31
C LEU B 29 -54.36 14.89 -0.18
N SER B 30 -54.31 15.47 1.01
CA SER B 30 -54.85 16.81 1.18
C SER B 30 -54.05 17.83 0.37
N LYS B 31 -52.72 17.74 0.40
CA LYS B 31 -51.93 18.67 -0.40
C LYS B 31 -51.96 18.35 -1.89
N LEU B 32 -52.37 17.14 -2.26
CA LEU B 32 -52.51 16.80 -3.66
C LEU B 32 -53.82 17.28 -4.24
N GLY B 33 -54.87 17.34 -3.41
CA GLY B 33 -56.13 17.89 -3.87
C GLY B 33 -56.05 19.32 -4.35
N LEU B 34 -54.99 20.04 -3.99
CA LEU B 34 -54.86 21.46 -4.30
C LEU B 34 -54.13 21.72 -5.61
N LEU B 35 -53.03 21.00 -5.85
CA LEU B 35 -52.15 21.30 -6.97
C LEU B 35 -52.86 21.10 -8.30
N ASP B 36 -52.23 21.61 -9.36
CA ASP B 36 -52.76 21.48 -10.71
C ASP B 36 -52.24 20.20 -11.35
N ASN B 37 -53.05 19.64 -12.25
CA ASN B 37 -52.72 18.35 -12.84
C ASN B 37 -51.44 18.43 -13.66
N HIS B 38 -51.30 19.44 -14.50
CA HIS B 38 -50.14 19.54 -15.38
C HIS B 38 -48.91 20.09 -14.66
N SER B 39 -48.90 20.13 -13.34
CA SER B 39 -47.76 20.63 -12.59
C SER B 39 -46.76 19.51 -12.35
N SER B 40 -45.58 19.89 -11.84
CA SER B 40 -44.52 18.95 -11.52
C SER B 40 -44.64 18.41 -10.09
N GLU B 41 -44.99 19.28 -9.14
CA GLU B 41 -45.26 18.81 -7.79
C GLU B 41 -46.43 17.83 -7.77
N PHE B 42 -47.38 17.99 -8.69
CA PHE B 42 -48.46 17.02 -8.80
C PHE B 42 -47.92 15.64 -9.12
N ASN B 43 -47.00 15.56 -10.10
CA ASN B 43 -46.44 14.27 -10.46
C ASN B 43 -45.58 13.70 -9.34
N VAL B 44 -44.79 14.54 -8.67
CA VAL B 44 -44.00 14.08 -7.54
C VAL B 44 -44.89 13.47 -6.47
N THR B 45 -45.93 14.21 -6.07
CA THR B 45 -46.80 13.75 -5.00
C THR B 45 -47.60 12.53 -5.42
N ARG B 46 -48.02 12.46 -6.68
CA ARG B 46 -48.77 11.30 -7.14
C ARG B 46 -47.91 10.06 -7.14
N ASN B 47 -46.67 10.17 -7.61
CA ASN B 47 -45.76 9.02 -7.57
C ASN B 47 -45.50 8.59 -6.13
N TYR B 48 -45.34 9.56 -5.23
CA TYR B 48 -45.12 9.24 -3.83
C TYR B 48 -46.30 8.48 -3.26
N LEU B 49 -47.52 8.97 -3.50
CA LEU B 49 -48.71 8.32 -2.98
C LEU B 49 -48.91 6.94 -3.61
N ASP B 50 -48.53 6.78 -4.88
CA ASP B 50 -48.61 5.48 -5.51
C ASP B 50 -47.69 4.48 -4.82
N TRP B 51 -46.46 4.90 -4.51
CA TRP B 51 -45.56 4.02 -3.79
C TRP B 51 -46.07 3.74 -2.37
N LEU B 52 -46.66 4.74 -1.72
CA LEU B 52 -47.16 4.54 -0.37
C LEU B 52 -48.34 3.59 -0.34
N THR B 53 -49.17 3.61 -1.37
CA THR B 53 -50.34 2.74 -1.43
C THR B 53 -50.06 1.41 -2.10
N SER B 54 -48.88 1.23 -2.67
CA SER B 54 -48.50 -0.06 -3.24
C SER B 54 -47.82 -0.97 -2.23
N ILE B 55 -47.43 -0.47 -1.08
CA ILE B 55 -46.79 -1.34 -0.08
C ILE B 55 -47.85 -2.20 0.59
N PRO B 56 -47.65 -3.50 0.71
CA PRO B 56 -48.57 -4.31 1.51
C PRO B 56 -48.35 -4.04 2.98
N TRP B 57 -49.26 -3.31 3.62
CA TRP B 57 -48.98 -2.82 4.96
C TRP B 57 -49.37 -3.81 6.04
N GLY B 58 -50.37 -4.65 5.81
CA GLY B 58 -50.76 -5.58 6.84
C GLY B 58 -50.97 -6.99 6.33
N LYS B 59 -51.00 -7.15 5.01
CA LYS B 59 -51.29 -8.46 4.45
C LYS B 59 -50.05 -9.33 4.48
N TYR B 60 -50.28 -10.64 4.57
CA TYR B 60 -49.24 -11.63 4.71
C TYR B 60 -49.51 -12.80 3.77
N SER B 61 -48.52 -13.66 3.64
CA SER B 61 -48.71 -14.89 2.89
C SER B 61 -49.41 -15.93 3.76
N ASN B 62 -50.05 -16.88 3.11
CA ASN B 62 -50.66 -18.03 3.79
C ASN B 62 -49.53 -19.01 4.06
N GLU B 63 -48.82 -18.77 5.17
CA GLU B 63 -47.67 -19.59 5.50
C GLU B 63 -48.12 -20.98 5.93
N ASN B 64 -47.52 -21.99 5.30
CA ASN B 64 -47.86 -23.38 5.58
C ASN B 64 -47.10 -23.86 6.79
N LEU B 65 -47.82 -24.29 7.83
CA LEU B 65 -47.23 -24.73 9.09
C LEU B 65 -47.41 -26.24 9.29
N ASP B 66 -47.27 -27.01 8.21
CA ASP B 66 -47.36 -28.46 8.28
C ASP B 66 -45.95 -29.03 8.19
N LEU B 67 -45.51 -29.68 9.27
CA LEU B 67 -44.14 -30.20 9.30
C LEU B 67 -43.94 -31.30 8.27
N ALA B 68 -44.93 -32.14 8.06
CA ALA B 68 -44.78 -33.25 7.13
C ALA B 68 -44.67 -32.77 5.69
N ARG B 69 -45.61 -31.92 5.26
CA ARG B 69 -45.59 -31.42 3.89
C ARG B 69 -44.34 -30.59 3.62
N ALA B 70 -43.94 -29.77 4.59
CA ALA B 70 -42.74 -28.96 4.41
C ALA B 70 -41.50 -29.82 4.34
N GLN B 71 -41.42 -30.85 5.19
CA GLN B 71 -40.27 -31.74 5.16
C GLN B 71 -40.20 -32.48 3.83
N ALA B 72 -41.36 -32.88 3.28
CA ALA B 72 -41.36 -33.54 1.99
C ALA B 72 -40.92 -32.60 0.88
N VAL B 73 -41.41 -31.36 0.91
CA VAL B 73 -41.00 -30.36 -0.07
C VAL B 73 -39.49 -30.16 -0.02
N LEU B 74 -38.92 -30.07 1.19
CA LEU B 74 -37.49 -29.87 1.31
C LEU B 74 -36.71 -31.09 0.82
N GLU B 75 -37.21 -32.29 1.12
CA GLU B 75 -36.48 -33.51 0.75
C GLU B 75 -36.51 -33.75 -0.75
N GLU B 76 -37.56 -33.34 -1.44
CA GLU B 76 -37.67 -33.66 -2.85
C GLU B 76 -36.81 -32.78 -3.74
N ASP B 77 -36.12 -31.79 -3.18
CA ASP B 77 -35.32 -30.87 -3.99
C ASP B 77 -33.84 -30.98 -3.76
N HIS B 78 -33.39 -31.16 -2.52
CA HIS B 78 -31.98 -31.21 -2.20
C HIS B 78 -31.72 -32.41 -1.31
N TYR B 79 -30.55 -33.03 -1.50
CA TYR B 79 -30.16 -34.19 -0.73
C TYR B 79 -29.28 -33.77 0.44
N GLY B 80 -29.70 -34.11 1.65
CA GLY B 80 -28.82 -34.14 2.80
C GLY B 80 -28.17 -32.84 3.22
N MET B 81 -28.90 -31.74 3.15
CA MET B 81 -28.45 -30.50 3.78
C MET B 81 -29.16 -30.36 5.13
N GLU B 82 -28.83 -31.29 6.03
CA GLU B 82 -29.70 -31.52 7.18
C GLU B 82 -29.72 -30.37 8.17
N ASP B 83 -28.64 -29.58 8.25
CA ASP B 83 -28.66 -28.46 9.18
C ASP B 83 -29.67 -27.41 8.73
N VAL B 84 -29.65 -27.06 7.45
CA VAL B 84 -30.62 -26.10 6.92
C VAL B 84 -32.04 -26.62 7.10
N LYS B 85 -32.25 -27.90 6.86
CA LYS B 85 -33.60 -28.45 6.95
C LYS B 85 -34.09 -28.49 8.40
N LYS B 86 -33.23 -28.90 9.32
CA LYS B 86 -33.59 -28.83 10.74
C LYS B 86 -33.94 -27.41 11.14
N ARG B 87 -33.15 -26.43 10.70
CA ARG B 87 -33.42 -25.05 11.08
C ARG B 87 -34.77 -24.59 10.54
N ILE B 88 -35.11 -24.96 9.31
CA ILE B 88 -36.38 -24.51 8.75
C ILE B 88 -37.54 -25.21 9.44
N LEU B 89 -37.37 -26.47 9.81
CA LEU B 89 -38.42 -27.16 10.54
C LEU B 89 -38.62 -26.55 11.92
N GLU B 90 -37.54 -26.11 12.56
CA GLU B 90 -37.68 -25.44 13.85
C GLU B 90 -38.34 -24.08 13.70
N PHE B 91 -38.00 -23.37 12.65
CA PHE B 91 -38.72 -22.16 12.26
C PHE B 91 -40.22 -22.41 12.19
N ILE B 92 -40.62 -23.49 11.52
CA ILE B 92 -42.04 -23.79 11.34
C ILE B 92 -42.68 -24.13 12.68
N ALA B 93 -42.03 -24.96 13.49
CA ALA B 93 -42.60 -25.32 14.78
C ALA B 93 -42.79 -24.10 15.66
N VAL B 94 -41.83 -23.18 15.66
CA VAL B 94 -41.96 -21.97 16.46
C VAL B 94 -43.11 -21.11 15.96
N SER B 95 -43.18 -20.92 14.64
CA SER B 95 -44.31 -20.17 14.08
C SER B 95 -45.63 -20.89 14.28
N GLN B 96 -45.60 -22.15 14.70
CA GLN B 96 -46.82 -22.88 14.99
C GLN B 96 -47.22 -22.76 16.46
N LEU B 97 -46.25 -22.71 17.38
CA LEU B 97 -46.61 -22.58 18.80
C LEU B 97 -47.22 -21.22 19.09
N ARG B 98 -46.58 -20.14 18.64
CA ARG B 98 -47.18 -18.82 18.70
C ARG B 98 -47.77 -18.49 17.34
N GLY B 99 -48.96 -17.90 17.35
CA GLY B 99 -49.59 -17.61 16.08
C GLY B 99 -49.13 -16.29 15.52
N SER B 100 -48.11 -16.34 14.67
CA SER B 100 -47.47 -15.16 14.13
C SER B 100 -46.56 -15.62 13.00
N THR B 101 -45.77 -14.70 12.45
CA THR B 101 -44.95 -15.01 11.29
C THR B 101 -43.48 -15.19 11.59
N GLN B 102 -42.89 -14.36 12.44
CA GLN B 102 -41.61 -14.67 13.07
C GLN B 102 -40.49 -14.83 12.05
N GLY B 103 -40.13 -13.71 11.43
CA GLY B 103 -38.99 -13.70 10.53
C GLY B 103 -37.66 -13.67 11.27
N LYS B 104 -36.65 -14.28 10.66
CA LYS B 104 -35.30 -14.38 11.22
C LYS B 104 -34.27 -13.98 10.19
N ILE B 105 -33.00 -13.95 10.58
CA ILE B 105 -31.89 -13.58 9.71
C ILE B 105 -30.84 -14.68 9.80
N LEU B 106 -30.63 -15.39 8.68
CA LEU B 106 -29.70 -16.50 8.62
C LEU B 106 -28.61 -16.22 7.59
N CYS B 107 -27.52 -16.99 7.68
CA CYS B 107 -26.41 -16.84 6.75
C CYS B 107 -25.79 -18.20 6.52
N PHE B 108 -26.00 -18.77 5.34
CA PHE B 108 -25.38 -20.02 4.95
C PHE B 108 -24.03 -19.72 4.32
N TYR B 109 -22.98 -20.39 4.81
CA TYR B 109 -21.66 -20.18 4.24
C TYR B 109 -20.95 -21.52 4.10
N GLY B 110 -20.02 -21.57 3.16
CA GLY B 110 -19.29 -22.79 2.86
C GLY B 110 -18.68 -22.74 1.49
N PRO B 111 -18.08 -23.85 1.07
CA PRO B 111 -17.42 -23.89 -0.24
C PRO B 111 -18.41 -23.69 -1.37
N PRO B 112 -17.94 -23.55 -2.61
CA PRO B 112 -18.86 -23.33 -3.72
C PRO B 112 -19.48 -24.63 -4.22
N GLY B 113 -20.73 -24.53 -4.65
CA GLY B 113 -21.42 -25.67 -5.20
C GLY B 113 -21.99 -26.63 -4.19
N VAL B 114 -22.37 -26.14 -3.01
CA VAL B 114 -22.87 -26.99 -1.94
C VAL B 114 -24.35 -26.84 -1.73
N GLY B 115 -25.01 -25.96 -2.46
CA GLY B 115 -26.44 -25.80 -2.35
C GLY B 115 -26.92 -24.61 -1.55
N LYS B 116 -26.12 -23.55 -1.47
CA LYS B 116 -26.51 -22.43 -0.61
C LYS B 116 -27.49 -21.51 -1.32
N THR B 117 -27.33 -21.27 -2.61
CA THR B 117 -28.25 -20.41 -3.34
C THR B 117 -29.49 -21.16 -3.78
N SER B 118 -29.38 -22.45 -4.06
CA SER B 118 -30.51 -23.21 -4.58
C SER B 118 -31.46 -23.70 -3.50
N ILE B 119 -31.01 -23.83 -2.25
CA ILE B 119 -31.90 -24.27 -1.19
C ILE B 119 -32.88 -23.18 -0.82
N ALA B 120 -32.64 -21.94 -1.22
CA ALA B 120 -33.53 -20.85 -0.85
C ALA B 120 -34.88 -20.97 -1.55
N ARG B 121 -34.89 -21.42 -2.81
CA ARG B 121 -36.16 -21.70 -3.47
C ARG B 121 -36.94 -22.77 -2.74
N SER B 122 -36.26 -23.84 -2.34
CA SER B 122 -36.92 -24.91 -1.61
C SER B 122 -37.50 -24.41 -0.30
N ILE B 123 -36.76 -23.55 0.40
CA ILE B 123 -37.25 -23.02 1.67
C ILE B 123 -38.49 -22.16 1.44
N ALA B 124 -38.44 -21.28 0.44
CA ALA B 124 -39.58 -20.42 0.17
C ALA B 124 -40.79 -21.21 -0.33
N ARG B 125 -40.56 -22.38 -0.92
CA ARG B 125 -41.69 -23.23 -1.29
C ARG B 125 -42.25 -23.98 -0.09
N ALA B 126 -41.37 -24.48 0.77
CA ALA B 126 -41.82 -25.20 1.96
C ALA B 126 -42.59 -24.30 2.91
N LEU B 127 -42.23 -23.02 2.96
CA LEU B 127 -42.93 -22.07 3.82
C LEU B 127 -44.09 -21.38 3.12
N ASN B 128 -44.24 -21.57 1.80
CA ASN B 128 -45.22 -20.87 0.98
C ASN B 128 -44.99 -19.37 0.99
N ARG B 129 -43.80 -18.92 1.35
CA ARG B 129 -43.47 -17.51 1.31
C ARG B 129 -43.09 -17.09 -0.11
N GLU B 130 -43.15 -15.80 -0.35
CA GLU B 130 -42.69 -15.26 -1.62
C GLU B 130 -41.17 -15.20 -1.64
N TYR B 131 -40.61 -15.27 -2.84
CA TYR B 131 -39.18 -15.39 -3.02
C TYR B 131 -38.65 -14.20 -3.79
N PHE B 132 -37.48 -13.73 -3.41
CA PHE B 132 -36.85 -12.58 -4.06
C PHE B 132 -35.34 -12.71 -3.88
N ARG B 133 -34.62 -12.70 -4.99
CA ARG B 133 -33.17 -12.79 -4.95
C ARG B 133 -32.56 -11.41 -5.19
N PHE B 134 -31.52 -11.10 -4.44
CA PHE B 134 -30.91 -9.77 -4.47
C PHE B 134 -29.40 -9.98 -4.32
N SER B 135 -28.72 -10.09 -5.45
CA SER B 135 -27.28 -10.34 -5.44
C SER B 135 -26.55 -9.03 -5.19
N VAL B 136 -25.79 -8.97 -4.11
CA VAL B 136 -25.03 -7.79 -3.74
C VAL B 136 -23.54 -7.96 -4.04
N GLY B 137 -23.18 -8.95 -4.84
CA GLY B 137 -21.79 -9.11 -5.22
C GLY B 137 -21.33 -7.93 -6.06
N GLY B 138 -20.22 -7.32 -5.66
CA GLY B 138 -19.68 -6.17 -6.35
C GLY B 138 -20.45 -4.89 -6.18
N MET B 139 -21.65 -4.92 -5.62
CA MET B 139 -22.46 -3.72 -5.49
C MET B 139 -21.76 -2.68 -4.64
N THR B 140 -21.80 -1.42 -5.08
CA THR B 140 -21.13 -0.34 -4.38
C THR B 140 -21.97 0.92 -4.30
N ASP B 141 -23.29 0.76 -4.37
CA ASP B 141 -24.22 1.89 -4.34
C ASP B 141 -25.20 1.67 -3.20
N VAL B 142 -25.19 2.59 -2.22
CA VAL B 142 -26.11 2.49 -1.08
C VAL B 142 -27.54 2.76 -1.50
N ALA B 143 -27.75 3.37 -2.67
CA ALA B 143 -29.09 3.65 -3.15
C ALA B 143 -29.86 2.39 -3.48
N GLU B 144 -29.18 1.27 -3.70
CA GLU B 144 -29.87 0.01 -3.96
C GLU B 144 -30.37 -0.64 -2.68
N ILE B 145 -30.12 -0.04 -1.53
CA ILE B 145 -30.76 -0.41 -0.28
C ILE B 145 -31.67 0.69 0.23
N LYS B 146 -31.27 1.95 0.08
CA LYS B 146 -31.98 3.06 0.68
C LYS B 146 -32.68 3.96 -0.32
N GLY B 147 -32.39 3.85 -1.62
CA GLY B 147 -33.00 4.73 -2.58
C GLY B 147 -32.55 6.17 -2.42
N HIS B 148 -33.28 7.06 -3.10
CA HIS B 148 -33.02 8.49 -3.04
C HIS B 148 -34.29 9.22 -2.61
N ARG B 149 -34.11 10.43 -2.09
CA ARG B 149 -35.26 11.27 -1.78
C ARG B 149 -36.07 11.54 -3.04
N ARG B 150 -37.36 11.79 -2.86
CA ARG B 150 -38.18 12.08 -4.02
C ARG B 150 -37.92 13.46 -4.60
N THR B 151 -37.03 14.24 -4.01
CA THR B 151 -36.68 15.53 -4.58
C THR B 151 -35.93 15.35 -5.90
N TYR B 152 -35.02 14.38 -5.97
CA TYR B 152 -34.34 14.10 -7.21
C TYR B 152 -35.34 13.58 -8.24
N VAL B 153 -34.97 13.68 -9.51
CA VAL B 153 -35.93 13.62 -10.59
C VAL B 153 -36.56 12.24 -10.71
N GLY B 154 -35.77 11.23 -11.06
CA GLY B 154 -36.31 9.89 -11.09
C GLY B 154 -35.85 9.06 -9.92
N ALA B 155 -36.67 8.96 -8.89
CA ALA B 155 -36.27 8.34 -7.63
C ALA B 155 -37.09 7.09 -7.39
N MET B 156 -36.47 6.13 -6.71
CA MET B 156 -37.09 4.85 -6.43
C MET B 156 -36.74 4.45 -5.00
N PRO B 157 -37.55 3.60 -4.38
CA PRO B 157 -37.37 3.30 -2.97
C PRO B 157 -36.40 2.17 -2.66
N GLY B 158 -35.53 1.82 -3.59
CA GLY B 158 -34.54 0.79 -3.32
C GLY B 158 -35.14 -0.61 -3.36
N LYS B 159 -34.23 -1.58 -3.33
CA LYS B 159 -34.60 -2.96 -3.69
C LYS B 159 -35.51 -3.60 -2.67
N ILE B 160 -35.35 -3.30 -1.39
CA ILE B 160 -36.19 -3.93 -0.37
C ILE B 160 -37.64 -3.50 -0.53
N ILE B 161 -37.87 -2.20 -0.70
CA ILE B 161 -39.22 -1.71 -0.87
C ILE B 161 -39.79 -2.14 -2.21
N GLN B 162 -38.95 -2.24 -3.25
CA GLN B 162 -39.48 -2.73 -4.52
C GLN B 162 -39.86 -4.20 -4.44
N CYS B 163 -39.13 -4.99 -3.66
CA CYS B 163 -39.51 -6.38 -3.43
C CYS B 163 -40.82 -6.46 -2.67
N LEU B 164 -40.96 -5.65 -1.62
CA LEU B 164 -42.22 -5.61 -0.90
C LEU B 164 -43.38 -5.25 -1.82
N LYS B 165 -43.14 -4.37 -2.78
CA LYS B 165 -44.19 -4.02 -3.74
C LYS B 165 -44.50 -5.19 -4.67
N LYS B 166 -43.47 -5.85 -5.18
CA LYS B 166 -43.69 -6.92 -6.17
C LYS B 166 -44.38 -8.13 -5.56
N THR B 167 -43.87 -8.61 -4.43
CA THR B 167 -44.43 -9.82 -3.83
C THR B 167 -45.77 -9.59 -3.15
N LYS B 168 -46.14 -8.34 -2.90
CA LYS B 168 -47.44 -7.97 -2.33
C LYS B 168 -47.65 -8.55 -0.93
N THR B 169 -46.60 -8.99 -0.26
CA THR B 169 -46.71 -9.50 1.09
C THR B 169 -45.54 -9.00 1.93
N GLU B 170 -45.76 -8.94 3.24
CA GLU B 170 -44.68 -8.69 4.18
C GLU B 170 -44.06 -9.98 4.68
N ASN B 171 -44.32 -11.10 4.00
CA ASN B 171 -43.70 -12.39 4.31
C ASN B 171 -42.88 -12.88 3.11
N PRO B 172 -41.87 -12.15 2.70
CA PRO B 172 -41.07 -12.64 1.58
C PRO B 172 -39.89 -13.45 2.09
N LEU B 173 -39.11 -14.01 1.19
CA LEU B 173 -37.83 -14.62 1.53
C LEU B 173 -36.78 -13.87 0.73
N ILE B 174 -36.15 -12.89 1.34
CA ILE B 174 -35.13 -12.11 0.64
C ILE B 174 -33.83 -12.89 0.72
N LEU B 175 -33.32 -13.29 -0.44
CA LEU B 175 -32.02 -13.94 -0.52
C LEU B 175 -31.00 -12.89 -0.90
N ILE B 176 -30.14 -12.51 0.04
CA ILE B 176 -29.07 -11.57 -0.20
C ILE B 176 -27.85 -12.40 -0.56
N ASP B 177 -27.56 -12.50 -1.85
CA ASP B 177 -26.55 -13.43 -2.34
C ASP B 177 -25.17 -12.79 -2.36
N GLU B 178 -24.16 -13.58 -1.98
CA GLU B 178 -22.76 -13.16 -1.94
C GLU B 178 -22.58 -11.95 -1.03
N VAL B 179 -22.98 -12.12 0.23
CA VAL B 179 -22.91 -11.01 1.17
C VAL B 179 -21.48 -10.67 1.54
N ASP B 180 -20.53 -11.57 1.29
CA ASP B 180 -19.14 -11.29 1.58
C ASP B 180 -18.39 -10.63 0.42
N LYS B 181 -19.04 -10.49 -0.73
CA LYS B 181 -18.44 -9.82 -1.88
C LYS B 181 -19.01 -8.43 -2.10
N ILE B 182 -19.62 -7.85 -1.07
CA ILE B 182 -20.19 -6.52 -1.21
C ILE B 182 -19.06 -5.49 -1.34
N GLY B 183 -19.24 -4.54 -2.25
CA GLY B 183 -18.19 -3.57 -2.49
C GLY B 183 -18.14 -2.52 -1.40
N ARG B 184 -16.95 -1.94 -1.22
CA ARG B 184 -16.75 -0.89 -0.24
C ARG B 184 -15.91 0.23 -0.83
N GLY B 185 -16.15 0.54 -2.10
CA GLY B 185 -15.34 1.48 -2.84
C GLY B 185 -15.32 2.89 -2.32
N TYR B 186 -14.55 3.76 -2.99
CA TYR B 186 -14.46 5.15 -2.58
C TYR B 186 -15.81 5.84 -2.70
N GLN B 187 -16.68 5.37 -3.60
CA GLN B 187 -17.98 6.00 -3.77
C GLN B 187 -18.97 5.52 -2.72
N GLY B 188 -19.14 4.21 -2.59
CA GLY B 188 -20.15 3.66 -1.72
C GLY B 188 -19.62 2.57 -0.80
N ASP B 189 -20.27 2.44 0.35
CA ASP B 189 -19.99 1.37 1.31
C ASP B 189 -21.31 0.84 1.82
N PRO B 190 -22.01 0.05 1.01
CA PRO B 190 -23.35 -0.41 1.39
C PRO B 190 -23.35 -1.49 2.45
N SER B 191 -22.20 -2.06 2.80
CA SER B 191 -22.13 -2.99 3.90
C SER B 191 -22.40 -2.34 5.24
N SER B 192 -22.43 -1.00 5.30
CA SER B 192 -22.79 -0.28 6.50
C SER B 192 -24.28 0.06 6.56
N ALA B 193 -24.98 -0.04 5.44
CA ALA B 193 -26.43 0.11 5.45
C ALA B 193 -27.14 -1.20 5.75
N LEU B 194 -26.45 -2.33 5.63
CA LEU B 194 -27.03 -3.59 6.07
C LEU B 194 -27.10 -3.69 7.58
N LEU B 195 -26.31 -2.89 8.30
CA LEU B 195 -26.37 -2.89 9.75
C LEU B 195 -27.71 -2.40 10.27
N GLU B 196 -28.48 -1.73 9.42
CA GLU B 196 -29.81 -1.24 9.79
C GLU B 196 -30.91 -2.11 9.22
N LEU B 197 -30.65 -2.78 8.11
CA LEU B 197 -31.63 -3.70 7.53
C LEU B 197 -31.63 -5.04 8.26
N LEU B 198 -30.46 -5.63 8.43
CA LEU B 198 -30.34 -6.92 9.12
C LEU B 198 -30.05 -6.73 10.60
N ASP B 199 -30.86 -5.90 11.26
CA ASP B 199 -30.73 -5.67 12.70
C ASP B 199 -31.97 -6.19 13.39
N PRO B 200 -31.89 -7.29 14.14
CA PRO B 200 -33.11 -7.93 14.65
C PRO B 200 -33.92 -7.07 15.59
N GLU B 201 -33.38 -5.95 16.07
CA GLU B 201 -34.11 -5.05 16.95
C GLU B 201 -34.61 -3.81 16.23
N GLN B 202 -33.75 -3.15 15.47
CA GLN B 202 -34.12 -1.97 14.72
C GLN B 202 -34.71 -2.30 13.35
N ASN B 203 -35.02 -3.56 13.10
CA ASN B 203 -35.59 -3.95 11.82
C ASN B 203 -36.98 -3.38 11.63
N ALA B 204 -37.78 -3.37 12.70
CA ALA B 204 -39.16 -2.91 12.61
C ALA B 204 -39.25 -1.43 12.25
N ASN B 205 -38.14 -0.70 12.29
CA ASN B 205 -38.09 0.70 11.90
C ASN B 205 -36.97 0.83 10.87
N PHE B 206 -37.28 0.52 9.62
CA PHE B 206 -36.33 0.64 8.54
C PHE B 206 -36.71 1.86 7.71
N LEU B 207 -35.83 2.84 7.67
CA LEU B 207 -36.10 4.10 7.00
C LEU B 207 -35.50 4.05 5.60
N ASP B 208 -36.36 3.91 4.61
CA ASP B 208 -35.96 4.12 3.22
C ASP B 208 -35.99 5.60 2.91
N HIS B 209 -34.98 6.07 2.18
CA HIS B 209 -34.84 7.50 1.93
C HIS B 209 -35.92 8.05 1.00
N TYR B 210 -36.62 7.18 0.28
CA TYR B 210 -37.69 7.67 -0.59
C TYR B 210 -39.02 7.72 0.13
N LEU B 211 -39.36 6.68 0.90
CA LEU B 211 -40.63 6.68 1.61
C LEU B 211 -40.62 7.64 2.78
N ASP B 212 -39.51 7.71 3.51
CA ASP B 212 -39.38 8.50 4.73
C ASP B 212 -40.30 8.03 5.85
N VAL B 213 -41.02 6.95 5.66
CA VAL B 213 -41.80 6.36 6.74
C VAL B 213 -41.22 4.96 7.00
N PRO B 214 -41.12 4.53 8.25
CA PRO B 214 -40.52 3.23 8.53
C PRO B 214 -41.46 2.10 8.18
N VAL B 215 -40.86 1.01 7.70
CA VAL B 215 -41.60 -0.19 7.36
C VAL B 215 -41.21 -1.29 8.33
N ASP B 216 -42.05 -2.31 8.41
CA ASP B 216 -41.88 -3.38 9.39
C ASP B 216 -41.30 -4.59 8.66
N LEU B 217 -39.99 -4.75 8.73
CA LEU B 217 -39.30 -5.89 8.13
C LEU B 217 -38.99 -6.96 9.15
N SER B 218 -39.73 -7.02 10.25
CA SER B 218 -39.49 -8.02 11.29
C SER B 218 -40.22 -9.32 11.03
N LYS B 219 -41.16 -9.36 10.09
CA LYS B 219 -41.80 -10.59 9.66
C LYS B 219 -41.21 -11.11 8.36
N VAL B 220 -39.93 -10.82 8.10
CA VAL B 220 -39.26 -11.19 6.86
C VAL B 220 -38.15 -12.16 7.19
N LEU B 221 -37.98 -13.16 6.33
CA LEU B 221 -36.91 -14.15 6.48
C LEU B 221 -35.79 -13.78 5.53
N PHE B 222 -34.72 -13.20 6.06
CA PHE B 222 -33.55 -12.88 5.28
C PHE B 222 -32.59 -14.06 5.32
N ILE B 223 -32.14 -14.50 4.15
CA ILE B 223 -31.15 -15.55 4.03
C ILE B 223 -29.98 -14.99 3.24
N CYS B 224 -28.83 -14.87 3.89
CA CYS B 224 -27.62 -14.43 3.23
C CYS B 224 -26.75 -15.62 2.90
N THR B 225 -25.91 -15.47 1.87
CA THR B 225 -24.96 -16.48 1.48
C THR B 225 -23.59 -15.85 1.32
N ALA B 226 -22.57 -16.55 1.78
CA ALA B 226 -21.19 -16.12 1.63
C ALA B 226 -20.32 -17.34 1.45
N ASN B 227 -19.21 -17.16 0.74
CA ASN B 227 -18.24 -18.23 0.60
C ASN B 227 -17.28 -18.29 1.78
N VAL B 228 -16.92 -17.14 2.33
CA VAL B 228 -16.02 -17.05 3.47
C VAL B 228 -16.57 -16.01 4.43
N THR B 229 -16.41 -16.25 5.72
CA THR B 229 -17.12 -15.49 6.75
C THR B 229 -16.21 -14.54 7.52
N ASP B 230 -15.17 -14.00 6.90
CA ASP B 230 -14.34 -13.03 7.58
C ASP B 230 -14.12 -11.75 6.79
N THR B 231 -14.61 -11.66 5.56
CA THR B 231 -14.71 -10.38 4.88
C THR B 231 -16.03 -9.69 5.18
N ILE B 232 -16.80 -10.23 6.13
CA ILE B 232 -18.03 -9.62 6.60
C ILE B 232 -17.71 -8.91 7.91
N PRO B 233 -18.07 -7.63 8.06
CA PRO B 233 -17.68 -6.90 9.27
C PRO B 233 -18.26 -7.54 10.52
N GLU B 234 -17.57 -7.34 11.64
CA GLU B 234 -17.94 -8.04 12.87
C GLU B 234 -19.33 -7.69 13.38
N PRO B 235 -19.81 -6.43 13.32
CA PRO B 235 -21.21 -6.18 13.67
C PRO B 235 -22.18 -6.91 12.76
N LEU B 236 -21.92 -6.92 11.45
CA LEU B 236 -22.81 -7.60 10.53
C LEU B 236 -22.84 -9.10 10.80
N ARG B 237 -21.70 -9.67 11.15
CA ARG B 237 -21.68 -11.07 11.55
C ARG B 237 -22.44 -11.28 12.85
N ASP B 238 -22.29 -10.35 13.79
CA ASP B 238 -22.93 -10.49 15.09
C ASP B 238 -24.44 -10.47 14.96
N ARG B 239 -24.97 -9.74 13.97
CA ARG B 239 -26.41 -9.70 13.79
C ARG B 239 -26.95 -10.97 13.13
N MET B 240 -26.17 -11.60 12.25
CA MET B 240 -26.63 -12.79 11.52
C MET B 240 -26.37 -14.04 12.32
N GLU B 241 -27.16 -15.07 12.03
CA GLU B 241 -26.97 -16.40 12.61
C GLU B 241 -26.30 -17.29 11.57
N MET B 242 -25.06 -17.67 11.84
CA MET B 242 -24.23 -18.33 10.84
C MET B 242 -24.48 -19.82 10.83
N ILE B 243 -24.87 -20.34 9.67
CA ILE B 243 -25.06 -21.77 9.47
C ILE B 243 -24.06 -22.24 8.45
N ASN B 244 -23.23 -23.21 8.81
CA ASN B 244 -22.19 -23.71 7.93
C ASN B 244 -22.77 -24.80 7.06
N VAL B 245 -22.70 -24.60 5.74
CA VAL B 245 -23.12 -25.61 4.77
C VAL B 245 -21.84 -26.24 4.24
N SER B 246 -21.50 -27.42 4.76
CA SER B 246 -20.27 -28.07 4.38
C SER B 246 -20.49 -28.97 3.17
N GLY B 247 -19.39 -29.46 2.61
CA GLY B 247 -19.46 -30.20 1.38
C GLY B 247 -20.03 -31.60 1.50
N TYR B 248 -19.82 -32.42 0.48
CA TYR B 248 -20.37 -33.76 0.42
C TYR B 248 -19.25 -34.78 0.26
N VAL B 249 -19.41 -35.92 0.95
CA VAL B 249 -18.47 -37.02 0.83
C VAL B 249 -18.81 -37.81 -0.42
N ALA B 250 -17.96 -38.79 -0.77
CA ALA B 250 -18.16 -39.55 -2.00
C ALA B 250 -19.52 -40.24 -2.04
N GLN B 251 -20.00 -40.76 -0.92
CA GLN B 251 -21.26 -41.48 -0.92
C GLN B 251 -22.43 -40.55 -1.19
N GLU B 252 -22.51 -39.45 -0.47
CA GLU B 252 -23.61 -38.53 -0.70
C GLU B 252 -23.46 -37.78 -2.02
N LYS B 253 -22.24 -37.64 -2.53
CA LYS B 253 -22.09 -37.13 -3.88
C LYS B 253 -22.65 -38.13 -4.89
N LEU B 254 -22.45 -39.42 -4.66
CA LEU B 254 -23.04 -40.43 -5.53
C LEU B 254 -24.57 -40.36 -5.51
N ALA B 255 -25.13 -40.22 -4.30
CA ALA B 255 -26.57 -40.11 -4.19
C ALA B 255 -27.09 -38.86 -4.90
N ILE B 256 -26.44 -37.73 -4.67
CA ILE B 256 -26.80 -36.49 -5.34
C ILE B 256 -26.75 -36.67 -6.86
N ALA B 257 -25.67 -37.27 -7.35
CA ALA B 257 -25.49 -37.51 -8.78
C ALA B 257 -26.67 -38.29 -9.33
N GLU B 258 -26.82 -39.53 -8.89
CA GLU B 258 -27.83 -40.40 -9.48
C GLU B 258 -29.25 -40.06 -9.07
N ARG B 259 -29.47 -39.06 -8.22
CA ARG B 259 -30.83 -38.63 -7.94
C ARG B 259 -31.21 -37.34 -8.65
N TYR B 260 -30.29 -36.41 -8.83
CA TYR B 260 -30.61 -35.11 -9.42
C TYR B 260 -29.79 -34.76 -10.64
N LEU B 261 -28.50 -35.09 -10.67
CA LEU B 261 -27.65 -34.56 -11.72
C LEU B 261 -27.80 -35.36 -13.01
N VAL B 262 -27.70 -36.68 -12.94
CA VAL B 262 -27.85 -37.50 -14.15
C VAL B 262 -29.22 -37.34 -14.79
N PRO B 263 -30.34 -37.43 -14.05
CA PRO B 263 -31.63 -37.22 -14.72
C PRO B 263 -31.78 -35.85 -15.33
N GLN B 264 -31.32 -34.80 -14.65
CA GLN B 264 -31.45 -33.46 -15.20
C GLN B 264 -30.54 -33.27 -16.40
N ALA B 265 -29.35 -33.84 -16.37
CA ALA B 265 -28.48 -33.78 -17.53
C ALA B 265 -29.08 -34.52 -18.71
N ARG B 266 -29.77 -35.64 -18.46
CA ARG B 266 -30.46 -36.34 -19.54
C ARG B 266 -31.59 -35.50 -20.09
N ALA B 267 -32.31 -34.79 -19.22
CA ALA B 267 -33.37 -33.91 -19.68
C ALA B 267 -32.82 -32.83 -20.59
N LEU B 268 -31.72 -32.19 -20.17
CA LEU B 268 -31.11 -31.13 -20.97
C LEU B 268 -30.61 -31.67 -22.30
N CYS B 269 -29.67 -32.62 -22.25
CA CYS B 269 -29.07 -33.14 -23.46
C CYS B 269 -30.06 -33.91 -24.33
N GLY B 270 -31.18 -34.35 -23.76
CA GLY B 270 -32.18 -35.04 -24.55
C GLY B 270 -31.88 -36.48 -24.87
N LEU B 271 -31.07 -37.14 -24.05
CA LEU B 271 -30.71 -38.54 -24.27
C LEU B 271 -31.54 -39.43 -23.37
N ASP B 272 -32.28 -40.33 -23.98
CA ASP B 272 -33.01 -41.35 -23.22
C ASP B 272 -32.04 -42.20 -22.43
N GLU B 273 -32.58 -42.89 -21.41
CA GLU B 273 -31.73 -43.75 -20.59
C GLU B 273 -31.28 -44.98 -21.35
N SER B 274 -32.11 -45.49 -22.26
CA SER B 274 -31.74 -46.68 -23.01
C SER B 274 -30.58 -46.41 -23.96
N LYS B 275 -30.43 -45.16 -24.41
CA LYS B 275 -29.36 -44.83 -25.34
C LYS B 275 -28.00 -44.89 -24.65
N ALA B 276 -27.79 -44.05 -23.65
CA ALA B 276 -26.52 -43.98 -22.94
C ALA B 276 -26.77 -44.35 -21.48
N LYS B 277 -26.07 -45.36 -21.00
CA LYS B 277 -26.26 -45.88 -19.66
C LYS B 277 -25.11 -45.44 -18.75
N LEU B 278 -25.46 -44.96 -17.56
CA LEU B 278 -24.50 -44.57 -16.54
C LEU B 278 -24.81 -45.37 -15.28
N SER B 279 -24.08 -46.47 -15.09
CA SER B 279 -24.31 -47.31 -13.92
C SER B 279 -23.82 -46.61 -12.66
N SER B 280 -23.93 -47.29 -11.53
CA SER B 280 -23.45 -46.75 -10.26
C SER B 280 -21.97 -47.02 -10.05
N ASP B 281 -21.43 -48.08 -10.65
CA ASP B 281 -20.00 -48.33 -10.52
C ASP B 281 -19.18 -47.29 -11.27
N VAL B 282 -19.60 -46.95 -12.49
CA VAL B 282 -18.91 -45.92 -13.25
C VAL B 282 -19.05 -44.57 -12.55
N LEU B 283 -20.18 -44.30 -11.90
CA LEU B 283 -20.33 -43.03 -11.20
C LEU B 283 -19.45 -42.98 -9.95
N THR B 284 -19.39 -44.09 -9.21
CA THR B 284 -18.49 -44.17 -8.06
C THR B 284 -17.05 -43.95 -8.48
N LEU B 285 -16.63 -44.60 -9.57
CA LEU B 285 -15.28 -44.44 -10.08
C LEU B 285 -15.01 -43.00 -10.51
N LEU B 286 -15.99 -42.38 -11.18
CA LEU B 286 -15.85 -40.99 -11.60
C LEU B 286 -15.66 -40.08 -10.39
N ILE B 287 -16.42 -40.31 -9.33
CA ILE B 287 -16.30 -39.48 -8.14
C ILE B 287 -14.95 -39.70 -7.46
N LYS B 288 -14.53 -40.96 -7.35
CA LYS B 288 -13.31 -41.25 -6.61
C LYS B 288 -12.08 -40.73 -7.34
N GLN B 289 -12.07 -40.82 -8.67
CA GLN B 289 -10.89 -40.47 -9.43
C GLN B 289 -10.89 -39.05 -9.95
N TYR B 290 -12.06 -38.44 -10.16
CA TYR B 290 -12.11 -37.15 -10.84
C TYR B 290 -12.66 -36.03 -9.97
N CYS B 291 -13.79 -36.23 -9.33
CA CYS B 291 -14.50 -35.18 -8.60
C CYS B 291 -14.29 -35.41 -7.11
N ARG B 292 -13.27 -34.77 -6.54
CA ARG B 292 -12.89 -34.99 -5.16
C ARG B 292 -13.08 -33.77 -4.28
N GLU B 293 -13.57 -32.67 -4.82
CA GLU B 293 -13.79 -31.47 -4.02
C GLU B 293 -15.04 -31.65 -3.17
N SER B 294 -15.47 -30.58 -2.50
CA SER B 294 -16.65 -30.63 -1.65
C SER B 294 -17.92 -30.21 -2.37
N GLY B 295 -17.85 -29.23 -3.25
CA GLY B 295 -18.98 -28.86 -4.06
C GLY B 295 -19.36 -29.96 -5.04
N VAL B 296 -20.36 -29.66 -5.87
CA VAL B 296 -20.92 -30.69 -6.73
C VAL B 296 -21.03 -30.16 -8.16
N ARG B 297 -20.39 -29.03 -8.43
CA ARG B 297 -20.45 -28.46 -9.78
C ARG B 297 -19.56 -29.22 -10.75
N ASN B 298 -18.36 -29.62 -10.32
CA ASN B 298 -17.47 -30.35 -11.22
C ASN B 298 -18.02 -31.73 -11.54
N LEU B 299 -18.72 -32.36 -10.59
CA LEU B 299 -19.39 -33.61 -10.89
C LEU B 299 -20.43 -33.42 -11.97
N GLN B 300 -21.19 -32.34 -11.90
CA GLN B 300 -22.15 -32.01 -12.94
C GLN B 300 -21.46 -31.83 -14.28
N LYS B 301 -20.31 -31.16 -14.27
CA LYS B 301 -19.57 -30.97 -15.52
C LYS B 301 -19.13 -32.31 -16.11
N GLN B 302 -18.60 -33.20 -15.29
CA GLN B 302 -18.14 -34.50 -15.80
C GLN B 302 -19.30 -35.31 -16.34
N VAL B 303 -20.43 -35.32 -15.64
CA VAL B 303 -21.59 -36.07 -16.10
C VAL B 303 -22.08 -35.52 -17.43
N GLU B 304 -22.20 -34.21 -17.53
CA GLU B 304 -22.64 -33.61 -18.79
C GLU B 304 -21.63 -33.85 -19.90
N LYS B 305 -20.35 -33.95 -19.57
CA LYS B 305 -19.33 -34.27 -20.57
C LYS B 305 -19.54 -35.67 -21.13
N VAL B 306 -19.71 -36.65 -20.26
CA VAL B 306 -19.97 -38.01 -20.71
C VAL B 306 -21.21 -38.04 -21.58
N LEU B 307 -22.27 -37.35 -21.16
CA LEU B 307 -23.53 -37.43 -21.91
C LEU B 307 -23.44 -36.70 -23.24
N ARG B 308 -22.71 -35.59 -23.33
CA ARG B 308 -22.61 -34.93 -24.62
C ARG B 308 -21.69 -35.67 -25.59
N LYS B 309 -20.66 -36.34 -25.09
CA LYS B 309 -19.88 -37.18 -25.99
C LYS B 309 -20.71 -38.36 -26.49
N SER B 310 -21.56 -38.92 -25.62
CA SER B 310 -22.52 -39.92 -26.07
C SER B 310 -23.44 -39.37 -27.14
N ALA B 311 -23.97 -38.17 -26.92
CA ALA B 311 -24.88 -37.56 -27.88
C ALA B 311 -24.21 -37.36 -29.23
N TYR B 312 -22.93 -36.97 -29.22
CA TYR B 312 -22.21 -36.83 -30.48
C TYR B 312 -22.05 -38.17 -31.17
N LYS B 313 -21.62 -39.19 -30.43
CA LYS B 313 -21.47 -40.52 -31.02
C LYS B 313 -22.78 -41.01 -31.63
N ILE B 314 -23.91 -40.65 -31.02
CA ILE B 314 -25.19 -41.14 -31.53
C ILE B 314 -25.66 -40.33 -32.73
N VAL B 315 -25.49 -39.00 -32.69
CA VAL B 315 -26.00 -38.15 -33.76
C VAL B 315 -25.14 -38.28 -35.01
N SER B 316 -23.82 -38.30 -34.85
CA SER B 316 -22.94 -38.37 -36.00
C SER B 316 -23.08 -39.68 -36.76
N GLY B 317 -23.63 -40.70 -36.11
CA GLY B 317 -23.85 -41.99 -36.75
C GLY B 317 -22.86 -43.06 -36.39
N GLU B 318 -21.89 -42.76 -35.51
CA GLU B 318 -20.88 -43.75 -35.16
C GLU B 318 -21.43 -44.87 -34.28
N ALA B 319 -22.62 -44.69 -33.70
CA ALA B 319 -23.17 -45.71 -32.82
C ALA B 319 -24.66 -45.49 -32.70
N GLU B 320 -25.32 -46.44 -32.03
CA GLU B 320 -26.74 -46.39 -31.77
C GLU B 320 -27.08 -46.35 -30.29
N SER B 321 -26.16 -46.77 -29.42
CA SER B 321 -26.37 -46.72 -27.98
C SER B 321 -25.00 -46.83 -27.33
N VAL B 322 -24.71 -45.91 -26.43
CA VAL B 322 -23.38 -45.80 -25.83
C VAL B 322 -23.36 -46.56 -24.52
N GLU B 323 -22.27 -47.28 -24.27
CA GLU B 323 -22.10 -48.07 -23.05
C GLU B 323 -20.87 -47.56 -22.33
N VAL B 324 -21.07 -46.83 -21.25
CA VAL B 324 -19.97 -46.27 -20.46
C VAL B 324 -19.63 -47.27 -19.36
N THR B 325 -18.49 -47.93 -19.50
CA THR B 325 -18.01 -48.90 -18.54
C THR B 325 -16.82 -48.34 -17.77
N PRO B 326 -16.52 -48.87 -16.59
CA PRO B 326 -15.34 -48.40 -15.85
C PRO B 326 -14.03 -48.62 -16.58
N GLU B 327 -14.04 -49.29 -17.73
CA GLU B 327 -12.82 -49.46 -18.51
C GLU B 327 -12.62 -48.36 -19.52
N ASN B 328 -13.69 -47.92 -20.19
CA ASN B 328 -13.61 -46.89 -21.22
C ASN B 328 -14.06 -45.54 -20.72
N LEU B 329 -14.03 -45.32 -19.40
CA LEU B 329 -14.34 -44.00 -18.89
C LEU B 329 -13.29 -42.97 -19.29
N GLN B 330 -12.04 -43.42 -19.45
CA GLN B 330 -10.98 -42.49 -19.83
C GLN B 330 -11.24 -41.87 -21.19
N ASP B 331 -11.94 -42.58 -22.07
CA ASP B 331 -12.23 -42.04 -23.39
C ASP B 331 -13.25 -40.91 -23.35
N PHE B 332 -13.96 -40.76 -22.24
CA PHE B 332 -14.98 -39.74 -22.11
C PHE B 332 -14.53 -38.55 -21.27
N VAL B 333 -13.72 -38.77 -20.25
CA VAL B 333 -13.32 -37.70 -19.35
C VAL B 333 -11.81 -37.49 -19.30
N GLY B 334 -11.00 -38.45 -19.73
CA GLY B 334 -9.57 -38.21 -19.81
C GLY B 334 -8.75 -38.96 -18.77
N LYS B 335 -7.66 -38.35 -18.36
CA LYS B 335 -6.76 -38.97 -17.41
C LYS B 335 -7.28 -38.81 -15.99
N PRO B 336 -7.21 -39.84 -15.16
CA PRO B 336 -7.60 -39.68 -13.76
C PRO B 336 -6.76 -38.61 -13.08
N VAL B 337 -7.37 -37.96 -12.10
CA VAL B 337 -6.65 -36.93 -11.34
C VAL B 337 -6.04 -37.50 -10.06
N PHE B 338 -6.62 -38.56 -9.51
CA PHE B 338 -6.16 -39.16 -8.27
C PHE B 338 -6.07 -40.66 -8.45
N THR B 339 -4.89 -41.22 -8.33
CA THR B 339 -4.76 -42.66 -8.51
C THR B 339 -4.01 -43.38 -7.40
N VAL B 340 -2.97 -42.78 -6.83
CA VAL B 340 -1.99 -43.56 -6.07
C VAL B 340 -2.51 -43.90 -4.68
N GLU B 341 -3.02 -42.91 -3.95
CA GLU B 341 -3.66 -43.05 -2.64
C GLU B 341 -2.69 -43.35 -1.50
N ARG B 342 -1.45 -43.71 -1.79
CA ARG B 342 -0.44 -43.87 -0.75
C ARG B 342 0.92 -44.07 -1.40
N MET B 343 1.92 -43.39 -0.86
CA MET B 343 3.27 -43.47 -1.41
C MET B 343 3.91 -44.81 -1.07
N TYR B 344 3.72 -45.29 0.14
CA TYR B 344 4.24 -46.58 0.60
C TYR B 344 3.10 -47.57 0.75
N ASP B 345 3.45 -48.85 0.65
CA ASP B 345 2.54 -49.93 0.98
C ASP B 345 2.98 -50.74 2.19
N VAL B 346 4.28 -50.90 2.38
CA VAL B 346 4.85 -51.54 3.56
C VAL B 346 5.94 -50.61 4.08
N THR B 347 5.71 -50.03 5.25
CA THR B 347 6.61 -49.00 5.75
C THR B 347 7.92 -49.63 6.23
N PRO B 348 9.07 -49.13 5.78
CA PRO B 348 10.34 -49.58 6.31
C PRO B 348 10.50 -49.16 7.77
N PRO B 349 11.60 -49.55 8.43
CA PRO B 349 11.78 -49.18 9.83
C PRO B 349 11.78 -47.69 10.12
N GLY B 350 11.77 -46.82 9.12
CA GLY B 350 11.88 -45.41 9.40
C GLY B 350 10.64 -44.58 9.20
N VAL B 351 9.74 -45.00 8.32
CA VAL B 351 8.68 -44.12 7.86
C VAL B 351 7.38 -44.44 8.57
N VAL B 352 6.54 -43.42 8.73
CA VAL B 352 5.25 -43.53 9.41
C VAL B 352 4.22 -42.73 8.62
N MET B 353 3.00 -43.26 8.52
CA MET B 353 1.95 -42.58 7.79
C MET B 353 1.27 -41.53 8.66
N GLY B 354 1.08 -40.34 8.11
CA GLY B 354 0.32 -39.30 8.75
C GLY B 354 -0.88 -38.92 7.89
N LEU B 355 -1.80 -38.19 8.50
CA LEU B 355 -3.02 -37.75 7.83
C LEU B 355 -3.02 -36.24 7.77
N ALA B 356 -3.33 -35.69 6.60
CA ALA B 356 -3.39 -34.25 6.41
C ALA B 356 -4.79 -33.85 6.00
N TRP B 357 -5.04 -32.56 6.05
CA TRP B 357 -6.31 -31.96 5.63
C TRP B 357 -6.06 -31.18 4.36
N THR B 358 -6.80 -31.49 3.31
CA THR B 358 -6.75 -30.73 2.07
C THR B 358 -8.17 -30.37 1.68
N ALA B 359 -8.31 -29.27 0.92
CA ALA B 359 -9.62 -28.89 0.46
C ALA B 359 -10.19 -29.89 -0.54
N MET B 360 -9.32 -30.65 -1.21
CA MET B 360 -9.74 -31.69 -2.14
C MET B 360 -9.82 -33.03 -1.41
N GLY B 361 -10.76 -33.11 -0.48
CA GLY B 361 -10.94 -34.33 0.29
C GLY B 361 -9.99 -34.40 1.46
N GLY B 362 -9.13 -35.41 1.49
CA GLY B 362 -8.09 -35.46 2.49
C GLY B 362 -6.77 -35.80 1.86
N SER B 363 -5.78 -36.14 2.68
CA SER B 363 -4.50 -36.58 2.15
C SER B 363 -3.82 -37.43 3.22
N THR B 364 -3.01 -38.38 2.76
CA THR B 364 -2.30 -39.29 3.65
C THR B 364 -0.81 -39.22 3.31
N LEU B 365 -0.11 -38.34 3.99
CA LEU B 365 1.31 -38.13 3.75
C LEU B 365 2.15 -38.89 4.76
N PHE B 366 3.36 -39.23 4.34
CA PHE B 366 4.27 -40.03 5.14
C PHE B 366 5.40 -39.17 5.69
N VAL B 367 6.05 -39.68 6.73
CA VAL B 367 7.17 -39.01 7.38
C VAL B 367 8.36 -39.94 7.29
N GLU B 368 9.40 -39.51 6.58
CA GLU B 368 10.58 -40.31 6.36
C GLU B 368 11.74 -39.79 7.20
N THR B 369 12.45 -40.70 7.85
CA THR B 369 13.65 -40.39 8.59
C THR B 369 14.76 -41.32 8.15
N SER B 370 15.99 -40.85 8.25
CA SER B 370 17.12 -41.64 7.83
C SER B 370 18.39 -41.04 8.40
N LEU B 371 19.37 -41.90 8.65
CA LEU B 371 20.67 -41.42 9.08
C LEU B 371 21.32 -40.58 8.01
N ARG B 372 21.80 -39.40 8.39
CA ARG B 372 22.50 -38.51 7.48
C ARG B 372 23.99 -38.78 7.46
N ARG B 373 24.56 -39.18 8.60
CA ARG B 373 25.95 -39.54 8.74
C ARG B 373 26.05 -40.89 9.45
N PRO B 374 27.08 -41.66 9.17
CA PRO B 374 27.18 -43.01 9.75
C PRO B 374 27.51 -43.01 11.23
N GLN B 375 27.81 -44.19 11.76
CA GLN B 375 28.15 -44.40 13.17
C GLN B 375 27.01 -43.96 14.09
N ASP B 376 25.92 -44.71 13.98
CA ASP B 376 24.75 -44.46 14.80
C ASP B 376 25.04 -44.72 16.28
N LYS B 383 30.00 -34.17 21.76
CA LYS B 383 29.31 -34.04 20.49
C LYS B 383 27.95 -34.75 20.54
N ASP B 384 26.91 -34.10 20.05
CA ASP B 384 25.56 -34.63 20.10
C ASP B 384 25.01 -34.77 18.69
N GLY B 385 23.90 -35.48 18.59
CA GLY B 385 23.23 -35.66 17.32
C GLY B 385 22.58 -34.39 16.85
N SER B 386 21.87 -34.52 15.73
CA SER B 386 21.20 -33.37 15.15
C SER B 386 20.11 -33.85 14.21
N LEU B 387 19.11 -33.01 13.99
CA LEU B 387 17.97 -33.33 13.15
C LEU B 387 17.87 -32.28 12.05
N GLU B 388 18.09 -32.70 10.81
CA GLU B 388 17.84 -31.86 9.65
C GLU B 388 16.44 -32.17 9.11
N VAL B 389 15.74 -31.12 8.71
CA VAL B 389 14.35 -31.25 8.30
C VAL B 389 14.17 -30.59 6.94
N THR B 390 13.59 -31.32 6.00
CA THR B 390 13.23 -30.78 4.69
C THR B 390 11.78 -31.17 4.39
N GLY B 391 11.26 -30.60 3.32
CA GLY B 391 9.90 -30.92 2.91
C GLY B 391 9.01 -29.71 2.81
N GLN B 392 9.62 -28.52 2.70
CA GLN B 392 8.89 -27.27 2.64
C GLN B 392 7.99 -27.10 3.86
N LEU B 393 8.56 -27.32 5.03
CA LEU B 393 7.79 -27.28 6.27
C LEU B 393 7.61 -25.84 6.73
N GLY B 394 6.44 -25.55 7.27
CA GLY B 394 6.17 -24.26 7.87
C GLY B 394 6.83 -24.13 9.23
N GLU B 395 6.62 -22.97 9.85
CA GLU B 395 7.32 -22.69 11.10
C GLU B 395 6.70 -23.42 12.28
N VAL B 396 5.38 -23.50 12.34
CA VAL B 396 4.73 -24.29 13.39
C VAL B 396 5.12 -25.77 13.24
N MET B 397 5.24 -26.23 12.00
CA MET B 397 5.63 -27.63 11.78
C MET B 397 7.10 -27.86 12.15
N LYS B 398 7.96 -26.88 11.89
CA LYS B 398 9.34 -26.99 12.32
C LYS B 398 9.45 -27.04 13.83
N GLU B 399 8.68 -26.19 14.52
CA GLU B 399 8.71 -26.19 15.97
C GLU B 399 8.17 -27.50 16.54
N SER B 400 7.15 -28.05 15.89
CA SER B 400 6.65 -29.35 16.32
C SER B 400 7.68 -30.45 16.09
N ALA B 401 8.48 -30.32 15.03
CA ALA B 401 9.57 -31.27 14.83
C ALA B 401 10.61 -31.16 15.93
N ARG B 402 10.91 -29.94 16.39
CA ARG B 402 11.86 -29.78 17.49
C ARG B 402 11.32 -30.35 18.78
N ILE B 403 10.04 -30.08 19.08
CA ILE B 403 9.40 -30.65 20.26
C ILE B 403 9.43 -32.17 20.20
N ALA B 404 9.11 -32.73 19.04
CA ALA B 404 9.07 -34.17 18.90
C ALA B 404 10.46 -34.77 19.08
N TYR B 405 11.48 -34.10 18.57
CA TYR B 405 12.86 -34.57 18.75
C TYR B 405 13.23 -34.62 20.23
N THR B 406 12.97 -33.53 20.95
CA THR B 406 13.32 -33.49 22.37
C THR B 406 12.58 -34.57 23.15
N PHE B 407 11.28 -34.71 22.91
CA PHE B 407 10.52 -35.70 23.65
C PHE B 407 10.93 -37.12 23.28
N ALA B 408 11.26 -37.36 22.01
CA ALA B 408 11.68 -38.70 21.62
C ALA B 408 12.99 -39.06 22.29
N ARG B 409 13.91 -38.10 22.41
CA ARG B 409 15.14 -38.35 23.17
C ARG B 409 14.81 -38.75 24.61
N ALA B 410 13.98 -37.94 25.28
CA ALA B 410 13.61 -38.26 26.66
C ALA B 410 12.97 -39.64 26.79
N PHE B 411 12.06 -39.95 25.85
CA PHE B 411 11.31 -41.19 25.94
C PHE B 411 12.21 -42.40 25.73
N LEU B 412 13.05 -42.37 24.69
CA LEU B 412 13.97 -43.48 24.51
C LEU B 412 14.96 -43.59 25.65
N MET B 413 15.29 -42.48 26.29
CA MET B 413 16.16 -42.54 27.46
C MET B 413 15.50 -43.28 28.61
N GLN B 414 14.20 -43.04 28.82
CA GLN B 414 13.54 -43.72 29.94
C GLN B 414 13.19 -45.17 29.60
N HIS B 415 12.97 -45.48 28.33
CA HIS B 415 12.48 -46.80 27.95
C HIS B 415 13.62 -47.79 27.70
N ALA B 416 14.56 -47.43 26.83
CA ALA B 416 15.75 -48.23 26.57
C ALA B 416 16.95 -47.36 26.93
N PRO B 417 17.40 -47.40 28.19
CA PRO B 417 18.43 -46.45 28.64
C PRO B 417 19.82 -46.76 28.09
N ALA B 418 19.90 -47.74 27.19
CA ALA B 418 21.18 -48.12 26.59
C ALA B 418 21.18 -47.95 25.08
N ASN B 419 20.17 -47.29 24.50
CA ASN B 419 20.10 -47.18 23.05
C ASN B 419 21.18 -46.24 22.51
N ASP B 420 21.23 -45.01 23.03
CA ASP B 420 22.27 -44.04 22.72
C ASP B 420 22.09 -43.50 21.31
N TYR B 421 21.15 -44.08 20.58
CA TYR B 421 20.66 -43.49 19.34
C TYR B 421 20.00 -42.16 19.68
N LEU B 422 19.66 -41.38 18.65
CA LEU B 422 18.87 -40.16 18.84
C LEU B 422 19.61 -39.13 19.68
N VAL B 423 20.77 -39.48 20.19
CA VAL B 423 21.58 -38.61 21.02
C VAL B 423 22.90 -38.28 20.34
N THR B 424 23.49 -39.25 19.66
CA THR B 424 24.76 -39.07 18.97
C THR B 424 24.62 -39.26 17.47
N SER B 425 23.41 -39.39 16.95
CA SER B 425 23.18 -39.67 15.55
C SER B 425 22.66 -38.43 14.84
N HIS B 426 23.12 -38.24 13.61
CA HIS B 426 22.69 -37.13 12.76
C HIS B 426 21.58 -37.64 11.85
N ILE B 427 20.36 -37.24 12.14
CA ILE B 427 19.17 -37.76 11.48
C ILE B 427 18.62 -36.70 10.54
N HIS B 428 18.04 -37.15 9.44
CA HIS B 428 17.42 -36.28 8.45
C HIS B 428 15.97 -36.69 8.32
N LEU B 429 15.07 -35.75 8.58
CA LEU B 429 13.63 -35.98 8.51
C LEU B 429 13.07 -35.28 7.29
N HIS B 430 12.28 -36.01 6.50
CA HIS B 430 11.72 -35.48 5.28
C HIS B 430 10.26 -35.88 5.17
N VAL B 431 9.42 -34.94 4.74
CA VAL B 431 8.01 -35.22 4.49
C VAL B 431 7.79 -35.11 2.98
N PRO B 432 7.58 -36.21 2.27
CA PRO B 432 7.72 -36.23 0.81
C PRO B 432 6.73 -35.37 0.05
N GLU B 433 6.88 -35.40 -1.28
CA GLU B 433 6.37 -34.37 -2.18
C GLU B 433 6.98 -33.02 -1.81
N GLY B 434 8.30 -32.94 -1.98
CA GLY B 434 9.08 -31.82 -1.52
C GLY B 434 8.72 -30.49 -2.14
N ALA B 435 7.80 -30.46 -3.11
CA ALA B 435 7.37 -29.20 -3.69
C ALA B 435 6.17 -28.60 -3.00
N THR B 436 5.42 -29.38 -2.25
CA THR B 436 4.18 -28.93 -1.64
C THR B 436 4.46 -28.32 -0.27
N PRO B 437 4.05 -27.07 -0.03
CA PRO B 437 4.25 -26.48 1.29
C PRO B 437 3.22 -27.00 2.28
N LYS B 438 3.69 -27.35 3.47
CA LYS B 438 2.84 -27.97 4.47
C LYS B 438 3.17 -27.42 5.85
N ASP B 439 2.13 -27.27 6.68
CA ASP B 439 2.25 -26.61 7.96
C ASP B 439 1.29 -27.28 8.93
N GLY B 440 1.38 -26.89 10.19
CA GLY B 440 0.45 -27.35 11.20
C GLY B 440 1.11 -28.06 12.35
N PRO B 441 0.53 -27.93 13.55
CA PRO B 441 1.12 -28.56 14.74
C PRO B 441 0.83 -30.03 14.87
N SER B 442 -0.07 -30.59 14.07
CA SER B 442 -0.28 -32.02 14.07
C SER B 442 0.96 -32.71 13.51
N ALA B 443 0.88 -34.03 13.42
CA ALA B 443 2.01 -34.86 13.03
C ALA B 443 3.18 -34.77 14.00
N GLY B 444 2.96 -34.18 15.18
CA GLY B 444 3.96 -34.29 16.22
C GLY B 444 4.12 -35.70 16.71
N CYS B 445 3.01 -36.40 16.93
CA CYS B 445 3.07 -37.80 17.32
C CYS B 445 3.62 -38.66 16.19
N THR B 446 3.33 -38.30 14.93
CA THR B 446 3.89 -39.03 13.81
C THR B 446 5.41 -38.90 13.77
N ILE B 447 5.93 -37.71 14.08
CA ILE B 447 7.36 -37.51 14.07
C ILE B 447 8.01 -38.24 15.25
N VAL B 448 7.36 -38.22 16.41
CA VAL B 448 7.88 -38.99 17.54
C VAL B 448 7.96 -40.46 17.18
N THR B 449 6.92 -41.00 16.54
CA THR B 449 6.92 -42.41 16.19
C THR B 449 7.98 -42.71 15.12
N ALA B 450 8.17 -41.80 14.17
CA ALA B 450 9.19 -42.01 13.15
C ALA B 450 10.58 -42.06 13.78
N LEU B 451 10.88 -41.13 14.68
CA LEU B 451 12.18 -41.14 15.33
C LEU B 451 12.38 -42.40 16.17
N LEU B 452 11.35 -42.80 16.91
CA LEU B 452 11.50 -43.99 17.74
C LEU B 452 11.61 -45.27 16.93
N SER B 453 10.91 -45.35 15.78
CA SER B 453 11.02 -46.53 14.94
C SER B 453 12.34 -46.58 14.20
N LEU B 454 12.91 -45.44 13.86
CA LEU B 454 14.26 -45.44 13.29
C LEU B 454 15.30 -45.81 14.33
N ALA B 455 15.10 -45.36 15.58
CA ALA B 455 16.07 -45.65 16.62
C ALA B 455 16.03 -47.11 17.04
N MET B 456 14.83 -47.69 17.14
CA MET B 456 14.72 -49.07 17.56
C MET B 456 14.89 -50.06 16.41
N GLY B 457 15.08 -49.57 15.19
CA GLY B 457 15.19 -50.46 14.04
C GLY B 457 13.94 -51.24 13.74
N ARG B 458 12.77 -50.77 14.18
CA ARG B 458 11.54 -51.51 14.05
C ARG B 458 10.55 -50.76 13.17
N PRO B 459 9.79 -51.47 12.34
CA PRO B 459 8.67 -50.84 11.64
C PRO B 459 7.41 -50.85 12.51
N VAL B 460 6.52 -49.91 12.20
CA VAL B 460 5.24 -49.79 12.91
C VAL B 460 4.25 -50.77 12.30
N ARG B 461 3.09 -50.92 12.94
CA ARG B 461 1.99 -51.65 12.33
C ARG B 461 1.75 -51.14 10.91
N GLN B 462 1.34 -52.04 10.03
CA GLN B 462 1.43 -51.73 8.61
C GLN B 462 0.31 -50.79 8.15
N ASN B 463 -0.94 -51.09 8.47
CA ASN B 463 -2.05 -50.22 8.11
C ASN B 463 -2.40 -49.41 9.35
N LEU B 464 -1.62 -48.38 9.61
CA LEU B 464 -1.78 -47.56 10.80
C LEU B 464 -1.50 -46.11 10.42
N ALA B 465 -2.39 -45.21 10.82
CA ALA B 465 -2.20 -43.78 10.64
C ALA B 465 -2.55 -43.09 11.95
N MET B 466 -1.91 -41.95 12.19
CA MET B 466 -2.14 -41.22 13.43
C MET B 466 -2.10 -39.72 13.16
N THR B 467 -2.81 -38.98 14.00
CA THR B 467 -2.74 -37.53 13.98
C THR B 467 -2.88 -37.04 15.41
N GLY B 468 -2.18 -35.96 15.73
CA GLY B 468 -2.20 -35.44 17.08
C GLY B 468 -1.01 -34.57 17.40
N GLU B 469 -1.25 -33.50 18.14
CA GLU B 469 -0.19 -32.60 18.58
C GLU B 469 0.39 -33.12 19.88
N VAL B 470 1.71 -33.19 19.95
CA VAL B 470 2.40 -33.67 21.14
C VAL B 470 2.99 -32.47 21.87
N SER B 471 2.89 -32.48 23.20
CA SER B 471 3.54 -31.45 23.99
C SER B 471 4.94 -31.92 24.38
N LEU B 472 5.64 -31.09 25.16
CA LEU B 472 7.03 -31.40 25.48
C LEU B 472 7.14 -32.58 26.44
N THR B 473 6.11 -32.83 27.25
CA THR B 473 6.13 -33.91 28.22
C THR B 473 5.37 -35.14 27.76
N GLY B 474 4.85 -35.14 26.54
CA GLY B 474 4.24 -36.31 25.95
C GLY B 474 2.74 -36.23 25.77
N LYS B 475 2.08 -35.24 26.35
CA LYS B 475 0.63 -35.16 26.26
C LYS B 475 0.19 -34.97 24.82
N ILE B 476 -0.90 -35.64 24.45
CA ILE B 476 -1.47 -35.54 23.11
C ILE B 476 -2.62 -34.54 23.15
N LEU B 477 -2.58 -33.59 22.25
CA LEU B 477 -3.49 -32.46 22.22
C LEU B 477 -4.39 -32.53 20.99
N PRO B 478 -5.58 -31.94 21.04
CA PRO B 478 -6.55 -32.13 19.96
C PRO B 478 -6.15 -31.44 18.68
N VAL B 479 -6.65 -31.97 17.56
CA VAL B 479 -6.35 -31.46 16.24
C VAL B 479 -7.65 -31.16 15.50
N GLY B 480 -7.51 -30.55 14.33
CA GLY B 480 -8.66 -30.20 13.52
C GLY B 480 -8.75 -31.00 12.24
N GLY B 481 -9.95 -31.04 11.65
CA GLY B 481 -10.15 -31.78 10.42
C GLY B 481 -10.17 -33.27 10.63
N ILE B 482 -10.90 -33.73 11.64
CA ILE B 482 -10.99 -35.16 11.88
C ILE B 482 -11.72 -35.87 10.76
N LYS B 483 -12.69 -35.19 10.14
CA LYS B 483 -13.48 -35.82 9.09
C LYS B 483 -12.65 -36.10 7.85
N GLU B 484 -11.90 -35.10 7.37
CA GLU B 484 -11.11 -35.30 6.17
C GLU B 484 -9.95 -36.26 6.40
N LYS B 485 -9.33 -36.18 7.58
CA LYS B 485 -8.26 -37.12 7.90
C LYS B 485 -8.79 -38.55 7.97
N THR B 486 -9.98 -38.72 8.55
CA THR B 486 -10.55 -40.06 8.62
C THR B 486 -10.93 -40.57 7.23
N ILE B 487 -11.50 -39.71 6.39
CA ILE B 487 -11.85 -40.14 5.05
C ILE B 487 -10.60 -40.52 4.26
N ALA B 488 -9.54 -39.73 4.39
CA ALA B 488 -8.30 -40.04 3.67
C ALA B 488 -7.69 -41.34 4.17
N ALA B 489 -7.71 -41.57 5.48
CA ALA B 489 -7.21 -42.83 6.02
C ALA B 489 -8.02 -44.00 5.48
N LYS B 490 -9.34 -43.93 5.61
CA LYS B 490 -10.22 -44.98 5.11
C LYS B 490 -9.97 -45.26 3.63
N ARG B 491 -9.70 -44.19 2.86
CA ARG B 491 -9.51 -44.34 1.42
C ARG B 491 -8.16 -44.96 1.09
N ALA B 492 -7.13 -44.64 1.87
CA ALA B 492 -5.81 -45.20 1.65
C ALA B 492 -5.67 -46.62 2.18
N GLY B 493 -6.75 -47.22 2.66
CA GLY B 493 -6.67 -48.58 3.15
C GLY B 493 -6.17 -48.71 4.58
N VAL B 494 -6.43 -47.72 5.42
CA VAL B 494 -6.02 -47.78 6.81
C VAL B 494 -7.05 -48.57 7.61
N THR B 495 -6.58 -49.50 8.43
CA THR B 495 -7.45 -50.32 9.25
C THR B 495 -7.33 -50.02 10.74
N CYS B 496 -6.49 -49.06 11.13
CA CYS B 496 -6.42 -48.62 12.51
C CYS B 496 -5.91 -47.19 12.53
N ILE B 497 -6.67 -46.31 13.18
CA ILE B 497 -6.35 -44.89 13.22
C ILE B 497 -6.26 -44.47 14.69
N VAL B 498 -5.29 -43.62 15.01
CA VAL B 498 -5.03 -43.18 16.37
C VAL B 498 -5.26 -41.68 16.46
N LEU B 499 -6.16 -41.27 17.34
CA LEU B 499 -6.57 -39.88 17.47
C LEU B 499 -6.44 -39.45 18.93
N PRO B 500 -6.34 -38.14 19.18
CA PRO B 500 -6.35 -37.66 20.56
C PRO B 500 -7.68 -37.94 21.22
N ALA B 501 -7.63 -38.19 22.53
CA ALA B 501 -8.85 -38.48 23.27
C ALA B 501 -9.81 -37.31 23.31
N GLU B 502 -9.37 -36.11 22.98
CA GLU B 502 -10.24 -34.94 22.99
C GLU B 502 -10.96 -34.72 21.67
N ASN B 503 -10.63 -35.49 20.64
CA ASN B 503 -11.38 -35.46 19.38
C ASN B 503 -12.38 -36.60 19.29
N LYS B 504 -12.74 -37.19 20.43
CA LYS B 504 -13.70 -38.30 20.41
C LYS B 504 -15.07 -37.82 19.96
N LYS B 505 -15.52 -36.67 20.47
CA LYS B 505 -16.79 -36.13 20.02
C LYS B 505 -16.75 -35.74 18.55
N ASP B 506 -15.60 -35.27 18.07
CA ASP B 506 -15.46 -34.96 16.65
C ASP B 506 -15.58 -36.22 15.81
N PHE B 507 -14.99 -37.32 16.28
CA PHE B 507 -14.97 -38.55 15.51
C PHE B 507 -16.30 -39.27 15.54
N TYR B 508 -17.06 -39.16 16.63
CA TYR B 508 -18.32 -39.86 16.73
C TYR B 508 -19.49 -39.07 16.16
N ASP B 509 -19.31 -37.80 15.84
CA ASP B 509 -20.31 -37.05 15.09
C ASP B 509 -20.03 -37.14 13.60
N LEU B 510 -19.76 -38.36 13.13
CA LEU B 510 -19.52 -38.63 11.73
C LEU B 510 -20.48 -39.72 11.28
N ALA B 511 -20.79 -39.72 9.98
CA ALA B 511 -21.72 -40.70 9.45
C ALA B 511 -21.23 -42.11 9.73
N ALA B 512 -22.17 -43.05 9.82
CA ALA B 512 -21.82 -44.42 10.19
C ALA B 512 -20.94 -45.06 9.13
N PHE B 513 -21.13 -44.71 7.86
CA PHE B 513 -20.34 -45.32 6.80
C PHE B 513 -18.95 -44.72 6.68
N ILE B 514 -18.67 -43.61 7.36
CA ILE B 514 -17.33 -43.04 7.29
C ILE B 514 -16.41 -43.74 8.27
N THR B 515 -16.95 -44.22 9.39
CA THR B 515 -16.13 -44.85 10.42
C THR B 515 -16.58 -46.28 10.67
N GLU B 516 -16.80 -47.05 9.61
CA GLU B 516 -17.32 -48.40 9.76
C GLU B 516 -16.21 -49.44 9.94
N GLY B 517 -15.34 -49.57 8.95
CA GLY B 517 -14.34 -50.62 8.99
C GLY B 517 -13.03 -50.19 9.60
N LEU B 518 -13.09 -49.31 10.60
CA LEU B 518 -11.91 -48.76 11.24
C LEU B 518 -11.81 -49.26 12.67
N GLU B 519 -10.60 -49.36 13.17
CA GLU B 519 -10.32 -49.68 14.57
C GLU B 519 -9.67 -48.45 15.17
N VAL B 520 -10.45 -47.65 15.86
CA VAL B 520 -9.98 -46.36 16.33
C VAL B 520 -9.43 -46.51 17.75
N HIS B 521 -8.49 -45.64 18.09
CA HIS B 521 -7.94 -45.54 19.42
C HIS B 521 -7.88 -44.08 19.83
N PHE B 522 -8.14 -43.81 21.10
CA PHE B 522 -8.12 -42.45 21.63
C PHE B 522 -7.12 -42.39 22.78
N VAL B 523 -6.13 -41.54 22.65
CA VAL B 523 -5.01 -41.52 23.58
C VAL B 523 -4.93 -40.16 24.28
N GLU B 524 -4.33 -40.18 25.46
CA GLU B 524 -4.02 -38.98 26.22
C GLU B 524 -2.54 -38.63 26.17
N HIS B 525 -1.68 -39.62 26.39
CA HIS B 525 -0.25 -39.48 26.41
C HIS B 525 0.35 -40.34 25.31
N TYR B 526 1.62 -40.10 25.01
CA TYR B 526 2.23 -40.83 23.90
C TYR B 526 2.52 -42.28 24.21
N ARG B 527 2.65 -42.66 25.48
CA ARG B 527 2.95 -44.06 25.79
C ARG B 527 1.88 -44.99 25.25
N GLU B 528 0.63 -44.52 25.17
CA GLU B 528 -0.43 -45.32 24.56
C GLU B 528 -0.18 -45.50 23.07
N ILE B 529 0.25 -44.45 22.38
CA ILE B 529 0.58 -44.58 20.97
C ILE B 529 1.75 -45.52 20.78
N PHE B 530 2.70 -45.51 21.71
CA PHE B 530 3.83 -46.42 21.62
C PHE B 530 3.39 -47.86 21.80
N ASP B 531 2.45 -48.10 22.70
CA ASP B 531 1.96 -49.47 22.87
C ASP B 531 1.11 -49.91 21.70
N ILE B 532 0.45 -48.98 21.02
CA ILE B 532 -0.36 -49.33 19.86
C ILE B 532 0.52 -49.65 18.66
N ALA B 533 1.47 -48.75 18.36
CA ALA B 533 2.24 -48.86 17.13
C ALA B 533 3.25 -50.00 17.15
N PHE B 534 3.59 -50.52 18.31
CA PHE B 534 4.57 -51.58 18.39
C PHE B 534 4.05 -52.81 19.13
N ASP C 2 -49.16 9.91 -27.84
CA ASP C 2 -49.79 8.63 -28.17
C ASP C 2 -49.17 8.03 -29.43
N ALA C 3 -48.19 8.73 -30.00
CA ALA C 3 -47.45 8.17 -31.13
C ALA C 3 -46.37 7.22 -30.63
N ILE C 4 -45.63 7.65 -29.62
CA ILE C 4 -44.53 6.83 -29.10
C ILE C 4 -45.07 5.62 -28.35
N GLU C 5 -46.26 5.72 -27.76
CA GLU C 5 -46.87 4.55 -27.15
C GLU C 5 -47.11 3.46 -28.19
N GLU C 6 -47.73 3.83 -29.31
CA GLU C 6 -47.96 2.87 -30.37
C GLU C 6 -46.65 2.38 -30.96
N LYS C 7 -45.63 3.24 -31.01
CA LYS C 7 -44.32 2.80 -31.47
C LYS C 7 -43.76 1.68 -30.60
N PHE C 8 -43.77 1.90 -29.29
CA PHE C 8 -43.27 0.87 -28.36
C PHE C 8 -44.09 -0.40 -28.45
N ARG C 9 -45.41 -0.27 -28.60
CA ARG C 9 -46.23 -1.47 -28.67
C ARG C 9 -46.00 -2.24 -29.96
N GLU C 10 -45.79 -1.54 -31.07
CA GLU C 10 -45.46 -2.22 -32.31
C GLU C 10 -44.10 -2.89 -32.22
N ARG C 11 -43.16 -2.30 -31.47
CA ARG C 11 -41.93 -3.01 -31.16
C ARG C 11 -42.22 -4.32 -30.44
N LEU C 12 -43.06 -4.26 -29.41
CA LEU C 12 -43.36 -5.46 -28.63
C LEU C 12 -44.15 -6.49 -29.42
N LYS C 13 -44.77 -6.09 -30.53
CA LYS C 13 -45.64 -7.01 -31.27
C LYS C 13 -44.90 -8.26 -31.73
N GLU C 14 -43.68 -8.12 -32.23
CA GLU C 14 -42.95 -9.24 -32.82
C GLU C 14 -42.00 -9.91 -31.83
N LEU C 15 -42.35 -9.90 -30.54
CA LEU C 15 -41.53 -10.48 -29.50
C LEU C 15 -42.35 -11.47 -28.69
N VAL C 16 -41.69 -12.16 -27.77
CA VAL C 16 -42.35 -13.01 -26.79
C VAL C 16 -41.97 -12.46 -25.43
N VAL C 17 -42.78 -11.52 -24.94
CA VAL C 17 -42.46 -10.77 -23.73
C VAL C 17 -42.97 -11.55 -22.54
N PRO C 18 -42.11 -11.90 -21.57
CA PRO C 18 -42.59 -12.54 -20.35
C PRO C 18 -43.53 -11.63 -19.58
N LYS C 19 -44.34 -12.25 -18.71
CA LYS C 19 -45.39 -11.49 -18.04
C LYS C 19 -44.81 -10.48 -17.07
N HIS C 20 -43.72 -10.83 -16.40
CA HIS C 20 -43.12 -9.90 -15.43
C HIS C 20 -42.53 -8.67 -16.11
N VAL C 21 -42.23 -8.76 -17.41
CA VAL C 21 -41.78 -7.59 -18.15
C VAL C 21 -42.96 -6.82 -18.72
N MET C 22 -43.99 -7.54 -19.17
CA MET C 22 -45.17 -6.85 -19.69
C MET C 22 -45.86 -6.04 -18.60
N ASP C 23 -45.76 -6.48 -17.35
CA ASP C 23 -46.31 -5.68 -16.26
C ASP C 23 -45.60 -4.34 -16.15
N VAL C 24 -44.27 -4.35 -16.20
CA VAL C 24 -43.51 -3.10 -16.09
C VAL C 24 -43.77 -2.21 -17.29
N VAL C 25 -43.86 -2.80 -18.49
CA VAL C 25 -44.10 -1.97 -19.67
C VAL C 25 -45.50 -1.36 -19.62
N ASP C 26 -46.49 -2.12 -19.18
CA ASP C 26 -47.83 -1.56 -19.01
C ASP C 26 -47.84 -0.44 -18.00
N GLU C 27 -47.17 -0.65 -16.86
CA GLU C 27 -47.15 0.37 -15.82
C GLU C 27 -46.48 1.64 -16.29
N GLU C 28 -45.34 1.52 -16.96
CA GLU C 28 -44.59 2.69 -17.40
C GLU C 28 -45.27 3.38 -18.58
N LEU C 29 -46.01 2.65 -19.41
CA LEU C 29 -46.77 3.31 -20.46
C LEU C 29 -47.98 4.04 -19.89
N SER C 30 -48.62 3.47 -18.87
CA SER C 30 -49.71 4.18 -18.20
C SER C 30 -49.19 5.39 -17.43
N LYS C 31 -47.93 5.34 -17.01
CA LYS C 31 -47.34 6.50 -16.34
C LYS C 31 -46.89 7.57 -17.32
N LEU C 32 -46.45 7.18 -18.51
CA LEU C 32 -46.07 8.16 -19.51
C LEU C 32 -47.26 8.95 -20.03
N GLY C 33 -48.48 8.46 -19.84
CA GLY C 33 -49.65 9.19 -20.27
C GLY C 33 -49.94 10.41 -19.44
N LEU C 34 -49.62 10.36 -18.15
CA LEU C 34 -49.93 11.44 -17.21
C LEU C 34 -48.79 12.44 -17.08
N LEU C 35 -47.86 12.46 -18.01
CA LEU C 35 -46.74 13.40 -18.00
C LEU C 35 -46.78 14.27 -19.24
N ASP C 36 -46.24 15.47 -19.13
CA ASP C 36 -46.14 16.38 -20.26
C ASP C 36 -44.79 16.21 -20.94
N ASN C 37 -44.79 16.41 -22.26
CA ASN C 37 -43.62 16.07 -23.07
C ASN C 37 -42.40 16.93 -22.77
N HIS C 38 -42.44 17.81 -21.78
CA HIS C 38 -41.30 18.65 -21.45
C HIS C 38 -40.66 18.30 -20.11
N SER C 39 -41.41 17.72 -19.18
CA SER C 39 -40.86 17.37 -17.89
C SER C 39 -39.74 16.35 -18.03
N SER C 40 -38.77 16.43 -17.11
CA SER C 40 -37.62 15.52 -17.17
C SER C 40 -38.02 14.10 -16.80
N GLU C 41 -39.03 13.93 -15.94
CA GLU C 41 -39.51 12.59 -15.66
C GLU C 41 -40.07 11.93 -16.92
N PHE C 42 -40.66 12.73 -17.81
CA PHE C 42 -41.10 12.19 -19.09
C PHE C 42 -39.92 11.63 -19.86
N ASN C 43 -38.80 12.34 -19.89
CA ASN C 43 -37.64 11.85 -20.62
C ASN C 43 -37.08 10.60 -19.99
N VAL C 44 -37.03 10.55 -18.66
CA VAL C 44 -36.57 9.35 -17.98
C VAL C 44 -37.44 8.16 -18.35
N THR C 45 -38.76 8.32 -18.28
CA THR C 45 -39.66 7.22 -18.60
C THR C 45 -39.55 6.81 -20.05
N ARG C 46 -39.41 7.79 -20.96
CA ARG C 46 -39.31 7.46 -22.38
C ARG C 46 -38.03 6.68 -22.66
N ASN C 47 -36.92 7.07 -22.03
CA ASN C 47 -35.68 6.32 -22.22
C ASN C 47 -35.79 4.92 -21.63
N TYR C 48 -36.43 4.79 -20.47
CA TYR C 48 -36.62 3.47 -19.88
C TYR C 48 -37.46 2.58 -20.78
N LEU C 49 -38.49 3.14 -21.40
CA LEU C 49 -39.28 2.37 -22.36
C LEU C 49 -38.45 1.99 -23.58
N ASP C 50 -37.63 2.93 -24.05
CA ASP C 50 -36.78 2.65 -25.21
C ASP C 50 -35.81 1.51 -24.92
N TRP C 51 -35.41 1.36 -23.67
CA TRP C 51 -34.53 0.26 -23.33
C TRP C 51 -35.29 -1.04 -23.10
N LEU C 52 -36.49 -0.96 -22.51
CA LEU C 52 -37.26 -2.17 -22.27
C LEU C 52 -37.77 -2.79 -23.55
N THR C 53 -38.30 -1.98 -24.46
CA THR C 53 -38.92 -2.47 -25.67
C THR C 53 -37.93 -2.72 -26.79
N SER C 54 -36.64 -2.52 -26.57
CA SER C 54 -35.62 -2.78 -27.57
C SER C 54 -34.67 -3.89 -27.13
N ILE C 55 -35.21 -4.91 -26.49
CA ILE C 55 -34.44 -6.08 -26.08
C ILE C 55 -35.10 -7.33 -26.67
N PRO C 56 -34.36 -8.20 -27.33
CA PRO C 56 -34.97 -9.37 -27.95
C PRO C 56 -35.47 -10.33 -26.90
N TRP C 57 -36.78 -10.34 -26.68
CA TRP C 57 -37.29 -10.97 -25.47
C TRP C 57 -37.49 -12.47 -25.61
N GLY C 58 -37.77 -12.95 -26.80
CA GLY C 58 -37.86 -14.39 -26.98
C GLY C 58 -37.36 -14.85 -28.33
N LYS C 59 -36.66 -13.97 -29.05
CA LYS C 59 -36.23 -14.29 -30.39
C LYS C 59 -34.77 -14.71 -30.38
N TYR C 60 -34.46 -15.74 -31.16
CA TYR C 60 -33.13 -16.31 -31.26
C TYR C 60 -32.72 -16.36 -32.72
N SER C 61 -31.42 -16.25 -32.95
CA SER C 61 -30.90 -16.41 -34.30
C SER C 61 -31.13 -17.83 -34.77
N ASN C 62 -31.42 -17.99 -36.06
CA ASN C 62 -31.63 -19.30 -36.65
C ASN C 62 -30.27 -19.93 -36.87
N GLU C 63 -29.72 -20.47 -35.79
CA GLU C 63 -28.37 -21.01 -35.82
C GLU C 63 -28.39 -22.41 -36.43
N ASN C 64 -27.40 -22.71 -37.26
CA ASN C 64 -27.42 -23.97 -37.97
C ASN C 64 -26.96 -25.11 -37.07
N LEU C 65 -27.32 -26.31 -37.45
CA LEU C 65 -26.98 -27.50 -36.69
C LEU C 65 -26.29 -28.55 -37.55
N ASP C 66 -25.83 -28.19 -38.74
CA ASP C 66 -25.14 -29.12 -39.61
C ASP C 66 -23.73 -29.36 -39.08
N LEU C 67 -23.42 -30.60 -38.75
CA LEU C 67 -22.11 -30.91 -38.19
C LEU C 67 -21.01 -30.80 -39.24
N ALA C 68 -21.29 -31.23 -40.46
CA ALA C 68 -20.26 -31.22 -41.50
C ALA C 68 -19.87 -29.79 -41.86
N ARG C 69 -20.87 -28.92 -42.07
CA ARG C 69 -20.58 -27.53 -42.42
C ARG C 69 -19.81 -26.83 -41.31
N ALA C 70 -20.20 -27.07 -40.07
CA ALA C 70 -19.52 -26.41 -38.95
C ALA C 70 -18.10 -26.94 -38.78
N GLN C 71 -17.91 -28.24 -38.99
CA GLN C 71 -16.56 -28.79 -38.93
C GLN C 71 -15.68 -28.19 -40.01
N ALA C 72 -16.23 -28.01 -41.22
CA ALA C 72 -15.47 -27.39 -42.30
C ALA C 72 -15.13 -25.95 -41.97
N VAL C 73 -16.11 -25.20 -41.43
CA VAL C 73 -15.85 -23.81 -41.04
C VAL C 73 -14.77 -23.74 -39.99
N LEU C 74 -14.80 -24.65 -39.03
CA LEU C 74 -13.80 -24.63 -37.96
C LEU C 74 -12.42 -25.02 -38.46
N GLU C 75 -12.35 -25.93 -39.44
CA GLU C 75 -11.05 -26.34 -39.96
C GLU C 75 -10.50 -25.38 -41.01
N GLU C 76 -11.31 -24.47 -41.53
CA GLU C 76 -10.84 -23.58 -42.58
C GLU C 76 -10.00 -22.42 -42.04
N ASP C 77 -9.95 -22.21 -40.74
CA ASP C 77 -9.30 -21.03 -40.20
C ASP C 77 -8.20 -21.31 -39.20
N HIS C 78 -8.34 -22.36 -38.39
CA HIS C 78 -7.33 -22.71 -37.40
C HIS C 78 -6.92 -24.15 -37.60
N TYR C 79 -5.71 -24.47 -37.17
CA TYR C 79 -5.15 -25.80 -37.33
C TYR C 79 -5.24 -26.56 -36.01
N GLY C 80 -5.88 -27.71 -36.03
CA GLY C 80 -5.76 -28.71 -34.99
C GLY C 80 -5.85 -28.28 -33.55
N MET C 81 -6.90 -27.56 -33.18
CA MET C 81 -7.22 -27.34 -31.77
C MET C 81 -8.34 -28.32 -31.43
N GLU C 82 -7.95 -29.58 -31.23
CA GLU C 82 -8.93 -30.67 -31.22
C GLU C 82 -9.92 -30.54 -30.08
N ASP C 83 -9.46 -30.11 -28.89
CA ASP C 83 -10.36 -30.03 -27.75
C ASP C 83 -11.48 -29.03 -28.00
N VAL C 84 -11.12 -27.84 -28.50
CA VAL C 84 -12.14 -26.81 -28.72
C VAL C 84 -13.10 -27.22 -29.82
N LYS C 85 -12.58 -27.78 -30.91
CA LYS C 85 -13.44 -28.18 -32.01
C LYS C 85 -14.36 -29.32 -31.61
N LYS C 86 -13.85 -30.27 -30.81
CA LYS C 86 -14.69 -31.35 -30.34
C LYS C 86 -15.76 -30.83 -29.38
N ARG C 87 -15.41 -29.86 -28.55
CA ARG C 87 -16.42 -29.27 -27.68
C ARG C 87 -17.52 -28.60 -28.48
N ILE C 88 -17.17 -27.92 -29.57
CA ILE C 88 -18.19 -27.24 -30.36
C ILE C 88 -19.04 -28.26 -31.13
N LEU C 89 -18.42 -29.32 -31.62
CA LEU C 89 -19.19 -30.36 -32.29
C LEU C 89 -20.15 -31.04 -31.33
N GLU C 90 -19.73 -31.24 -30.08
CA GLU C 90 -20.64 -31.79 -29.09
C GLU C 90 -21.75 -30.82 -28.74
N PHE C 91 -21.44 -29.53 -28.70
CA PHE C 91 -22.47 -28.52 -28.50
C PHE C 91 -23.54 -28.61 -29.58
N ILE C 92 -23.11 -28.74 -30.84
CA ILE C 92 -24.07 -28.83 -31.94
C ILE C 92 -24.88 -30.12 -31.84
N ALA C 93 -24.22 -31.24 -31.54
CA ALA C 93 -24.95 -32.50 -31.45
C ALA C 93 -25.98 -32.48 -30.33
N VAL C 94 -25.64 -31.88 -29.20
CA VAL C 94 -26.59 -31.80 -28.09
C VAL C 94 -27.76 -30.88 -28.45
N SER C 95 -27.47 -29.72 -29.00
CA SER C 95 -28.55 -28.84 -29.43
C SER C 95 -29.37 -29.44 -30.55
N GLN C 96 -28.87 -30.49 -31.20
CA GLN C 96 -29.65 -31.20 -32.21
C GLN C 96 -30.55 -32.26 -31.58
N LEU C 97 -30.03 -33.02 -30.61
CA LEU C 97 -30.86 -34.01 -29.93
C LEU C 97 -32.03 -33.36 -29.21
N ARG C 98 -31.77 -32.35 -28.40
CA ARG C 98 -32.86 -31.59 -27.83
C ARG C 98 -33.47 -30.71 -28.92
N GLY C 99 -34.54 -30.02 -28.58
CA GLY C 99 -35.27 -29.31 -29.60
C GLY C 99 -34.70 -27.96 -29.98
N SER C 100 -34.26 -27.19 -28.98
CA SER C 100 -33.96 -25.78 -29.16
C SER C 100 -32.52 -25.47 -28.79
N THR C 101 -32.19 -24.19 -28.83
CA THR C 101 -30.83 -23.72 -28.55
C THR C 101 -30.52 -23.84 -27.07
N GLN C 102 -29.27 -23.56 -26.72
CA GLN C 102 -28.80 -23.69 -25.36
C GLN C 102 -27.66 -22.71 -25.13
N GLY C 103 -27.17 -22.69 -23.90
CA GLY C 103 -26.08 -21.81 -23.56
C GLY C 103 -25.16 -22.43 -22.53
N LYS C 104 -23.86 -22.29 -22.74
CA LYS C 104 -22.86 -22.82 -21.84
C LYS C 104 -21.88 -21.72 -21.49
N ILE C 105 -20.99 -22.02 -20.54
CA ILE C 105 -20.03 -21.05 -20.02
C ILE C 105 -18.67 -21.70 -20.06
N LEU C 106 -17.88 -21.41 -21.08
CA LEU C 106 -16.60 -22.04 -21.32
C LEU C 106 -15.46 -21.09 -20.99
N CYS C 107 -14.26 -21.64 -20.92
CA CYS C 107 -13.07 -20.83 -20.71
C CYS C 107 -11.88 -21.56 -21.32
N PHE C 108 -11.27 -20.96 -22.33
CA PHE C 108 -10.04 -21.48 -22.91
C PHE C 108 -8.86 -20.86 -22.18
N TYR C 109 -7.93 -21.68 -21.73
CA TYR C 109 -6.70 -21.17 -21.14
C TYR C 109 -5.51 -21.85 -21.79
N GLY C 110 -4.39 -21.12 -21.86
CA GLY C 110 -3.20 -21.60 -22.50
C GLY C 110 -2.21 -20.48 -22.70
N PRO C 111 -1.03 -20.81 -23.21
CA PRO C 111 0.01 -19.80 -23.41
C PRO C 111 -0.41 -18.77 -24.45
N PRO C 112 0.35 -17.69 -24.61
CA PRO C 112 -0.04 -16.67 -25.59
C PRO C 112 0.30 -17.08 -27.01
N GLY C 113 -0.63 -16.81 -27.92
CA GLY C 113 -0.41 -17.07 -29.32
C GLY C 113 -0.90 -18.40 -29.82
N VAL C 114 -1.77 -19.08 -29.07
CA VAL C 114 -2.20 -20.43 -29.43
C VAL C 114 -3.57 -20.47 -30.09
N GLY C 115 -4.24 -19.32 -30.22
CA GLY C 115 -5.52 -19.28 -30.89
C GLY C 115 -6.73 -19.14 -29.99
N LYS C 116 -6.55 -18.67 -28.76
CA LYS C 116 -7.66 -18.64 -27.81
C LYS C 116 -8.69 -17.58 -28.19
N THR C 117 -8.24 -16.38 -28.52
CA THR C 117 -9.16 -15.31 -28.87
C THR C 117 -9.71 -15.49 -30.28
N SER C 118 -8.84 -15.80 -31.24
CA SER C 118 -9.25 -15.82 -32.64
C SER C 118 -10.17 -16.97 -32.98
N ILE C 119 -10.19 -18.04 -32.17
CA ILE C 119 -11.09 -19.14 -32.44
C ILE C 119 -12.53 -18.75 -32.16
N ALA C 120 -12.76 -17.69 -31.39
CA ALA C 120 -14.12 -17.33 -31.02
C ALA C 120 -14.91 -16.80 -32.20
N ARG C 121 -14.26 -16.03 -33.09
CA ARG C 121 -14.94 -15.58 -34.30
C ARG C 121 -15.31 -16.76 -35.18
N SER C 122 -14.38 -17.70 -35.34
CA SER C 122 -14.65 -18.89 -36.13
C SER C 122 -15.81 -19.69 -35.55
N ILE C 123 -15.89 -19.78 -34.22
CA ILE C 123 -16.97 -20.54 -33.60
C ILE C 123 -18.29 -19.82 -33.77
N ALA C 124 -18.31 -18.50 -33.61
CA ALA C 124 -19.53 -17.74 -33.82
C ALA C 124 -20.01 -17.86 -35.25
N ARG C 125 -19.09 -18.00 -36.21
CA ARG C 125 -19.49 -18.21 -37.59
C ARG C 125 -19.96 -19.63 -37.84
N ALA C 126 -19.34 -20.61 -37.18
CA ALA C 126 -19.72 -22.00 -37.36
C ALA C 126 -21.12 -22.26 -36.81
N LEU C 127 -21.41 -21.75 -35.63
CA LEU C 127 -22.73 -21.93 -35.06
C LEU C 127 -23.76 -20.97 -35.64
N ASN C 128 -23.32 -20.01 -36.45
CA ASN C 128 -24.19 -18.96 -37.00
C ASN C 128 -24.77 -18.06 -35.92
N ARG C 129 -24.12 -17.97 -34.77
CA ARG C 129 -24.52 -17.04 -33.73
C ARG C 129 -23.89 -15.68 -33.99
N GLU C 130 -24.44 -14.66 -33.33
CA GLU C 130 -23.83 -13.34 -33.40
C GLU C 130 -22.66 -13.26 -32.42
N TYR C 131 -21.76 -12.34 -32.70
CA TYR C 131 -20.49 -12.27 -32.00
C TYR C 131 -20.32 -10.91 -31.33
N PHE C 132 -19.87 -10.93 -30.07
CA PHE C 132 -19.62 -9.71 -29.33
C PHE C 132 -18.45 -9.95 -28.41
N ARG C 133 -17.41 -9.12 -28.51
CA ARG C 133 -16.26 -9.21 -27.63
C ARG C 133 -16.39 -8.22 -26.50
N PHE C 134 -16.09 -8.67 -25.29
CA PHE C 134 -16.12 -7.84 -24.09
C PHE C 134 -14.75 -7.96 -23.44
N SER C 135 -13.83 -7.07 -23.82
CA SER C 135 -12.49 -7.08 -23.25
C SER C 135 -12.54 -6.53 -21.84
N VAL C 136 -12.24 -7.38 -20.86
CA VAL C 136 -12.25 -6.99 -19.47
C VAL C 136 -10.83 -6.91 -18.90
N GLY C 137 -9.83 -6.76 -19.77
CA GLY C 137 -8.46 -6.68 -19.30
C GLY C 137 -8.23 -5.36 -18.59
N GLY C 138 -7.83 -5.41 -17.33
CA GLY C 138 -7.61 -4.20 -16.57
C GLY C 138 -8.85 -3.41 -16.25
N MET C 139 -10.03 -3.99 -16.43
CA MET C 139 -11.27 -3.28 -16.13
C MET C 139 -11.52 -3.24 -14.64
N THR C 140 -11.94 -2.07 -14.15
CA THR C 140 -12.22 -1.89 -12.73
C THR C 140 -13.60 -1.31 -12.47
N ASP C 141 -14.47 -1.24 -13.47
CA ASP C 141 -15.78 -0.63 -13.33
C ASP C 141 -16.85 -1.72 -13.33
N VAL C 142 -17.50 -1.92 -12.19
CA VAL C 142 -18.63 -2.83 -12.11
C VAL C 142 -19.81 -2.31 -12.90
N ALA C 143 -19.86 -0.99 -13.14
CA ALA C 143 -20.92 -0.43 -13.96
C ALA C 143 -20.88 -0.98 -15.38
N GLU C 144 -19.71 -1.39 -15.85
CA GLU C 144 -19.63 -2.00 -17.17
C GLU C 144 -20.30 -3.36 -17.22
N ILE C 145 -20.68 -3.92 -16.09
CA ILE C 145 -21.39 -5.18 -16.03
C ILE C 145 -22.84 -5.00 -15.60
N LYS C 146 -23.09 -4.08 -14.69
CA LYS C 146 -24.43 -3.90 -14.15
C LYS C 146 -25.04 -2.52 -14.33
N GLY C 147 -24.27 -1.51 -14.68
CA GLY C 147 -24.81 -0.20 -14.97
C GLY C 147 -25.39 0.50 -13.75
N HIS C 148 -25.99 1.65 -14.00
CA HIS C 148 -26.55 2.50 -12.96
C HIS C 148 -28.05 2.64 -13.14
N ARG C 149 -28.74 2.99 -12.07
CA ARG C 149 -30.18 3.14 -12.11
C ARG C 149 -30.57 4.48 -12.73
N ARG C 150 -31.84 4.57 -13.13
CA ARG C 150 -32.34 5.72 -13.86
C ARG C 150 -32.15 7.04 -13.12
N THR C 151 -31.93 7.01 -11.81
CA THR C 151 -31.86 8.26 -11.05
C THR C 151 -30.76 9.17 -11.56
N TYR C 152 -29.58 8.61 -11.81
CA TYR C 152 -28.44 9.40 -12.27
C TYR C 152 -28.70 9.92 -13.67
N VAL C 153 -27.92 10.93 -14.07
CA VAL C 153 -28.25 11.73 -15.23
C VAL C 153 -28.23 10.88 -16.49
N GLY C 154 -27.06 10.40 -16.90
CA GLY C 154 -27.07 9.51 -18.05
C GLY C 154 -26.75 8.10 -17.66
N ALA C 155 -27.78 7.29 -17.43
CA ALA C 155 -27.61 5.95 -16.90
C ALA C 155 -27.88 4.95 -18.01
N MET C 156 -27.08 3.89 -18.04
CA MET C 156 -27.11 2.92 -19.11
C MET C 156 -27.02 1.53 -18.50
N PRO C 157 -27.52 0.52 -19.17
CA PRO C 157 -27.62 -0.80 -18.56
C PRO C 157 -26.30 -1.48 -18.22
N GLY C 158 -25.35 -1.48 -19.15
CA GLY C 158 -24.16 -2.29 -18.95
C GLY C 158 -23.89 -3.10 -20.18
N LYS C 159 -22.64 -3.52 -20.38
CA LYS C 159 -22.24 -4.04 -21.68
C LYS C 159 -23.09 -5.20 -22.15
N ILE C 160 -23.61 -6.02 -21.23
CA ILE C 160 -24.33 -7.22 -21.61
C ILE C 160 -25.68 -6.86 -22.24
N ILE C 161 -26.43 -5.97 -21.61
CA ILE C 161 -27.71 -5.57 -22.18
C ILE C 161 -27.50 -4.82 -23.49
N GLN C 162 -26.38 -4.13 -23.63
CA GLN C 162 -26.08 -3.50 -24.91
C GLN C 162 -25.72 -4.55 -25.96
N CYS C 163 -25.10 -5.66 -25.56
CA CYS C 163 -24.94 -6.80 -26.45
C CYS C 163 -26.30 -7.23 -26.99
N LEU C 164 -27.23 -7.48 -26.08
CA LEU C 164 -28.54 -7.99 -26.49
C LEU C 164 -29.26 -6.99 -27.38
N LYS C 165 -29.08 -5.70 -27.14
CA LYS C 165 -29.73 -4.70 -27.98
C LYS C 165 -29.08 -4.62 -29.36
N LYS C 166 -27.75 -4.74 -29.43
CA LYS C 166 -27.05 -4.59 -30.70
C LYS C 166 -27.18 -5.82 -31.58
N THR C 167 -27.01 -7.01 -31.01
CA THR C 167 -27.08 -8.23 -31.80
C THR C 167 -28.51 -8.62 -32.15
N LYS C 168 -29.49 -8.11 -31.41
CA LYS C 168 -30.91 -8.37 -31.62
C LYS C 168 -31.27 -9.84 -31.49
N THR C 169 -30.38 -10.67 -30.97
CA THR C 169 -30.67 -12.05 -30.64
C THR C 169 -30.45 -12.26 -29.16
N GLU C 170 -31.14 -13.24 -28.60
CA GLU C 170 -31.02 -13.55 -27.19
C GLU C 170 -30.09 -14.73 -26.94
N ASN C 171 -29.37 -15.17 -27.96
CA ASN C 171 -28.34 -16.21 -27.82
C ASN C 171 -27.11 -15.81 -28.61
N PRO C 172 -26.44 -14.74 -28.20
CA PRO C 172 -25.21 -14.34 -28.88
C PRO C 172 -24.03 -15.17 -28.39
N LEU C 173 -22.86 -14.86 -28.91
CA LEU C 173 -21.60 -15.44 -28.44
C LEU C 173 -20.82 -14.29 -27.81
N ILE C 174 -20.82 -14.22 -26.49
CA ILE C 174 -20.06 -13.21 -25.77
C ILE C 174 -18.68 -13.77 -25.46
N LEU C 175 -17.65 -13.01 -25.81
CA LEU C 175 -16.26 -13.40 -25.55
C LEU C 175 -15.75 -12.47 -24.45
N ILE C 176 -15.66 -12.99 -23.23
CA ILE C 176 -15.15 -12.21 -22.10
C ILE C 176 -13.64 -12.42 -22.10
N ASP C 177 -12.96 -11.60 -22.89
CA ASP C 177 -11.54 -11.79 -23.11
C ASP C 177 -10.76 -11.37 -21.87
N GLU C 178 -9.78 -12.21 -21.49
CA GLU C 178 -8.84 -11.91 -20.41
C GLU C 178 -9.55 -11.73 -19.07
N VAL C 179 -10.22 -12.80 -18.63
CA VAL C 179 -10.87 -12.76 -17.32
C VAL C 179 -9.87 -12.76 -16.18
N ASP C 180 -8.66 -13.25 -16.42
CA ASP C 180 -7.62 -13.26 -15.40
C ASP C 180 -6.89 -11.93 -15.30
N LYS C 181 -7.36 -10.90 -16.00
CA LYS C 181 -6.74 -9.59 -15.99
C LYS C 181 -7.69 -8.49 -15.56
N ILE C 182 -8.78 -8.84 -14.87
CA ILE C 182 -9.69 -7.82 -14.38
C ILE C 182 -9.06 -7.12 -13.19
N GLY C 183 -9.22 -5.80 -13.14
CA GLY C 183 -8.66 -5.02 -12.06
C GLY C 183 -9.45 -5.16 -10.77
N ARG C 184 -8.76 -5.54 -9.70
CA ARG C 184 -9.37 -5.59 -8.37
C ARG C 184 -9.09 -4.29 -7.62
N GLY C 185 -9.44 -3.17 -8.25
CA GLY C 185 -9.04 -1.87 -7.74
C GLY C 185 -9.65 -1.57 -6.39
N TYR C 186 -9.11 -0.52 -5.77
CA TYR C 186 -9.62 -0.08 -4.47
C TYR C 186 -11.08 0.29 -4.56
N GLN C 187 -11.51 0.83 -5.70
CA GLN C 187 -12.91 1.17 -5.96
C GLN C 187 -13.36 0.35 -7.16
N GLY C 188 -13.84 -0.87 -6.88
CA GLY C 188 -14.37 -1.73 -7.92
C GLY C 188 -13.73 -3.08 -8.03
N ASP C 189 -14.54 -4.14 -7.90
CA ASP C 189 -14.12 -5.51 -8.12
C ASP C 189 -15.12 -6.17 -9.04
N PRO C 190 -14.96 -6.01 -10.36
CA PRO C 190 -15.93 -6.60 -11.30
C PRO C 190 -15.94 -8.11 -11.31
N SER C 191 -14.88 -8.75 -10.82
CA SER C 191 -14.87 -10.20 -10.77
C SER C 191 -15.83 -10.77 -9.76
N SER C 192 -16.45 -9.92 -8.94
CA SER C 192 -17.52 -10.34 -8.06
C SER C 192 -18.90 -10.08 -8.66
N ALA C 193 -19.00 -9.15 -9.60
CA ALA C 193 -20.22 -8.98 -10.37
C ALA C 193 -20.32 -9.97 -11.51
N LEU C 194 -19.20 -10.59 -11.90
CA LEU C 194 -19.26 -11.68 -12.86
C LEU C 194 -19.86 -12.94 -12.26
N LEU C 195 -19.80 -13.09 -10.93
CA LEU C 195 -20.31 -14.28 -10.28
C LEU C 195 -21.81 -14.48 -10.49
N GLU C 196 -22.54 -13.44 -10.85
CA GLU C 196 -23.95 -13.57 -11.20
C GLU C 196 -24.19 -13.72 -12.68
N LEU C 197 -23.33 -13.11 -13.50
CA LEU C 197 -23.47 -13.21 -14.95
C LEU C 197 -23.16 -14.61 -15.45
N LEU C 198 -22.33 -15.35 -14.73
CA LEU C 198 -21.84 -16.65 -15.20
C LEU C 198 -22.34 -17.80 -14.33
N ASP C 199 -23.47 -17.62 -13.65
CA ASP C 199 -24.01 -18.68 -12.81
C ASP C 199 -24.86 -19.60 -13.66
N PRO C 200 -24.44 -20.85 -13.87
CA PRO C 200 -25.22 -21.74 -14.76
C PRO C 200 -26.69 -21.88 -14.40
N GLU C 201 -27.05 -21.71 -13.13
CA GLU C 201 -28.46 -21.80 -12.74
C GLU C 201 -29.14 -20.45 -12.63
N GLN C 202 -28.43 -19.40 -12.23
CA GLN C 202 -29.03 -18.10 -11.99
C GLN C 202 -28.85 -17.15 -13.16
N ASN C 203 -28.43 -17.63 -14.32
CA ASN C 203 -28.43 -16.79 -15.51
C ASN C 203 -29.83 -16.44 -15.95
N ALA C 204 -30.80 -17.32 -15.67
CA ALA C 204 -32.15 -17.11 -16.18
C ALA C 204 -32.75 -15.81 -15.70
N ASN C 205 -32.30 -15.32 -14.54
CA ASN C 205 -32.74 -14.03 -14.02
C ASN C 205 -31.51 -13.23 -13.61
N PHE C 206 -30.92 -12.57 -14.60
CA PHE C 206 -29.80 -11.66 -14.39
C PHE C 206 -30.38 -10.25 -14.29
N LEU C 207 -30.20 -9.61 -13.15
CA LEU C 207 -30.83 -8.33 -12.88
C LEU C 207 -29.83 -7.22 -13.14
N ASP C 208 -30.08 -6.44 -14.19
CA ASP C 208 -29.35 -5.22 -14.46
C ASP C 208 -29.85 -4.11 -13.54
N HIS C 209 -28.96 -3.18 -13.22
CA HIS C 209 -29.33 -2.09 -12.33
C HIS C 209 -30.03 -0.96 -13.04
N TYR C 210 -29.99 -0.91 -14.36
CA TYR C 210 -30.80 0.07 -15.09
C TYR C 210 -32.16 -0.51 -15.46
N LEU C 211 -32.20 -1.74 -15.97
CA LEU C 211 -33.49 -2.31 -16.34
C LEU C 211 -34.37 -2.57 -15.14
N ASP C 212 -33.77 -3.04 -14.04
CA ASP C 212 -34.52 -3.51 -12.88
C ASP C 212 -35.52 -4.59 -13.26
N VAL C 213 -35.18 -5.37 -14.29
CA VAL C 213 -35.99 -6.50 -14.74
C VAL C 213 -35.03 -7.63 -15.06
N PRO C 214 -35.25 -8.83 -14.54
CA PRO C 214 -34.34 -9.95 -14.84
C PRO C 214 -34.43 -10.40 -16.29
N VAL C 215 -33.26 -10.65 -16.88
CA VAL C 215 -33.12 -11.00 -18.29
C VAL C 215 -32.56 -12.42 -18.38
N ASP C 216 -33.19 -13.24 -19.21
CA ASP C 216 -32.79 -14.64 -19.38
C ASP C 216 -31.51 -14.71 -20.21
N LEU C 217 -30.42 -15.14 -19.59
CA LEU C 217 -29.13 -15.24 -20.24
C LEU C 217 -28.67 -16.69 -20.39
N SER C 218 -29.55 -17.65 -20.15
CA SER C 218 -29.16 -19.05 -20.18
C SER C 218 -28.98 -19.61 -21.58
N LYS C 219 -29.21 -18.81 -22.62
CA LYS C 219 -29.01 -19.25 -23.99
C LYS C 219 -27.77 -18.65 -24.62
N VAL C 220 -26.96 -17.96 -23.85
CA VAL C 220 -25.75 -17.32 -24.34
C VAL C 220 -24.60 -18.29 -24.21
N LEU C 221 -23.72 -18.30 -25.21
CA LEU C 221 -22.48 -19.07 -25.14
C LEU C 221 -21.39 -18.11 -24.72
N PHE C 222 -21.12 -18.07 -23.42
CA PHE C 222 -20.00 -17.30 -22.90
C PHE C 222 -18.70 -18.06 -23.12
N ILE C 223 -17.69 -17.38 -23.62
CA ILE C 223 -16.37 -17.95 -23.79
C ILE C 223 -15.37 -16.99 -23.16
N CYS C 224 -14.67 -17.46 -22.14
CA CYS C 224 -13.63 -16.68 -21.50
C CYS C 224 -12.26 -17.16 -21.98
N THR C 225 -11.29 -16.26 -21.96
CA THR C 225 -9.93 -16.58 -22.35
C THR C 225 -8.98 -16.14 -21.25
N ALA C 226 -7.99 -16.98 -20.96
CA ALA C 226 -7.02 -16.66 -19.92
C ALA C 226 -5.69 -17.30 -20.27
N ASN C 227 -4.61 -16.80 -19.67
CA ASN C 227 -3.32 -17.45 -19.74
C ASN C 227 -3.03 -18.27 -18.50
N VAL C 228 -3.25 -17.68 -17.32
CA VAL C 228 -3.06 -18.36 -16.05
C VAL C 228 -4.42 -18.58 -15.41
N THR C 229 -4.60 -19.74 -14.80
CA THR C 229 -5.88 -20.09 -14.22
C THR C 229 -6.00 -19.73 -12.75
N ASP C 230 -4.87 -19.61 -12.05
CA ASP C 230 -4.90 -19.41 -10.61
C ASP C 230 -5.29 -18.00 -10.22
N THR C 231 -5.23 -17.04 -11.13
CA THR C 231 -5.59 -15.67 -10.81
C THR C 231 -7.09 -15.43 -10.81
N ILE C 232 -7.88 -16.44 -11.17
CA ILE C 232 -9.34 -16.34 -11.18
C ILE C 232 -9.85 -16.85 -9.84
N PRO C 233 -10.73 -16.12 -9.16
CA PRO C 233 -11.26 -16.62 -7.88
C PRO C 233 -11.92 -17.98 -8.03
N GLU C 234 -11.78 -18.80 -7.00
CA GLU C 234 -12.32 -20.15 -7.06
C GLU C 234 -13.83 -20.20 -7.27
N PRO C 235 -14.65 -19.38 -6.60
CA PRO C 235 -16.09 -19.38 -6.91
C PRO C 235 -16.37 -19.10 -8.37
N LEU C 236 -15.59 -18.23 -9.01
CA LEU C 236 -15.76 -17.96 -10.43
C LEU C 236 -15.15 -19.06 -11.28
N ARG C 237 -13.98 -19.55 -10.89
CA ARG C 237 -13.33 -20.62 -11.61
C ARG C 237 -14.14 -21.90 -11.58
N ASP C 238 -15.10 -22.00 -10.68
CA ASP C 238 -15.96 -23.17 -10.59
C ASP C 238 -17.15 -23.11 -11.54
N ARG C 239 -17.57 -21.92 -11.95
CA ARG C 239 -18.69 -21.79 -12.87
C ARG C 239 -18.30 -22.09 -14.31
N MET C 240 -17.03 -22.01 -14.66
CA MET C 240 -16.57 -22.19 -16.02
C MET C 240 -16.13 -23.62 -16.27
N GLU C 241 -16.23 -24.04 -17.52
CA GLU C 241 -15.67 -25.32 -17.95
C GLU C 241 -14.30 -25.05 -18.53
N MET C 242 -13.27 -25.17 -17.69
CA MET C 242 -11.92 -24.86 -18.14
C MET C 242 -11.44 -25.95 -19.08
N ILE C 243 -11.26 -25.60 -20.36
CA ILE C 243 -10.67 -26.52 -21.33
C ILE C 243 -9.37 -25.90 -21.84
N ASN C 244 -8.39 -26.75 -22.10
CA ASN C 244 -7.01 -26.33 -22.30
C ASN C 244 -6.67 -26.25 -23.78
N VAL C 245 -6.02 -25.16 -24.17
CA VAL C 245 -5.52 -24.96 -25.52
C VAL C 245 -4.00 -24.96 -25.41
N SER C 246 -3.39 -26.11 -25.70
CA SER C 246 -1.95 -26.25 -25.52
C SER C 246 -1.20 -25.56 -26.66
N GLY C 247 0.12 -25.52 -26.52
CA GLY C 247 0.97 -24.95 -27.54
C GLY C 247 1.11 -25.87 -28.73
N TYR C 248 2.20 -25.69 -29.46
CA TYR C 248 2.42 -26.44 -30.69
C TYR C 248 3.85 -26.94 -30.73
N VAL C 249 4.01 -28.20 -31.14
CA VAL C 249 5.32 -28.79 -31.36
C VAL C 249 5.79 -28.38 -32.76
N ALA C 250 7.05 -28.69 -33.08
CA ALA C 250 7.64 -28.21 -34.33
C ALA C 250 6.83 -28.64 -35.54
N GLN C 251 6.33 -29.88 -35.56
CA GLN C 251 5.59 -30.35 -36.72
C GLN C 251 4.27 -29.60 -36.88
N GLU C 252 3.53 -29.43 -35.78
CA GLU C 252 2.31 -28.65 -35.84
C GLU C 252 2.60 -27.22 -36.27
N LYS C 253 3.74 -26.68 -35.85
CA LYS C 253 4.08 -25.31 -36.23
C LYS C 253 4.36 -25.22 -37.72
N LEU C 254 5.05 -26.21 -38.28
CA LEU C 254 5.31 -26.21 -39.72
C LEU C 254 4.01 -26.31 -40.49
N ALA C 255 3.09 -27.16 -40.04
CA ALA C 255 1.79 -27.26 -40.70
C ALA C 255 1.03 -25.94 -40.62
N ILE C 256 0.94 -25.36 -39.43
CA ILE C 256 0.29 -24.07 -39.26
C ILE C 256 0.89 -23.04 -40.20
N ALA C 257 2.21 -22.99 -40.26
CA ALA C 257 2.91 -22.03 -41.10
C ALA C 257 2.49 -22.22 -42.55
N GLU C 258 2.84 -23.36 -43.13
CA GLU C 258 2.64 -23.53 -44.57
C GLU C 258 1.19 -23.65 -44.97
N ARG C 259 0.25 -23.73 -44.02
CA ARG C 259 -1.15 -23.84 -44.39
C ARG C 259 -1.99 -22.61 -44.03
N TYR C 260 -1.54 -21.77 -43.10
CA TYR C 260 -2.29 -20.57 -42.77
C TYR C 260 -1.45 -19.31 -42.77
N LEU C 261 -0.20 -19.38 -42.31
CA LEU C 261 0.55 -18.16 -42.10
C LEU C 261 1.14 -17.63 -43.40
N VAL C 262 1.82 -18.49 -44.15
CA VAL C 262 2.40 -18.04 -45.42
C VAL C 262 1.34 -17.58 -46.40
N PRO C 263 0.21 -18.26 -46.59
CA PRO C 263 -0.83 -17.70 -47.46
C PRO C 263 -1.39 -16.38 -46.97
N GLN C 264 -1.65 -16.25 -45.67
CA GLN C 264 -2.14 -15.00 -45.15
C GLN C 264 -1.08 -13.91 -45.21
N ALA C 265 0.17 -14.27 -44.97
CA ALA C 265 1.26 -13.29 -45.12
C ALA C 265 1.36 -12.81 -46.56
N ARG C 266 1.12 -13.69 -47.52
CA ARG C 266 1.12 -13.27 -48.92
C ARG C 266 -0.06 -12.36 -49.22
N ALA C 267 -1.24 -12.69 -48.71
CA ALA C 267 -2.39 -11.83 -48.92
C ALA C 267 -2.15 -10.44 -48.33
N LEU C 268 -1.46 -10.38 -47.20
CA LEU C 268 -1.16 -9.08 -46.59
C LEU C 268 -0.11 -8.33 -47.40
N CYS C 269 1.08 -8.90 -47.53
CA CYS C 269 2.16 -8.24 -48.26
C CYS C 269 1.97 -8.27 -49.76
N GLY C 270 0.86 -8.79 -50.26
CA GLY C 270 0.55 -8.71 -51.67
C GLY C 270 1.51 -9.44 -52.58
N LEU C 271 2.27 -10.39 -52.07
CA LEU C 271 3.18 -11.16 -52.91
C LEU C 271 2.46 -12.35 -53.52
N ASP C 272 3.19 -13.15 -54.29
CA ASP C 272 2.65 -14.33 -54.93
C ASP C 272 3.50 -15.54 -54.59
N GLU C 273 2.90 -16.71 -54.72
CA GLU C 273 3.64 -17.95 -54.49
C GLU C 273 4.78 -18.10 -55.48
N SER C 274 4.60 -17.56 -56.69
CA SER C 274 5.61 -17.72 -57.74
C SER C 274 6.74 -16.71 -57.65
N LYS C 275 6.58 -15.64 -56.89
CA LYS C 275 7.61 -14.61 -56.79
C LYS C 275 8.51 -14.77 -55.57
N ALA C 276 8.07 -15.49 -54.54
CA ALA C 276 8.91 -15.75 -53.38
C ALA C 276 8.38 -17.00 -52.69
N LYS C 277 9.15 -18.08 -52.72
CA LYS C 277 8.71 -19.37 -52.21
C LYS C 277 9.48 -19.73 -50.95
N LEU C 278 8.75 -20.08 -49.90
CA LEU C 278 9.33 -20.51 -48.63
C LEU C 278 9.15 -22.01 -48.55
N SER C 279 10.17 -22.75 -48.97
CA SER C 279 10.10 -24.20 -49.01
C SER C 279 9.98 -24.77 -47.60
N SER C 280 9.57 -26.04 -47.53
CA SER C 280 9.39 -26.68 -46.25
C SER C 280 10.70 -26.82 -45.48
N ASP C 281 11.82 -26.96 -46.20
CA ASP C 281 13.11 -27.01 -45.53
C ASP C 281 13.44 -25.68 -44.86
N VAL C 282 13.18 -24.57 -45.55
CA VAL C 282 13.44 -23.26 -44.97
C VAL C 282 12.53 -23.00 -43.77
N LEU C 283 11.26 -23.38 -43.87
CA LEU C 283 10.35 -23.16 -42.75
C LEU C 283 10.72 -24.05 -41.57
N THR C 284 11.13 -25.28 -41.83
CA THR C 284 11.58 -26.15 -40.75
C THR C 284 12.81 -25.58 -40.06
N LEU C 285 13.75 -25.05 -40.84
CA LEU C 285 14.94 -24.44 -40.24
C LEU C 285 14.57 -23.20 -39.44
N LEU C 286 13.65 -22.40 -39.95
CA LEU C 286 13.23 -21.20 -39.26
C LEU C 286 12.58 -21.54 -37.93
N ILE C 287 11.76 -22.59 -37.90
CA ILE C 287 11.17 -23.02 -36.64
C ILE C 287 12.21 -23.59 -35.71
N LYS C 288 13.17 -24.34 -36.25
CA LYS C 288 14.12 -25.03 -35.40
C LYS C 288 15.11 -24.07 -34.76
N GLN C 289 15.41 -22.95 -35.42
CA GLN C 289 16.45 -22.06 -34.91
C GLN C 289 15.94 -20.74 -34.36
N TYR C 290 14.77 -20.28 -34.76
CA TYR C 290 14.31 -18.94 -34.41
C TYR C 290 13.07 -18.92 -33.54
N CYS C 291 12.08 -19.75 -33.83
CA CYS C 291 10.79 -19.70 -33.15
C CYS C 291 10.60 -20.98 -32.36
N ARG C 292 10.69 -20.88 -31.04
CA ARG C 292 10.69 -22.05 -30.17
C ARG C 292 9.63 -22.04 -29.09
N GLU C 293 8.86 -20.98 -28.93
CA GLU C 293 7.90 -20.91 -27.85
C GLU C 293 6.67 -21.74 -28.19
N SER C 294 5.64 -21.65 -27.36
CA SER C 294 4.44 -22.45 -27.56
C SER C 294 3.48 -21.79 -28.55
N GLY C 295 3.42 -20.46 -28.55
CA GLY C 295 2.55 -19.76 -29.46
C GLY C 295 3.04 -19.81 -30.89
N VAL C 296 2.28 -19.18 -31.76
CA VAL C 296 2.61 -19.17 -33.18
C VAL C 296 2.63 -17.73 -33.65
N ARG C 297 2.86 -16.82 -32.72
CA ARG C 297 2.80 -15.40 -33.01
C ARG C 297 4.16 -14.82 -33.41
N ASN C 298 5.26 -15.42 -32.97
CA ASN C 298 6.57 -14.98 -33.45
C ASN C 298 6.91 -15.60 -34.80
N LEU C 299 6.44 -16.82 -35.06
CA LEU C 299 6.62 -17.43 -36.38
C LEU C 299 6.00 -16.55 -37.46
N GLN C 300 4.84 -15.98 -37.16
CA GLN C 300 4.20 -15.05 -38.08
C GLN C 300 5.10 -13.87 -38.40
N LYS C 301 5.75 -13.32 -37.38
CA LYS C 301 6.58 -12.13 -37.59
C LYS C 301 7.80 -12.46 -38.44
N GLN C 302 8.45 -13.61 -38.21
CA GLN C 302 9.58 -13.97 -39.03
C GLN C 302 9.16 -14.26 -40.47
N VAL C 303 8.03 -14.94 -40.65
CA VAL C 303 7.54 -15.20 -42.00
C VAL C 303 7.31 -13.90 -42.75
N GLU C 304 6.57 -12.97 -42.14
CA GLU C 304 6.30 -11.74 -42.86
C GLU C 304 7.52 -10.84 -42.95
N LYS C 305 8.52 -11.02 -42.08
CA LYS C 305 9.80 -10.35 -42.26
C LYS C 305 10.46 -10.79 -43.54
N VAL C 306 10.57 -12.11 -43.73
CA VAL C 306 11.12 -12.63 -44.98
C VAL C 306 10.34 -12.11 -46.17
N LEU C 307 9.00 -12.10 -46.06
CA LEU C 307 8.18 -11.72 -47.21
C LEU C 307 8.31 -10.23 -47.53
N ARG C 308 8.41 -9.38 -46.51
CA ARG C 308 8.55 -7.96 -46.79
C ARG C 308 9.95 -7.62 -47.30
N LYS C 309 10.98 -8.34 -46.86
CA LYS C 309 12.29 -8.12 -47.45
C LYS C 309 12.30 -8.54 -48.92
N SER C 310 11.61 -9.64 -49.24
CA SER C 310 11.46 -10.03 -50.64
C SER C 310 10.72 -8.96 -51.43
N ALA C 311 9.65 -8.42 -50.86
CA ALA C 311 8.89 -7.38 -51.55
C ALA C 311 9.75 -6.16 -51.81
N TYR C 312 10.61 -5.80 -50.86
CA TYR C 312 11.48 -4.65 -51.09
C TYR C 312 12.53 -4.95 -52.14
N LYS C 313 13.03 -6.19 -52.20
CA LYS C 313 13.94 -6.54 -53.30
C LYS C 313 13.22 -6.43 -54.64
N ILE C 314 11.96 -6.82 -54.69
CA ILE C 314 11.23 -6.90 -55.96
C ILE C 314 10.83 -5.51 -56.43
N VAL C 315 10.11 -4.76 -55.59
CA VAL C 315 9.56 -3.48 -56.02
C VAL C 315 10.64 -2.43 -56.26
N SER C 316 11.83 -2.62 -55.70
CA SER C 316 12.92 -1.67 -55.88
C SER C 316 13.76 -1.97 -57.11
N GLY C 317 13.48 -3.06 -57.82
CA GLY C 317 14.23 -3.40 -59.00
C GLY C 317 15.50 -4.18 -58.76
N GLU C 318 15.87 -4.42 -57.51
CA GLU C 318 17.07 -5.20 -57.23
C GLU C 318 16.90 -6.66 -57.63
N ALA C 319 15.68 -7.10 -57.91
CA ALA C 319 15.43 -8.45 -58.38
C ALA C 319 14.04 -8.50 -58.98
N GLU C 320 13.82 -9.50 -59.84
CA GLU C 320 12.50 -9.76 -60.38
C GLU C 320 11.83 -10.96 -59.73
N SER C 321 12.58 -11.77 -58.98
CA SER C 321 12.03 -12.89 -58.23
C SER C 321 13.08 -13.34 -57.23
N VAL C 322 12.64 -13.69 -56.03
CA VAL C 322 13.53 -13.99 -54.93
C VAL C 322 13.34 -15.44 -54.51
N GLU C 323 14.43 -16.14 -54.22
CA GLU C 323 14.38 -17.45 -53.63
C GLU C 323 15.09 -17.44 -52.28
N VAL C 324 14.49 -18.09 -51.30
CA VAL C 324 15.01 -18.16 -49.94
C VAL C 324 15.45 -19.59 -49.69
N THR C 325 16.72 -19.78 -49.41
CA THR C 325 17.28 -21.11 -49.18
C THR C 325 17.79 -21.20 -47.75
N PRO C 326 18.07 -22.39 -47.23
CA PRO C 326 18.64 -22.50 -45.89
C PRO C 326 20.03 -21.91 -45.75
N GLU C 327 20.61 -21.32 -46.80
CA GLU C 327 21.90 -20.66 -46.71
C GLU C 327 21.80 -19.14 -46.68
N ASN C 328 20.92 -18.57 -47.48
CA ASN C 328 20.69 -17.13 -47.44
C ASN C 328 19.56 -16.73 -46.52
N LEU C 329 19.11 -17.64 -45.66
CA LEU C 329 18.04 -17.28 -44.72
C LEU C 329 18.55 -16.28 -43.68
N GLN C 330 19.79 -16.46 -43.22
CA GLN C 330 20.35 -15.54 -42.24
C GLN C 330 20.53 -14.14 -42.81
N ASP C 331 20.48 -13.99 -44.12
CA ASP C 331 20.46 -12.66 -44.73
C ASP C 331 19.10 -11.99 -44.62
N PHE C 332 18.06 -12.73 -44.25
CA PHE C 332 16.72 -12.21 -44.12
C PHE C 332 16.32 -11.98 -42.66
N VAL C 333 16.54 -12.95 -41.80
CA VAL C 333 16.04 -12.86 -40.42
C VAL C 333 17.14 -12.57 -39.40
N GLY C 334 18.42 -12.75 -39.75
CA GLY C 334 19.52 -12.38 -38.88
C GLY C 334 20.33 -13.59 -38.46
N LYS C 335 20.66 -13.65 -37.19
CA LYS C 335 21.47 -14.75 -36.70
C LYS C 335 20.63 -15.70 -35.87
N PRO C 336 20.91 -17.00 -35.93
CA PRO C 336 20.12 -17.96 -35.16
C PRO C 336 20.09 -17.63 -33.68
N VAL C 337 19.02 -18.06 -33.02
CA VAL C 337 18.81 -17.77 -31.60
C VAL C 337 19.14 -19.02 -30.80
N PHE C 338 19.00 -20.19 -31.42
CA PHE C 338 19.26 -21.47 -30.76
C PHE C 338 20.20 -22.27 -31.64
N THR C 339 21.36 -22.65 -31.10
CA THR C 339 22.39 -23.29 -31.90
C THR C 339 23.07 -24.49 -31.25
N VAL C 340 23.08 -24.63 -29.94
CA VAL C 340 24.00 -25.58 -29.30
C VAL C 340 23.30 -26.86 -28.87
N GLU C 341 22.29 -26.73 -28.02
CA GLU C 341 21.44 -27.82 -27.52
C GLU C 341 22.13 -28.74 -26.53
N ARG C 342 23.44 -28.59 -26.34
CA ARG C 342 24.19 -29.51 -25.49
C ARG C 342 25.46 -28.85 -25.00
N MET C 343 25.62 -28.74 -23.69
CA MET C 343 26.87 -28.26 -23.14
C MET C 343 27.96 -29.30 -23.29
N TYR C 344 27.77 -30.46 -22.67
CA TYR C 344 28.72 -31.57 -22.77
C TYR C 344 28.28 -32.50 -23.88
N ASP C 345 29.22 -32.86 -24.75
CA ASP C 345 28.95 -33.93 -25.72
C ASP C 345 29.36 -35.30 -25.20
N VAL C 346 30.44 -35.38 -24.43
CA VAL C 346 30.82 -36.58 -23.70
C VAL C 346 31.01 -36.20 -22.24
N THR C 347 30.35 -36.91 -21.36
CA THR C 347 30.25 -36.48 -19.97
C THR C 347 31.44 -36.97 -19.15
N PRO C 348 32.11 -36.10 -18.41
CA PRO C 348 33.19 -36.53 -17.52
C PRO C 348 32.63 -37.32 -16.35
N PRO C 349 33.49 -37.85 -15.48
CA PRO C 349 33.00 -38.65 -14.34
C PRO C 349 32.17 -37.90 -13.33
N GLY C 350 31.87 -36.63 -13.54
CA GLY C 350 31.14 -35.90 -12.52
C GLY C 350 29.82 -35.31 -12.94
N VAL C 351 29.54 -35.27 -14.24
CA VAL C 351 28.35 -34.59 -14.73
C VAL C 351 27.35 -35.62 -15.25
N VAL C 352 26.10 -35.19 -15.35
CA VAL C 352 25.00 -36.05 -15.79
C VAL C 352 23.90 -35.14 -16.30
N MET C 353 23.26 -35.56 -17.39
CA MET C 353 22.33 -34.70 -18.11
C MET C 353 20.94 -34.78 -17.49
N GLY C 354 20.34 -33.62 -17.24
CA GLY C 354 18.99 -33.54 -16.75
C GLY C 354 18.12 -32.75 -17.69
N LEU C 355 16.82 -32.86 -17.56
CA LEU C 355 15.87 -32.23 -18.47
C LEU C 355 15.03 -31.21 -17.71
N ALA C 356 14.69 -30.12 -18.37
CA ALA C 356 13.98 -29.03 -17.72
C ALA C 356 12.80 -28.59 -18.59
N TRP C 357 11.83 -27.96 -17.93
CA TRP C 357 10.70 -27.36 -18.62
C TRP C 357 10.99 -25.88 -18.82
N THR C 358 10.79 -25.40 -20.04
CA THR C 358 10.91 -23.98 -20.34
C THR C 358 9.75 -23.57 -21.23
N ALA C 359 9.56 -22.26 -21.35
CA ALA C 359 8.54 -21.77 -22.27
C ALA C 359 9.02 -21.85 -23.71
N MET C 360 10.32 -21.82 -23.93
CA MET C 360 10.90 -21.94 -25.27
C MET C 360 11.22 -23.40 -25.58
N GLY C 361 10.16 -24.21 -25.63
CA GLY C 361 10.36 -25.64 -25.70
C GLY C 361 10.94 -26.13 -24.39
N GLY C 362 11.43 -27.35 -24.42
CA GLY C 362 12.12 -27.89 -23.26
C GLY C 362 13.48 -27.25 -23.11
N SER C 363 14.33 -27.90 -22.33
CA SER C 363 15.71 -27.45 -22.22
C SER C 363 16.52 -28.54 -21.56
N THR C 364 17.76 -28.66 -21.99
CA THR C 364 18.71 -29.61 -21.42
C THR C 364 19.66 -28.88 -20.48
N LEU C 365 19.93 -29.48 -19.33
CA LEU C 365 20.88 -28.92 -18.41
C LEU C 365 21.67 -30.03 -17.73
N PHE C 366 22.87 -29.70 -17.29
CA PHE C 366 23.78 -30.66 -16.70
C PHE C 366 23.99 -30.34 -15.23
N VAL C 367 24.53 -31.31 -14.50
CA VAL C 367 24.79 -31.19 -13.08
C VAL C 367 26.26 -31.51 -12.86
N GLU C 368 27.06 -30.50 -12.60
CA GLU C 368 28.48 -30.69 -12.37
C GLU C 368 28.75 -30.87 -10.89
N THR C 369 29.69 -31.76 -10.58
CA THR C 369 30.15 -31.97 -9.21
C THR C 369 31.66 -32.00 -9.21
N SER C 370 32.25 -31.48 -8.14
CA SER C 370 33.69 -31.38 -8.06
C SER C 370 34.12 -31.44 -6.61
N LEU C 371 35.27 -32.05 -6.37
CA LEU C 371 35.88 -32.01 -5.07
C LEU C 371 36.38 -30.61 -4.77
N ARG C 372 36.01 -30.07 -3.62
CA ARG C 372 36.32 -28.68 -3.29
C ARG C 372 37.61 -28.53 -2.51
N ARG C 373 38.06 -29.57 -1.84
CA ARG C 373 39.23 -29.55 -0.97
C ARG C 373 40.16 -30.69 -1.34
N PRO C 374 41.47 -30.55 -1.07
CA PRO C 374 42.48 -31.44 -1.65
C PRO C 374 42.59 -32.82 -0.99
N GLN C 375 41.44 -33.45 -0.74
CA GLN C 375 41.46 -34.77 -0.12
C GLN C 375 40.11 -35.42 -0.30
N ASP C 376 40.11 -36.72 -0.57
CA ASP C 376 38.87 -37.47 -0.69
C ASP C 376 38.21 -37.62 0.67
N LYS C 383 35.10 -34.62 11.95
CA LYS C 383 35.43 -34.15 10.62
C LYS C 383 34.70 -34.93 9.55
N ASP C 384 33.59 -34.40 9.08
CA ASP C 384 32.80 -35.01 8.02
C ASP C 384 32.84 -34.12 6.78
N GLY C 385 32.16 -34.58 5.74
CA GLY C 385 32.13 -33.86 4.48
C GLY C 385 31.09 -32.76 4.49
N SER C 386 30.87 -32.20 3.30
CA SER C 386 29.92 -31.12 3.14
C SER C 386 29.57 -31.01 1.66
N LEU C 387 28.45 -30.35 1.39
CA LEU C 387 28.00 -30.10 0.03
C LEU C 387 27.66 -28.64 -0.12
N GLU C 388 28.23 -27.99 -1.12
CA GLU C 388 27.95 -26.61 -1.45
C GLU C 388 27.32 -26.57 -2.83
N VAL C 389 26.19 -25.88 -2.96
CA VAL C 389 25.48 -25.81 -4.23
C VAL C 389 25.51 -24.39 -4.74
N THR C 390 25.58 -24.24 -6.06
CA THR C 390 25.53 -22.96 -6.72
C THR C 390 24.69 -23.10 -7.99
N GLY C 391 24.30 -21.97 -8.56
CA GLY C 391 23.60 -22.01 -9.83
C GLY C 391 22.23 -21.40 -9.81
N GLN C 392 21.97 -20.50 -8.85
CA GLN C 392 20.69 -19.81 -8.71
C GLN C 392 19.55 -20.81 -8.50
N LEU C 393 19.70 -21.64 -7.47
CA LEU C 393 18.72 -22.66 -7.16
C LEU C 393 17.67 -22.14 -6.20
N GLY C 394 16.42 -22.44 -6.47
CA GLY C 394 15.35 -22.09 -5.56
C GLY C 394 15.44 -22.88 -4.27
N GLU C 395 14.44 -22.68 -3.42
CA GLU C 395 14.45 -23.36 -2.13
C GLU C 395 14.08 -24.84 -2.27
N VAL C 396 13.09 -25.14 -3.11
CA VAL C 396 12.72 -26.53 -3.34
C VAL C 396 13.88 -27.30 -3.96
N MET C 397 14.65 -26.64 -4.83
CA MET C 397 15.76 -27.33 -5.47
C MET C 397 16.92 -27.52 -4.50
N LYS C 398 17.15 -26.57 -3.60
CA LYS C 398 18.17 -26.77 -2.57
C LYS C 398 17.78 -27.93 -1.64
N GLU C 399 16.50 -28.00 -1.27
CA GLU C 399 16.06 -29.12 -0.43
C GLU C 399 16.20 -30.44 -1.18
N SER C 400 15.90 -30.44 -2.47
CA SER C 400 16.11 -31.63 -3.29
C SER C 400 17.57 -32.04 -3.29
N ALA C 401 18.48 -31.06 -3.34
CA ALA C 401 19.90 -31.38 -3.27
C ALA C 401 20.27 -32.00 -1.92
N ARG C 402 19.70 -31.48 -0.84
CA ARG C 402 19.97 -32.04 0.49
C ARG C 402 19.49 -33.48 0.58
N ILE C 403 18.26 -33.74 0.12
CA ILE C 403 17.70 -35.09 0.17
C ILE C 403 18.52 -36.03 -0.69
N ALA C 404 18.91 -35.58 -1.89
CA ALA C 404 19.70 -36.42 -2.78
C ALA C 404 21.07 -36.72 -2.16
N TYR C 405 21.65 -35.75 -1.47
CA TYR C 405 22.94 -35.96 -0.80
C TYR C 405 22.83 -37.03 0.28
N THR C 406 21.78 -36.93 1.12
CA THR C 406 21.60 -37.91 2.18
C THR C 406 21.38 -39.31 1.61
N PHE C 407 20.49 -39.42 0.62
CA PHE C 407 20.25 -40.74 0.04
C PHE C 407 21.47 -41.27 -0.70
N ALA C 408 22.28 -40.39 -1.29
CA ALA C 408 23.47 -40.85 -1.97
C ALA C 408 24.47 -41.42 -0.97
N ARG C 409 24.62 -40.76 0.18
CA ARG C 409 25.42 -41.33 1.25
C ARG C 409 24.93 -42.72 1.61
N ALA C 410 23.62 -42.85 1.87
CA ALA C 410 23.08 -44.14 2.30
C ALA C 410 23.28 -45.21 1.25
N PHE C 411 23.05 -44.86 -0.02
CA PHE C 411 23.15 -45.84 -1.10
C PHE C 411 24.59 -46.29 -1.29
N LEU C 412 25.53 -45.35 -1.32
CA LEU C 412 26.93 -45.75 -1.47
C LEU C 412 27.41 -46.53 -0.26
N MET C 413 26.80 -46.30 0.91
CA MET C 413 27.18 -47.09 2.08
C MET C 413 26.69 -48.52 1.95
N GLN C 414 25.45 -48.71 1.49
CA GLN C 414 24.95 -50.08 1.35
C GLN C 414 25.58 -50.80 0.19
N HIS C 415 26.03 -50.08 -0.83
CA HIS C 415 26.52 -50.70 -2.06
C HIS C 415 28.01 -51.03 -1.97
N ALA C 416 28.85 -50.02 -1.77
CA ALA C 416 30.29 -50.19 -1.61
C ALA C 416 30.63 -49.70 -0.20
N PRO C 417 30.53 -50.57 0.80
CA PRO C 417 30.62 -50.09 2.20
C PRO C 417 31.97 -49.53 2.60
N ALA C 418 32.98 -49.61 1.73
CA ALA C 418 34.32 -49.14 2.07
C ALA C 418 34.76 -47.96 1.23
N ASN C 419 33.83 -47.30 0.54
CA ASN C 419 34.22 -46.22 -0.37
C ASN C 419 34.64 -44.98 0.39
N ASP C 420 33.83 -44.54 1.35
CA ASP C 420 34.16 -43.46 2.28
C ASP C 420 34.16 -42.10 1.57
N TYR C 421 34.01 -42.11 0.25
CA TYR C 421 33.69 -40.89 -0.45
C TYR C 421 32.28 -40.46 -0.06
N LEU C 422 31.97 -39.19 -0.26
CA LEU C 422 30.68 -38.59 0.08
C LEU C 422 30.44 -38.55 1.58
N VAL C 423 31.29 -39.18 2.38
CA VAL C 423 31.19 -39.12 3.83
C VAL C 423 32.22 -38.19 4.43
N THR C 424 33.41 -38.11 3.83
CA THR C 424 34.47 -37.24 4.31
C THR C 424 34.92 -36.20 3.29
N SER C 425 34.38 -36.23 2.08
CA SER C 425 34.80 -35.31 1.02
C SER C 425 33.95 -34.06 1.03
N HIS C 426 34.55 -32.95 0.61
CA HIS C 426 33.87 -31.67 0.50
C HIS C 426 33.52 -31.43 -0.97
N ILE C 427 32.25 -31.57 -1.30
CA ILE C 427 31.77 -31.52 -2.67
C ILE C 427 31.27 -30.13 -2.99
N HIS C 428 31.32 -29.76 -4.27
CA HIS C 428 30.66 -28.58 -4.79
C HIS C 428 29.78 -29.02 -5.94
N LEU C 429 28.51 -28.67 -5.90
CA LEU C 429 27.56 -29.02 -6.93
C LEU C 429 27.11 -27.75 -7.63
N HIS C 430 27.17 -27.76 -8.96
CA HIS C 430 26.84 -26.59 -9.76
C HIS C 430 25.94 -27.02 -10.91
N VAL C 431 24.85 -26.27 -11.10
CA VAL C 431 24.01 -26.47 -12.28
C VAL C 431 24.34 -25.34 -13.25
N PRO C 432 25.10 -25.63 -14.31
CA PRO C 432 25.68 -24.56 -15.14
C PRO C 432 24.66 -23.65 -15.80
N GLU C 433 25.18 -22.62 -16.47
CA GLU C 433 24.44 -21.41 -16.77
C GLU C 433 23.99 -20.75 -15.47
N GLY C 434 24.99 -20.39 -14.66
CA GLY C 434 24.77 -19.90 -13.32
C GLY C 434 24.09 -18.56 -13.22
N ALA C 435 23.65 -17.98 -14.33
CA ALA C 435 22.95 -16.71 -14.30
C ALA C 435 21.44 -16.86 -14.30
N THR C 436 20.90 -17.94 -14.84
CA THR C 436 19.44 -18.09 -14.90
C THR C 436 18.94 -18.82 -13.66
N PRO C 437 17.86 -18.35 -13.05
CA PRO C 437 17.35 -19.03 -11.86
C PRO C 437 16.55 -20.27 -12.23
N LYS C 438 16.80 -21.36 -11.51
CA LYS C 438 16.15 -22.62 -11.77
C LYS C 438 15.63 -23.20 -10.47
N ASP C 439 14.51 -23.90 -10.55
CA ASP C 439 13.84 -24.43 -9.37
C ASP C 439 13.15 -25.73 -9.74
N GLY C 440 12.38 -26.27 -8.80
CA GLY C 440 11.65 -27.50 -9.04
C GLY C 440 12.17 -28.65 -8.21
N PRO C 441 11.30 -29.62 -7.94
CA PRO C 441 11.69 -30.79 -7.15
C PRO C 441 12.28 -31.93 -7.96
N SER C 442 12.35 -31.78 -9.27
CA SER C 442 12.96 -32.80 -10.13
C SER C 442 14.47 -32.75 -9.92
N ALA C 443 15.21 -33.44 -10.78
CA ALA C 443 16.65 -33.54 -10.70
C ALA C 443 17.15 -34.16 -9.42
N GLY C 444 16.26 -34.77 -8.63
CA GLY C 444 16.72 -35.55 -7.51
C GLY C 444 17.57 -36.73 -7.94
N CYS C 445 17.01 -37.55 -8.83
CA CYS C 445 17.78 -38.65 -9.40
C CYS C 445 19.02 -38.15 -10.12
N THR C 446 18.93 -37.00 -10.77
CA THR C 446 20.09 -36.44 -11.46
C THR C 446 21.20 -36.11 -10.48
N ILE C 447 20.85 -35.53 -9.33
CA ILE C 447 21.87 -35.17 -8.35
C ILE C 447 22.44 -36.40 -7.68
N VAL C 448 21.60 -37.41 -7.41
CA VAL C 448 22.11 -38.66 -6.86
C VAL C 448 23.10 -39.29 -7.83
N THR C 449 22.77 -39.31 -9.11
CA THR C 449 23.66 -39.92 -10.09
C THR C 449 24.95 -39.13 -10.22
N ALA C 450 24.88 -37.80 -10.17
CA ALA C 450 26.10 -36.99 -10.22
C ALA C 450 27.01 -37.32 -9.06
N LEU C 451 26.46 -37.34 -7.84
CA LEU C 451 27.29 -37.63 -6.68
C LEU C 451 27.88 -39.04 -6.75
N LEU C 452 27.07 -40.02 -7.16
CA LEU C 452 27.57 -41.39 -7.22
C LEU C 452 28.64 -41.55 -8.29
N SER C 453 28.45 -40.92 -9.44
CA SER C 453 29.47 -40.99 -10.49
C SER C 453 30.76 -40.32 -10.04
N LEU C 454 30.65 -39.23 -9.29
CA LEU C 454 31.85 -38.61 -8.76
C LEU C 454 32.54 -39.51 -7.76
N ALA C 455 31.76 -40.22 -6.93
CA ALA C 455 32.36 -41.04 -5.89
C ALA C 455 33.00 -42.29 -6.45
N MET C 456 32.38 -42.90 -7.45
CA MET C 456 32.90 -44.13 -8.04
C MET C 456 33.92 -43.88 -9.14
N GLY C 457 34.13 -42.63 -9.54
CA GLY C 457 35.05 -42.34 -10.61
C GLY C 457 34.62 -42.83 -11.97
N ARG C 458 33.32 -43.00 -12.17
CA ARG C 458 32.81 -43.55 -13.42
C ARG C 458 31.86 -42.56 -14.09
N PRO C 459 31.95 -42.39 -15.40
CA PRO C 459 30.94 -41.63 -16.12
C PRO C 459 29.70 -42.46 -16.40
N VAL C 460 28.56 -41.79 -16.47
CA VAL C 460 27.30 -42.44 -16.77
C VAL C 460 27.23 -42.68 -18.28
N ARG C 461 26.24 -43.46 -18.72
CA ARG C 461 26.03 -43.70 -20.14
C ARG C 461 26.06 -42.38 -20.91
N GLN C 462 26.64 -42.43 -22.12
CA GLN C 462 27.03 -41.19 -22.77
C GLN C 462 25.88 -40.48 -23.49
N ASN C 463 24.76 -41.16 -23.71
CA ASN C 463 23.56 -40.49 -24.22
C ASN C 463 22.40 -40.93 -23.33
N LEU C 464 22.27 -40.26 -22.19
CA LEU C 464 21.28 -40.65 -21.19
C LEU C 464 20.85 -39.41 -20.42
N ALA C 465 19.60 -39.04 -20.57
CA ALA C 465 18.97 -38.02 -19.73
C ALA C 465 18.05 -38.69 -18.74
N MET C 466 17.77 -38.01 -17.64
CA MET C 466 16.86 -38.54 -16.64
C MET C 466 16.21 -37.41 -15.88
N THR C 467 15.01 -37.65 -15.40
CA THR C 467 14.28 -36.68 -14.59
C THR C 467 13.38 -37.43 -13.62
N GLY C 468 13.31 -36.94 -12.40
CA GLY C 468 12.46 -37.57 -11.40
C GLY C 468 12.76 -37.10 -10.00
N GLU C 469 11.71 -36.94 -9.19
CA GLU C 469 11.89 -36.56 -7.81
C GLU C 469 12.23 -37.77 -6.96
N VAL C 470 13.29 -37.67 -6.19
CA VAL C 470 13.71 -38.74 -5.29
C VAL C 470 13.18 -38.44 -3.91
N SER C 471 12.96 -39.48 -3.11
CA SER C 471 12.57 -39.32 -1.72
C SER C 471 13.72 -39.77 -0.83
N LEU C 472 13.51 -39.68 0.48
CA LEU C 472 14.59 -39.94 1.41
C LEU C 472 15.00 -41.40 1.44
N THR C 473 14.10 -42.32 1.09
CA THR C 473 14.42 -43.73 1.05
C THR C 473 14.70 -44.23 -0.36
N GLY C 474 14.67 -43.35 -1.36
CA GLY C 474 15.03 -43.70 -2.72
C GLY C 474 13.89 -43.76 -3.69
N LYS C 475 12.65 -43.58 -3.25
CA LYS C 475 11.51 -43.70 -4.15
C LYS C 475 11.54 -42.60 -5.19
N ILE C 476 11.26 -42.98 -6.44
CA ILE C 476 11.23 -42.04 -7.56
C ILE C 476 9.80 -41.60 -7.77
N LEU C 477 9.54 -40.31 -7.62
CA LEU C 477 8.21 -39.73 -7.60
C LEU C 477 7.92 -39.03 -8.92
N PRO C 478 6.65 -38.85 -9.26
CA PRO C 478 6.30 -38.26 -10.57
C PRO C 478 6.82 -36.85 -10.73
N VAL C 479 6.91 -36.42 -11.98
CA VAL C 479 7.31 -35.08 -12.34
C VAL C 479 6.27 -34.49 -13.28
N GLY C 480 6.54 -33.26 -13.74
CA GLY C 480 5.66 -32.57 -14.65
C GLY C 480 6.40 -32.17 -15.92
N GLY C 481 5.63 -31.74 -16.91
CA GLY C 481 6.20 -31.34 -18.17
C GLY C 481 6.93 -32.46 -18.87
N ILE C 482 6.23 -33.55 -19.16
CA ILE C 482 6.87 -34.69 -19.80
C ILE C 482 7.04 -34.45 -21.29
N LYS C 483 6.08 -33.79 -21.93
CA LYS C 483 6.18 -33.50 -23.35
C LYS C 483 7.40 -32.65 -23.65
N GLU C 484 7.60 -31.58 -22.88
CA GLU C 484 8.71 -30.68 -23.13
C GLU C 484 10.05 -31.35 -22.86
N LYS C 485 10.15 -32.09 -21.76
CA LYS C 485 11.41 -32.77 -21.45
C LYS C 485 11.74 -33.83 -22.49
N THR C 486 10.75 -34.58 -22.95
CA THR C 486 11.01 -35.58 -23.98
C THR C 486 11.41 -34.92 -25.30
N ILE C 487 10.75 -33.81 -25.64
CA ILE C 487 11.14 -33.08 -26.84
C ILE C 487 12.58 -32.61 -26.74
N ALA C 488 12.96 -32.04 -25.60
CA ALA C 488 14.32 -31.54 -25.45
C ALA C 488 15.34 -32.67 -25.49
N ALA C 489 15.01 -33.81 -24.90
CA ALA C 489 15.91 -34.95 -24.96
C ALA C 489 16.11 -35.39 -26.41
N LYS C 490 15.01 -35.61 -27.13
CA LYS C 490 15.12 -36.04 -28.52
C LYS C 490 15.83 -35.00 -29.37
N ARG C 491 15.71 -33.73 -29.02
CA ARG C 491 16.34 -32.66 -29.79
C ARG C 491 17.83 -32.56 -29.53
N ALA C 492 18.27 -32.88 -28.32
CA ALA C 492 19.69 -32.87 -27.99
C ALA C 492 20.38 -34.19 -28.33
N GLY C 493 19.73 -35.06 -29.10
CA GLY C 493 20.34 -36.32 -29.48
C GLY C 493 20.45 -37.35 -28.39
N VAL C 494 19.48 -37.39 -27.48
CA VAL C 494 19.48 -38.39 -26.43
C VAL C 494 18.90 -39.69 -26.98
N THR C 495 19.52 -40.81 -26.60
CA THR C 495 19.06 -42.12 -27.05
C THR C 495 18.36 -42.93 -25.96
N CYS C 496 18.55 -42.58 -24.69
CA CYS C 496 17.97 -43.33 -23.58
C CYS C 496 17.45 -42.35 -22.56
N ILE C 497 16.15 -42.38 -22.30
CA ILE C 497 15.53 -41.48 -21.35
C ILE C 497 14.97 -42.31 -20.19
N VAL C 498 15.00 -41.73 -19.00
CA VAL C 498 14.56 -42.39 -17.79
C VAL C 498 13.51 -41.52 -17.11
N LEU C 499 12.35 -42.10 -16.81
CA LEU C 499 11.23 -41.41 -16.23
C LEU C 499 10.70 -42.20 -15.04
N PRO C 500 9.97 -41.55 -14.13
CA PRO C 500 9.32 -42.29 -13.06
C PRO C 500 8.18 -43.13 -13.62
N ALA C 501 7.93 -44.28 -12.96
CA ALA C 501 6.93 -45.21 -13.47
C ALA C 501 5.52 -44.63 -13.43
N GLU C 502 5.29 -43.60 -12.64
CA GLU C 502 3.97 -42.98 -12.56
C GLU C 502 3.75 -41.93 -13.63
N ASN C 503 4.71 -41.76 -14.53
CA ASN C 503 4.55 -40.86 -15.68
C ASN C 503 4.35 -41.65 -16.97
N LYS C 504 4.01 -42.93 -16.87
CA LYS C 504 3.85 -43.74 -18.07
C LYS C 504 2.65 -43.27 -18.89
N LYS C 505 1.55 -42.93 -18.23
CA LYS C 505 0.40 -42.40 -18.96
C LYS C 505 0.74 -41.06 -19.59
N ASP C 506 1.49 -40.21 -18.88
CA ASP C 506 1.91 -38.94 -19.46
C ASP C 506 2.77 -39.15 -20.69
N PHE C 507 3.63 -40.17 -20.65
CA PHE C 507 4.57 -40.39 -21.75
C PHE C 507 3.87 -40.99 -22.96
N TYR C 508 2.94 -41.92 -22.73
CA TYR C 508 2.29 -42.61 -23.83
C TYR C 508 1.10 -41.87 -24.40
N ASP C 509 0.70 -40.75 -23.80
CA ASP C 509 -0.25 -39.85 -24.42
C ASP C 509 0.41 -38.91 -25.42
N LEU C 510 1.72 -38.98 -25.56
CA LEU C 510 2.43 -38.13 -26.52
C LEU C 510 2.24 -38.67 -27.93
N ALA C 511 2.39 -37.78 -28.90
CA ALA C 511 2.25 -38.16 -30.29
C ALA C 511 3.29 -39.20 -30.68
N ALA C 512 3.04 -39.86 -31.81
CA ALA C 512 3.91 -40.95 -32.22
C ALA C 512 5.29 -40.46 -32.63
N PHE C 513 5.36 -39.30 -33.29
CA PHE C 513 6.63 -38.80 -33.78
C PHE C 513 7.51 -38.23 -32.69
N ILE C 514 6.97 -37.98 -31.50
CA ILE C 514 7.78 -37.42 -30.43
C ILE C 514 8.59 -38.51 -29.74
N THR C 515 8.01 -39.69 -29.55
CA THR C 515 8.59 -40.73 -28.71
C THR C 515 8.92 -41.98 -29.53
N GLU C 516 9.41 -41.81 -30.75
CA GLU C 516 9.58 -42.98 -31.60
C GLU C 516 10.96 -43.62 -31.47
N GLY C 517 12.02 -42.82 -31.35
CA GLY C 517 13.34 -43.38 -31.33
C GLY C 517 14.04 -43.27 -29.99
N LEU C 518 13.27 -43.31 -28.91
CA LEU C 518 13.78 -43.14 -27.56
C LEU C 518 13.60 -44.42 -26.78
N GLU C 519 14.69 -44.91 -26.19
CA GLU C 519 14.66 -46.09 -25.33
C GLU C 519 14.33 -45.61 -23.92
N VAL C 520 13.05 -45.65 -23.57
CA VAL C 520 12.58 -45.11 -22.30
C VAL C 520 12.54 -46.23 -21.26
N HIS C 521 12.96 -45.90 -20.04
CA HIS C 521 12.93 -46.83 -18.92
C HIS C 521 12.15 -46.18 -17.78
N PHE C 522 11.04 -46.79 -17.39
CA PHE C 522 10.25 -46.30 -16.27
C PHE C 522 10.69 -47.00 -15.00
N VAL C 523 10.85 -46.21 -13.93
CA VAL C 523 11.44 -46.69 -12.69
C VAL C 523 10.59 -46.25 -11.51
N GLU C 524 10.69 -46.99 -10.42
CA GLU C 524 10.03 -46.67 -9.16
C GLU C 524 11.03 -46.36 -8.06
N HIS C 525 12.03 -47.20 -7.89
CA HIS C 525 13.10 -46.95 -6.95
C HIS C 525 14.35 -46.52 -7.70
N TYR C 526 15.33 -46.00 -6.96
CA TYR C 526 16.53 -45.49 -7.60
C TYR C 526 17.44 -46.61 -8.08
N ARG C 527 17.43 -47.76 -7.40
CA ARG C 527 18.35 -48.84 -7.77
C ARG C 527 18.23 -49.20 -9.24
N GLU C 528 17.03 -49.07 -9.81
CA GLU C 528 16.86 -49.33 -11.23
C GLU C 528 17.59 -48.27 -12.06
N ILE C 529 17.52 -47.01 -11.66
CA ILE C 529 18.27 -45.97 -12.36
C ILE C 529 19.76 -46.22 -12.27
N PHE C 530 20.22 -46.68 -11.11
CA PHE C 530 21.64 -47.00 -10.96
C PHE C 530 22.05 -48.13 -11.90
N ASP C 531 21.20 -49.16 -12.02
CA ASP C 531 21.53 -50.25 -12.94
C ASP C 531 21.50 -49.79 -14.38
N ILE C 532 20.63 -48.85 -14.72
CA ILE C 532 20.56 -48.37 -16.10
C ILE C 532 21.78 -47.52 -16.42
N ALA C 533 22.20 -46.68 -15.48
CA ALA C 533 23.24 -45.69 -15.74
C ALA C 533 24.65 -46.26 -15.61
N PHE C 534 24.80 -47.53 -15.27
CA PHE C 534 26.13 -48.12 -15.14
C PHE C 534 26.15 -49.54 -15.67
N ASP D 2 -31.90 24.08 -32.62
CA ASP D 2 -32.05 23.19 -33.76
C ASP D 2 -30.82 23.27 -34.65
N ALA D 3 -30.20 24.46 -34.67
CA ALA D 3 -29.00 24.66 -35.50
C ALA D 3 -27.89 23.68 -35.15
N ILE D 4 -27.88 23.15 -33.93
CA ILE D 4 -26.84 22.20 -33.58
C ILE D 4 -27.07 20.86 -34.28
N GLU D 5 -28.33 20.52 -34.59
CA GLU D 5 -28.59 19.38 -35.44
C GLU D 5 -27.94 19.56 -36.80
N GLU D 6 -28.04 20.76 -37.37
CA GLU D 6 -27.40 21.03 -38.66
C GLU D 6 -25.89 20.97 -38.54
N LYS D 7 -25.33 21.54 -37.46
CA LYS D 7 -23.88 21.51 -37.27
C LYS D 7 -23.37 20.08 -37.17
N PHE D 8 -24.14 19.20 -36.52
CA PHE D 8 -23.70 17.81 -36.41
C PHE D 8 -23.91 17.06 -37.72
N ARG D 9 -25.00 17.33 -38.43
CA ARG D 9 -25.24 16.65 -39.68
C ARG D 9 -24.30 17.11 -40.78
N GLU D 10 -23.69 18.28 -40.64
CA GLU D 10 -22.74 18.75 -41.64
C GLU D 10 -21.35 18.15 -41.45
N ARG D 11 -20.96 17.86 -40.20
CA ARG D 11 -19.64 17.30 -39.96
C ARG D 11 -19.48 15.93 -40.60
N LEU D 12 -20.57 15.22 -40.84
CA LEU D 12 -20.54 13.89 -41.44
C LEU D 12 -20.83 13.93 -42.93
N LYS D 13 -20.37 14.98 -43.63
CA LYS D 13 -20.54 15.06 -45.07
C LYS D 13 -19.32 14.57 -45.84
N GLU D 14 -18.12 15.00 -45.44
CA GLU D 14 -16.92 14.50 -46.06
C GLU D 14 -16.47 13.17 -45.48
N LEU D 15 -17.23 12.60 -44.56
CA LEU D 15 -16.92 11.33 -43.93
C LEU D 15 -17.74 10.22 -44.56
N VAL D 16 -17.17 9.02 -44.58
CA VAL D 16 -17.91 7.81 -44.94
C VAL D 16 -18.14 7.07 -43.63
N VAL D 17 -19.29 7.34 -43.03
CA VAL D 17 -19.60 6.82 -41.69
C VAL D 17 -20.15 5.41 -41.83
N PRO D 18 -19.67 4.45 -41.03
CA PRO D 18 -20.23 3.10 -41.09
C PRO D 18 -21.67 3.06 -40.62
N LYS D 19 -22.31 1.88 -40.69
CA LYS D 19 -23.74 1.82 -40.41
C LYS D 19 -24.04 1.93 -38.93
N HIS D 20 -23.23 1.30 -38.07
CA HIS D 20 -23.53 1.33 -36.65
C HIS D 20 -23.33 2.73 -36.07
N VAL D 21 -22.29 3.43 -36.51
CA VAL D 21 -22.10 4.80 -36.04
C VAL D 21 -23.26 5.67 -36.49
N MET D 22 -23.76 5.44 -37.69
CA MET D 22 -24.89 6.23 -38.18
C MET D 22 -26.15 5.93 -37.39
N ASP D 23 -26.36 4.66 -37.02
CA ASP D 23 -27.50 4.33 -36.16
C ASP D 23 -27.41 5.05 -34.82
N VAL D 24 -26.22 5.00 -34.20
CA VAL D 24 -26.05 5.66 -32.92
C VAL D 24 -26.25 7.17 -33.05
N VAL D 25 -25.76 7.74 -34.15
CA VAL D 25 -25.88 9.19 -34.33
C VAL D 25 -27.34 9.58 -34.55
N ASP D 26 -28.09 8.81 -35.33
CA ASP D 26 -29.50 9.09 -35.52
C ASP D 26 -30.26 9.00 -34.21
N GLU D 27 -30.02 7.94 -33.44
CA GLU D 27 -30.68 7.80 -32.14
C GLU D 27 -30.37 8.98 -31.24
N GLU D 28 -29.10 9.35 -31.13
CA GLU D 28 -28.72 10.44 -30.25
C GLU D 28 -29.23 11.79 -30.73
N LEU D 29 -29.33 11.99 -32.05
CA LEU D 29 -29.88 13.25 -32.56
C LEU D 29 -31.37 13.34 -32.28
N SER D 30 -32.12 12.26 -32.54
CA SER D 30 -33.54 12.28 -32.24
C SER D 30 -33.79 12.44 -30.75
N LYS D 31 -32.90 11.90 -29.91
CA LYS D 31 -33.04 12.10 -28.47
C LYS D 31 -32.74 13.55 -28.09
N LEU D 32 -31.67 14.11 -28.65
CA LEU D 32 -31.32 15.51 -28.38
C LEU D 32 -32.43 16.45 -28.82
N GLY D 33 -33.17 16.09 -29.86
CA GLY D 33 -34.27 16.93 -30.32
C GLY D 33 -35.49 16.92 -29.40
N LEU D 34 -35.32 16.39 -28.20
CA LEU D 34 -36.41 16.28 -27.23
C LEU D 34 -36.04 16.78 -25.84
N LEU D 35 -34.84 17.29 -25.65
CA LEU D 35 -34.36 17.66 -24.33
C LEU D 35 -34.50 19.16 -24.10
N ASP D 36 -34.22 19.59 -22.88
CA ASP D 36 -34.29 20.98 -22.48
C ASP D 36 -32.88 21.54 -22.34
N ASN D 37 -32.66 22.73 -22.90
CA ASN D 37 -31.31 23.28 -23.01
C ASN D 37 -30.70 23.61 -21.66
N HIS D 38 -31.46 23.39 -20.58
CA HIS D 38 -30.99 23.70 -19.24
C HIS D 38 -30.66 22.48 -18.41
N SER D 39 -31.16 21.31 -18.78
CA SER D 39 -30.90 20.08 -18.02
C SER D 39 -29.55 19.49 -18.42
N SER D 40 -28.96 18.74 -17.48
CA SER D 40 -27.67 18.12 -17.73
C SER D 40 -27.74 17.04 -18.79
N GLU D 41 -28.92 16.45 -19.01
CA GLU D 41 -29.08 15.47 -20.07
C GLU D 41 -28.72 16.07 -21.43
N PHE D 42 -29.16 17.31 -21.67
CA PHE D 42 -28.82 17.97 -22.93
C PHE D 42 -27.33 18.18 -23.05
N ASN D 43 -26.67 18.58 -21.97
CA ASN D 43 -25.23 18.78 -22.01
C ASN D 43 -24.51 17.49 -22.35
N VAL D 44 -24.89 16.39 -21.69
CA VAL D 44 -24.14 15.15 -21.92
C VAL D 44 -24.44 14.59 -23.31
N THR D 45 -25.66 14.75 -23.81
CA THR D 45 -25.98 14.27 -25.14
C THR D 45 -25.27 15.10 -26.20
N ARG D 46 -25.16 16.41 -25.99
CA ARG D 46 -24.45 17.26 -26.94
C ARG D 46 -22.95 16.97 -26.91
N ASN D 47 -22.40 16.69 -25.73
CA ASN D 47 -21.00 16.29 -25.68
C ASN D 47 -20.77 14.97 -26.42
N TYR D 48 -21.69 14.03 -26.24
CA TYR D 48 -21.57 12.75 -26.95
C TYR D 48 -21.62 12.95 -28.44
N LEU D 49 -22.53 13.80 -28.93
CA LEU D 49 -22.63 14.03 -30.36
C LEU D 49 -21.48 14.88 -30.89
N ASP D 50 -20.83 15.66 -30.03
CA ASP D 50 -19.63 16.38 -30.44
C ASP D 50 -18.47 15.39 -30.62
N TRP D 51 -18.31 14.47 -29.67
CA TRP D 51 -17.21 13.50 -29.80
C TRP D 51 -17.49 12.47 -30.88
N LEU D 52 -18.76 12.19 -31.17
CA LEU D 52 -19.09 11.18 -32.16
C LEU D 52 -18.80 11.65 -33.56
N THR D 53 -18.93 12.95 -33.82
CA THR D 53 -18.76 13.50 -35.15
C THR D 53 -17.36 14.03 -35.41
N SER D 54 -16.53 14.17 -34.38
CA SER D 54 -15.16 14.59 -34.55
C SER D 54 -14.20 13.42 -34.71
N ILE D 55 -14.70 12.30 -35.20
CA ILE D 55 -13.87 11.13 -35.53
C ILE D 55 -13.76 11.05 -37.04
N PRO D 56 -12.57 10.96 -37.60
CA PRO D 56 -12.44 10.86 -39.06
C PRO D 56 -12.84 9.48 -39.55
N TRP D 57 -14.15 9.28 -39.75
CA TRP D 57 -14.66 7.93 -39.93
C TRP D 57 -14.16 7.26 -41.20
N GLY D 58 -13.70 8.01 -42.18
CA GLY D 58 -13.09 7.38 -43.33
C GLY D 58 -11.86 8.11 -43.80
N LYS D 59 -11.55 9.24 -43.17
CA LYS D 59 -10.49 10.12 -43.64
C LYS D 59 -9.13 9.47 -43.44
N TYR D 60 -8.50 9.10 -44.54
CA TYR D 60 -7.10 8.69 -44.55
C TYR D 60 -6.24 9.82 -45.10
N SER D 61 -4.97 9.81 -44.73
CA SER D 61 -4.02 10.72 -45.31
C SER D 61 -3.45 10.13 -46.59
N ASN D 62 -3.01 10.99 -47.49
CA ASN D 62 -2.41 10.56 -48.76
C ASN D 62 -0.94 10.33 -48.50
N GLU D 63 -0.55 9.08 -48.32
CA GLU D 63 0.82 8.77 -47.97
C GLU D 63 1.75 8.93 -49.16
N ASN D 64 2.96 9.37 -48.88
CA ASN D 64 4.02 9.36 -49.88
C ASN D 64 4.56 7.95 -50.02
N LEU D 65 4.45 7.38 -51.22
CA LEU D 65 4.93 6.03 -51.48
C LEU D 65 6.10 6.00 -52.45
N ASP D 66 6.83 7.11 -52.58
CA ASP D 66 8.00 7.16 -53.43
C ASP D 66 9.20 6.74 -52.59
N LEU D 67 9.79 5.59 -52.93
CA LEU D 67 10.87 5.04 -52.13
C LEU D 67 12.07 5.97 -52.09
N ALA D 68 12.42 6.59 -53.22
CA ALA D 68 13.59 7.45 -53.25
C ALA D 68 13.37 8.71 -52.43
N ARG D 69 12.21 9.34 -52.56
CA ARG D 69 11.92 10.54 -51.80
C ARG D 69 11.94 10.26 -50.30
N ALA D 70 11.36 9.13 -49.90
CA ALA D 70 11.31 8.79 -48.47
C ALA D 70 12.69 8.43 -47.94
N GLN D 71 13.48 7.71 -48.73
CA GLN D 71 14.85 7.40 -48.33
C GLN D 71 15.65 8.69 -48.16
N ALA D 72 15.48 9.64 -49.07
CA ALA D 72 16.18 10.91 -48.94
C ALA D 72 15.70 11.69 -47.72
N VAL D 73 14.41 11.62 -47.41
CA VAL D 73 13.90 12.28 -46.22
C VAL D 73 14.49 11.66 -44.97
N LEU D 74 14.56 10.34 -44.91
CA LEU D 74 15.09 9.67 -43.72
C LEU D 74 16.57 9.94 -43.55
N GLU D 75 17.34 9.86 -44.64
CA GLU D 75 18.79 9.94 -44.55
C GLU D 75 19.29 11.32 -44.19
N GLU D 76 18.47 12.35 -44.37
CA GLU D 76 18.89 13.72 -44.09
C GLU D 76 18.32 14.26 -42.80
N ASP D 77 17.68 13.41 -42.00
CA ASP D 77 17.18 13.81 -40.69
C ASP D 77 17.95 13.20 -39.53
N HIS D 78 18.35 11.94 -39.67
CA HIS D 78 19.13 11.23 -38.67
C HIS D 78 20.29 10.54 -39.38
N TYR D 79 21.15 9.90 -38.59
CA TYR D 79 22.36 9.30 -39.12
C TYR D 79 22.46 7.85 -38.67
N GLY D 80 22.62 6.95 -39.62
CA GLY D 80 23.05 5.60 -39.33
C GLY D 80 22.05 4.70 -38.64
N MET D 81 20.80 5.11 -38.49
CA MET D 81 19.79 4.22 -37.91
C MET D 81 19.38 3.24 -39.00
N GLU D 82 20.22 2.23 -39.20
CA GLU D 82 20.10 1.40 -40.39
C GLU D 82 18.86 0.51 -40.32
N ASP D 83 18.66 -0.18 -39.20
CA ASP D 83 17.56 -1.12 -39.10
C ASP D 83 16.22 -0.41 -39.20
N VAL D 84 16.08 0.74 -38.54
CA VAL D 84 14.81 1.47 -38.55
C VAL D 84 14.48 1.94 -39.96
N LYS D 85 15.48 2.47 -40.67
CA LYS D 85 15.24 2.94 -42.03
C LYS D 85 14.92 1.79 -42.96
N LYS D 86 15.67 0.69 -42.86
CA LYS D 86 15.36 -0.48 -43.69
C LYS D 86 13.94 -0.96 -43.42
N ARG D 87 13.51 -0.95 -42.16
CA ARG D 87 12.17 -1.38 -41.83
C ARG D 87 11.13 -0.46 -42.47
N ILE D 88 11.33 0.85 -42.38
CA ILE D 88 10.35 1.77 -42.95
C ILE D 88 10.33 1.68 -44.48
N LEU D 89 11.48 1.42 -45.10
CA LEU D 89 11.50 1.25 -46.54
C LEU D 89 10.77 -0.02 -46.95
N GLU D 90 10.94 -1.10 -46.20
CA GLU D 90 10.16 -2.31 -46.47
C GLU D 90 8.68 -2.05 -46.27
N PHE D 91 8.33 -1.25 -45.27
CA PHE D 91 6.95 -0.87 -45.03
C PHE D 91 6.36 -0.18 -46.25
N ILE D 92 7.07 0.81 -46.80
CA ILE D 92 6.61 1.49 -48.00
C ILE D 92 6.51 0.51 -49.16
N ALA D 93 7.52 -0.34 -49.33
CA ALA D 93 7.51 -1.31 -50.42
C ALA D 93 6.28 -2.19 -50.37
N VAL D 94 5.90 -2.65 -49.19
CA VAL D 94 4.73 -3.52 -49.05
C VAL D 94 3.46 -2.74 -49.32
N SER D 95 3.34 -1.53 -48.76
CA SER D 95 2.15 -0.73 -49.00
C SER D 95 2.00 -0.39 -50.47
N GLN D 96 3.10 -0.34 -51.20
CA GLN D 96 3.06 -0.05 -52.63
C GLN D 96 2.73 -1.29 -53.44
N LEU D 97 3.25 -2.44 -53.01
CA LEU D 97 2.99 -3.68 -53.73
C LEU D 97 1.58 -4.20 -53.50
N ARG D 98 0.92 -3.81 -52.41
CA ARG D 98 -0.48 -4.16 -52.21
C ARG D 98 -1.42 -3.01 -52.53
N GLY D 99 -0.89 -1.81 -52.77
CA GLY D 99 -1.69 -0.70 -53.24
C GLY D 99 -2.49 0.02 -52.18
N SER D 100 -2.64 -0.54 -50.99
CA SER D 100 -3.44 0.06 -49.95
C SER D 100 -2.58 0.34 -48.72
N THR D 101 -3.05 1.29 -47.92
CA THR D 101 -2.38 1.62 -46.68
C THR D 101 -2.49 0.45 -45.70
N GLN D 102 -1.67 0.50 -44.65
CA GLN D 102 -1.61 -0.60 -43.70
C GLN D 102 -1.12 -0.07 -42.37
N GLY D 103 -1.04 -0.95 -41.39
CA GLY D 103 -0.61 -0.55 -40.06
C GLY D 103 0.14 -1.68 -39.40
N LYS D 104 1.13 -1.31 -38.59
CA LYS D 104 1.96 -2.27 -37.89
C LYS D 104 2.14 -1.77 -36.46
N ILE D 105 2.83 -2.59 -35.66
CA ILE D 105 3.11 -2.25 -34.27
C ILE D 105 4.58 -2.57 -34.02
N LEU D 106 5.43 -1.55 -34.03
CA LEU D 106 6.86 -1.70 -33.84
C LEU D 106 7.27 -1.22 -32.45
N CYS D 107 8.45 -1.63 -32.03
CA CYS D 107 9.03 -1.17 -30.78
C CYS D 107 10.50 -0.91 -31.00
N PHE D 108 10.92 0.35 -30.85
CA PHE D 108 12.32 0.73 -30.88
C PHE D 108 12.84 0.71 -29.45
N TYR D 109 13.88 -0.07 -29.20
CA TYR D 109 14.47 -0.10 -27.88
C TYR D 109 15.97 0.03 -27.95
N GLY D 110 16.54 0.76 -26.99
CA GLY D 110 17.96 0.98 -26.92
C GLY D 110 18.31 1.92 -25.79
N PRO D 111 19.58 2.26 -25.66
CA PRO D 111 20.01 3.16 -24.58
C PRO D 111 19.38 4.54 -24.74
N PRO D 112 19.46 5.38 -23.72
CA PRO D 112 18.88 6.71 -23.84
C PRO D 112 19.67 7.61 -24.78
N GLY D 113 18.96 8.54 -25.39
CA GLY D 113 19.59 9.57 -26.21
C GLY D 113 20.04 9.13 -27.58
N VAL D 114 19.53 8.02 -28.10
CA VAL D 114 19.95 7.51 -29.39
C VAL D 114 18.92 7.83 -30.48
N GLY D 115 18.09 8.84 -30.27
CA GLY D 115 17.19 9.28 -31.32
C GLY D 115 16.03 8.35 -31.60
N LYS D 116 15.50 7.69 -30.58
CA LYS D 116 14.33 6.83 -30.79
C LYS D 116 13.08 7.66 -30.99
N THR D 117 12.88 8.69 -30.16
CA THR D 117 11.64 9.44 -30.20
C THR D 117 11.64 10.54 -31.25
N SER D 118 12.77 10.83 -31.87
CA SER D 118 12.84 11.80 -32.95
C SER D 118 12.79 11.16 -34.33
N ILE D 119 13.33 9.95 -34.48
CA ILE D 119 13.13 9.22 -35.71
C ILE D 119 11.66 8.93 -35.94
N ALA D 120 10.84 8.94 -34.88
CA ALA D 120 9.41 8.79 -35.07
C ALA D 120 8.83 9.98 -35.83
N ARG D 121 9.19 11.20 -35.45
CA ARG D 121 8.75 12.37 -36.19
C ARG D 121 9.31 12.37 -37.60
N SER D 122 10.59 11.98 -37.75
CA SER D 122 11.18 11.93 -39.07
C SER D 122 10.43 10.94 -39.96
N ILE D 123 10.03 9.80 -39.41
CA ILE D 123 9.29 8.80 -40.18
C ILE D 123 7.90 9.31 -40.52
N ALA D 124 7.24 9.99 -39.57
CA ALA D 124 5.93 10.56 -39.86
C ALA D 124 6.02 11.57 -41.00
N ARG D 125 7.11 12.33 -41.06
CA ARG D 125 7.28 13.26 -42.17
C ARG D 125 7.60 12.52 -43.47
N ALA D 126 8.41 11.46 -43.38
CA ALA D 126 8.77 10.70 -44.57
C ALA D 126 7.56 9.99 -45.17
N LEU D 127 6.62 9.59 -44.34
CA LEU D 127 5.44 8.85 -44.78
C LEU D 127 4.25 9.74 -45.07
N ASN D 128 4.34 11.03 -44.77
CA ASN D 128 3.22 11.95 -44.88
C ASN D 128 2.03 11.47 -44.05
N ARG D 129 2.31 11.02 -42.83
CA ARG D 129 1.27 10.67 -41.88
C ARG D 129 1.12 11.81 -40.89
N GLU D 130 0.19 11.64 -39.96
CA GLU D 130 0.00 12.59 -38.87
C GLU D 130 0.56 11.99 -37.59
N TYR D 131 1.27 12.81 -36.83
CA TYR D 131 2.07 12.34 -35.71
C TYR D 131 1.40 12.72 -34.39
N PHE D 132 1.44 11.78 -33.44
CA PHE D 132 0.84 12.01 -32.13
C PHE D 132 1.73 11.40 -31.07
N ARG D 133 2.05 12.19 -30.04
CA ARG D 133 2.84 11.73 -28.92
C ARG D 133 1.92 11.21 -27.83
N PHE D 134 2.41 10.21 -27.11
CA PHE D 134 1.56 9.50 -26.15
C PHE D 134 2.50 8.81 -25.16
N SER D 135 2.63 9.39 -23.98
CA SER D 135 3.55 8.88 -22.97
C SER D 135 2.80 7.98 -22.01
N VAL D 136 3.46 6.88 -21.62
CA VAL D 136 2.87 5.88 -20.74
C VAL D 136 3.71 5.63 -19.49
N GLY D 137 4.96 6.10 -19.47
CA GLY D 137 5.81 5.93 -18.31
C GLY D 137 5.17 6.39 -17.02
N GLY D 138 5.10 5.49 -16.04
CA GLY D 138 4.50 5.83 -14.76
C GLY D 138 3.00 5.99 -14.77
N MET D 139 2.34 5.57 -15.84
CA MET D 139 0.88 5.63 -15.89
C MET D 139 0.27 4.51 -15.05
N THR D 140 -0.87 4.81 -14.44
CA THR D 140 -1.53 3.86 -13.56
C THR D 140 -3.02 3.72 -13.78
N ASP D 141 -3.66 4.62 -14.52
CA ASP D 141 -5.10 4.58 -14.72
C ASP D 141 -5.41 4.05 -16.11
N VAL D 142 -6.22 3.00 -16.18
CA VAL D 142 -6.61 2.44 -17.47
C VAL D 142 -7.57 3.37 -18.20
N ALA D 143 -8.22 4.27 -17.47
CA ALA D 143 -9.15 5.21 -18.08
C ALA D 143 -8.47 6.22 -18.99
N GLU D 144 -7.14 6.26 -19.01
CA GLU D 144 -6.44 7.07 -19.99
C GLU D 144 -6.39 6.41 -21.35
N ILE D 145 -6.60 5.10 -21.41
CA ILE D 145 -6.59 4.36 -22.67
C ILE D 145 -8.02 4.01 -23.07
N LYS D 146 -8.86 3.72 -22.08
CA LYS D 146 -10.21 3.24 -22.35
C LYS D 146 -11.32 4.21 -21.99
N GLY D 147 -11.04 5.27 -21.25
CA GLY D 147 -12.04 6.27 -20.96
C GLY D 147 -13.14 5.85 -20.00
N HIS D 148 -13.99 6.78 -19.60
CA HIS D 148 -15.11 6.53 -18.69
C HIS D 148 -16.43 6.64 -19.43
N ARG D 149 -17.47 6.09 -18.81
CA ARG D 149 -18.81 6.20 -19.37
C ARG D 149 -19.26 7.64 -19.42
N ARG D 150 -20.24 7.91 -20.29
CA ARG D 150 -20.85 9.23 -20.31
C ARG D 150 -21.50 9.58 -18.98
N THR D 151 -21.83 8.59 -18.16
CA THR D 151 -22.57 8.84 -16.93
C THR D 151 -21.78 9.72 -15.98
N TYR D 152 -20.51 9.42 -15.79
CA TYR D 152 -19.69 10.18 -14.86
C TYR D 152 -19.49 11.61 -15.37
N VAL D 153 -19.08 12.48 -14.47
CA VAL D 153 -18.95 13.90 -14.81
C VAL D 153 -17.65 14.18 -15.55
N GLY D 154 -16.51 13.92 -14.92
CA GLY D 154 -15.24 14.14 -15.58
C GLY D 154 -14.90 13.03 -16.55
N ALA D 155 -15.69 12.90 -17.61
CA ALA D 155 -15.63 11.75 -18.50
C ALA D 155 -15.12 12.19 -19.87
N MET D 156 -13.93 11.73 -20.23
CA MET D 156 -13.32 11.96 -21.52
C MET D 156 -13.08 10.63 -22.22
N PRO D 157 -12.99 10.62 -23.54
CA PRO D 157 -12.95 9.34 -24.26
C PRO D 157 -11.58 8.69 -24.35
N GLY D 158 -10.64 9.08 -23.50
CA GLY D 158 -9.35 8.43 -23.50
C GLY D 158 -8.44 8.94 -24.60
N LYS D 159 -7.19 8.50 -24.56
CA LYS D 159 -6.13 9.16 -25.31
C LYS D 159 -6.17 8.84 -26.80
N ILE D 160 -6.63 7.65 -27.18
CA ILE D 160 -6.62 7.29 -28.59
C ILE D 160 -7.71 8.02 -29.35
N ILE D 161 -8.86 8.23 -28.73
CA ILE D 161 -9.93 8.97 -29.39
C ILE D 161 -9.54 10.44 -29.50
N GLN D 162 -8.90 10.99 -28.47
CA GLN D 162 -8.37 12.35 -28.58
C GLN D 162 -7.32 12.44 -29.67
N CYS D 163 -6.53 11.39 -29.85
CA CYS D 163 -5.57 11.35 -30.95
C CYS D 163 -6.30 11.43 -32.29
N LEU D 164 -7.29 10.58 -32.49
CA LEU D 164 -8.02 10.57 -33.76
C LEU D 164 -8.71 11.90 -34.00
N LYS D 165 -9.13 12.59 -32.94
CA LYS D 165 -9.73 13.90 -33.11
C LYS D 165 -8.71 14.98 -33.43
N LYS D 166 -7.50 14.86 -32.89
CA LYS D 166 -6.48 15.87 -33.14
C LYS D 166 -5.84 15.72 -34.52
N THR D 167 -5.60 14.48 -34.95
CA THR D 167 -4.91 14.25 -36.20
C THR D 167 -5.83 14.27 -37.40
N LYS D 168 -7.12 14.11 -37.20
CA LYS D 168 -8.16 14.20 -38.24
C LYS D 168 -8.00 13.18 -39.34
N THR D 169 -7.06 12.25 -39.22
CA THR D 169 -6.93 11.14 -40.15
C THR D 169 -7.01 9.83 -39.38
N GLU D 170 -7.48 8.79 -40.05
CA GLU D 170 -7.69 7.51 -39.41
C GLU D 170 -6.48 6.61 -39.47
N ASN D 171 -5.38 7.06 -40.09
CA ASN D 171 -4.12 6.31 -40.09
C ASN D 171 -2.96 7.20 -39.65
N PRO D 172 -2.99 7.68 -38.42
CA PRO D 172 -1.86 8.49 -37.95
C PRO D 172 -0.66 7.64 -37.60
N LEU D 173 0.35 8.27 -37.00
CA LEU D 173 1.50 7.57 -36.44
C LEU D 173 1.53 7.91 -34.96
N ILE D 174 1.26 6.93 -34.11
CA ILE D 174 1.14 7.14 -32.67
C ILE D 174 2.39 6.60 -32.00
N LEU D 175 3.05 7.42 -31.19
CA LEU D 175 4.29 7.06 -30.51
C LEU D 175 3.95 6.81 -29.05
N ILE D 176 3.75 5.54 -28.70
CA ILE D 176 3.45 5.14 -27.33
C ILE D 176 4.78 5.09 -26.58
N ASP D 177 5.08 6.14 -25.87
CA ASP D 177 6.42 6.35 -25.35
C ASP D 177 6.57 5.69 -23.98
N GLU D 178 7.73 5.03 -23.78
CA GLU D 178 8.09 4.43 -22.50
C GLU D 178 7.09 3.36 -22.07
N VAL D 179 7.01 2.30 -22.87
CA VAL D 179 6.18 1.16 -22.49
C VAL D 179 6.87 0.23 -21.50
N ASP D 180 8.16 0.43 -21.24
CA ASP D 180 8.87 -0.38 -20.26
C ASP D 180 8.73 0.16 -18.85
N LYS D 181 8.27 1.41 -18.69
CA LYS D 181 8.13 2.05 -17.38
C LYS D 181 6.67 2.34 -17.07
N ILE D 182 5.78 1.46 -17.46
CA ILE D 182 4.36 1.65 -17.19
C ILE D 182 4.05 1.08 -15.80
N GLY D 183 3.30 1.83 -15.02
CA GLY D 183 2.96 1.42 -13.67
C GLY D 183 2.03 0.23 -13.60
N PRO D 190 -3.76 -1.75 -16.11
CA PRO D 190 -3.09 -0.53 -16.63
C PRO D 190 -2.33 -0.82 -17.92
N SER D 191 -1.77 -2.03 -17.99
CA SER D 191 -1.09 -2.50 -19.18
C SER D 191 -1.88 -3.54 -19.94
N SER D 192 -3.01 -4.00 -19.39
CA SER D 192 -3.87 -4.94 -20.08
C SER D 192 -4.80 -4.24 -21.07
N ALA D 193 -4.87 -2.92 -21.04
CA ALA D 193 -5.58 -2.19 -22.08
C ALA D 193 -4.77 -2.12 -23.37
N LEU D 194 -3.45 -2.04 -23.24
CA LEU D 194 -2.60 -2.05 -24.43
C LEU D 194 -2.66 -3.40 -25.13
N LEU D 195 -2.87 -4.48 -24.38
CA LEU D 195 -3.04 -5.79 -25.00
C LEU D 195 -4.18 -5.79 -26.00
N GLU D 196 -5.17 -4.93 -25.81
CA GLU D 196 -6.26 -4.80 -26.76
C GLU D 196 -5.98 -3.71 -27.79
N LEU D 197 -5.41 -2.59 -27.35
CA LEU D 197 -5.14 -1.48 -28.25
C LEU D 197 -4.32 -1.94 -29.45
N LEU D 198 -3.26 -2.70 -29.21
CA LEU D 198 -2.36 -3.17 -30.25
C LEU D 198 -2.37 -4.69 -30.27
N ASP D 199 -3.36 -5.25 -30.94
CA ASP D 199 -3.54 -6.66 -31.19
C ASP D 199 -4.33 -6.82 -32.47
N PRO D 200 -3.69 -7.24 -33.57
CA PRO D 200 -4.38 -7.26 -34.87
C PRO D 200 -5.74 -7.93 -34.87
N GLU D 201 -5.98 -8.89 -33.98
CA GLU D 201 -7.32 -9.48 -33.87
C GLU D 201 -8.33 -8.44 -33.41
N GLN D 202 -8.17 -7.94 -32.19
CA GLN D 202 -9.12 -6.99 -31.62
C GLN D 202 -8.93 -5.58 -32.14
N ASN D 203 -7.83 -5.31 -32.84
CA ASN D 203 -7.47 -3.95 -33.19
C ASN D 203 -8.50 -3.30 -34.10
N ALA D 204 -9.17 -4.09 -34.94
CA ALA D 204 -10.09 -3.54 -35.91
C ALA D 204 -11.36 -2.99 -35.29
N ASN D 205 -11.70 -3.43 -34.08
CA ASN D 205 -12.85 -2.92 -33.34
C ASN D 205 -12.36 -2.57 -31.94
N PHE D 206 -11.82 -1.37 -31.77
CA PHE D 206 -11.35 -0.91 -30.48
C PHE D 206 -12.48 -0.21 -29.75
N LEU D 207 -12.80 -0.68 -28.56
CA LEU D 207 -13.96 -0.20 -27.82
C LEU D 207 -13.49 0.77 -26.75
N ASP D 208 -13.69 2.06 -27.00
CA ASP D 208 -13.49 3.08 -26.00
C ASP D 208 -14.75 3.18 -25.16
N HIS D 209 -14.59 3.19 -23.83
CA HIS D 209 -15.75 3.10 -22.96
C HIS D 209 -16.62 4.34 -23.02
N TYR D 210 -16.09 5.48 -23.46
CA TYR D 210 -16.91 6.67 -23.59
C TYR D 210 -17.76 6.61 -24.84
N LEU D 211 -17.14 6.38 -26.00
CA LEU D 211 -17.89 6.36 -27.24
C LEU D 211 -18.95 5.27 -27.26
N ASP D 212 -18.62 4.09 -26.75
CA ASP D 212 -19.49 2.92 -26.83
C ASP D 212 -19.80 2.55 -28.28
N VAL D 213 -18.88 2.85 -29.18
CA VAL D 213 -19.02 2.47 -30.58
C VAL D 213 -17.61 2.19 -31.12
N PRO D 214 -17.37 1.04 -31.73
CA PRO D 214 -15.99 0.62 -31.97
C PRO D 214 -15.34 1.38 -33.11
N VAL D 215 -14.05 1.67 -32.94
CA VAL D 215 -13.26 2.34 -33.96
C VAL D 215 -12.36 1.31 -34.63
N ASP D 216 -11.74 1.72 -35.74
CA ASP D 216 -10.92 0.81 -36.54
C ASP D 216 -9.49 1.34 -36.57
N LEU D 217 -8.66 0.83 -35.65
CA LEU D 217 -7.26 1.21 -35.57
C LEU D 217 -6.37 0.29 -36.38
N SER D 218 -6.92 -0.43 -37.35
CA SER D 218 -6.12 -1.42 -38.07
C SER D 218 -5.11 -0.79 -39.01
N LYS D 219 -5.13 0.52 -39.19
CA LYS D 219 -4.24 1.19 -40.13
C LYS D 219 -3.40 2.27 -39.47
N VAL D 220 -3.33 2.26 -38.15
CA VAL D 220 -2.46 3.14 -37.41
C VAL D 220 -1.09 2.47 -37.27
N LEU D 221 -0.03 3.23 -37.50
CA LEU D 221 1.32 2.72 -37.30
C LEU D 221 1.74 3.04 -35.88
N PHE D 222 1.72 2.04 -35.01
CA PHE D 222 2.11 2.22 -33.63
C PHE D 222 3.61 2.01 -33.50
N ILE D 223 4.26 2.90 -32.76
CA ILE D 223 5.68 2.79 -32.48
C ILE D 223 5.88 2.98 -30.98
N CYS D 224 6.42 1.96 -30.33
CA CYS D 224 6.70 2.01 -28.91
C CYS D 224 8.21 2.16 -28.70
N THR D 225 8.57 2.87 -27.65
CA THR D 225 9.97 3.07 -27.29
C THR D 225 10.23 2.52 -25.90
N ALA D 226 11.40 1.92 -25.72
CA ALA D 226 11.79 1.40 -24.42
C ALA D 226 13.30 1.48 -24.30
N ASN D 227 13.79 1.31 -23.08
CA ASN D 227 15.22 1.16 -22.87
C ASN D 227 15.62 -0.28 -22.64
N VAL D 228 14.74 -1.07 -22.04
CA VAL D 228 14.96 -2.50 -21.85
C VAL D 228 13.67 -3.22 -22.18
N THR D 229 13.80 -4.49 -22.55
CA THR D 229 12.64 -5.32 -22.86
C THR D 229 12.28 -6.26 -21.72
N ASP D 230 12.99 -6.21 -20.60
CA ASP D 230 12.72 -7.14 -19.51
C ASP D 230 11.54 -6.70 -18.66
N THR D 231 11.25 -5.41 -18.61
CA THR D 231 10.13 -4.91 -17.82
C THR D 231 8.84 -4.81 -18.61
N ILE D 232 8.83 -5.28 -19.86
CA ILE D 232 7.60 -5.31 -20.65
C ILE D 232 6.91 -6.64 -20.40
N PRO D 233 5.60 -6.66 -20.13
CA PRO D 233 4.91 -7.93 -19.92
C PRO D 233 5.02 -8.82 -21.13
N GLU D 234 5.11 -10.13 -20.87
CA GLU D 234 5.34 -11.09 -21.94
C GLU D 234 4.30 -11.04 -23.06
N PRO D 235 2.99 -10.93 -22.78
CA PRO D 235 2.05 -10.82 -23.92
C PRO D 235 2.23 -9.55 -24.72
N LEU D 236 2.60 -8.45 -24.06
CA LEU D 236 2.78 -7.20 -24.79
C LEU D 236 4.02 -7.26 -25.67
N ARG D 237 5.11 -7.85 -25.18
CA ARG D 237 6.23 -8.15 -26.05
C ARG D 237 5.83 -9.11 -27.17
N ASP D 238 4.87 -9.99 -26.91
CA ASP D 238 4.43 -10.90 -27.96
C ASP D 238 3.65 -10.16 -29.04
N ARG D 239 2.99 -9.06 -28.69
CA ARG D 239 2.21 -8.33 -29.67
C ARG D 239 3.09 -7.60 -30.68
N MET D 240 4.10 -6.88 -30.19
CA MET D 240 4.82 -5.91 -31.00
C MET D 240 6.18 -6.42 -31.45
N GLU D 241 6.66 -5.81 -32.52
CA GLU D 241 7.91 -6.21 -33.16
C GLU D 241 9.06 -5.37 -32.62
N MET D 242 10.14 -6.04 -32.22
CA MET D 242 11.26 -5.40 -31.56
C MET D 242 12.34 -5.06 -32.56
N ILE D 243 12.77 -3.80 -32.56
CA ILE D 243 13.83 -3.30 -33.44
C ILE D 243 14.82 -2.55 -32.57
N ASN D 244 16.06 -3.02 -32.56
CA ASN D 244 17.08 -2.46 -31.68
C ASN D 244 17.67 -1.18 -32.28
N VAL D 245 17.81 -0.16 -31.45
CA VAL D 245 18.47 1.09 -31.83
C VAL D 245 19.65 1.22 -30.89
N SER D 246 20.82 0.75 -31.33
CA SER D 246 21.97 0.69 -30.45
C SER D 246 22.69 2.03 -30.40
N GLY D 247 23.55 2.18 -29.41
CA GLY D 247 24.33 3.39 -29.27
C GLY D 247 25.45 3.49 -30.27
N TYR D 248 25.98 4.70 -30.41
CA TYR D 248 26.94 5.01 -31.45
C TYR D 248 28.37 4.93 -30.91
N VAL D 249 29.29 4.56 -31.80
CA VAL D 249 30.71 4.55 -31.50
C VAL D 249 31.25 5.95 -31.69
N ALA D 250 32.51 6.18 -31.30
CA ALA D 250 33.07 7.53 -31.33
C ALA D 250 33.00 8.15 -32.72
N GLN D 251 33.18 7.34 -33.77
CA GLN D 251 33.15 7.88 -35.12
C GLN D 251 31.75 8.31 -35.51
N GLU D 252 30.74 7.52 -35.12
CA GLU D 252 29.37 7.92 -35.40
C GLU D 252 28.98 9.15 -34.59
N LYS D 253 29.44 9.23 -33.35
CA LYS D 253 29.21 10.42 -32.55
C LYS D 253 29.84 11.64 -33.21
N LEU D 254 31.03 11.47 -33.79
CA LEU D 254 31.67 12.59 -34.48
C LEU D 254 30.88 13.00 -35.71
N ALA D 255 30.42 12.03 -36.49
CA ALA D 255 29.61 12.36 -37.67
C ALA D 255 28.33 13.08 -37.28
N ILE D 256 27.68 12.61 -36.22
CA ILE D 256 26.45 13.26 -35.76
C ILE D 256 26.74 14.68 -35.31
N ALA D 257 27.81 14.88 -34.54
CA ALA D 257 28.13 16.22 -34.07
C ALA D 257 28.44 17.15 -35.24
N GLU D 258 29.18 16.66 -36.22
CA GLU D 258 29.55 17.51 -37.35
C GLU D 258 28.35 17.85 -38.21
N ARG D 259 27.41 16.92 -38.36
CA ARG D 259 26.36 17.07 -39.36
C ARG D 259 25.04 17.57 -38.80
N TYR D 260 24.72 17.29 -37.53
CA TYR D 260 23.40 17.59 -37.01
C TYR D 260 23.44 18.41 -35.73
N LEU D 261 24.42 18.18 -34.87
CA LEU D 261 24.39 18.79 -33.56
C LEU D 261 24.95 20.20 -33.54
N VAL D 262 26.02 20.46 -34.28
CA VAL D 262 26.62 21.80 -34.28
C VAL D 262 25.77 22.76 -35.10
N PRO D 263 25.33 22.41 -36.32
CA PRO D 263 24.42 23.31 -37.05
C PRO D 263 23.15 23.65 -36.27
N GLN D 264 22.52 22.65 -35.65
CA GLN D 264 21.30 22.92 -34.92
C GLN D 264 21.54 23.75 -33.68
N ALA D 265 22.69 23.57 -33.01
CA ALA D 265 22.98 24.38 -31.84
C ALA D 265 23.34 25.81 -32.23
N ARG D 266 23.94 26.01 -33.41
CA ARG D 266 24.12 27.36 -33.92
C ARG D 266 22.80 28.03 -34.23
N ALA D 267 21.90 27.29 -34.89
CA ALA D 267 20.56 27.84 -35.14
C ALA D 267 19.87 28.20 -33.84
N LEU D 268 20.02 27.36 -32.81
CA LEU D 268 19.35 27.61 -31.55
C LEU D 268 19.99 28.76 -30.78
N CYS D 269 21.29 28.95 -30.91
CA CYS D 269 22.00 30.05 -30.28
C CYS D 269 22.06 31.29 -31.16
N GLY D 270 21.45 31.26 -32.34
CA GLY D 270 21.42 32.42 -33.21
C GLY D 270 22.78 32.84 -33.72
N LEU D 271 23.68 31.89 -33.95
CA LEU D 271 25.01 32.20 -34.42
C LEU D 271 25.07 32.09 -35.95
N ASP D 272 26.26 32.21 -36.50
CA ASP D 272 26.54 31.94 -37.90
C ASP D 272 27.72 30.98 -37.96
N GLU D 273 27.87 30.33 -39.11
CA GLU D 273 28.99 29.42 -39.26
C GLU D 273 30.32 30.17 -39.26
N SER D 274 30.34 31.38 -39.80
CA SER D 274 31.57 32.16 -39.83
C SER D 274 31.96 32.65 -38.44
N LYS D 275 30.97 32.88 -37.56
CA LYS D 275 31.27 33.42 -36.24
C LYS D 275 31.87 32.37 -35.32
N ALA D 276 31.13 31.29 -35.07
CA ALA D 276 31.55 30.23 -34.18
C ALA D 276 31.95 29.01 -34.99
N LYS D 277 33.16 28.51 -34.75
CA LYS D 277 33.67 27.32 -35.44
C LYS D 277 34.20 26.33 -34.42
N LEU D 278 33.97 25.04 -34.69
CA LEU D 278 34.47 23.95 -33.86
C LEU D 278 35.12 22.93 -34.78
N SER D 279 36.44 22.78 -34.67
CA SER D 279 37.13 21.80 -35.50
C SER D 279 36.73 20.39 -35.10
N SER D 280 37.12 19.43 -35.94
CA SER D 280 36.83 18.03 -35.62
C SER D 280 37.64 17.55 -34.42
N ASP D 281 38.80 18.15 -34.20
CA ASP D 281 39.61 17.76 -33.03
C ASP D 281 38.90 18.15 -31.74
N VAL D 282 38.28 19.32 -31.70
CA VAL D 282 37.54 19.74 -30.52
C VAL D 282 36.37 18.79 -30.26
N LEU D 283 35.69 18.38 -31.33
CA LEU D 283 34.54 17.49 -31.16
C LEU D 283 34.98 16.12 -30.70
N THR D 284 36.09 15.60 -31.25
CA THR D 284 36.62 14.33 -30.77
C THR D 284 37.04 14.43 -29.31
N LEU D 285 37.62 15.57 -28.93
CA LEU D 285 38.03 15.76 -27.54
C LEU D 285 36.81 15.74 -26.62
N LEU D 286 35.77 16.48 -27.00
CA LEU D 286 34.53 16.44 -26.23
C LEU D 286 34.03 15.01 -26.09
N ILE D 287 33.84 14.32 -27.22
CA ILE D 287 33.26 12.99 -27.21
C ILE D 287 34.09 12.03 -26.36
N LYS D 288 35.42 12.19 -26.39
CA LYS D 288 36.28 11.23 -25.71
C LYS D 288 36.44 11.55 -24.22
N GLN D 289 36.32 12.81 -23.82
CA GLN D 289 36.72 13.18 -22.47
C GLN D 289 35.64 13.85 -21.63
N TYR D 290 34.68 14.55 -22.22
CA TYR D 290 33.73 15.32 -21.46
C TYR D 290 32.37 14.67 -21.35
N CYS D 291 32.15 13.54 -22.00
CA CYS D 291 30.87 12.86 -21.94
C CYS D 291 31.11 11.37 -22.02
N ARG D 292 30.32 10.60 -21.28
CA ARG D 292 30.48 9.15 -21.22
C ARG D 292 29.08 8.54 -21.22
N GLU D 293 28.59 8.20 -22.40
CA GLU D 293 27.28 7.58 -22.56
C GLU D 293 27.23 6.94 -23.94
N SER D 294 26.05 6.40 -24.28
CA SER D 294 25.86 5.70 -25.54
C SER D 294 25.30 6.58 -26.65
N GLY D 295 24.45 7.54 -26.33
CA GLY D 295 23.85 8.36 -27.36
C GLY D 295 24.17 9.83 -27.19
N VAL D 296 24.04 10.62 -28.25
CA VAL D 296 24.48 12.00 -28.20
C VAL D 296 23.43 12.85 -27.50
N ARG D 297 23.48 12.87 -26.18
CA ARG D 297 22.58 13.67 -25.36
C ARG D 297 23.32 14.67 -24.48
N ASN D 298 24.41 14.24 -23.84
CA ASN D 298 25.24 15.18 -23.12
C ASN D 298 26.20 15.91 -24.05
N LEU D 299 26.53 15.29 -25.19
CA LEU D 299 27.33 15.98 -26.19
C LEU D 299 26.58 17.17 -26.76
N GLN D 300 25.26 17.03 -26.92
CA GLN D 300 24.44 18.16 -27.34
C GLN D 300 24.55 19.30 -26.33
N LYS D 301 24.53 18.99 -25.04
CA LYS D 301 24.64 20.01 -24.01
C LYS D 301 26.01 20.66 -24.02
N GLN D 302 27.07 19.88 -24.23
CA GLN D 302 28.40 20.48 -24.29
C GLN D 302 28.55 21.40 -25.48
N VAL D 303 28.02 20.98 -26.63
CA VAL D 303 28.06 21.82 -27.83
C VAL D 303 27.30 23.12 -27.59
N GLU D 304 26.11 23.01 -27.01
CA GLU D 304 25.31 24.21 -26.73
C GLU D 304 26.02 25.13 -25.76
N LYS D 305 26.71 24.57 -24.77
CA LYS D 305 27.47 25.39 -23.83
C LYS D 305 28.59 26.14 -24.52
N VAL D 306 29.36 25.45 -25.37
CA VAL D 306 30.45 26.10 -26.08
C VAL D 306 29.90 27.23 -26.95
N LEU D 307 28.79 26.98 -27.64
CA LEU D 307 28.24 28.00 -28.52
C LEU D 307 27.64 29.16 -27.72
N ARG D 308 27.11 28.90 -26.53
CA ARG D 308 26.61 29.99 -25.71
C ARG D 308 27.74 30.91 -25.28
N LYS D 309 28.83 30.32 -24.79
CA LYS D 309 29.94 31.17 -24.37
C LYS D 309 30.55 31.91 -25.57
N SER D 310 30.50 31.31 -26.76
CA SER D 310 30.92 32.03 -27.96
C SER D 310 29.99 33.21 -28.25
N ALA D 311 28.68 32.97 -28.16
CA ALA D 311 27.72 34.07 -28.35
C ALA D 311 27.97 35.19 -27.37
N TYR D 312 28.35 34.86 -26.13
CA TYR D 312 28.63 35.91 -25.17
C TYR D 312 29.89 36.67 -25.53
N LYS D 313 30.96 35.95 -25.87
CA LYS D 313 32.19 36.63 -26.26
C LYS D 313 31.99 37.50 -27.49
N ILE D 314 30.97 37.21 -28.31
CA ILE D 314 30.71 38.05 -29.48
C ILE D 314 29.86 39.25 -29.09
N VAL D 315 28.67 39.01 -28.53
CA VAL D 315 27.75 40.10 -28.22
C VAL D 315 28.37 41.08 -27.24
N SER D 316 29.07 40.57 -26.23
CA SER D 316 29.64 41.43 -25.21
C SER D 316 30.68 42.38 -25.77
N GLY D 317 31.42 41.93 -26.78
CA GLY D 317 32.38 42.79 -27.43
C GLY D 317 33.82 42.36 -27.32
N GLU D 318 34.06 41.13 -26.87
CA GLU D 318 35.43 40.63 -26.82
C GLU D 318 36.02 40.52 -28.22
N ALA D 319 35.46 39.64 -29.05
CA ALA D 319 36.01 39.38 -30.37
C ALA D 319 34.88 39.32 -31.39
N GLU D 320 35.26 39.31 -32.67
CA GLU D 320 34.30 39.22 -33.75
C GLU D 320 34.13 37.80 -34.28
N SER D 321 35.03 36.90 -33.94
CA SER D 321 34.91 35.51 -34.33
C SER D 321 35.63 34.65 -33.30
N VAL D 322 35.00 33.53 -32.95
CA VAL D 322 35.56 32.59 -31.98
C VAL D 322 35.94 31.32 -32.73
N GLU D 323 37.17 30.85 -32.50
CA GLU D 323 37.72 29.69 -33.19
C GLU D 323 38.24 28.75 -32.12
N VAL D 324 37.44 27.74 -31.77
CA VAL D 324 37.70 26.90 -30.62
C VAL D 324 38.73 25.84 -31.00
N THR D 325 39.76 25.70 -30.20
CA THR D 325 40.85 24.76 -30.41
C THR D 325 40.95 23.80 -29.24
N PRO D 326 41.60 22.65 -29.42
CA PRO D 326 41.83 21.75 -28.28
C PRO D 326 42.65 22.38 -27.17
N GLU D 327 43.26 23.54 -27.39
CA GLU D 327 43.97 24.24 -26.33
C GLU D 327 43.03 25.10 -25.50
N ASN D 328 42.32 26.02 -26.14
CA ASN D 328 41.43 26.92 -25.43
C ASN D 328 40.07 26.32 -25.12
N LEU D 329 39.87 25.02 -25.32
CA LEU D 329 38.60 24.39 -24.98
C LEU D 329 38.33 24.43 -23.49
N GLN D 330 39.37 24.63 -22.67
CA GLN D 330 39.17 24.71 -21.23
C GLN D 330 38.38 25.94 -20.84
N ASP D 331 38.63 27.06 -21.50
CA ASP D 331 37.98 28.32 -21.17
C ASP D 331 36.48 28.28 -21.38
N PHE D 332 35.96 27.25 -22.06
CA PHE D 332 34.55 27.15 -22.36
C PHE D 332 33.84 26.14 -21.47
N VAL D 333 34.32 24.90 -21.42
CA VAL D 333 33.65 23.84 -20.69
C VAL D 333 34.42 23.39 -19.47
N GLY D 334 35.54 24.03 -19.16
CA GLY D 334 36.30 23.64 -17.99
C GLY D 334 37.33 22.56 -18.27
N LYS D 335 37.61 21.73 -17.28
CA LYS D 335 38.64 20.72 -17.37
C LYS D 335 38.06 19.36 -17.72
N PRO D 336 38.87 18.44 -18.25
CA PRO D 336 38.34 17.13 -18.62
C PRO D 336 37.72 16.41 -17.43
N VAL D 337 36.88 15.42 -17.75
CA VAL D 337 36.10 14.76 -16.72
C VAL D 337 36.42 13.26 -16.70
N PHE D 338 36.84 12.71 -17.82
CA PHE D 338 37.04 11.27 -17.95
C PHE D 338 38.41 10.95 -18.53
N THR D 339 39.44 11.58 -18.01
CA THR D 339 40.80 11.46 -18.56
C THR D 339 41.68 10.52 -17.73
N VAL D 340 41.32 9.23 -17.69
CA VAL D 340 42.22 8.26 -17.10
C VAL D 340 42.42 7.05 -18.02
N GLU D 341 41.31 6.43 -18.44
CA GLU D 341 41.24 5.36 -19.43
C GLU D 341 41.78 4.01 -18.93
N ARG D 342 42.44 3.97 -17.77
CA ARG D 342 42.91 2.72 -17.22
C ARG D 342 43.46 2.94 -15.83
N MET D 343 43.21 1.98 -14.94
CA MET D 343 43.64 2.07 -13.55
C MET D 343 45.03 1.50 -13.31
N TYR D 344 45.37 0.43 -14.00
CA TYR D 344 46.67 -0.22 -13.86
C TYR D 344 47.44 -0.10 -15.15
N ASP D 345 48.71 0.27 -15.05
CA ASP D 345 49.57 0.25 -16.24
C ASP D 345 50.36 -1.05 -16.34
N VAL D 346 50.86 -1.55 -15.21
CA VAL D 346 51.53 -2.85 -15.15
C VAL D 346 50.87 -3.63 -14.03
N THR D 347 50.17 -4.69 -14.38
CA THR D 347 49.42 -5.44 -13.39
C THR D 347 50.36 -6.20 -12.47
N PRO D 348 50.18 -6.10 -11.15
CA PRO D 348 50.97 -6.91 -10.22
C PRO D 348 50.65 -8.39 -10.37
N PRO D 349 51.35 -9.26 -9.63
CA PRO D 349 51.12 -10.70 -9.80
C PRO D 349 49.74 -11.19 -9.40
N GLY D 350 48.81 -10.33 -9.00
CA GLY D 350 47.54 -10.87 -8.59
C GLY D 350 46.31 -10.15 -9.14
N VAL D 351 46.49 -9.26 -10.09
CA VAL D 351 45.35 -8.51 -10.61
C VAL D 351 45.25 -8.78 -12.11
N VAL D 352 44.01 -8.84 -12.60
CA VAL D 352 43.71 -9.18 -13.98
C VAL D 352 42.65 -8.20 -14.47
N MET D 353 42.73 -7.81 -15.73
CA MET D 353 41.80 -6.87 -16.31
C MET D 353 40.59 -7.58 -16.90
N GLY D 354 39.40 -7.17 -16.48
CA GLY D 354 38.16 -7.70 -17.00
C GLY D 354 37.38 -6.66 -17.77
N LEU D 355 36.24 -7.09 -18.29
CA LEU D 355 35.42 -6.25 -19.15
C LEU D 355 33.97 -6.34 -18.71
N ALA D 356 33.29 -5.21 -18.73
CA ALA D 356 31.88 -5.13 -18.38
C ALA D 356 31.22 -4.10 -19.27
N TRP D 357 29.89 -4.01 -19.16
CA TRP D 357 29.18 -3.04 -19.97
C TRP D 357 27.85 -2.68 -19.32
N THR D 358 27.30 -1.55 -19.74
CA THR D 358 26.01 -1.08 -19.28
C THR D 358 25.34 -0.34 -20.43
N ALA D 359 24.22 0.31 -20.11
CA ALA D 359 23.54 1.14 -21.11
C ALA D 359 24.38 2.33 -21.52
N MET D 360 25.40 2.69 -20.73
CA MET D 360 26.25 3.82 -21.06
C MET D 360 27.52 3.35 -21.75
N GLY D 361 27.45 2.23 -22.46
CA GLY D 361 28.63 1.70 -23.10
C GLY D 361 29.33 0.66 -22.24
N GLY D 362 30.60 0.42 -22.54
CA GLY D 362 31.40 -0.56 -21.86
C GLY D 362 32.39 0.08 -20.91
N SER D 363 32.99 -0.77 -20.08
CA SER D 363 33.90 -0.30 -19.05
C SER D 363 35.01 -1.32 -18.88
N THR D 364 36.02 -0.93 -18.12
CA THR D 364 37.16 -1.78 -17.84
C THR D 364 37.36 -1.82 -16.33
N LEU D 365 37.39 -3.02 -15.79
CA LEU D 365 37.56 -3.18 -14.35
C LEU D 365 38.58 -4.27 -14.09
N PHE D 366 39.29 -4.14 -12.97
CA PHE D 366 40.34 -5.04 -12.60
C PHE D 366 39.91 -5.87 -11.40
N VAL D 367 40.41 -7.09 -11.33
CA VAL D 367 40.12 -8.00 -10.24
C VAL D 367 41.39 -8.15 -9.44
N GLU D 368 41.41 -7.56 -8.25
CA GLU D 368 42.58 -7.61 -7.38
C GLU D 368 42.42 -8.72 -6.36
N THR D 369 43.52 -9.39 -6.04
CA THR D 369 43.54 -10.38 -4.98
C THR D 369 44.79 -10.20 -4.15
N SER D 370 44.76 -10.67 -2.92
CA SER D 370 45.91 -10.62 -2.02
C SER D 370 45.64 -11.54 -0.84
N LEU D 371 46.61 -11.63 0.05
CA LEU D 371 46.49 -12.45 1.25
C LEU D 371 45.90 -11.63 2.39
N ARG D 372 44.92 -12.20 3.07
CA ARG D 372 44.36 -11.59 4.27
C ARG D 372 45.19 -11.89 5.52
N ARG D 373 45.85 -13.04 5.54
CA ARG D 373 46.64 -13.47 6.68
C ARG D 373 47.95 -14.03 6.16
N PRO D 374 49.01 -14.01 6.98
CA PRO D 374 50.32 -14.47 6.50
C PRO D 374 50.32 -15.95 6.14
N GLN D 375 51.45 -16.38 5.60
CA GLN D 375 51.66 -17.71 5.03
C GLN D 375 50.44 -18.23 4.27
N LYS D 383 42.60 -27.49 8.64
CA LYS D 383 42.78 -26.06 8.45
C LYS D 383 42.90 -25.75 6.96
N ASP D 384 41.89 -25.09 6.41
CA ASP D 384 41.86 -24.77 4.99
C ASP D 384 41.76 -23.26 4.80
N GLY D 385 41.78 -22.84 3.54
CA GLY D 385 41.74 -21.44 3.20
C GLY D 385 40.32 -20.92 3.06
N SER D 386 40.23 -19.61 2.93
CA SER D 386 38.96 -18.95 2.74
C SER D 386 39.13 -17.88 1.67
N LEU D 387 38.01 -17.41 1.15
CA LEU D 387 38.00 -16.35 0.15
C LEU D 387 36.93 -15.34 0.55
N GLU D 388 37.35 -14.14 0.91
CA GLU D 388 36.44 -13.04 1.16
C GLU D 388 36.41 -12.14 -0.06
N VAL D 389 35.21 -11.89 -0.58
CA VAL D 389 35.04 -11.05 -1.76
C VAL D 389 34.34 -9.77 -1.35
N THR D 390 34.79 -8.64 -1.89
CA THR D 390 34.17 -7.36 -1.67
C THR D 390 34.13 -6.59 -2.97
N GLY D 391 33.32 -5.53 -3.01
CA GLY D 391 33.21 -4.72 -4.20
C GLY D 391 31.80 -4.52 -4.68
N GLN D 392 30.82 -4.78 -3.81
CA GLN D 392 29.39 -4.61 -4.12
C GLN D 392 28.93 -5.60 -5.19
N LEU D 393 29.26 -6.88 -4.99
CA LEU D 393 28.94 -7.91 -5.97
C LEU D 393 27.54 -8.47 -5.71
N GLY D 394 26.79 -8.66 -6.78
CA GLY D 394 25.50 -9.31 -6.70
C GLY D 394 25.65 -10.80 -6.41
N GLU D 395 24.51 -11.45 -6.25
CA GLU D 395 24.54 -12.86 -5.87
C GLU D 395 25.08 -13.74 -6.99
N VAL D 396 24.76 -13.40 -8.24
CA VAL D 396 25.30 -14.16 -9.36
C VAL D 396 26.82 -14.01 -9.41
N MET D 397 27.32 -12.81 -9.14
CA MET D 397 28.76 -12.60 -9.18
C MET D 397 29.46 -13.32 -8.03
N LYS D 398 28.84 -13.34 -6.85
CA LYS D 398 29.43 -14.07 -5.73
C LYS D 398 29.45 -15.58 -6.02
N GLU D 399 28.39 -16.10 -6.63
CA GLU D 399 28.39 -17.52 -6.96
C GLU D 399 29.42 -17.83 -8.03
N SER D 400 29.61 -16.92 -8.99
CA SER D 400 30.66 -17.10 -9.96
C SER D 400 32.03 -17.09 -9.30
N ALA D 401 32.20 -16.27 -8.28
CA ALA D 401 33.46 -16.27 -7.53
C ALA D 401 33.68 -17.59 -6.82
N ARG D 402 32.62 -18.17 -6.27
CA ARG D 402 32.76 -19.48 -5.63
C ARG D 402 33.14 -20.56 -6.64
N ILE D 403 32.47 -20.57 -7.79
CA ILE D 403 32.80 -21.53 -8.84
C ILE D 403 34.25 -21.37 -9.27
N ALA D 404 34.67 -20.12 -9.46
CA ALA D 404 36.04 -19.85 -9.86
C ALA D 404 37.04 -20.32 -8.81
N TYR D 405 36.71 -20.13 -7.53
CA TYR D 405 37.58 -20.59 -6.46
C TYR D 405 37.76 -22.10 -6.50
N THR D 406 36.64 -22.83 -6.62
CA THR D 406 36.71 -24.28 -6.66
C THR D 406 37.51 -24.76 -7.87
N PHE D 407 37.23 -24.21 -9.04
CA PHE D 407 37.94 -24.65 -10.23
C PHE D 407 39.41 -24.30 -10.17
N ALA D 408 39.75 -23.14 -9.59
CA ALA D 408 41.16 -22.77 -9.48
C ALA D 408 41.89 -23.72 -8.56
N ARG D 409 41.27 -24.10 -7.44
CA ARG D 409 41.86 -25.11 -6.58
C ARG D 409 42.16 -26.38 -7.36
N ALA D 410 41.16 -26.88 -8.11
CA ALA D 410 41.35 -28.13 -8.83
C ALA D 410 42.42 -28.02 -9.91
N PHE D 411 42.41 -26.92 -10.66
CA PHE D 411 43.39 -26.71 -11.72
C PHE D 411 44.80 -26.64 -11.16
N LEU D 412 44.99 -25.92 -10.07
CA LEU D 412 46.33 -25.84 -9.49
C LEU D 412 46.75 -27.16 -8.89
N MET D 413 45.79 -27.97 -8.43
CA MET D 413 46.13 -29.29 -7.95
C MET D 413 46.61 -30.18 -9.09
N GLN D 414 46.00 -30.06 -10.26
CA GLN D 414 46.40 -30.93 -11.37
C GLN D 414 47.62 -30.40 -12.12
N HIS D 415 47.94 -29.11 -12.01
CA HIS D 415 49.03 -28.52 -12.77
C HIS D 415 50.32 -28.42 -11.96
N ALA D 416 50.26 -27.86 -10.75
CA ALA D 416 51.39 -27.82 -9.84
C ALA D 416 50.96 -28.52 -8.55
N PRO D 417 51.12 -29.83 -8.47
CA PRO D 417 50.55 -30.58 -7.33
C PRO D 417 51.14 -30.21 -5.98
N ALA D 418 52.30 -29.53 -5.95
CA ALA D 418 52.99 -29.26 -4.70
C ALA D 418 52.92 -27.78 -4.31
N ASN D 419 51.91 -27.06 -4.77
CA ASN D 419 51.83 -25.63 -4.47
C ASN D 419 51.30 -25.40 -3.06
N ASP D 420 50.18 -26.02 -2.71
CA ASP D 420 49.58 -25.95 -1.38
C ASP D 420 48.95 -24.58 -1.15
N TYR D 421 49.17 -23.65 -2.06
CA TYR D 421 48.44 -22.41 -2.06
C TYR D 421 46.98 -22.72 -2.39
N LEU D 422 46.11 -21.72 -2.21
CA LEU D 422 44.73 -21.81 -2.68
C LEU D 422 43.91 -22.86 -1.94
N VAL D 423 44.56 -23.65 -1.08
CA VAL D 423 43.86 -24.56 -0.20
C VAL D 423 44.20 -24.31 1.25
N THR D 424 45.24 -23.55 1.53
CA THR D 424 45.67 -23.25 2.87
C THR D 424 45.76 -21.76 3.15
N SER D 425 45.58 -20.91 2.15
CA SER D 425 45.74 -19.47 2.29
C SER D 425 44.40 -18.78 2.35
N HIS D 426 44.35 -17.69 3.11
CA HIS D 426 43.17 -16.85 3.22
C HIS D 426 43.34 -15.66 2.29
N ILE D 427 42.41 -15.52 1.36
CA ILE D 427 42.54 -14.58 0.26
C ILE D 427 41.38 -13.58 0.34
N HIS D 428 41.69 -12.33 0.01
CA HIS D 428 40.67 -11.30 -0.18
C HIS D 428 40.65 -10.94 -1.65
N LEU D 429 39.46 -10.95 -2.24
CA LEU D 429 39.26 -10.59 -3.63
C LEU D 429 38.45 -9.31 -3.69
N HIS D 430 38.95 -8.32 -4.41
CA HIS D 430 38.27 -7.05 -4.53
C HIS D 430 38.18 -6.64 -5.98
N VAL D 431 37.09 -5.96 -6.32
CA VAL D 431 36.89 -5.35 -7.63
C VAL D 431 36.72 -3.85 -7.41
N PRO D 432 37.74 -3.05 -7.72
CA PRO D 432 37.72 -1.64 -7.35
C PRO D 432 36.56 -0.83 -7.92
N GLU D 433 36.50 0.44 -7.52
CA GLU D 433 35.26 1.21 -7.48
C GLU D 433 34.26 0.54 -6.56
N GLY D 434 34.65 0.45 -5.28
CA GLY D 434 33.88 -0.26 -4.29
C GLY D 434 32.50 0.30 -4.03
N ALA D 435 32.19 1.49 -4.54
CA ALA D 435 30.87 2.05 -4.37
C ALA D 435 29.90 1.59 -5.45
N THR D 436 30.41 1.13 -6.58
CA THR D 436 29.62 0.75 -7.74
C THR D 436 29.13 -0.69 -7.60
N PRO D 437 27.83 -0.93 -7.68
CA PRO D 437 27.35 -2.31 -7.65
C PRO D 437 27.62 -3.02 -8.97
N LYS D 438 28.09 -4.26 -8.87
CA LYS D 438 28.44 -5.06 -10.02
C LYS D 438 27.75 -6.40 -9.95
N ASP D 439 27.45 -6.96 -11.11
CA ASP D 439 26.76 -8.24 -11.18
C ASP D 439 27.10 -8.91 -12.50
N GLY D 440 26.67 -10.16 -12.63
CA GLY D 440 26.80 -10.88 -13.88
C GLY D 440 27.66 -12.12 -13.76
N PRO D 441 27.41 -13.10 -14.63
CA PRO D 441 28.14 -14.36 -14.56
C PRO D 441 29.50 -14.33 -15.22
N SER D 442 29.81 -13.29 -15.98
CA SER D 442 31.14 -13.17 -16.56
C SER D 442 32.14 -12.91 -15.45
N ALA D 443 33.39 -12.65 -15.84
CA ALA D 443 34.51 -12.49 -14.94
C ALA D 443 34.84 -13.77 -14.19
N GLY D 444 34.20 -14.89 -14.53
CA GLY D 444 34.62 -16.15 -13.95
C GLY D 444 36.03 -16.50 -14.33
N CYS D 445 36.34 -16.39 -15.64
CA CYS D 445 37.70 -16.64 -16.10
C CYS D 445 38.66 -15.60 -15.56
N THR D 446 38.22 -14.35 -15.44
CA THR D 446 39.07 -13.33 -14.86
C THR D 446 39.41 -13.65 -13.41
N ILE D 447 38.45 -14.15 -12.66
CA ILE D 447 38.70 -14.48 -11.26
C ILE D 447 39.61 -15.70 -11.16
N VAL D 448 39.41 -16.68 -12.04
CA VAL D 448 40.31 -17.84 -12.04
C VAL D 448 41.73 -17.42 -12.35
N THR D 449 41.90 -16.51 -13.30
CA THR D 449 43.23 -16.04 -13.65
C THR D 449 43.86 -15.25 -12.51
N ALA D 450 43.06 -14.42 -11.84
CA ALA D 450 43.56 -13.67 -10.68
C ALA D 450 44.04 -14.62 -9.60
N LEU D 451 43.25 -15.63 -9.27
CA LEU D 451 43.65 -16.57 -8.23
C LEU D 451 44.89 -17.34 -8.63
N LEU D 452 44.95 -17.84 -9.86
CA LEU D 452 46.11 -18.62 -10.27
C LEU D 452 47.36 -17.76 -10.34
N SER D 453 47.22 -16.50 -10.76
CA SER D 453 48.38 -15.62 -10.83
C SER D 453 48.88 -15.28 -9.44
N LEU D 454 47.99 -15.05 -8.49
CA LEU D 454 48.42 -14.84 -7.12
C LEU D 454 49.08 -16.08 -6.56
N ALA D 455 48.57 -17.26 -6.90
CA ALA D 455 49.10 -18.49 -6.35
C ALA D 455 50.49 -18.81 -6.90
N MET D 456 50.68 -18.65 -8.20
CA MET D 456 51.96 -18.98 -8.81
C MET D 456 52.98 -17.87 -8.70
N GLY D 457 52.58 -16.69 -8.23
CA GLY D 457 53.51 -15.58 -8.13
C GLY D 457 53.90 -14.96 -9.44
N ARG D 458 53.10 -15.15 -10.49
CA ARG D 458 53.37 -14.59 -11.79
C ARG D 458 52.31 -13.58 -12.18
N PRO D 459 52.67 -12.52 -12.88
CA PRO D 459 51.66 -11.65 -13.50
C PRO D 459 51.24 -12.17 -14.87
N VAL D 460 50.09 -11.66 -15.31
CA VAL D 460 49.53 -12.04 -16.60
C VAL D 460 50.21 -11.25 -17.70
N ARG D 461 49.93 -11.58 -18.96
CA ARG D 461 50.34 -10.74 -20.07
C ARG D 461 49.89 -9.30 -19.82
N GLN D 462 50.67 -8.35 -20.32
CA GLN D 462 50.55 -6.98 -19.82
C GLN D 462 49.37 -6.24 -20.41
N ASN D 463 49.02 -6.46 -21.66
CA ASN D 463 47.85 -5.84 -22.24
C ASN D 463 46.91 -6.97 -22.65
N LEU D 464 46.11 -7.43 -21.70
CA LEU D 464 45.27 -8.60 -21.86
C LEU D 464 43.98 -8.38 -21.10
N ALA D 465 42.86 -8.59 -21.78
CA ALA D 465 41.56 -8.59 -21.14
C ALA D 465 40.84 -9.86 -21.53
N MET D 466 40.07 -10.41 -20.59
CA MET D 466 39.33 -11.63 -20.84
C MET D 466 37.94 -11.51 -20.26
N THR D 467 36.98 -12.12 -20.93
CA THR D 467 35.61 -12.19 -20.44
C THR D 467 35.06 -13.56 -20.81
N GLY D 468 34.28 -14.14 -19.88
CA GLY D 468 33.65 -15.41 -20.15
C GLY D 468 33.23 -16.15 -18.90
N GLU D 469 32.05 -16.74 -18.92
CA GLU D 469 31.57 -17.48 -17.78
C GLU D 469 32.23 -18.84 -17.74
N VAL D 470 32.71 -19.23 -16.56
CA VAL D 470 33.35 -20.53 -16.38
C VAL D 470 32.37 -21.43 -15.64
N SER D 471 32.49 -22.73 -15.89
CA SER D 471 31.71 -23.74 -15.18
C SER D 471 32.62 -24.50 -14.23
N LEU D 472 32.04 -25.47 -13.53
CA LEU D 472 32.77 -26.13 -12.46
C LEU D 472 33.89 -27.03 -12.96
N THR D 473 33.85 -27.43 -14.23
CA THR D 473 34.90 -28.26 -14.80
C THR D 473 35.81 -27.47 -15.73
N GLY D 474 35.64 -26.16 -15.82
CA GLY D 474 36.54 -25.33 -16.57
C GLY D 474 36.08 -24.91 -17.95
N LYS D 475 34.83 -25.18 -18.31
CA LYS D 475 34.31 -24.80 -19.62
C LYS D 475 34.02 -23.31 -19.64
N ILE D 476 34.33 -22.67 -20.76
CA ILE D 476 34.08 -21.25 -20.96
C ILE D 476 32.78 -21.11 -21.74
N LEU D 477 31.82 -20.42 -21.15
CA LEU D 477 30.48 -20.25 -21.68
C LEU D 477 30.32 -18.87 -22.30
N PRO D 478 29.37 -18.70 -23.20
CA PRO D 478 29.23 -17.40 -23.88
C PRO D 478 28.76 -16.31 -22.93
N VAL D 479 29.02 -15.07 -23.33
CA VAL D 479 28.61 -13.89 -22.60
C VAL D 479 27.91 -12.93 -23.54
N GLY D 480 27.51 -11.78 -23.02
CA GLY D 480 26.82 -10.76 -23.79
C GLY D 480 27.61 -9.47 -23.85
N GLY D 481 27.20 -8.60 -24.76
CA GLY D 481 27.85 -7.32 -24.94
C GLY D 481 29.27 -7.43 -25.45
N ILE D 482 29.48 -8.14 -26.55
CA ILE D 482 30.82 -8.25 -27.11
C ILE D 482 31.26 -6.94 -27.74
N LYS D 483 30.34 -6.23 -28.38
CA LYS D 483 30.69 -4.96 -29.01
C LYS D 483 31.22 -3.97 -27.98
N GLU D 484 30.47 -3.78 -26.90
CA GLU D 484 30.84 -2.78 -25.91
C GLU D 484 32.13 -3.16 -25.19
N LYS D 485 32.28 -4.43 -24.81
CA LYS D 485 33.51 -4.87 -24.16
C LYS D 485 34.70 -4.71 -25.09
N THR D 486 34.53 -5.03 -26.37
CA THR D 486 35.63 -4.87 -27.32
C THR D 486 36.01 -3.41 -27.48
N ILE D 487 35.01 -2.53 -27.59
CA ILE D 487 35.29 -1.10 -27.69
C ILE D 487 36.03 -0.61 -26.46
N ALA D 488 35.59 -1.02 -25.28
CA ALA D 488 36.21 -0.55 -24.05
C ALA D 488 37.63 -1.09 -23.91
N ALA D 489 37.87 -2.33 -24.32
CA ALA D 489 39.21 -2.88 -24.26
C ALA D 489 40.12 -2.17 -25.25
N LYS D 490 39.64 -1.89 -26.45
CA LYS D 490 40.43 -1.15 -27.42
C LYS D 490 40.75 0.24 -26.90
N ARG D 491 39.80 0.89 -26.24
CA ARG D 491 40.03 2.23 -25.73
C ARG D 491 41.03 2.23 -24.59
N ALA D 492 41.02 1.19 -23.77
CA ALA D 492 41.92 1.09 -22.63
C ALA D 492 43.30 0.60 -23.01
N GLY D 493 43.63 0.57 -24.29
CA GLY D 493 44.96 0.17 -24.71
C GLY D 493 45.24 -1.31 -24.58
N VAL D 494 44.25 -2.15 -24.85
CA VAL D 494 44.42 -3.60 -24.81
C VAL D 494 44.77 -4.10 -26.20
N THR D 495 45.75 -5.00 -26.26
CA THR D 495 46.20 -5.57 -27.53
C THR D 495 45.98 -7.06 -27.64
N CYS D 496 45.41 -7.70 -26.63
CA CYS D 496 45.09 -9.12 -26.70
C CYS D 496 43.82 -9.37 -25.91
N ILE D 497 42.81 -9.93 -26.57
CA ILE D 497 41.51 -10.14 -25.95
C ILE D 497 41.14 -11.62 -26.09
N VAL D 498 40.62 -12.18 -25.01
CA VAL D 498 40.29 -13.60 -24.93
C VAL D 498 38.78 -13.72 -24.75
N LEU D 499 38.10 -14.22 -25.77
CA LEU D 499 36.66 -14.35 -25.79
C LEU D 499 36.26 -15.82 -25.80
N PRO D 500 35.04 -16.14 -25.37
CA PRO D 500 34.54 -17.50 -25.52
C PRO D 500 34.37 -17.85 -26.99
N ALA D 501 34.56 -19.14 -27.30
CA ALA D 501 34.48 -19.57 -28.69
C ALA D 501 33.10 -19.34 -29.28
N GLU D 502 32.05 -19.45 -28.48
CA GLU D 502 30.69 -19.29 -28.98
C GLU D 502 30.29 -17.84 -29.18
N ASN D 503 31.19 -16.89 -28.90
CA ASN D 503 31.00 -15.49 -29.24
C ASN D 503 31.76 -15.11 -30.50
N LYS D 504 32.19 -16.10 -31.28
CA LYS D 504 33.00 -15.84 -32.46
C LYS D 504 32.22 -15.06 -33.51
N LYS D 505 30.96 -15.41 -33.73
CA LYS D 505 30.18 -14.69 -34.72
C LYS D 505 29.83 -13.29 -34.24
N ASP D 506 29.56 -13.15 -32.94
CA ASP D 506 29.35 -11.82 -32.38
C ASP D 506 30.56 -10.94 -32.60
N PHE D 507 31.75 -11.49 -32.43
CA PHE D 507 32.96 -10.68 -32.61
C PHE D 507 33.22 -10.37 -34.07
N TYR D 508 33.00 -11.35 -34.95
CA TYR D 508 33.32 -11.14 -36.36
C TYR D 508 32.25 -10.36 -37.11
N ASP D 509 31.08 -10.16 -36.52
CA ASP D 509 30.07 -9.27 -37.08
C ASP D 509 30.27 -7.83 -36.64
N LEU D 510 31.47 -7.47 -36.21
CA LEU D 510 31.80 -6.12 -35.78
C LEU D 510 32.51 -5.38 -36.92
N ALA D 511 32.36 -4.06 -36.93
CA ALA D 511 32.99 -3.24 -37.95
C ALA D 511 34.50 -3.47 -37.97
N ALA D 512 35.10 -3.24 -39.13
CA ALA D 512 36.53 -3.51 -39.28
C ALA D 512 37.36 -2.57 -38.44
N PHE D 513 36.90 -1.34 -38.21
CA PHE D 513 37.71 -0.38 -37.47
C PHE D 513 37.69 -0.63 -35.97
N ILE D 514 36.88 -1.58 -35.48
CA ILE D 514 36.91 -1.96 -34.08
C ILE D 514 37.88 -3.10 -33.85
N THR D 515 37.83 -4.13 -34.69
CA THR D 515 38.65 -5.32 -34.53
C THR D 515 39.96 -5.22 -35.28
N GLU D 516 40.49 -4.01 -35.45
CA GLU D 516 41.65 -3.82 -36.31
C GLU D 516 42.93 -4.38 -35.67
N GLY D 517 43.33 -3.84 -34.53
CA GLY D 517 44.61 -4.21 -33.96
C GLY D 517 44.51 -5.15 -32.78
N LEU D 518 43.44 -5.92 -32.70
CA LEU D 518 43.19 -6.80 -31.57
C LEU D 518 43.54 -8.22 -31.95
N GLU D 519 44.51 -8.80 -31.24
CA GLU D 519 44.88 -10.20 -31.40
C GLU D 519 43.91 -11.01 -30.54
N VAL D 520 42.83 -11.45 -31.14
CA VAL D 520 41.74 -12.09 -30.40
C VAL D 520 42.00 -13.58 -30.32
N HIS D 521 41.56 -14.19 -29.23
CA HIS D 521 41.67 -15.62 -29.01
C HIS D 521 40.33 -16.15 -28.54
N PHE D 522 39.82 -17.17 -29.23
CA PHE D 522 38.57 -17.82 -28.85
C PHE D 522 38.88 -19.13 -28.16
N VAL D 523 38.21 -19.39 -27.04
CA VAL D 523 38.54 -20.49 -26.17
C VAL D 523 37.27 -21.25 -25.80
N GLU D 524 37.46 -22.51 -25.43
CA GLU D 524 36.38 -23.36 -24.94
C GLU D 524 36.63 -23.83 -23.52
N HIS D 525 37.83 -24.31 -23.22
CA HIS D 525 38.20 -24.70 -21.87
C HIS D 525 39.19 -23.69 -21.32
N TYR D 526 39.38 -23.74 -20.01
CA TYR D 526 40.27 -22.78 -19.37
C TYR D 526 41.73 -23.04 -19.70
N ARG D 527 42.09 -24.27 -20.03
CA ARG D 527 43.49 -24.57 -20.31
C ARG D 527 44.05 -23.67 -21.40
N GLU D 528 43.22 -23.30 -22.37
CA GLU D 528 43.67 -22.45 -23.45
C GLU D 528 43.95 -21.03 -22.93
N ILE D 529 43.06 -20.52 -22.08
CA ILE D 529 43.28 -19.21 -21.46
C ILE D 529 44.53 -19.22 -20.61
N PHE D 530 44.77 -20.32 -19.90
CA PHE D 530 45.98 -20.41 -19.08
C PHE D 530 47.22 -20.37 -19.96
N ASP D 531 47.23 -21.13 -21.05
CA ASP D 531 48.39 -21.12 -21.93
C ASP D 531 48.57 -19.78 -22.63
N ILE D 532 47.51 -18.99 -22.77
CA ILE D 532 47.66 -17.64 -23.32
C ILE D 532 48.23 -16.69 -22.27
N ALA D 533 47.55 -16.57 -21.13
CA ALA D 533 47.88 -15.59 -20.11
C ALA D 533 49.19 -15.88 -19.42
N PHE D 534 49.81 -17.03 -19.65
CA PHE D 534 51.10 -17.32 -19.05
C PHE D 534 52.06 -17.90 -20.09
N PHE E 8 -16.47 42.01 -21.81
CA PHE E 8 -16.94 41.19 -22.92
C PHE E 8 -15.88 41.05 -24.00
N ARG E 9 -16.27 41.31 -25.25
CA ARG E 9 -15.36 41.19 -26.38
C ARG E 9 -14.31 42.30 -26.42
N GLU E 10 -14.37 43.28 -25.52
CA GLU E 10 -13.35 44.32 -25.51
C GLU E 10 -12.07 43.87 -24.83
N ARG E 11 -12.12 42.84 -23.99
CA ARG E 11 -10.91 42.32 -23.36
C ARG E 11 -9.99 41.60 -24.34
N LEU E 12 -10.41 41.43 -25.60
CA LEU E 12 -9.63 40.69 -26.57
C LEU E 12 -9.17 41.54 -27.76
N LYS E 13 -9.59 42.80 -27.84
CA LYS E 13 -9.15 43.64 -28.96
C LYS E 13 -7.71 44.09 -28.79
N GLU E 14 -7.20 44.14 -27.56
CA GLU E 14 -5.77 44.38 -27.35
C GLU E 14 -4.95 43.11 -27.47
N LEU E 15 -5.60 41.96 -27.48
CA LEU E 15 -4.91 40.67 -27.54
C LEU E 15 -4.86 40.18 -28.98
N VAL E 16 -3.83 39.39 -29.27
CA VAL E 16 -3.70 38.73 -30.58
C VAL E 16 -4.18 37.30 -30.37
N VAL E 17 -5.46 37.07 -30.59
CA VAL E 17 -6.08 35.79 -30.23
C VAL E 17 -5.83 34.79 -31.35
N PRO E 18 -5.43 33.57 -31.03
CA PRO E 18 -5.35 32.52 -32.06
C PRO E 18 -6.73 32.20 -32.61
N LYS E 19 -6.75 31.33 -33.62
CA LYS E 19 -8.00 31.06 -34.33
C LYS E 19 -8.85 30.02 -33.61
N HIS E 20 -8.23 28.94 -33.12
CA HIS E 20 -9.00 27.89 -32.47
C HIS E 20 -9.69 28.42 -31.22
N VAL E 21 -8.95 29.17 -30.40
CA VAL E 21 -9.56 29.77 -29.21
C VAL E 21 -10.61 30.78 -29.62
N MET E 22 -10.47 31.38 -30.80
CA MET E 22 -11.54 32.25 -31.29
C MET E 22 -12.82 31.46 -31.56
N ASP E 23 -12.70 30.30 -32.21
CA ASP E 23 -13.88 29.44 -32.37
C ASP E 23 -14.46 29.05 -31.01
N VAL E 24 -13.60 28.75 -30.04
CA VAL E 24 -14.07 28.34 -28.72
C VAL E 24 -14.87 29.47 -28.07
N VAL E 25 -14.31 30.68 -28.06
CA VAL E 25 -14.99 31.79 -27.41
C VAL E 25 -16.26 32.15 -28.16
N ASP E 26 -16.27 31.96 -29.49
CA ASP E 26 -17.49 32.23 -30.25
C ASP E 26 -18.59 31.24 -29.89
N GLU E 27 -18.28 29.94 -29.85
CA GLU E 27 -19.32 28.97 -29.53
C GLU E 27 -19.76 29.09 -28.08
N GLU E 28 -18.86 29.46 -27.18
CA GLU E 28 -19.27 29.67 -25.80
C GLU E 28 -20.09 30.94 -25.65
N LEU E 29 -19.86 31.95 -26.48
CA LEU E 29 -20.73 33.11 -26.47
C LEU E 29 -22.12 32.75 -26.99
N SER E 30 -22.19 31.89 -28.01
CA SER E 30 -23.48 31.42 -28.49
C SER E 30 -24.23 30.67 -27.39
N LYS E 31 -23.54 29.75 -26.71
CA LYS E 31 -24.14 29.05 -25.59
C LYS E 31 -24.60 30.03 -24.50
N LEU E 32 -23.76 31.01 -24.16
CA LEU E 32 -24.12 32.00 -23.16
C LEU E 32 -25.39 32.74 -23.55
N GLY E 33 -25.48 33.15 -24.82
CA GLY E 33 -26.63 33.92 -25.26
C GLY E 33 -27.91 33.10 -25.29
N LEU E 34 -27.82 31.84 -25.70
CA LEU E 34 -29.01 31.00 -25.72
C LEU E 34 -29.49 30.65 -24.31
N LEU E 35 -28.58 30.53 -23.35
CA LEU E 35 -28.96 30.23 -21.98
C LEU E 35 -29.63 31.44 -21.33
N ASP E 36 -30.07 31.26 -20.09
CA ASP E 36 -30.77 32.32 -19.37
C ASP E 36 -30.14 32.51 -18.00
N ASN E 37 -30.46 33.66 -17.39
CA ASN E 37 -29.80 34.11 -16.18
C ASN E 37 -30.23 33.27 -14.97
N HIS E 38 -29.53 33.48 -13.85
CA HIS E 38 -29.81 32.85 -12.57
C HIS E 38 -29.79 31.34 -12.63
N SER E 39 -29.13 30.76 -13.64
CA SER E 39 -29.04 29.32 -13.82
C SER E 39 -27.59 28.90 -13.71
N SER E 40 -27.39 27.63 -13.32
CA SER E 40 -26.04 27.14 -13.09
C SER E 40 -25.20 27.16 -14.36
N GLU E 41 -25.77 26.71 -15.47
CA GLU E 41 -25.03 26.66 -16.72
C GLU E 41 -24.61 28.05 -17.16
N PHE E 42 -25.49 29.04 -16.96
CA PHE E 42 -25.13 30.43 -17.24
C PHE E 42 -23.86 30.82 -16.49
N ASN E 43 -23.77 30.43 -15.22
CA ASN E 43 -22.63 30.82 -14.41
C ASN E 43 -21.36 30.07 -14.81
N VAL E 44 -21.47 28.78 -15.14
CA VAL E 44 -20.28 28.04 -15.51
C VAL E 44 -19.74 28.52 -16.86
N THR E 45 -20.63 28.85 -17.80
CA THR E 45 -20.15 29.45 -19.04
C THR E 45 -19.58 30.84 -18.82
N ARG E 46 -20.15 31.61 -17.88
CA ARG E 46 -19.59 32.92 -17.59
C ARG E 46 -18.17 32.80 -17.05
N ASN E 47 -17.96 31.88 -16.12
CA ASN E 47 -16.61 31.67 -15.58
C ASN E 47 -15.66 31.20 -16.67
N TYR E 48 -16.10 30.27 -17.52
CA TYR E 48 -15.24 29.79 -18.60
C TYR E 48 -14.83 30.92 -19.51
N LEU E 49 -15.79 31.76 -19.92
CA LEU E 49 -15.46 32.85 -20.84
C LEU E 49 -14.59 33.90 -20.16
N ASP E 50 -14.82 34.17 -18.88
CA ASP E 50 -13.99 35.13 -18.18
C ASP E 50 -12.55 34.66 -18.13
N TRP E 51 -12.34 33.37 -17.85
CA TRP E 51 -10.98 32.83 -17.85
C TRP E 51 -10.36 32.86 -19.23
N LEU E 52 -11.14 32.55 -20.26
CA LEU E 52 -10.61 32.53 -21.62
C LEU E 52 -10.27 33.93 -22.11
N THR E 53 -11.00 34.94 -21.66
CA THR E 53 -10.76 36.31 -22.05
C THR E 53 -9.78 37.02 -21.12
N SER E 54 -9.39 36.39 -20.02
CA SER E 54 -8.36 36.93 -19.14
C SER E 54 -6.96 36.49 -19.52
N ILE E 55 -6.81 35.43 -20.31
CA ILE E 55 -5.47 34.98 -20.72
C ILE E 55 -4.92 35.94 -21.77
N PRO E 56 -3.70 36.44 -21.61
CA PRO E 56 -3.06 37.26 -22.65
C PRO E 56 -2.59 36.40 -23.79
N TRP E 57 -3.15 36.60 -24.98
CA TRP E 57 -2.97 35.67 -26.07
C TRP E 57 -1.94 36.09 -27.10
N GLY E 58 -1.37 37.30 -26.99
CA GLY E 58 -0.37 37.69 -27.95
C GLY E 58 0.73 38.58 -27.45
N LYS E 59 0.80 38.81 -26.15
CA LYS E 59 1.63 39.88 -25.61
C LYS E 59 2.88 39.32 -24.93
N TYR E 60 4.01 39.99 -25.17
CA TYR E 60 5.25 39.73 -24.47
C TYR E 60 5.61 40.97 -23.66
N SER E 61 6.35 40.77 -22.57
CA SER E 61 6.85 41.89 -21.80
C SER E 61 8.09 42.45 -22.46
N ASN E 62 8.21 43.77 -22.45
CA ASN E 62 9.37 44.42 -23.05
C ASN E 62 10.60 44.03 -22.25
N GLU E 63 11.42 43.15 -22.82
CA GLU E 63 12.59 42.60 -22.15
C GLU E 63 13.81 43.39 -22.58
N ASN E 64 14.47 44.03 -21.62
CA ASN E 64 15.68 44.79 -21.93
C ASN E 64 16.85 43.83 -22.03
N LEU E 65 17.37 43.66 -23.24
CA LEU E 65 18.52 42.80 -23.48
C LEU E 65 19.83 43.55 -23.35
N ASP E 66 19.84 44.66 -22.60
CA ASP E 66 21.05 45.41 -22.39
C ASP E 66 21.97 44.66 -21.43
N LEU E 67 23.21 44.42 -21.84
CA LEU E 67 24.10 43.58 -21.05
C LEU E 67 24.60 44.29 -19.81
N ALA E 68 25.19 45.47 -19.97
CA ALA E 68 25.87 46.13 -18.85
C ALA E 68 24.88 46.54 -17.77
N ARG E 69 23.69 46.99 -18.16
CA ARG E 69 22.69 47.35 -17.15
C ARG E 69 22.24 46.13 -16.37
N ALA E 70 22.03 45.00 -17.05
CA ALA E 70 21.61 43.79 -16.35
C ALA E 70 22.73 43.25 -15.46
N GLN E 71 23.98 43.38 -15.88
CA GLN E 71 25.08 42.97 -15.03
C GLN E 71 25.18 43.87 -13.79
N ALA E 72 24.95 45.17 -13.96
CA ALA E 72 24.93 46.07 -12.82
C ALA E 72 23.76 45.75 -11.89
N VAL E 73 22.64 45.29 -12.45
CA VAL E 73 21.51 44.91 -11.62
C VAL E 73 21.85 43.65 -10.81
N LEU E 74 22.44 42.66 -11.45
CA LEU E 74 22.72 41.40 -10.77
C LEU E 74 23.83 41.55 -9.75
N GLU E 75 24.91 42.25 -10.10
CA GLU E 75 26.10 42.30 -9.25
C GLU E 75 25.89 43.12 -7.99
N GLU E 76 24.77 43.83 -7.85
CA GLU E 76 24.59 44.74 -6.74
C GLU E 76 23.66 44.22 -5.65
N ASP E 77 22.81 43.24 -5.95
CA ASP E 77 21.88 42.71 -4.96
C ASP E 77 22.20 41.28 -4.55
N HIS E 78 23.36 40.75 -4.95
CA HIS E 78 23.72 39.39 -4.57
C HIS E 78 25.23 39.23 -4.66
N TYR E 79 25.86 38.79 -3.57
CA TYR E 79 27.28 38.55 -3.55
C TYR E 79 27.60 37.20 -4.16
N GLY E 80 28.76 37.13 -4.82
CA GLY E 80 29.25 35.88 -5.36
C GLY E 80 28.29 35.30 -6.38
N MET E 81 28.25 33.96 -6.42
CA MET E 81 27.39 33.22 -7.35
C MET E 81 27.73 33.58 -8.79
N GLU E 82 28.96 33.27 -9.19
CA GLU E 82 29.43 33.63 -10.51
C GLU E 82 28.77 32.80 -11.61
N ASP E 83 28.48 31.52 -11.33
CA ASP E 83 27.93 30.66 -12.36
C ASP E 83 26.55 31.13 -12.80
N VAL E 84 25.70 31.50 -11.84
CA VAL E 84 24.35 31.93 -12.17
C VAL E 84 24.39 33.20 -13.02
N LYS E 85 25.24 34.16 -12.63
CA LYS E 85 25.28 35.42 -13.36
C LYS E 85 25.91 35.24 -14.73
N LYS E 86 26.93 34.39 -14.86
CA LYS E 86 27.48 34.10 -16.17
C LYS E 86 26.46 33.45 -17.08
N ARG E 87 25.69 32.50 -16.54
CA ARG E 87 24.66 31.86 -17.36
C ARG E 87 23.58 32.85 -17.77
N ILE E 88 23.22 33.78 -16.88
CA ILE E 88 22.20 34.77 -17.22
C ILE E 88 22.73 35.73 -18.29
N LEU E 89 24.01 36.07 -18.23
CA LEU E 89 24.56 36.96 -19.23
C LEU E 89 24.65 36.26 -20.59
N GLU E 90 25.01 34.98 -20.61
CA GLU E 90 25.00 34.24 -21.87
C GLU E 90 23.58 34.12 -22.41
N PHE E 91 22.60 33.95 -21.52
CA PHE E 91 21.20 33.95 -21.93
C PHE E 91 20.83 35.26 -22.61
N ILE E 92 21.26 36.37 -22.04
CA ILE E 92 20.98 37.68 -22.62
C ILE E 92 21.65 37.81 -23.99
N ALA E 93 22.89 37.35 -24.10
CA ALA E 93 23.59 37.43 -25.38
C ALA E 93 22.86 36.62 -26.45
N VAL E 94 22.41 35.41 -26.10
CA VAL E 94 21.71 34.58 -27.08
C VAL E 94 20.37 35.19 -27.45
N SER E 95 19.69 35.82 -26.49
CA SER E 95 18.44 36.51 -26.80
C SER E 95 18.70 37.69 -27.74
N GLN E 96 19.83 38.36 -27.59
CA GLN E 96 20.18 39.44 -28.50
C GLN E 96 20.40 38.90 -29.91
N LEU E 97 21.21 37.85 -30.02
CA LEU E 97 21.54 37.32 -31.35
C LEU E 97 20.30 36.79 -32.05
N ARG E 98 19.43 36.09 -31.31
CA ARG E 98 18.23 35.54 -31.93
C ARG E 98 17.23 36.61 -32.30
N GLY E 99 17.30 37.79 -31.69
CA GLY E 99 16.34 38.84 -31.93
C GLY E 99 14.98 38.65 -31.29
N SER E 100 14.66 37.44 -30.84
CA SER E 100 13.40 37.17 -30.20
C SER E 100 13.61 36.93 -28.70
N THR E 101 12.52 37.05 -27.95
CA THR E 101 12.52 36.67 -26.54
C THR E 101 12.40 35.15 -26.45
N GLN E 102 13.40 34.52 -25.85
CA GLN E 102 13.49 33.07 -25.80
C GLN E 102 13.28 32.58 -24.38
N GLY E 103 13.38 31.27 -24.20
CA GLY E 103 13.20 30.67 -22.90
C GLY E 103 14.03 29.42 -22.69
N LYS E 104 14.62 29.29 -21.52
CA LYS E 104 15.41 28.12 -21.15
C LYS E 104 14.77 27.45 -19.95
N ILE E 105 15.44 26.42 -19.43
CA ILE E 105 15.01 25.72 -18.23
C ILE E 105 16.24 25.49 -17.38
N LEU E 106 16.32 26.15 -16.23
CA LEU E 106 17.50 26.14 -15.39
C LEU E 106 17.17 25.55 -14.03
N CYS E 107 18.21 25.08 -13.35
CA CYS E 107 18.05 24.49 -12.03
C CYS E 107 19.29 24.81 -11.20
N PHE E 108 19.10 25.45 -10.06
CA PHE E 108 20.17 25.71 -9.12
C PHE E 108 20.06 24.71 -7.97
N TYR E 109 21.18 24.11 -7.59
CA TYR E 109 21.20 23.17 -6.49
C TYR E 109 22.32 23.54 -5.53
N GLY E 110 22.02 23.54 -4.24
CA GLY E 110 22.98 23.89 -3.23
C GLY E 110 22.42 23.79 -1.83
N PRO E 111 23.27 23.94 -0.83
CA PRO E 111 22.83 23.82 0.56
C PRO E 111 21.78 24.87 0.89
N PRO E 112 21.03 24.69 1.97
CA PRO E 112 19.94 25.62 2.28
C PRO E 112 20.46 27.01 2.60
N GLY E 113 19.85 28.02 1.99
CA GLY E 113 20.11 29.40 2.30
C GLY E 113 21.36 29.98 1.67
N VAL E 114 21.55 29.74 0.37
CA VAL E 114 22.69 30.29 -0.34
C VAL E 114 22.29 31.21 -1.48
N GLY E 115 21.02 31.63 -1.51
CA GLY E 115 20.57 32.58 -2.49
C GLY E 115 19.90 32.00 -3.72
N LYS E 116 19.44 30.75 -3.67
CA LYS E 116 18.81 30.16 -4.84
C LYS E 116 17.47 30.80 -5.14
N THR E 117 16.78 31.31 -4.14
CA THR E 117 15.44 31.85 -4.35
C THR E 117 15.44 33.34 -4.63
N SER E 118 16.31 34.10 -3.97
CA SER E 118 16.35 35.53 -4.20
C SER E 118 17.07 35.88 -5.50
N ILE E 119 18.00 35.03 -5.95
CA ILE E 119 18.64 35.30 -7.23
C ILE E 119 17.62 35.20 -8.35
N ALA E 120 16.57 34.39 -8.18
CA ALA E 120 15.53 34.31 -9.18
C ALA E 120 14.80 35.64 -9.31
N ARG E 121 14.45 36.25 -8.18
CA ARG E 121 13.76 37.54 -8.21
C ARG E 121 14.65 38.61 -8.80
N SER E 122 15.92 38.67 -8.36
CA SER E 122 16.82 39.66 -8.93
C SER E 122 17.03 39.43 -10.42
N ILE E 123 17.00 38.17 -10.87
CA ILE E 123 17.16 37.87 -12.28
C ILE E 123 15.96 38.39 -13.07
N ALA E 124 14.75 38.12 -12.58
CA ALA E 124 13.57 38.62 -13.26
C ALA E 124 13.53 40.14 -13.26
N ARG E 125 14.10 40.78 -12.23
CA ARG E 125 14.22 42.23 -12.25
C ARG E 125 15.24 42.69 -13.28
N ALA E 126 16.32 41.93 -13.44
CA ALA E 126 17.35 42.27 -14.43
C ALA E 126 16.79 42.18 -15.84
N LEU E 127 16.14 41.06 -16.17
CA LEU E 127 15.54 40.90 -17.48
C LEU E 127 14.22 41.65 -17.62
N ASN E 128 13.73 42.26 -16.54
CA ASN E 128 12.48 43.01 -16.53
C ASN E 128 11.28 42.14 -16.88
N ARG E 129 11.43 40.83 -16.82
CA ARG E 129 10.28 39.95 -16.93
C ARG E 129 9.43 40.04 -15.67
N GLU E 130 8.26 39.45 -15.73
CA GLU E 130 7.41 39.36 -14.54
C GLU E 130 8.00 38.31 -13.62
N TYR E 131 7.28 37.96 -12.55
CA TYR E 131 7.82 36.99 -11.62
C TYR E 131 6.68 36.26 -10.93
N PHE E 132 6.76 34.93 -10.94
CA PHE E 132 5.81 34.07 -10.25
C PHE E 132 6.59 32.96 -9.59
N ARG E 133 6.18 32.58 -8.38
CA ARG E 133 6.79 31.44 -7.71
C ARG E 133 5.70 30.58 -7.09
N PHE E 134 5.90 29.26 -7.21
CA PHE E 134 5.01 28.31 -6.57
C PHE E 134 5.76 27.00 -6.39
N SER E 135 5.54 26.35 -5.27
CA SER E 135 6.30 25.17 -4.89
C SER E 135 5.58 23.89 -5.27
N VAL E 136 6.34 22.92 -5.74
CA VAL E 136 5.80 21.60 -6.04
C VAL E 136 6.17 20.60 -4.93
N GLY E 137 6.40 21.08 -3.72
CA GLY E 137 6.90 20.26 -2.64
C GLY E 137 6.01 19.12 -2.20
N GLY E 138 4.86 19.45 -1.62
CA GLY E 138 3.99 18.44 -1.07
C GLY E 138 2.85 18.00 -1.95
N MET E 139 2.76 18.52 -3.18
CA MET E 139 1.63 18.22 -4.04
C MET E 139 1.67 16.77 -4.50
N THR E 140 0.50 16.15 -4.54
CA THR E 140 0.37 14.75 -4.94
C THR E 140 -0.58 14.52 -6.12
N ASP E 141 -1.52 15.43 -6.37
CA ASP E 141 -2.44 15.31 -7.48
C ASP E 141 -2.07 16.33 -8.55
N VAL E 142 -2.25 15.95 -9.82
CA VAL E 142 -1.85 16.80 -10.94
C VAL E 142 -2.82 17.93 -11.22
N ALA E 143 -4.02 17.89 -10.64
CA ALA E 143 -4.97 18.96 -10.87
C ALA E 143 -4.51 20.30 -10.33
N GLU E 144 -3.52 20.31 -9.45
CA GLU E 144 -2.98 21.58 -8.96
C GLU E 144 -2.11 22.29 -10.00
N ILE E 145 -1.88 21.66 -11.15
CA ILE E 145 -1.10 22.27 -12.21
C ILE E 145 -1.93 22.28 -13.49
N LYS E 146 -2.47 21.12 -13.86
CA LYS E 146 -3.26 21.01 -15.07
C LYS E 146 -4.69 21.53 -14.88
N GLY E 147 -5.10 21.79 -13.65
CA GLY E 147 -6.44 22.30 -13.39
C GLY E 147 -7.49 21.21 -13.35
N HIS E 148 -8.64 21.56 -12.79
CA HIS E 148 -9.79 20.66 -12.78
C HIS E 148 -10.45 20.67 -14.15
N ARG E 149 -11.64 20.08 -14.24
CA ARG E 149 -12.44 20.12 -15.45
C ARG E 149 -13.66 21.00 -15.23
N ARG E 150 -14.13 21.62 -16.32
CA ARG E 150 -15.19 22.62 -16.24
C ARG E 150 -16.51 22.05 -15.72
N THR E 151 -16.62 20.73 -15.57
CA THR E 151 -17.87 20.10 -15.19
C THR E 151 -18.01 19.93 -13.68
N TYR E 152 -16.90 19.73 -12.96
CA TYR E 152 -16.97 19.50 -11.52
C TYR E 152 -17.60 20.70 -10.81
N VAL E 153 -18.10 20.44 -9.60
CA VAL E 153 -18.93 21.43 -8.92
C VAL E 153 -18.11 22.66 -8.54
N GLY E 154 -16.83 22.48 -8.21
CA GLY E 154 -15.95 23.60 -7.96
C GLY E 154 -14.76 23.54 -8.88
N ALA E 155 -14.69 24.45 -9.85
CA ALA E 155 -13.76 24.34 -10.97
C ALA E 155 -12.82 25.53 -10.96
N MET E 156 -11.51 25.26 -10.93
CA MET E 156 -10.48 26.26 -11.00
C MET E 156 -9.40 25.83 -11.99
N PRO E 157 -8.88 26.74 -12.81
CA PRO E 157 -8.06 26.31 -13.95
C PRO E 157 -6.60 26.00 -13.63
N GLY E 158 -6.28 25.74 -12.36
CA GLY E 158 -4.94 25.30 -12.06
C GLY E 158 -4.02 26.35 -11.47
N LYS E 159 -2.74 26.29 -11.82
CA LYS E 159 -1.76 27.20 -11.23
C LYS E 159 -0.76 27.75 -12.23
N ILE E 160 -0.92 27.50 -13.53
CA ILE E 160 -0.13 28.15 -14.56
C ILE E 160 -0.97 29.13 -15.35
N ILE E 161 -2.23 28.79 -15.61
CA ILE E 161 -3.18 29.75 -16.16
C ILE E 161 -3.32 30.93 -15.23
N GLN E 162 -3.26 30.68 -13.93
CA GLN E 162 -3.28 31.78 -12.97
C GLN E 162 -2.05 32.67 -13.15
N CYS E 163 -0.90 32.08 -13.43
CA CYS E 163 0.29 32.88 -13.72
C CYS E 163 0.05 33.75 -14.94
N LEU E 164 -0.36 33.14 -16.05
CA LEU E 164 -0.53 33.92 -17.27
C LEU E 164 -1.58 35.00 -17.10
N LYS E 165 -2.59 34.76 -16.27
CA LYS E 165 -3.63 35.77 -16.06
C LYS E 165 -3.14 36.91 -15.18
N LYS E 166 -2.49 36.60 -14.06
CA LYS E 166 -2.14 37.65 -13.13
C LYS E 166 -0.92 38.44 -13.59
N THR E 167 0.02 37.80 -14.29
CA THR E 167 1.18 38.52 -14.80
C THR E 167 0.88 39.22 -16.10
N LYS E 168 -0.10 38.72 -16.86
CA LYS E 168 -0.50 39.29 -18.15
C LYS E 168 0.69 39.32 -19.12
N THR E 169 1.31 38.16 -19.29
CA THR E 169 2.48 38.03 -20.14
C THR E 169 2.59 36.57 -20.57
N GLU E 170 3.43 36.32 -21.57
CA GLU E 170 3.69 34.97 -22.03
C GLU E 170 5.11 34.51 -21.75
N ASN E 171 5.96 35.35 -21.20
CA ASN E 171 7.32 34.96 -20.78
C ASN E 171 7.63 35.54 -19.41
N PRO E 172 6.98 35.01 -18.37
CA PRO E 172 7.01 35.66 -17.05
C PRO E 172 8.01 35.11 -16.02
N LEU E 173 8.93 34.22 -16.40
CA LEU E 173 9.95 33.69 -15.49
C LEU E 173 9.28 33.04 -14.26
N ILE E 174 8.63 31.91 -14.51
CA ILE E 174 8.09 31.11 -13.43
C ILE E 174 9.24 30.45 -12.67
N LEU E 175 9.28 30.64 -11.35
CA LEU E 175 10.23 29.97 -10.49
C LEU E 175 9.50 28.87 -9.73
N ILE E 176 9.96 27.64 -9.90
CA ILE E 176 9.38 26.49 -9.24
C ILE E 176 10.32 26.08 -8.12
N ASP E 177 9.98 26.46 -6.89
CA ASP E 177 10.83 26.18 -5.76
C ASP E 177 10.68 24.73 -5.29
N GLU E 178 11.80 24.15 -4.87
CA GLU E 178 11.81 22.91 -4.11
C GLU E 178 11.14 21.78 -4.89
N VAL E 179 11.81 21.42 -6.00
CA VAL E 179 11.34 20.30 -6.82
C VAL E 179 11.94 18.97 -6.39
N ASP E 180 12.73 18.94 -5.30
CA ASP E 180 13.11 17.67 -4.70
C ASP E 180 11.91 16.97 -4.08
N LYS E 181 11.11 17.70 -3.31
CA LYS E 181 9.94 17.12 -2.69
C LYS E 181 8.83 16.97 -3.72
N ILE E 182 8.40 15.74 -3.95
CA ILE E 182 7.31 15.43 -4.88
C ILE E 182 6.50 14.28 -4.30
N GLY E 183 5.17 14.42 -4.30
CA GLY E 183 4.30 13.39 -3.80
C GLY E 183 4.16 12.22 -4.77
N ARG E 184 3.36 11.25 -4.35
CA ARG E 184 3.07 10.09 -5.19
C ARG E 184 1.56 9.92 -5.35
N ASP E 189 2.13 9.75 -10.14
CA ASP E 189 3.30 10.61 -10.02
C ASP E 189 3.14 11.88 -10.86
N PRO E 190 2.99 13.02 -10.18
CA PRO E 190 2.86 14.30 -10.90
C PRO E 190 4.11 14.71 -11.67
N SER E 191 5.18 13.91 -11.55
CA SER E 191 6.40 14.20 -12.30
C SER E 191 6.13 14.21 -13.80
N SER E 192 5.11 13.48 -14.26
CA SER E 192 4.74 13.54 -15.67
C SER E 192 4.28 14.94 -16.06
N ALA E 193 3.35 15.50 -15.28
CA ALA E 193 2.89 16.86 -15.54
C ALA E 193 4.04 17.84 -15.44
N LEU E 194 4.93 17.63 -14.48
CA LEU E 194 6.10 18.49 -14.37
C LEU E 194 6.94 18.44 -15.65
N LEU E 195 7.26 17.24 -16.12
CA LEU E 195 8.13 17.12 -17.29
C LEU E 195 7.47 17.73 -18.53
N GLU E 196 6.19 17.45 -18.74
CA GLU E 196 5.54 18.07 -19.89
C GLU E 196 5.52 19.58 -19.76
N LEU E 197 5.42 20.08 -18.53
CA LEU E 197 5.56 21.52 -18.27
C LEU E 197 6.98 21.99 -18.48
N LEU E 198 7.96 21.10 -18.39
CA LEU E 198 9.38 21.44 -18.50
C LEU E 198 10.02 20.78 -19.71
N ASP E 199 9.26 20.59 -20.78
CA ASP E 199 9.74 19.91 -21.97
C ASP E 199 9.69 20.84 -23.17
N PRO E 200 10.80 21.03 -23.89
CA PRO E 200 10.77 21.89 -25.09
C PRO E 200 9.89 21.35 -26.21
N GLU E 201 9.51 20.08 -26.17
CA GLU E 201 8.64 19.50 -27.19
C GLU E 201 7.17 19.51 -26.80
N GLN E 202 6.87 19.62 -25.50
CA GLN E 202 5.50 19.63 -25.03
C GLN E 202 5.08 21.00 -24.49
N ASN E 203 5.93 22.01 -24.65
CA ASN E 203 5.62 23.33 -24.11
C ASN E 203 4.77 24.16 -25.06
N ALA E 204 5.03 24.05 -26.37
CA ALA E 204 4.28 24.86 -27.32
C ALA E 204 2.79 24.63 -27.22
N ASN E 205 2.38 23.44 -26.78
CA ASN E 205 0.99 23.11 -26.54
C ASN E 205 0.89 22.53 -25.14
N PHE E 206 0.21 23.25 -24.23
CA PHE E 206 0.09 22.80 -22.86
C PHE E 206 -1.21 22.06 -22.59
N LEU E 207 -2.34 22.56 -23.08
CA LEU E 207 -3.64 21.92 -22.95
C LEU E 207 -4.01 21.71 -21.47
N ASP E 208 -4.28 22.83 -20.82
CA ASP E 208 -4.84 22.80 -19.48
C ASP E 208 -6.16 22.02 -19.46
N HIS E 209 -6.50 21.49 -18.28
CA HIS E 209 -7.70 20.65 -18.18
C HIS E 209 -8.97 21.47 -18.11
N TYR E 210 -8.97 22.57 -17.36
CA TYR E 210 -10.16 23.41 -17.26
C TYR E 210 -10.53 23.98 -18.62
N LEU E 211 -9.66 24.81 -19.19
CA LEU E 211 -9.83 25.33 -20.53
C LEU E 211 -9.08 24.43 -21.49
N ASP E 212 -9.83 23.77 -22.39
CA ASP E 212 -9.24 22.74 -23.24
C ASP E 212 -8.21 23.31 -24.20
N VAL E 213 -8.38 24.57 -24.61
CA VAL E 213 -7.50 25.15 -25.63
C VAL E 213 -6.08 25.25 -25.08
N PRO E 214 -5.06 24.83 -25.82
CA PRO E 214 -3.70 24.92 -25.33
C PRO E 214 -3.20 26.35 -25.31
N VAL E 215 -2.08 26.54 -24.61
CA VAL E 215 -1.37 27.81 -24.53
C VAL E 215 0.11 27.53 -24.71
N ASP E 216 0.84 28.54 -25.17
CA ASP E 216 2.27 28.39 -25.41
C ASP E 216 3.06 28.68 -24.14
N LEU E 217 4.15 27.93 -23.96
CA LEU E 217 5.07 28.16 -22.85
C LEU E 217 6.52 28.12 -23.29
N SER E 218 6.80 28.19 -24.59
CA SER E 218 8.17 28.09 -25.05
C SER E 218 8.98 29.35 -24.80
N LYS E 219 8.34 30.44 -24.42
CA LYS E 219 9.04 31.68 -24.10
C LYS E 219 9.26 31.86 -22.60
N VAL E 220 8.58 31.05 -21.77
CA VAL E 220 8.74 31.15 -20.33
C VAL E 220 10.16 30.73 -19.94
N LEU E 221 10.68 31.37 -18.90
CA LEU E 221 11.98 31.03 -18.33
C LEU E 221 11.73 30.29 -17.02
N PHE E 222 11.83 28.97 -17.06
CA PHE E 222 11.56 28.14 -15.89
C PHE E 222 12.85 27.97 -15.10
N ILE E 223 12.89 28.50 -13.89
CA ILE E 223 14.01 28.31 -12.97
C ILE E 223 13.54 27.41 -11.84
N CYS E 224 14.35 26.40 -11.52
CA CYS E 224 14.04 25.45 -10.48
C CYS E 224 15.15 25.44 -9.45
N THR E 225 14.76 25.28 -8.18
CA THR E 225 15.71 25.24 -7.08
C THR E 225 15.58 23.91 -6.35
N ALA E 226 16.71 23.27 -6.07
CA ALA E 226 16.72 22.02 -5.33
C ALA E 226 17.90 22.03 -4.35
N ASN E 227 17.89 21.08 -3.43
CA ASN E 227 19.00 20.91 -2.50
C ASN E 227 19.94 19.79 -2.90
N VAL E 228 19.41 18.73 -3.50
CA VAL E 228 20.20 17.59 -3.96
C VAL E 228 19.61 17.10 -5.28
N THR E 229 20.48 16.77 -6.22
CA THR E 229 20.02 16.40 -7.56
C THR E 229 19.43 15.01 -7.64
N ASP E 230 19.77 14.12 -6.70
CA ASP E 230 19.41 12.71 -6.84
C ASP E 230 17.95 12.45 -6.48
N THR E 231 17.36 13.24 -5.59
CA THR E 231 15.95 13.09 -5.30
C THR E 231 15.08 13.54 -6.47
N ILE E 232 15.60 14.41 -7.33
CA ILE E 232 14.89 14.77 -8.56
C ILE E 232 14.78 13.52 -9.44
N PRO E 233 13.64 13.29 -10.08
CA PRO E 233 13.55 12.17 -11.03
C PRO E 233 14.61 12.29 -12.12
N GLU E 234 15.08 11.13 -12.57
CA GLU E 234 16.02 11.11 -13.68
C GLU E 234 15.46 11.73 -14.96
N PRO E 235 14.18 11.54 -15.31
CA PRO E 235 13.67 12.26 -16.49
C PRO E 235 13.83 13.77 -16.39
N LEU E 236 13.52 14.35 -15.23
CA LEU E 236 13.70 15.78 -15.04
C LEU E 236 15.17 16.16 -15.08
N ARG E 237 16.06 15.26 -14.70
CA ARG E 237 17.49 15.57 -14.66
C ARG E 237 18.12 15.69 -16.02
N ASP E 238 17.33 15.74 -17.10
CA ASP E 238 17.87 15.99 -18.44
C ASP E 238 17.20 17.14 -19.17
N ARG E 239 16.04 17.60 -18.71
CA ARG E 239 15.38 18.74 -19.33
C ARG E 239 15.81 20.07 -18.73
N MET E 240 16.81 20.07 -17.85
CA MET E 240 17.27 21.32 -17.26
C MET E 240 18.77 21.23 -17.02
N GLU E 241 19.44 22.38 -17.14
CA GLU E 241 20.84 22.47 -16.82
C GLU E 241 21.02 22.57 -15.30
N MET E 242 22.23 22.24 -14.86
CA MET E 242 22.54 22.16 -13.44
C MET E 242 23.64 23.16 -13.12
N ILE E 243 23.28 24.22 -12.38
CA ILE E 243 24.22 25.22 -11.92
C ILE E 243 24.36 25.07 -10.42
N ASN E 244 25.60 25.01 -9.94
CA ASN E 244 25.89 24.74 -8.54
C ASN E 244 26.08 26.05 -7.78
N VAL E 245 25.15 26.35 -6.88
CA VAL E 245 25.29 27.46 -5.96
C VAL E 245 25.89 26.90 -4.68
N SER E 246 27.12 27.31 -4.38
CA SER E 246 27.90 26.70 -3.31
C SER E 246 27.86 27.53 -2.03
N GLY E 247 28.18 26.88 -0.92
CA GLY E 247 28.17 27.54 0.36
C GLY E 247 29.32 28.51 0.52
N TYR E 248 29.25 29.29 1.59
CA TYR E 248 30.17 30.39 1.82
C TYR E 248 31.12 30.06 2.97
N VAL E 249 32.15 30.89 3.09
CA VAL E 249 33.12 30.80 4.17
C VAL E 249 32.86 31.94 5.15
N ALA E 250 33.61 31.96 6.25
CA ALA E 250 33.40 32.97 7.29
C ALA E 250 33.44 34.38 6.73
N GLN E 251 34.47 34.71 5.96
CA GLN E 251 34.57 36.06 5.42
C GLN E 251 33.51 36.33 4.37
N GLU E 252 33.17 35.31 3.58
CA GLU E 252 32.08 35.42 2.62
C GLU E 252 30.76 35.68 3.33
N LYS E 253 30.48 34.88 4.37
CA LYS E 253 29.29 35.09 5.18
C LYS E 253 29.27 36.48 5.79
N LEU E 254 30.43 36.95 6.24
CA LEU E 254 30.50 38.26 6.90
C LEU E 254 30.20 39.38 5.91
N ALA E 255 30.73 39.28 4.69
CA ALA E 255 30.40 40.25 3.66
C ALA E 255 28.91 40.24 3.36
N ILE E 256 28.34 39.04 3.20
CA ILE E 256 26.91 38.94 2.96
C ILE E 256 26.13 39.61 4.09
N ALA E 257 26.52 39.30 5.33
CA ALA E 257 25.84 39.88 6.49
C ALA E 257 25.85 41.39 6.44
N GLU E 258 27.05 41.98 6.50
CA GLU E 258 27.17 43.43 6.51
C GLU E 258 26.42 44.08 5.37
N ARG E 259 26.60 43.58 4.15
CA ARG E 259 26.08 44.34 3.01
C ARG E 259 24.61 44.10 2.76
N TYR E 260 24.07 42.95 3.15
CA TYR E 260 22.71 42.59 2.76
C TYR E 260 21.80 42.27 3.93
N LEU E 261 22.28 41.52 4.92
CA LEU E 261 21.37 41.01 5.94
C LEU E 261 21.03 42.09 6.96
N VAL E 262 22.02 42.80 7.45
CA VAL E 262 21.76 43.86 8.43
C VAL E 262 20.92 44.99 7.84
N PRO E 263 21.20 45.51 6.65
CA PRO E 263 20.31 46.54 6.11
C PRO E 263 18.89 46.05 5.90
N GLN E 264 18.70 44.85 5.35
CA GLN E 264 17.36 44.35 5.10
C GLN E 264 16.61 44.10 6.39
N ALA E 265 17.21 43.36 7.32
CA ALA E 265 16.55 43.07 8.58
C ALA E 265 16.26 44.34 9.36
N ARG E 266 17.16 45.32 9.27
CA ARG E 266 16.97 46.58 9.96
C ARG E 266 15.81 47.37 9.38
N ALA E 267 15.79 47.51 8.05
CA ALA E 267 14.69 48.21 7.40
C ALA E 267 13.37 47.48 7.56
N LEU E 268 13.40 46.17 7.80
CA LEU E 268 12.18 45.45 8.10
C LEU E 268 11.73 45.69 9.53
N CYS E 269 12.67 45.82 10.47
CA CYS E 269 12.31 46.04 11.85
C CYS E 269 11.90 47.47 12.14
N GLY E 270 12.26 48.42 11.27
CA GLY E 270 11.87 49.81 11.40
C GLY E 270 13.01 50.76 11.73
N LEU E 271 14.06 50.27 12.38
CA LEU E 271 15.16 51.13 12.80
C LEU E 271 15.98 51.56 11.59
N ASP E 272 16.99 52.39 11.86
CA ASP E 272 17.93 52.81 10.83
C ASP E 272 19.37 52.69 11.34
N GLU E 273 20.34 53.17 10.57
CA GLU E 273 21.73 52.90 10.86
C GLU E 273 22.19 53.47 12.20
N SER E 274 21.53 54.52 12.69
CA SER E 274 21.99 55.15 13.92
C SER E 274 21.43 54.50 15.17
N LYS E 275 20.16 54.10 15.15
CA LYS E 275 19.50 53.61 16.35
C LYS E 275 19.89 52.19 16.70
N ALA E 276 20.49 51.44 15.77
CA ALA E 276 20.87 50.05 16.04
C ALA E 276 22.04 49.69 15.15
N LYS E 277 23.18 49.35 15.77
CA LYS E 277 24.37 48.95 15.05
C LYS E 277 24.80 47.56 15.47
N LEU E 278 25.51 46.88 14.58
CA LEU E 278 26.10 45.57 14.83
C LEU E 278 27.54 45.61 14.33
N SER E 279 28.49 45.69 15.26
CA SER E 279 29.89 45.66 14.87
C SER E 279 30.21 44.35 14.15
N SER E 280 31.22 44.40 13.28
CA SER E 280 31.59 43.19 12.55
C SER E 280 32.04 42.09 13.48
N ASP E 281 32.56 42.44 14.66
CA ASP E 281 32.92 41.42 15.63
C ASP E 281 31.69 40.66 16.12
N VAL E 282 30.59 41.36 16.32
CA VAL E 282 29.34 40.69 16.68
C VAL E 282 28.91 39.76 15.57
N LEU E 283 29.14 40.15 14.31
CA LEU E 283 28.76 39.29 13.20
C LEU E 283 29.64 38.05 13.14
N THR E 284 30.94 38.19 13.35
CA THR E 284 31.78 37.01 13.38
C THR E 284 31.46 36.12 14.57
N LEU E 285 30.98 36.69 15.67
CA LEU E 285 30.51 35.84 16.76
C LEU E 285 29.26 35.07 16.36
N LEU E 286 28.28 35.77 15.78
CA LEU E 286 27.07 35.10 15.30
C LEU E 286 27.36 34.10 14.19
N ILE E 287 28.52 34.18 13.56
CA ILE E 287 28.88 33.25 12.49
C ILE E 287 29.64 32.04 13.03
N LYS E 288 30.68 32.27 13.82
CA LYS E 288 31.50 31.16 14.30
C LYS E 288 30.74 30.30 15.30
N GLN E 289 30.10 30.92 16.28
CA GLN E 289 29.52 30.19 17.40
C GLN E 289 28.01 29.98 17.25
N TYR E 290 27.25 31.05 17.12
CA TYR E 290 25.81 30.92 17.12
C TYR E 290 25.23 30.31 15.85
N CYS E 291 26.06 29.90 14.90
CA CYS E 291 25.56 29.31 13.67
C CYS E 291 26.52 28.25 13.18
N ARG E 292 25.97 27.19 12.59
CA ARG E 292 26.75 26.12 11.98
C ARG E 292 26.00 25.70 10.72
N GLU E 293 26.47 26.17 9.58
CA GLU E 293 25.76 25.97 8.31
C GLU E 293 26.68 26.42 7.18
N SER E 294 26.26 26.14 5.96
CA SER E 294 26.94 26.63 4.78
C SER E 294 26.22 27.81 4.14
N GLY E 295 25.02 28.14 4.60
CA GLY E 295 24.30 29.29 4.13
C GLY E 295 24.28 30.42 5.14
N VAL E 296 23.33 31.33 4.96
CA VAL E 296 23.19 32.47 5.85
C VAL E 296 21.76 32.56 6.34
N ARG E 297 21.09 31.42 6.46
CA ARG E 297 19.70 31.43 6.92
C ARG E 297 19.60 31.63 8.42
N ASN E 298 20.23 30.73 9.19
CA ASN E 298 20.22 30.89 10.65
C ASN E 298 20.91 32.16 11.07
N LEU E 299 21.94 32.59 10.33
CA LEU E 299 22.55 33.88 10.62
C LEU E 299 21.56 35.01 10.41
N GLN E 300 20.74 34.90 9.36
CA GLN E 300 19.70 35.90 9.14
C GLN E 300 18.71 35.92 10.29
N LYS E 301 18.34 34.74 10.79
CA LYS E 301 17.41 34.68 11.93
C LYS E 301 18.03 35.32 13.16
N GLN E 302 19.32 35.08 13.40
CA GLN E 302 19.99 35.67 14.56
C GLN E 302 20.03 37.19 14.45
N VAL E 303 20.37 37.71 13.27
CA VAL E 303 20.40 39.15 13.07
C VAL E 303 19.01 39.74 13.27
N GLU E 304 17.98 39.05 12.76
CA GLU E 304 16.61 39.52 12.95
C GLU E 304 16.24 39.56 14.42
N LYS E 305 16.62 38.54 15.18
CA LYS E 305 16.32 38.53 16.60
C LYS E 305 17.03 39.67 17.32
N VAL E 306 18.30 39.90 17.01
CA VAL E 306 19.04 40.98 17.64
C VAL E 306 18.36 42.32 17.35
N LEU E 307 18.02 42.55 16.08
CA LEU E 307 17.42 43.84 15.72
C LEU E 307 16.02 43.99 16.29
N ARG E 308 15.28 42.89 16.46
CA ARG E 308 13.95 42.98 17.03
C ARG E 308 14.00 43.32 18.52
N LYS E 309 14.88 42.66 19.26
CA LYS E 309 15.08 43.03 20.66
C LYS E 309 15.57 44.47 20.77
N SER E 310 16.39 44.91 19.81
CA SER E 310 16.83 46.30 19.80
C SER E 310 15.66 47.25 19.61
N ALA E 311 14.79 46.94 18.65
CA ALA E 311 13.61 47.78 18.43
C ALA E 311 12.76 47.87 19.68
N TYR E 312 12.57 46.74 20.36
CA TYR E 312 11.81 46.78 21.61
C TYR E 312 12.48 47.69 22.63
N LYS E 313 13.78 47.46 22.89
CA LYS E 313 14.49 48.29 23.87
C LYS E 313 14.42 49.77 23.52
N ILE E 314 14.33 50.09 22.22
CA ILE E 314 14.13 51.47 21.81
C ILE E 314 12.73 51.95 22.22
N VAL E 315 11.70 51.28 21.72
CA VAL E 315 10.33 51.75 21.92
C VAL E 315 9.92 51.65 23.38
N SER E 316 10.41 50.64 24.10
CA SER E 316 10.06 50.51 25.51
C SER E 316 10.72 51.56 26.38
N GLY E 317 11.64 52.36 25.83
CA GLY E 317 12.21 53.45 26.60
C GLY E 317 13.37 53.07 27.49
N GLU E 318 14.03 51.95 27.24
CA GLU E 318 15.23 51.63 28.00
C GLU E 318 16.46 52.37 27.48
N ALA E 319 16.53 52.60 26.17
CA ALA E 319 17.65 53.33 25.59
C ALA E 319 17.19 53.96 24.29
N GLU E 320 17.91 55.01 23.89
CA GLU E 320 17.60 55.76 22.68
C GLU E 320 18.36 55.25 21.47
N SER E 321 19.35 54.38 21.66
CA SER E 321 20.12 53.75 20.60
C SER E 321 20.88 52.59 21.22
N VAL E 322 21.09 51.53 20.43
CA VAL E 322 21.73 50.32 20.90
C VAL E 322 22.94 50.04 20.03
N GLU E 323 24.03 49.63 20.66
CA GLU E 323 25.27 49.23 19.99
C GLU E 323 25.60 47.83 20.47
N VAL E 324 25.31 46.82 19.66
CA VAL E 324 25.58 45.45 20.06
C VAL E 324 27.09 45.21 19.97
N THR E 325 27.68 44.82 21.09
CA THR E 325 29.10 44.52 21.18
C THR E 325 29.27 43.08 21.64
N PRO E 326 30.45 42.49 21.46
CA PRO E 326 30.71 41.16 22.03
C PRO E 326 30.52 41.11 23.54
N GLU E 327 30.47 42.25 24.21
CA GLU E 327 30.33 42.26 25.67
C GLU E 327 28.89 42.05 26.11
N ASN E 328 27.92 42.43 25.29
CA ASN E 328 26.52 42.34 25.67
C ASN E 328 25.69 41.57 24.64
N LEU E 329 26.33 40.76 23.81
CA LEU E 329 25.58 39.98 22.83
C LEU E 329 24.69 38.94 23.51
N GLN E 330 25.09 38.49 24.71
CA GLN E 330 24.30 37.50 25.42
C GLN E 330 22.90 38.01 25.72
N ASP E 331 22.78 39.30 26.04
CA ASP E 331 21.48 39.86 26.35
C ASP E 331 20.54 39.86 25.16
N PHE E 332 21.09 39.68 23.95
CA PHE E 332 20.29 39.66 22.73
C PHE E 332 20.09 38.26 22.17
N VAL E 333 21.05 37.36 22.34
CA VAL E 333 20.91 36.01 21.78
C VAL E 333 21.08 34.91 22.81
N GLY E 334 21.68 35.15 23.96
CA GLY E 334 21.80 34.12 24.99
C GLY E 334 23.19 33.50 25.01
N LYS E 335 23.24 32.18 25.06
CA LYS E 335 24.55 31.60 25.27
C LYS E 335 25.12 31.04 23.97
N PRO E 336 26.44 30.98 23.86
CA PRO E 336 27.08 30.56 22.61
C PRO E 336 27.02 29.07 22.35
N VAL E 337 25.96 28.58 21.71
CA VAL E 337 25.99 27.22 21.19
C VAL E 337 27.16 27.06 20.22
N PHE E 338 27.56 25.81 19.98
CA PHE E 338 28.65 25.47 19.05
C PHE E 338 29.97 26.13 19.48
N THR E 339 30.50 25.65 20.60
CA THR E 339 31.76 26.15 21.12
C THR E 339 32.83 25.06 21.18
N VAL E 340 32.89 24.21 20.17
CA VAL E 340 33.90 23.15 20.14
C VAL E 340 34.65 23.16 18.81
N GLU E 341 33.90 23.05 17.72
CA GLU E 341 34.33 23.17 16.32
C GLU E 341 35.12 21.96 15.81
N ARG E 342 35.54 21.07 16.69
CA ARG E 342 36.16 19.80 16.31
C ARG E 342 36.32 18.94 17.54
N MET E 343 36.11 17.64 17.37
CA MET E 343 36.05 16.73 18.50
C MET E 343 37.38 16.67 19.25
N TYR E 344 38.44 16.26 18.57
CA TYR E 344 39.76 16.16 19.18
C TYR E 344 40.57 17.40 18.83
N ASP E 345 41.35 17.87 19.80
CA ASP E 345 42.33 18.92 19.52
C ASP E 345 43.70 18.35 19.24
N VAL E 346 44.11 17.35 20.00
CA VAL E 346 45.36 16.64 19.80
C VAL E 346 45.01 15.16 19.75
N THR E 347 45.21 14.54 18.61
CA THR E 347 44.72 13.19 18.42
C THR E 347 45.64 12.18 19.12
N PRO E 348 45.06 11.15 19.74
CA PRO E 348 45.87 10.09 20.33
C PRO E 348 46.45 9.18 19.26
N PRO E 349 47.17 8.13 19.65
CA PRO E 349 47.70 7.20 18.64
C PRO E 349 46.67 6.57 17.73
N GLY E 350 45.39 6.52 18.11
CA GLY E 350 44.47 5.73 17.34
C GLY E 350 43.55 6.45 16.38
N VAL E 351 43.39 7.76 16.52
CA VAL E 351 42.32 8.46 15.80
C VAL E 351 42.92 9.34 14.72
N VAL E 352 42.17 9.52 13.64
CA VAL E 352 42.59 10.28 12.48
C VAL E 352 41.40 11.09 11.99
N MET E 353 41.65 12.32 11.55
CA MET E 353 40.58 13.17 11.08
C MET E 353 40.25 12.88 9.62
N GLY E 354 38.96 12.73 9.33
CA GLY E 354 38.49 12.54 7.98
C GLY E 354 37.46 13.60 7.62
N LEU E 355 37.21 13.72 6.33
CA LEU E 355 36.28 14.70 5.81
C LEU E 355 35.09 14.00 5.18
N ALA E 356 33.89 14.48 5.51
CA ALA E 356 32.67 13.97 4.92
C ALA E 356 31.86 15.13 4.39
N TRP E 357 30.80 14.82 3.65
CA TRP E 357 29.94 15.86 3.13
C TRP E 357 28.55 15.28 2.91
N THR E 358 27.61 16.19 2.70
CA THR E 358 26.21 15.82 2.50
C THR E 358 25.55 16.98 1.75
N ALA E 359 24.21 17.01 1.73
CA ALA E 359 23.52 18.10 1.06
C ALA E 359 23.65 19.40 1.84
N MET E 360 23.65 19.32 3.17
CA MET E 360 23.74 20.53 3.99
C MET E 360 25.11 21.18 3.90
N GLY E 361 26.13 20.46 3.49
CA GLY E 361 27.45 21.01 3.34
C GLY E 361 28.48 20.05 3.87
N GLY E 362 29.73 20.51 3.90
CA GLY E 362 30.82 19.69 4.36
C GLY E 362 30.77 19.47 5.86
N SER E 363 31.63 18.55 6.31
CA SER E 363 31.72 18.20 7.71
C SER E 363 33.03 17.47 7.94
N THR E 364 33.52 17.52 9.17
CA THR E 364 34.73 16.81 9.57
C THR E 364 34.36 15.74 10.58
N LEU E 365 35.02 14.59 10.49
CA LEU E 365 34.79 13.50 11.43
C LEU E 365 36.09 12.77 11.71
N PHE E 366 36.09 12.01 12.79
CA PHE E 366 37.26 11.28 13.23
C PHE E 366 36.99 9.79 13.19
N VAL E 367 38.05 9.01 13.07
CA VAL E 367 37.97 7.56 13.03
C VAL E 367 38.78 7.04 14.21
N GLU E 368 38.08 6.51 15.21
CA GLU E 368 38.73 6.01 16.42
C GLU E 368 38.95 4.52 16.30
N THR E 369 40.09 4.06 16.83
CA THR E 369 40.39 2.65 16.93
C THR E 369 40.85 2.35 18.35
N SER E 370 40.81 1.08 18.73
CA SER E 370 41.17 0.67 20.07
C SER E 370 41.37 -0.83 20.11
N LEU E 371 42.04 -1.29 21.15
CA LEU E 371 42.10 -2.72 21.44
C LEU E 371 40.82 -3.18 22.10
N ARG E 372 40.36 -4.37 21.72
CA ARG E 372 39.15 -4.94 22.27
C ARG E 372 39.41 -6.06 23.25
N ARG E 373 40.63 -6.59 23.27
CA ARG E 373 41.04 -7.66 24.17
C ARG E 373 42.48 -7.42 24.58
N PRO E 374 42.85 -7.81 25.79
CA PRO E 374 44.15 -7.42 26.35
C PRO E 374 45.34 -8.30 25.96
N GLN E 375 45.93 -8.00 24.81
CA GLN E 375 47.20 -8.59 24.43
C GLN E 375 47.80 -7.71 23.33
N ASP E 376 48.81 -8.22 22.62
CA ASP E 376 49.44 -7.47 21.55
C ASP E 376 48.44 -7.15 20.44
N LYS E 383 44.33 -18.66 15.45
CA LYS E 383 44.08 -17.54 16.36
C LYS E 383 44.50 -16.22 15.74
N ASP E 384 43.67 -15.69 14.85
CA ASP E 384 43.95 -14.44 14.16
C ASP E 384 43.10 -13.32 14.72
N GLY E 385 43.57 -12.10 14.50
CA GLY E 385 42.85 -10.93 14.97
C GLY E 385 41.61 -10.66 14.15
N SER E 386 40.76 -9.78 14.68
CA SER E 386 39.51 -9.45 14.04
C SER E 386 39.34 -7.94 13.98
N LEU E 387 38.16 -7.49 13.55
CA LEU E 387 37.90 -6.04 13.49
C LEU E 387 36.40 -5.82 13.62
N GLU E 388 35.97 -5.40 14.79
CA GLU E 388 34.60 -4.93 14.97
C GLU E 388 34.49 -3.49 14.47
N VAL E 389 33.36 -3.17 13.86
CA VAL E 389 33.15 -1.87 13.25
C VAL E 389 31.78 -1.36 13.69
N THR E 390 31.75 -0.19 14.32
CA THR E 390 30.51 0.44 14.73
C THR E 390 30.47 1.87 14.23
N GLY E 391 29.30 2.49 14.34
CA GLY E 391 29.14 3.88 13.96
C GLY E 391 28.01 4.14 13.00
N GLN E 392 27.13 3.16 12.82
CA GLN E 392 26.01 3.23 11.88
C GLN E 392 26.52 3.42 10.45
N LEU E 393 27.32 2.47 10.00
CA LEU E 393 28.00 2.55 8.72
C LEU E 393 27.25 1.77 7.65
N GLY E 394 27.17 2.35 6.46
CA GLY E 394 26.55 1.69 5.33
C GLY E 394 27.34 0.48 4.87
N GLU E 395 26.82 -0.17 3.84
CA GLU E 395 27.46 -1.38 3.35
C GLU E 395 28.77 -1.07 2.63
N VAL E 396 28.77 -0.04 1.80
CA VAL E 396 29.99 0.35 1.10
C VAL E 396 31.07 0.75 2.10
N MET E 397 30.69 1.39 3.19
CA MET E 397 31.68 1.80 4.18
C MET E 397 32.25 0.61 4.93
N LYS E 398 31.42 -0.39 5.24
CA LYS E 398 31.94 -1.59 5.87
C LYS E 398 32.88 -2.34 4.94
N GLU E 399 32.54 -2.41 3.65
CA GLU E 399 33.44 -3.06 2.71
C GLU E 399 34.75 -2.29 2.57
N SER E 400 34.69 -0.95 2.60
CA SER E 400 35.92 -0.17 2.56
C SER E 400 36.76 -0.40 3.81
N ALA E 401 36.11 -0.60 4.96
CA ALA E 401 36.87 -0.93 6.16
C ALA E 401 37.54 -2.29 6.04
N ARG E 402 36.86 -3.25 5.41
CA ARG E 402 37.49 -4.56 5.20
C ARG E 402 38.71 -4.45 4.29
N ILE E 403 38.56 -3.70 3.18
CA ILE E 403 39.68 -3.48 2.27
C ILE E 403 40.83 -2.79 3.00
N ALA E 404 40.50 -1.79 3.81
CA ALA E 404 41.53 -1.07 4.55
C ALA E 404 42.24 -1.98 5.53
N TYR E 405 41.50 -2.88 6.17
CA TYR E 405 42.11 -3.83 7.10
C TYR E 405 43.10 -4.73 6.38
N THR E 406 42.68 -5.28 5.23
CA THR E 406 43.56 -6.17 4.49
C THR E 406 44.82 -5.44 4.03
N PHE E 407 44.65 -4.24 3.46
CA PHE E 407 45.82 -3.53 2.97
C PHE E 407 46.70 -3.06 4.11
N ALA E 408 46.12 -2.69 5.24
CA ALA E 408 46.94 -2.28 6.38
C ALA E 408 47.78 -3.42 6.90
N ARG E 409 47.21 -4.62 6.96
CA ARG E 409 48.00 -5.78 7.38
C ARG E 409 49.14 -6.04 6.40
N ALA E 410 48.84 -5.99 5.10
CA ALA E 410 49.89 -6.17 4.10
C ALA E 410 51.00 -5.14 4.25
N PHE E 411 50.61 -3.87 4.41
CA PHE E 411 51.59 -2.79 4.47
C PHE E 411 52.44 -2.91 5.73
N LEU E 412 51.83 -3.16 6.88
CA LEU E 412 52.59 -3.31 8.10
C LEU E 412 53.51 -4.52 8.04
N MET E 413 53.13 -5.55 7.29
CA MET E 413 54.02 -6.68 7.13
C MET E 413 55.22 -6.31 6.26
N GLN E 414 55.00 -5.54 5.20
CA GLN E 414 56.11 -5.21 4.33
C GLN E 414 57.03 -4.15 4.92
N HIS E 415 56.52 -3.28 5.79
CA HIS E 415 57.29 -2.16 6.31
C HIS E 415 57.90 -2.41 7.68
N ALA E 416 57.19 -3.14 8.55
CA ALA E 416 57.70 -3.48 9.87
C ALA E 416 57.39 -4.95 10.10
N PRO E 417 58.20 -5.85 9.54
CA PRO E 417 57.85 -7.28 9.51
C PRO E 417 57.85 -7.95 10.88
N ALA E 418 58.07 -7.22 11.97
CA ALA E 418 58.10 -7.82 13.29
C ALA E 418 56.99 -7.33 14.20
N ASN E 419 56.04 -6.55 13.69
CA ASN E 419 55.07 -5.92 14.57
C ASN E 419 54.07 -6.93 15.11
N ASP E 420 53.46 -7.72 14.23
CA ASP E 420 52.54 -8.79 14.58
C ASP E 420 51.22 -8.23 15.07
N TYR E 421 51.17 -6.93 15.31
CA TYR E 421 49.91 -6.25 15.53
C TYR E 421 49.08 -6.35 14.25
N LEU E 422 47.77 -6.15 14.39
CA LEU E 422 46.84 -6.22 13.27
C LEU E 422 46.71 -7.63 12.71
N VAL E 423 47.52 -8.56 13.21
CA VAL E 423 47.41 -9.97 12.85
C VAL E 423 46.91 -10.81 14.00
N THR E 424 47.35 -10.51 15.22
CA THR E 424 46.87 -11.20 16.40
C THR E 424 46.01 -10.32 17.30
N SER E 425 45.85 -9.05 16.98
CA SER E 425 45.12 -8.12 17.84
C SER E 425 43.66 -8.07 17.45
N HIS E 426 42.79 -7.90 18.45
CA HIS E 426 41.37 -7.73 18.25
C HIS E 426 41.04 -6.24 18.36
N ILE E 427 40.65 -5.63 17.25
CA ILE E 427 40.47 -4.19 17.15
C ILE E 427 38.99 -3.86 17.13
N HIS E 428 38.68 -2.63 17.56
CA HIS E 428 37.36 -2.06 17.42
C HIS E 428 37.50 -0.69 16.79
N LEU E 429 36.81 -0.47 15.68
CA LEU E 429 36.86 0.79 14.95
C LEU E 429 35.51 1.48 15.03
N HIS E 430 35.51 2.73 15.44
CA HIS E 430 34.28 3.49 15.64
C HIS E 430 34.42 4.85 14.99
N VAL E 431 33.34 5.34 14.39
CA VAL E 431 33.26 6.70 13.86
C VAL E 431 32.24 7.45 14.71
N PRO E 432 32.67 8.42 15.52
CA PRO E 432 31.77 9.00 16.52
C PRO E 432 30.54 9.69 15.97
N GLU E 433 29.69 10.16 16.88
CA GLU E 433 28.29 10.44 16.60
C GLU E 433 27.62 9.16 16.10
N GLY E 434 27.55 8.17 17.00
CA GLY E 434 27.01 6.87 16.67
C GLY E 434 25.54 6.87 16.32
N ALA E 435 24.90 8.04 16.35
CA ALA E 435 23.49 8.15 16.01
C ALA E 435 23.27 8.46 14.54
N THR E 436 24.15 9.23 13.93
CA THR E 436 23.94 9.61 12.54
C THR E 436 24.50 8.56 11.61
N PRO E 437 23.76 8.13 10.60
CA PRO E 437 24.27 7.14 9.65
C PRO E 437 25.23 7.78 8.66
N LYS E 438 26.11 6.95 8.12
CA LYS E 438 27.12 7.46 7.21
C LYS E 438 27.57 6.34 6.28
N ASP E 439 27.89 6.72 5.05
CA ASP E 439 28.22 5.77 4.00
C ASP E 439 29.27 6.40 3.10
N GLY E 440 29.84 5.58 2.22
CA GLY E 440 30.74 6.09 1.21
C GLY E 440 32.06 5.35 1.14
N PRO E 441 32.63 5.30 -0.07
CA PRO E 441 33.91 4.60 -0.26
C PRO E 441 35.12 5.39 0.19
N SER E 442 34.96 6.68 0.49
CA SER E 442 36.07 7.47 1.00
C SER E 442 36.41 7.00 2.41
N ALA E 443 37.34 7.70 3.04
CA ALA E 443 37.85 7.36 4.36
C ALA E 443 38.49 5.98 4.40
N GLY E 444 38.74 5.37 3.24
CA GLY E 444 39.53 4.16 3.23
C GLY E 444 40.97 4.42 3.65
N CYS E 445 41.59 5.43 3.05
CA CYS E 445 42.92 5.84 3.48
C CYS E 445 42.91 6.30 4.93
N THR E 446 41.82 6.92 5.38
CA THR E 446 41.70 7.31 6.78
C THR E 446 41.72 6.09 7.69
N ILE E 447 40.98 5.04 7.32
CA ILE E 447 40.95 3.84 8.15
C ILE E 447 42.29 3.14 8.15
N VAL E 448 42.96 3.10 6.99
CA VAL E 448 44.31 2.52 6.95
C VAL E 448 45.24 3.28 7.87
N THR E 449 45.19 4.62 7.82
CA THR E 449 46.07 5.43 8.65
C THR E 449 45.78 5.22 10.13
N ALA E 450 44.50 5.15 10.50
CA ALA E 450 44.15 4.93 11.89
C ALA E 450 44.66 3.58 12.38
N LEU E 451 44.48 2.53 11.58
CA LEU E 451 44.96 1.22 11.98
C LEU E 451 46.48 1.19 12.12
N LEU E 452 47.18 1.84 11.19
CA LEU E 452 48.63 1.81 11.23
C LEU E 452 49.17 2.64 12.39
N SER E 453 48.52 3.77 12.69
CA SER E 453 48.95 4.58 13.81
C SER E 453 48.65 3.90 15.14
N LEU E 454 47.59 3.09 15.20
CA LEU E 454 47.34 2.32 16.41
C LEU E 454 48.36 1.20 16.55
N ALA E 455 48.70 0.54 15.45
CA ALA E 455 49.64 -0.56 15.51
C ALA E 455 51.06 -0.08 15.80
N MET E 456 51.41 1.12 15.37
CA MET E 456 52.72 1.68 15.62
C MET E 456 52.78 2.51 16.90
N GLY E 457 51.64 2.72 17.56
CA GLY E 457 51.62 3.54 18.75
C GLY E 457 52.02 4.97 18.52
N ARG E 458 51.91 5.47 17.30
CA ARG E 458 52.29 6.81 16.92
C ARG E 458 51.07 7.63 16.56
N PRO E 459 51.00 8.88 16.98
CA PRO E 459 49.93 9.75 16.48
C PRO E 459 50.33 10.39 15.16
N VAL E 460 49.34 10.60 14.31
CA VAL E 460 49.55 11.22 13.02
C VAL E 460 49.83 12.71 13.23
N ARG E 461 50.26 13.39 12.18
CA ARG E 461 50.42 14.84 12.22
C ARG E 461 49.17 15.49 12.79
N GLN E 462 49.36 16.61 13.49
CA GLN E 462 48.32 17.05 14.41
C GLN E 462 47.19 17.82 13.74
N ASN E 463 47.46 18.58 12.69
CA ASN E 463 46.40 19.23 11.94
C ASN E 463 46.44 18.64 10.54
N LEU E 464 45.79 17.51 10.35
CA LEU E 464 45.86 16.77 9.10
C LEU E 464 44.55 16.06 8.86
N ALA E 465 43.99 16.25 7.67
CA ALA E 465 42.80 15.54 7.24
C ALA E 465 43.09 14.91 5.89
N MET E 466 42.53 13.72 5.67
CA MET E 466 42.72 13.00 4.42
C MET E 466 41.39 12.47 3.94
N THR E 467 41.26 12.37 2.61
CA THR E 467 40.09 11.77 2.00
C THR E 467 40.55 11.06 0.74
N GLY E 468 40.01 9.86 0.52
CA GLY E 468 40.35 9.11 -0.68
C GLY E 468 40.03 7.65 -0.59
N GLU E 469 39.46 7.08 -1.65
CA GLU E 469 39.21 5.65 -1.66
C GLU E 469 40.53 4.90 -1.79
N VAL E 470 40.58 3.72 -1.18
CA VAL E 470 41.75 2.87 -1.26
C VAL E 470 41.35 1.58 -1.96
N SER E 471 42.31 0.96 -2.62
CA SER E 471 42.09 -0.32 -3.27
C SER E 471 42.95 -1.38 -2.59
N LEU E 472 42.66 -2.63 -2.92
CA LEU E 472 43.26 -3.75 -2.20
C LEU E 472 44.78 -3.78 -2.32
N THR E 473 45.35 -3.12 -3.33
CA THR E 473 46.79 -3.08 -3.49
C THR E 473 47.40 -1.77 -3.04
N GLY E 474 46.59 -0.78 -2.68
CA GLY E 474 47.07 0.46 -2.13
C GLY E 474 46.83 1.68 -2.98
N LYS E 475 46.36 1.52 -4.21
CA LYS E 475 46.11 2.69 -5.05
C LYS E 475 45.04 3.57 -4.43
N ILE E 476 45.18 4.87 -4.64
CA ILE E 476 44.27 5.87 -4.09
C ILE E 476 43.39 6.37 -5.22
N LEU E 477 42.11 6.16 -5.10
CA LEU E 477 41.11 6.43 -6.12
C LEU E 477 40.38 7.72 -5.80
N PRO E 478 39.82 8.38 -6.81
CA PRO E 478 39.19 9.70 -6.57
C PRO E 478 37.99 9.61 -5.65
N VAL E 479 37.54 10.77 -5.19
CA VAL E 479 36.37 10.92 -4.35
C VAL E 479 35.52 12.07 -4.89
N GLY E 480 34.46 12.40 -4.16
CA GLY E 480 33.54 13.44 -4.56
C GLY E 480 33.45 14.53 -3.51
N GLY E 481 32.84 15.64 -3.91
CA GLY E 481 32.64 16.76 -3.02
C GLY E 481 33.91 17.34 -2.44
N ILE E 482 34.88 17.64 -3.29
CA ILE E 482 36.14 18.21 -2.81
C ILE E 482 35.91 19.61 -2.26
N LYS E 483 35.01 20.37 -2.88
CA LYS E 483 34.79 21.75 -2.46
C LYS E 483 34.27 21.82 -1.02
N GLU E 484 33.20 21.08 -0.73
CA GLU E 484 32.59 21.16 0.60
C GLU E 484 33.49 20.56 1.66
N LYS E 485 34.17 19.45 1.35
CA LYS E 485 35.11 18.88 2.30
C LYS E 485 36.24 19.85 2.61
N THR E 486 36.72 20.56 1.59
CA THR E 486 37.79 21.53 1.80
C THR E 486 37.30 22.71 2.63
N ILE E 487 36.08 23.17 2.39
CA ILE E 487 35.50 24.22 3.22
C ILE E 487 35.46 23.79 4.67
N ALA E 488 34.95 22.57 4.91
CA ALA E 488 34.82 22.09 6.29
C ALA E 488 36.18 21.90 6.94
N ALA E 489 37.18 21.45 6.18
CA ALA E 489 38.50 21.28 6.75
C ALA E 489 39.13 22.62 7.08
N LYS E 490 38.92 23.63 6.23
CA LYS E 490 39.42 24.96 6.52
C LYS E 490 38.75 25.52 7.77
N ARG E 491 37.44 25.31 7.91
CA ARG E 491 36.72 25.84 9.05
C ARG E 491 37.13 25.13 10.35
N ALA E 492 37.37 23.82 10.28
CA ALA E 492 37.83 23.10 11.46
C ALA E 492 39.28 23.38 11.79
N GLY E 493 39.95 24.23 11.03
CA GLY E 493 41.30 24.62 11.33
C GLY E 493 42.35 23.56 11.09
N VAL E 494 42.39 23.02 9.89
CA VAL E 494 43.44 22.07 9.50
C VAL E 494 44.44 22.81 8.63
N THR E 495 45.69 22.34 8.66
CA THR E 495 46.75 22.95 7.88
C THR E 495 47.23 22.08 6.74
N CYS E 496 47.24 20.77 6.90
CA CYS E 496 47.58 19.83 5.85
C CYS E 496 46.33 19.10 5.38
N ILE E 497 46.37 18.63 4.14
CA ILE E 497 45.24 17.90 3.58
C ILE E 497 45.74 16.99 2.47
N VAL E 498 45.29 15.74 2.48
CA VAL E 498 45.73 14.71 1.52
C VAL E 498 44.56 14.37 0.62
N LEU E 499 44.79 14.43 -0.68
CA LEU E 499 43.76 14.20 -1.68
C LEU E 499 44.26 13.20 -2.72
N PRO E 500 43.35 12.52 -3.41
CA PRO E 500 43.79 11.70 -4.54
C PRO E 500 44.30 12.57 -5.67
N ALA E 501 45.29 12.04 -6.41
CA ALA E 501 45.90 12.83 -7.47
C ALA E 501 44.91 13.20 -8.56
N GLU E 502 43.85 12.42 -8.73
CA GLU E 502 42.90 12.69 -9.79
C GLU E 502 41.86 13.74 -9.40
N ASN E 503 41.90 14.24 -8.18
CA ASN E 503 41.03 15.33 -7.76
C ASN E 503 41.75 16.66 -7.77
N LYS E 504 42.93 16.72 -8.38
CA LYS E 504 43.66 17.98 -8.48
C LYS E 504 42.88 19.00 -9.30
N LYS E 505 42.26 18.55 -10.39
CA LYS E 505 41.46 19.46 -11.22
C LYS E 505 40.25 19.97 -10.45
N ASP E 506 39.74 19.19 -9.50
CA ASP E 506 38.61 19.66 -8.69
C ASP E 506 39.08 20.63 -7.64
N PHE E 507 40.27 20.38 -7.08
CA PHE E 507 40.77 21.23 -6.01
C PHE E 507 41.19 22.59 -6.54
N TYR E 508 41.77 22.65 -7.72
CA TYR E 508 42.25 23.92 -8.24
C TYR E 508 41.17 24.73 -8.94
N ASP E 509 39.91 24.31 -8.85
CA ASP E 509 38.80 25.16 -9.21
C ASP E 509 38.26 25.96 -8.04
N LEU E 510 38.77 25.71 -6.84
CA LEU E 510 38.37 26.48 -5.68
C LEU E 510 38.97 27.88 -5.73
N ALA E 511 38.23 28.83 -5.20
CA ALA E 511 38.69 30.22 -5.20
C ALA E 511 40.01 30.35 -4.45
N ALA E 512 40.77 31.39 -4.79
CA ALA E 512 42.11 31.55 -4.25
C ALA E 512 42.10 31.83 -2.75
N PHE E 513 40.98 32.30 -2.20
CA PHE E 513 40.91 32.55 -0.77
C PHE E 513 40.46 31.34 0.03
N ILE E 514 39.97 30.29 -0.64
CA ILE E 514 39.55 29.09 0.07
C ILE E 514 40.74 28.19 0.37
N THR E 515 41.79 28.25 -0.43
CA THR E 515 42.94 27.37 -0.32
C THR E 515 44.22 28.14 0.02
N GLU E 516 44.13 29.10 0.93
CA GLU E 516 45.30 29.93 1.23
C GLU E 516 46.23 29.24 2.22
N GLY E 517 45.75 28.96 3.42
CA GLY E 517 46.60 28.39 4.44
C GLY E 517 46.58 26.87 4.47
N LEU E 518 46.35 26.26 3.31
CA LEU E 518 46.22 24.81 3.20
C LEU E 518 47.45 24.25 2.51
N GLU E 519 48.13 23.33 3.18
CA GLU E 519 49.23 22.57 2.58
C GLU E 519 48.65 21.31 1.98
N VAL E 520 48.74 21.18 0.66
CA VAL E 520 48.02 20.15 -0.07
C VAL E 520 49.00 19.11 -0.57
N HIS E 521 48.55 17.86 -0.60
CA HIS E 521 49.34 16.76 -1.14
C HIS E 521 48.44 15.90 -1.99
N PHE E 522 48.81 15.72 -3.25
CA PHE E 522 48.08 14.86 -4.18
C PHE E 522 48.84 13.56 -4.31
N VAL E 523 48.18 12.45 -4.03
CA VAL E 523 48.84 11.16 -3.94
C VAL E 523 48.17 10.17 -4.88
N GLU E 524 48.92 9.13 -5.24
CA GLU E 524 48.42 8.04 -6.07
C GLU E 524 48.42 6.71 -5.36
N HIS E 525 49.42 6.44 -4.54
CA HIS E 525 49.50 5.22 -3.75
C HIS E 525 49.59 5.60 -2.28
N TYR E 526 49.33 4.61 -1.42
CA TYR E 526 49.25 4.90 0.00
C TYR E 526 50.62 5.18 0.61
N ARG E 527 51.69 4.68 0.00
CA ARG E 527 53.01 4.90 0.57
C ARG E 527 53.31 6.39 0.74
N GLU E 528 52.81 7.22 -0.17
CA GLU E 528 52.97 8.65 -0.03
C GLU E 528 52.18 9.19 1.16
N ILE E 529 50.97 8.69 1.38
CA ILE E 529 50.19 9.10 2.53
C ILE E 529 50.90 8.71 3.82
N PHE E 530 51.53 7.54 3.82
CA PHE E 530 52.29 7.13 5.00
C PHE E 530 53.47 8.04 5.24
N ASP E 531 54.17 8.44 4.17
CA ASP E 531 55.29 9.37 4.34
C ASP E 531 54.81 10.73 4.85
N ILE E 532 53.61 11.14 4.45
CA ILE E 532 53.12 12.44 4.88
C ILE E 532 52.65 12.41 6.33
N ALA E 533 51.91 11.37 6.70
CA ALA E 533 51.28 11.30 8.01
C ALA E 533 52.25 10.98 9.14
N PHE E 534 53.47 10.53 8.82
CA PHE E 534 54.42 10.16 9.85
C PHE E 534 55.80 10.77 9.59
N LYS F 7 -34.44 54.31 5.66
CA LYS F 7 -33.48 54.41 6.76
C LYS F 7 -32.12 53.86 6.37
N PHE F 8 -32.03 53.28 5.17
CA PHE F 8 -30.76 52.74 4.70
C PHE F 8 -29.71 53.84 4.61
N ARG F 9 -30.10 55.04 4.18
CA ARG F 9 -29.17 56.16 4.19
C ARG F 9 -28.73 56.51 5.61
N GLU F 10 -29.62 56.32 6.59
CA GLU F 10 -29.23 56.57 7.97
C GLU F 10 -28.28 55.50 8.49
N ARG F 11 -28.39 54.28 7.98
CA ARG F 11 -27.49 53.21 8.41
C ARG F 11 -26.06 53.41 7.95
N LEU F 12 -25.80 54.40 7.08
CA LEU F 12 -24.43 54.74 6.71
C LEU F 12 -24.24 56.26 6.65
N LYS F 13 -25.17 57.03 7.22
CA LYS F 13 -25.05 58.49 7.19
C LYS F 13 -23.79 58.96 7.91
N GLU F 14 -23.72 58.71 9.22
CA GLU F 14 -22.58 59.14 10.01
C GLU F 14 -21.30 58.41 9.65
N LEU F 15 -21.40 57.33 8.88
CA LEU F 15 -20.25 56.51 8.52
C LEU F 15 -19.64 57.05 7.23
N VAL F 16 -18.31 57.17 7.22
CA VAL F 16 -17.61 57.64 6.03
C VAL F 16 -17.66 56.56 4.96
N VAL F 17 -18.22 56.91 3.80
CA VAL F 17 -18.37 55.95 2.72
C VAL F 17 -17.48 56.35 1.56
N PRO F 18 -16.83 55.41 0.88
CA PRO F 18 -16.14 55.75 -0.38
C PRO F 18 -17.10 56.14 -1.48
N LYS F 19 -16.58 56.46 -2.66
CA LYS F 19 -17.43 56.90 -3.76
C LYS F 19 -18.09 55.72 -4.46
N HIS F 20 -17.27 54.80 -4.99
CA HIS F 20 -17.77 53.66 -5.75
C HIS F 20 -18.62 52.70 -4.93
N VAL F 21 -18.81 52.97 -3.65
CA VAL F 21 -19.74 52.20 -2.81
C VAL F 21 -21.10 52.88 -2.74
N MET F 22 -21.11 54.18 -2.45
CA MET F 22 -22.35 54.94 -2.55
C MET F 22 -22.92 54.86 -3.95
N ASP F 23 -22.06 54.75 -4.96
CA ASP F 23 -22.50 54.53 -6.33
C ASP F 23 -23.42 53.32 -6.42
N VAL F 24 -22.92 52.16 -6.00
CA VAL F 24 -23.71 50.94 -6.10
C VAL F 24 -24.91 51.01 -5.15
N VAL F 25 -24.78 51.72 -4.02
CA VAL F 25 -25.90 51.85 -3.11
C VAL F 25 -27.06 52.57 -3.78
N ASP F 26 -26.79 53.74 -4.37
CA ASP F 26 -27.87 54.48 -5.05
C ASP F 26 -28.38 53.71 -6.27
N GLU F 27 -27.48 53.04 -6.99
CA GLU F 27 -27.90 52.27 -8.15
C GLU F 27 -28.86 51.16 -7.75
N GLU F 28 -28.56 50.46 -6.64
CA GLU F 28 -29.44 49.40 -6.19
C GLU F 28 -30.74 49.95 -5.62
N LEU F 29 -30.69 51.12 -4.99
CA LEU F 29 -31.95 51.72 -4.53
C LEU F 29 -32.85 52.06 -5.71
N SER F 30 -32.27 52.58 -6.79
CA SER F 30 -33.06 52.89 -7.98
C SER F 30 -33.56 51.62 -8.66
N LYS F 31 -32.73 50.57 -8.70
CA LYS F 31 -33.15 49.30 -9.27
C LYS F 31 -34.19 48.60 -8.41
N LEU F 32 -34.21 48.87 -7.12
CA LEU F 32 -35.21 48.29 -6.22
C LEU F 32 -36.53 49.03 -6.32
N GLY F 33 -36.48 50.35 -6.54
CA GLY F 33 -37.69 51.07 -6.89
C GLY F 33 -38.29 50.59 -8.20
N LEU F 34 -37.45 50.06 -9.09
CA LEU F 34 -37.93 49.54 -10.36
C LEU F 34 -38.72 48.25 -10.15
N LEU F 35 -38.13 47.29 -9.44
CA LEU F 35 -38.77 45.99 -9.25
C LEU F 35 -39.97 46.11 -8.31
N ASP F 36 -40.76 45.04 -8.27
CA ASP F 36 -41.97 45.02 -7.46
C ASP F 36 -41.69 44.47 -6.08
N ASN F 37 -42.19 45.16 -5.06
CA ASN F 37 -41.96 44.77 -3.68
C ASN F 37 -42.59 43.41 -3.40
N HIS F 38 -42.00 42.69 -2.45
CA HIS F 38 -42.50 41.39 -1.99
C HIS F 38 -42.60 40.40 -3.16
N SER F 39 -41.45 40.06 -3.72
CA SER F 39 -41.40 39.13 -4.84
C SER F 39 -40.04 38.43 -4.84
N SER F 40 -39.93 37.42 -5.69
CA SER F 40 -38.70 36.65 -5.84
C SER F 40 -37.59 37.40 -6.56
N GLU F 41 -37.83 38.67 -6.93
CA GLU F 41 -36.77 39.54 -7.40
C GLU F 41 -36.44 40.66 -6.43
N PHE F 42 -37.38 41.07 -5.58
CA PHE F 42 -37.19 42.23 -4.72
C PHE F 42 -36.31 41.90 -3.52
N ASN F 43 -36.60 40.81 -2.83
CA ASN F 43 -35.92 40.50 -1.58
C ASN F 43 -34.43 40.24 -1.79
N VAL F 44 -34.05 39.66 -2.94
CA VAL F 44 -32.65 39.40 -3.21
C VAL F 44 -31.86 40.69 -3.23
N THR F 45 -32.30 41.64 -4.07
CA THR F 45 -31.62 42.92 -4.16
C THR F 45 -31.73 43.69 -2.85
N ARG F 46 -32.82 43.50 -2.11
CA ARG F 46 -32.94 44.15 -0.80
C ARG F 46 -31.85 43.64 0.14
N ASN F 47 -31.63 42.33 0.17
CA ASN F 47 -30.59 41.76 1.02
C ASN F 47 -29.19 42.19 0.55
N TYR F 48 -28.99 42.28 -0.76
CA TYR F 48 -27.70 42.73 -1.26
C TYR F 48 -27.43 44.18 -0.85
N LEU F 49 -28.41 45.05 -1.04
CA LEU F 49 -28.27 46.44 -0.63
C LEU F 49 -28.11 46.55 0.87
N ASP F 50 -28.69 45.61 1.62
CA ASP F 50 -28.43 45.53 3.05
C ASP F 50 -26.97 45.21 3.32
N TRP F 51 -26.41 44.27 2.57
CA TRP F 51 -25.02 43.88 2.79
C TRP F 51 -24.08 45.03 2.45
N LEU F 52 -24.41 45.83 1.43
CA LEU F 52 -23.58 46.99 1.11
C LEU F 52 -23.59 48.01 2.23
N THR F 53 -24.74 48.18 2.89
CA THR F 53 -24.89 49.20 3.92
C THR F 53 -24.69 48.66 5.33
N SER F 54 -24.15 47.46 5.47
CA SER F 54 -23.92 46.87 6.79
C SER F 54 -22.45 46.83 7.18
N ILE F 55 -21.56 46.54 6.25
CA ILE F 55 -20.13 46.44 6.56
C ILE F 55 -19.56 47.85 6.71
N PRO F 56 -18.80 48.12 7.77
CA PRO F 56 -18.28 49.48 7.97
C PRO F 56 -17.19 49.82 6.97
N TRP F 57 -17.01 51.11 6.76
CA TRP F 57 -15.97 51.62 5.88
C TRP F 57 -15.01 52.56 6.61
N GLY F 58 -15.54 53.56 7.31
CA GLY F 58 -14.72 54.49 8.06
C GLY F 58 -14.66 54.23 9.55
N LYS F 59 -15.25 53.15 10.03
CA LYS F 59 -15.26 52.83 11.45
C LYS F 59 -14.00 52.07 11.83
N TYR F 60 -13.32 52.53 12.87
CA TYR F 60 -12.07 51.93 13.31
C TYR F 60 -12.11 51.57 14.78
N SER F 61 -10.94 51.20 15.30
CA SER F 61 -10.73 51.03 16.74
C SER F 61 -9.38 51.67 17.06
N ASN F 62 -9.39 52.62 17.99
CA ASN F 62 -8.15 53.29 18.38
C ASN F 62 -7.13 52.27 18.89
N GLU F 63 -6.05 52.09 18.14
CA GLU F 63 -5.08 51.05 18.48
C GLU F 63 -4.42 51.36 19.83
N ASN F 64 -4.09 50.29 20.55
CA ASN F 64 -3.33 50.40 21.79
C ASN F 64 -1.85 50.30 21.42
N LEU F 65 -1.18 51.44 21.38
CA LEU F 65 0.23 51.47 21.02
C LEU F 65 1.14 51.30 22.23
N ASP F 66 0.67 51.69 23.41
CA ASP F 66 1.51 51.67 24.60
C ASP F 66 1.94 50.24 24.93
N LEU F 67 3.21 50.07 25.26
CA LEU F 67 3.74 48.75 25.55
C LEU F 67 3.49 48.33 27.00
N ALA F 68 3.39 49.31 27.92
CA ALA F 68 3.13 48.97 29.31
C ALA F 68 1.73 48.39 29.47
N ARG F 69 0.72 49.05 28.89
CA ARG F 69 -0.63 48.54 28.96
C ARG F 69 -0.74 47.17 28.29
N ALA F 70 -0.01 46.98 27.19
CA ALA F 70 -0.01 45.69 26.50
C ALA F 70 0.59 44.61 27.38
N GLN F 71 1.71 44.90 28.03
CA GLN F 71 2.30 43.93 28.94
C GLN F 71 1.35 43.59 30.07
N ALA F 72 0.62 44.59 30.58
CA ALA F 72 -0.32 44.35 31.66
C ALA F 72 -1.45 43.42 31.22
N VAL F 73 -2.07 43.72 30.07
CA VAL F 73 -3.19 42.91 29.62
C VAL F 73 -2.72 41.52 29.20
N LEU F 74 -1.47 41.39 28.75
CA LEU F 74 -0.96 40.06 28.44
C LEU F 74 -0.62 39.28 29.70
N GLU F 75 -0.20 39.96 30.76
CA GLU F 75 0.20 39.27 31.97
C GLU F 75 -0.98 38.89 32.84
N GLU F 76 -2.11 39.60 32.69
CA GLU F 76 -3.28 39.29 33.50
C GLU F 76 -3.72 37.85 33.29
N ASP F 77 -4.14 37.51 32.09
CA ASP F 77 -4.38 36.12 31.75
C ASP F 77 -3.08 35.46 31.28
N HIS F 78 -3.14 34.14 31.07
CA HIS F 78 -2.01 33.37 30.58
C HIS F 78 -0.81 33.46 31.53
N TYR F 79 -0.95 32.80 32.67
CA TYR F 79 0.19 32.52 33.52
C TYR F 79 1.31 31.89 32.70
N GLY F 80 2.55 32.23 33.05
CA GLY F 80 3.69 31.67 32.35
C GLY F 80 3.85 32.29 30.98
N MET F 81 4.32 31.49 30.02
CA MET F 81 4.43 31.91 28.62
C MET F 81 5.38 33.09 28.44
N GLU F 82 6.37 33.24 29.34
CA GLU F 82 7.18 34.46 29.32
C GLU F 82 7.88 34.68 27.99
N ASP F 83 8.25 33.59 27.31
CA ASP F 83 8.93 33.74 26.03
C ASP F 83 7.97 34.21 24.94
N VAL F 84 6.78 33.61 24.89
CA VAL F 84 5.79 34.04 23.92
C VAL F 84 5.37 35.48 24.20
N LYS F 85 5.30 35.85 25.47
CA LYS F 85 4.96 37.23 25.83
C LYS F 85 6.04 38.19 25.37
N LYS F 86 7.31 37.83 25.57
CA LYS F 86 8.40 38.69 25.09
C LYS F 86 8.34 38.83 23.58
N ARG F 87 8.06 37.74 22.87
CA ARG F 87 7.96 37.81 21.42
C ARG F 87 6.80 38.70 20.97
N ILE F 88 5.67 38.63 21.67
CA ILE F 88 4.54 39.47 21.30
C ILE F 88 4.84 40.94 21.57
N LEU F 89 5.49 41.23 22.71
CA LEU F 89 5.85 42.62 23.00
C LEU F 89 6.82 43.15 21.96
N GLU F 90 7.80 42.35 21.56
CA GLU F 90 8.75 42.79 20.54
C GLU F 90 8.05 43.00 19.20
N PHE F 91 7.08 42.15 18.87
CA PHE F 91 6.31 42.35 17.65
C PHE F 91 5.54 43.66 17.69
N ILE F 92 4.91 43.97 18.82
CA ILE F 92 4.17 45.22 18.93
C ILE F 92 5.13 46.41 18.85
N ALA F 93 6.33 46.27 19.39
CA ALA F 93 7.32 47.34 19.29
C ALA F 93 7.72 47.58 17.84
N VAL F 94 8.00 46.50 17.11
CA VAL F 94 8.36 46.65 15.70
C VAL F 94 7.21 47.25 14.91
N SER F 95 5.97 46.89 15.25
CA SER F 95 4.82 47.44 14.54
C SER F 95 4.65 48.92 14.85
N GLN F 96 4.84 49.31 16.11
CA GLN F 96 4.74 50.71 16.48
C GLN F 96 5.84 51.53 15.83
N LEU F 97 7.02 50.95 15.66
CA LEU F 97 8.14 51.68 15.09
C LEU F 97 8.08 51.73 13.57
N ARG F 98 7.44 50.72 12.96
CA ARG F 98 7.23 50.67 11.52
C ARG F 98 6.00 51.47 11.08
N GLY F 99 5.15 51.88 12.00
CA GLY F 99 3.98 52.66 11.66
C GLY F 99 2.76 51.81 11.33
N SER F 100 3.00 50.63 10.78
CA SER F 100 1.94 49.71 10.39
C SER F 100 2.11 48.39 11.14
N THR F 101 1.34 47.39 10.73
CA THR F 101 1.45 46.07 11.34
C THR F 101 1.47 44.94 10.31
N GLN F 102 1.53 45.25 9.02
CA GLN F 102 1.49 44.23 7.98
C GLN F 102 2.88 43.61 7.82
N GLY F 103 3.02 42.75 6.81
CA GLY F 103 4.27 42.08 6.56
C GLY F 103 4.19 40.59 6.82
N LYS F 104 5.03 40.08 7.73
CA LYS F 104 4.94 38.70 8.14
C LYS F 104 3.66 38.47 8.93
N ILE F 105 3.21 37.22 8.96
CA ILE F 105 2.01 36.82 9.69
C ILE F 105 2.44 35.88 10.80
N LEU F 106 2.13 36.26 12.05
CA LEU F 106 2.57 35.46 13.19
C LEU F 106 1.94 34.07 13.15
N CYS F 107 2.62 33.11 13.76
CA CYS F 107 2.12 31.75 13.84
C CYS F 107 2.66 31.08 15.09
N PHE F 108 1.76 30.49 15.87
CA PHE F 108 2.11 29.78 17.10
C PHE F 108 1.94 28.29 16.88
N TYR F 109 2.98 27.52 17.20
CA TYR F 109 2.91 26.07 17.04
C TYR F 109 3.50 25.40 18.27
N GLY F 110 2.88 24.28 18.65
CA GLY F 110 3.31 23.53 19.80
C GLY F 110 2.35 22.39 20.07
N PRO F 111 2.55 21.67 21.17
CA PRO F 111 1.66 20.57 21.53
C PRO F 111 0.24 21.06 21.72
N PRO F 112 -0.76 20.19 21.60
CA PRO F 112 -2.15 20.64 21.67
C PRO F 112 -2.57 21.00 23.08
N GLY F 113 -3.53 21.90 23.17
CA GLY F 113 -4.05 22.35 24.46
C GLY F 113 -3.01 23.10 25.27
N VAL F 114 -2.32 24.02 24.63
CA VAL F 114 -1.20 24.72 25.26
C VAL F 114 -1.42 26.23 25.35
N GLY F 115 -2.46 26.76 24.73
CA GLY F 115 -2.77 28.18 24.87
C GLY F 115 -2.54 29.00 23.62
N LYS F 116 -2.75 28.41 22.44
CA LYS F 116 -2.45 29.10 21.20
C LYS F 116 -3.63 29.88 20.64
N THR F 117 -4.87 29.52 21.00
CA THR F 117 -6.05 30.30 20.64
C THR F 117 -6.34 31.39 21.65
N SER F 118 -6.26 31.05 22.94
CA SER F 118 -6.48 32.05 23.97
C SER F 118 -5.41 33.12 23.94
N ILE F 119 -4.20 32.80 23.49
CA ILE F 119 -3.17 33.83 23.37
C ILE F 119 -3.54 34.81 22.28
N ALA F 120 -4.16 34.35 21.19
CA ALA F 120 -4.58 35.27 20.15
C ALA F 120 -5.73 36.14 20.61
N ARG F 121 -6.64 35.56 21.40
CA ARG F 121 -7.70 36.37 21.99
C ARG F 121 -7.12 37.44 22.91
N SER F 122 -6.11 37.08 23.71
CA SER F 122 -5.51 38.07 24.60
C SER F 122 -4.72 39.11 23.83
N ILE F 123 -4.11 38.74 22.71
CA ILE F 123 -3.46 39.73 21.85
C ILE F 123 -4.48 40.73 21.33
N ALA F 124 -5.62 40.23 20.85
CA ALA F 124 -6.68 41.10 20.37
C ALA F 124 -7.13 42.05 21.47
N ARG F 125 -7.33 41.54 22.68
CA ARG F 125 -7.70 42.40 23.80
C ARG F 125 -6.58 43.38 24.13
N ALA F 126 -5.33 43.00 23.87
CA ALA F 126 -4.21 43.89 24.13
C ALA F 126 -4.24 45.09 23.21
N LEU F 127 -4.29 44.86 21.91
CA LEU F 127 -4.24 45.94 20.94
C LEU F 127 -5.55 46.71 20.81
N ASN F 128 -6.55 46.37 21.62
CA ASN F 128 -7.89 46.95 21.54
C ASN F 128 -8.57 46.64 20.22
N ARG F 129 -8.04 45.69 19.45
CA ARG F 129 -8.70 45.21 18.25
C ARG F 129 -9.82 44.27 18.62
N GLU F 130 -10.83 44.21 17.77
CA GLU F 130 -11.97 43.33 17.99
C GLU F 130 -11.65 41.94 17.48
N TYR F 131 -11.79 40.95 18.35
CA TYR F 131 -11.37 39.59 18.05
C TYR F 131 -12.40 38.89 17.18
N PHE F 132 -11.91 38.04 16.29
CA PHE F 132 -12.76 37.21 15.46
C PHE F 132 -11.97 36.00 15.01
N ARG F 133 -12.53 34.81 15.16
CA ARG F 133 -11.87 33.58 14.79
C ARG F 133 -12.70 32.84 13.76
N PHE F 134 -12.03 32.33 12.73
CA PHE F 134 -12.69 31.46 11.76
C PHE F 134 -11.76 30.33 11.40
N SER F 135 -12.26 29.11 11.50
CA SER F 135 -11.44 27.92 11.39
C SER F 135 -11.27 27.49 9.94
N VAL F 136 -10.04 27.11 9.59
CA VAL F 136 -9.75 26.58 8.26
C VAL F 136 -9.45 25.09 8.38
N GLY F 137 -10.01 24.46 9.41
CA GLY F 137 -9.88 23.02 9.55
C GLY F 137 -10.91 22.27 8.74
N ALA F 143 -12.55 29.91 -2.22
CA ALA F 143 -13.65 28.97 -2.07
C ALA F 143 -14.67 29.48 -1.06
N GLU F 144 -14.48 29.08 0.19
CA GLU F 144 -15.39 29.48 1.26
C GLU F 144 -15.01 30.82 1.88
N ILE F 145 -13.75 31.24 1.76
CA ILE F 145 -13.33 32.55 2.24
C ILE F 145 -13.65 33.67 1.27
N LYS F 146 -14.22 33.36 0.10
CA LYS F 146 -14.53 34.35 -0.91
C LYS F 146 -16.02 34.58 -1.10
N GLY F 147 -16.87 33.74 -0.54
CA GLY F 147 -18.30 33.87 -0.69
C GLY F 147 -18.79 33.29 -2.00
N HIS F 148 -20.12 33.25 -2.13
CA HIS F 148 -20.79 32.70 -3.30
C HIS F 148 -21.24 33.84 -4.20
N ARG F 149 -22.00 33.52 -5.24
CA ARG F 149 -22.54 34.52 -6.15
C ARG F 149 -24.06 34.57 -6.05
N ARG F 150 -24.62 35.71 -6.41
CA ARG F 150 -26.02 36.02 -6.14
C ARG F 150 -26.95 35.46 -7.20
N THR F 151 -26.82 34.17 -7.51
CA THR F 151 -27.79 33.47 -8.34
C THR F 151 -28.75 32.65 -7.47
N TYR F 152 -29.00 33.11 -6.26
CA TYR F 152 -29.84 32.49 -5.23
C TYR F 152 -29.26 31.19 -4.71
N VAL F 153 -28.14 30.71 -5.25
CA VAL F 153 -27.50 29.52 -4.70
C VAL F 153 -26.88 29.85 -3.34
N GLY F 154 -25.88 30.71 -3.33
CA GLY F 154 -25.35 31.23 -2.08
C GLY F 154 -25.72 32.67 -1.88
N ALA F 155 -26.72 32.91 -1.04
CA ALA F 155 -27.15 34.26 -0.69
C ALA F 155 -26.36 34.83 0.48
N MET F 156 -25.13 34.35 0.69
CA MET F 156 -24.32 34.75 1.81
C MET F 156 -22.94 35.19 1.34
N PRO F 157 -22.38 36.21 1.94
CA PRO F 157 -20.97 36.56 1.70
C PRO F 157 -20.04 35.58 2.41
N GLY F 158 -18.74 35.83 2.26
CA GLY F 158 -17.75 35.02 2.93
C GLY F 158 -17.74 35.24 4.43
N LYS F 159 -16.83 34.52 5.10
CA LYS F 159 -16.68 34.67 6.53
C LYS F 159 -15.91 35.92 6.92
N ILE F 160 -15.09 36.46 6.02
CA ILE F 160 -14.36 37.69 6.33
C ILE F 160 -15.30 38.88 6.27
N ILE F 161 -16.21 38.90 5.30
CA ILE F 161 -17.21 39.96 5.25
C ILE F 161 -18.13 39.88 6.46
N GLN F 162 -18.44 38.66 6.91
CA GLN F 162 -19.24 38.52 8.12
C GLN F 162 -18.46 38.94 9.35
N CYS F 163 -17.15 38.71 9.36
CA CYS F 163 -16.30 39.29 10.40
C CYS F 163 -16.43 40.79 10.44
N LEU F 164 -16.31 41.44 9.28
CA LEU F 164 -16.40 42.89 9.21
C LEU F 164 -17.75 43.37 9.73
N LYS F 165 -18.83 42.73 9.29
CA LYS F 165 -20.16 43.13 9.75
C LYS F 165 -20.30 42.94 11.25
N LYS F 166 -19.85 41.80 11.78
CA LYS F 166 -20.02 41.50 13.20
C LYS F 166 -19.22 42.48 14.06
N THR F 167 -17.91 42.53 13.86
CA THR F 167 -17.07 43.39 14.68
C THR F 167 -17.29 44.86 14.41
N LYS F 168 -18.04 45.21 13.35
CA LYS F 168 -18.33 46.58 12.94
C LYS F 168 -17.11 47.48 13.08
N THR F 169 -15.96 46.97 12.66
CA THR F 169 -14.70 47.70 12.73
C THR F 169 -13.82 47.25 11.56
N GLU F 170 -13.17 48.21 10.91
CA GLU F 170 -12.39 47.93 9.73
C GLU F 170 -11.02 47.32 10.03
N ASN F 171 -10.55 47.40 11.28
CA ASN F 171 -9.27 46.80 11.67
C ASN F 171 -9.48 45.82 12.82
N PRO F 172 -10.10 44.67 12.57
CA PRO F 172 -10.19 43.63 13.60
C PRO F 172 -8.91 42.81 13.69
N LEU F 173 -8.94 41.76 14.52
CA LEU F 173 -7.86 40.78 14.60
C LEU F 173 -8.48 39.42 14.28
N ILE F 174 -8.33 38.98 13.04
CA ILE F 174 -8.87 37.70 12.63
C ILE F 174 -7.86 36.61 12.98
N LEU F 175 -8.36 35.48 13.50
CA LEU F 175 -7.52 34.36 13.87
C LEU F 175 -7.82 33.20 12.94
N ILE F 176 -6.82 32.81 12.16
CA ILE F 176 -6.94 31.66 11.25
C ILE F 176 -6.46 30.45 12.06
N ASP F 177 -7.40 29.84 12.78
CA ASP F 177 -7.04 28.78 13.72
C ASP F 177 -6.84 27.46 13.01
N GLU F 178 -5.82 26.72 13.44
CA GLU F 178 -5.47 25.40 12.90
C GLU F 178 -5.27 25.47 11.39
N VAL F 179 -4.24 26.23 11.00
CA VAL F 179 -3.96 26.44 9.59
C VAL F 179 -3.37 25.19 8.93
N ASP F 180 -2.86 24.25 9.70
CA ASP F 180 -2.29 23.04 9.12
C ASP F 180 -3.33 21.94 8.89
N LYS F 181 -4.60 22.21 9.17
CA LYS F 181 -5.69 21.29 8.89
C LYS F 181 -6.52 21.76 7.71
N ILE F 182 -5.89 22.40 6.74
CA ILE F 182 -6.57 22.99 5.59
C ILE F 182 -6.45 22.05 4.41
N GLY F 183 -7.44 22.08 3.53
CA GLY F 183 -7.50 21.17 2.40
C GLY F 183 -6.36 21.32 1.42
N ASP F 189 -9.04 26.03 -4.49
CA ASP F 189 -7.91 25.61 -3.65
C ASP F 189 -7.69 26.63 -2.54
N PRO F 190 -7.97 26.23 -1.29
CA PRO F 190 -7.82 27.16 -0.17
C PRO F 190 -6.39 27.57 0.09
N SER F 191 -5.40 26.76 -0.28
CA SER F 191 -4.01 27.09 0.02
C SER F 191 -3.59 28.36 -0.72
N SER F 192 -3.72 28.36 -2.04
CA SER F 192 -3.38 29.55 -2.81
C SER F 192 -4.29 30.72 -2.48
N ALA F 193 -5.54 30.44 -2.10
CA ALA F 193 -6.45 31.50 -1.68
C ALA F 193 -5.91 32.22 -0.45
N LEU F 194 -5.52 31.47 0.57
CA LEU F 194 -4.91 32.08 1.75
C LEU F 194 -3.61 32.78 1.38
N LEU F 195 -2.78 32.13 0.55
CA LEU F 195 -1.51 32.73 0.15
C LEU F 195 -1.73 34.10 -0.47
N GLU F 196 -2.79 34.26 -1.25
CA GLU F 196 -3.10 35.56 -1.83
C GLU F 196 -3.70 36.50 -0.80
N LEU F 197 -4.53 35.97 0.11
CA LEU F 197 -5.21 36.81 1.09
C LEU F 197 -4.22 37.50 2.01
N LEU F 198 -3.29 36.74 2.58
CA LEU F 198 -2.31 37.32 3.49
C LEU F 198 -1.33 38.26 2.82
N ASP F 199 -1.26 38.25 1.49
CA ASP F 199 -0.33 39.13 0.79
C ASP F 199 -0.72 40.59 0.95
N PRO F 200 0.19 41.47 1.33
CA PRO F 200 -0.15 42.88 1.53
C PRO F 200 -0.17 43.70 0.24
N GLU F 201 0.18 43.12 -0.90
CA GLU F 201 0.02 43.80 -2.17
C GLU F 201 -1.30 43.45 -2.85
N GLN F 202 -1.90 42.31 -2.50
CA GLN F 202 -3.26 41.99 -2.89
C GLN F 202 -4.26 42.26 -1.77
N ASN F 203 -3.79 42.82 -0.66
CA ASN F 203 -4.65 42.99 0.51
C ASN F 203 -5.68 44.09 0.30
N ALA F 204 -5.27 45.16 -0.39
CA ALA F 204 -6.13 46.33 -0.51
C ALA F 204 -7.37 46.05 -1.36
N ASN F 205 -7.28 45.11 -2.29
CA ASN F 205 -8.36 44.80 -3.20
C ASN F 205 -8.76 43.34 -3.02
N PHE F 206 -9.62 43.09 -2.03
CA PHE F 206 -10.16 41.76 -1.81
C PHE F 206 -11.60 41.78 -2.33
N LEU F 207 -11.75 41.36 -3.58
CA LEU F 207 -13.06 41.26 -4.21
C LEU F 207 -13.66 39.90 -3.87
N ASP F 208 -14.79 39.92 -3.18
CA ASP F 208 -15.51 38.70 -2.86
C ASP F 208 -16.58 38.42 -3.92
N HIS F 209 -16.90 37.14 -4.08
CA HIS F 209 -17.86 36.75 -5.11
C HIS F 209 -19.26 37.29 -4.85
N TYR F 210 -19.59 37.62 -3.60
CA TYR F 210 -20.91 38.16 -3.31
C TYR F 210 -20.97 39.66 -3.57
N LEU F 211 -20.08 40.42 -2.96
CA LEU F 211 -20.01 41.86 -3.16
C LEU F 211 -19.04 42.14 -4.29
N ASP F 212 -19.56 42.61 -5.43
CA ASP F 212 -18.68 42.97 -6.53
C ASP F 212 -17.73 44.11 -6.18
N VAL F 213 -17.96 44.78 -5.06
CA VAL F 213 -17.15 45.93 -4.65
C VAL F 213 -15.94 45.44 -3.87
N PRO F 214 -14.74 45.96 -4.13
CA PRO F 214 -13.58 45.57 -3.34
C PRO F 214 -13.61 46.22 -1.96
N VAL F 215 -12.88 45.61 -1.04
CA VAL F 215 -12.79 46.08 0.33
C VAL F 215 -11.33 46.03 0.76
N ASP F 216 -10.86 47.09 1.41
CA ASP F 216 -9.48 47.17 1.85
C ASP F 216 -9.31 46.42 3.16
N LEU F 217 -8.47 45.38 3.16
CA LEU F 217 -8.17 44.61 4.35
C LEU F 217 -6.75 44.86 4.86
N SER F 218 -6.14 45.98 4.48
CA SER F 218 -4.77 46.28 4.85
C SER F 218 -4.63 46.80 6.27
N LYS F 219 -5.71 46.82 7.04
CA LYS F 219 -5.65 47.21 8.43
C LYS F 219 -5.98 46.09 9.39
N VAL F 220 -6.43 44.94 8.90
CA VAL F 220 -6.72 43.81 9.76
C VAL F 220 -5.43 43.12 10.15
N LEU F 221 -5.42 42.54 11.35
CA LEU F 221 -4.27 41.81 11.85
C LEU F 221 -4.58 40.33 11.79
N PHE F 222 -3.68 39.55 11.23
CA PHE F 222 -3.87 38.12 11.03
C PHE F 222 -2.94 37.34 11.94
N ILE F 223 -3.51 36.37 12.65
CA ILE F 223 -2.75 35.40 13.44
C ILE F 223 -3.24 34.02 13.05
N CYS F 224 -2.33 33.06 12.96
CA CYS F 224 -2.71 31.70 12.67
C CYS F 224 -1.96 30.76 13.61
N THR F 225 -2.64 29.71 14.03
CA THR F 225 -2.05 28.73 14.94
C THR F 225 -2.05 27.36 14.27
N ALA F 226 -1.09 26.54 14.67
CA ALA F 226 -0.97 25.18 14.17
C ALA F 226 -0.23 24.35 15.21
N ASN F 227 -0.11 23.06 14.95
CA ASN F 227 0.59 22.15 15.85
C ASN F 227 1.88 21.61 15.26
N VAL F 228 1.87 21.24 14.00
CA VAL F 228 3.08 20.82 13.29
C VAL F 228 3.25 21.71 12.07
N THR F 229 4.51 22.00 11.75
CA THR F 229 4.84 22.85 10.62
C THR F 229 5.12 22.05 9.35
N ASP F 230 4.47 20.90 9.20
CA ASP F 230 4.64 20.04 8.03
C ASP F 230 3.43 20.11 7.10
N THR F 231 2.85 21.30 6.98
CA THR F 231 1.75 21.48 6.03
C THR F 231 2.29 21.61 4.62
N ILE F 232 1.38 21.62 3.66
CA ILE F 232 1.73 21.56 2.23
C ILE F 232 2.45 22.81 1.74
N PRO F 233 1.97 24.04 2.00
CA PRO F 233 2.63 25.20 1.39
C PRO F 233 3.90 25.58 2.13
N GLU F 234 5.02 25.58 1.43
CA GLU F 234 6.25 26.16 1.97
C GLU F 234 6.31 27.69 1.82
N PRO F 235 5.80 28.30 0.74
CA PRO F 235 5.91 29.78 0.67
C PRO F 235 5.06 30.49 1.70
N LEU F 236 4.13 29.81 2.37
CA LEU F 236 3.53 30.36 3.57
C LEU F 236 4.58 30.59 4.65
N ARG F 237 5.36 29.55 4.95
CA ARG F 237 6.38 29.66 5.99
C ARG F 237 7.43 30.71 5.65
N ASP F 238 7.53 31.12 4.38
CA ASP F 238 8.34 32.28 4.05
C ASP F 238 7.68 33.57 4.52
N ARG F 239 6.36 33.61 4.50
CA ARG F 239 5.61 34.79 4.94
C ARG F 239 5.09 34.66 6.37
N MET F 240 4.97 33.45 6.90
CA MET F 240 4.51 33.26 8.26
C MET F 240 5.70 33.27 9.22
N GLU F 241 5.57 33.99 10.32
CA GLU F 241 6.60 34.09 11.33
C GLU F 241 6.31 33.07 12.42
N MET F 242 7.14 32.04 12.51
CA MET F 242 6.89 30.94 13.43
C MET F 242 7.31 31.31 14.85
N ILE F 243 6.42 31.07 15.80
CA ILE F 243 6.71 31.22 17.22
C ILE F 243 6.31 29.93 17.91
N ASN F 244 7.16 29.45 18.81
CA ASN F 244 7.00 28.14 19.41
C ASN F 244 6.49 28.28 20.84
N VAL F 245 5.33 27.70 21.11
CA VAL F 245 4.73 27.68 22.44
C VAL F 245 5.07 26.34 23.08
N SER F 246 6.00 26.35 24.02
CA SER F 246 6.47 25.11 24.65
C SER F 246 5.44 24.59 25.65
N GLY F 247 5.79 23.52 26.34
CA GLY F 247 4.92 22.92 27.32
C GLY F 247 5.01 23.60 28.67
N TYR F 248 4.50 22.91 29.69
CA TYR F 248 4.51 23.41 31.05
C TYR F 248 4.99 22.33 32.00
N VAL F 249 5.94 22.69 32.86
CA VAL F 249 6.39 21.82 33.94
C VAL F 249 5.26 21.75 34.95
N ALA F 250 5.34 20.81 35.90
CA ALA F 250 4.23 20.57 36.81
C ALA F 250 3.87 21.78 37.65
N GLN F 251 4.86 22.62 38.01
CA GLN F 251 4.55 23.79 38.83
C GLN F 251 3.69 24.79 38.06
N GLU F 252 4.07 25.07 36.82
CA GLU F 252 3.27 25.98 36.00
C GLU F 252 1.89 25.41 35.75
N LYS F 253 1.80 24.10 35.57
CA LYS F 253 0.49 23.48 35.36
C LYS F 253 -0.38 23.61 36.60
N LEU F 254 0.21 23.47 37.79
CA LEU F 254 -0.55 23.64 39.02
C LEU F 254 -1.01 25.08 39.19
N ALA F 255 -0.14 26.04 38.88
CA ALA F 255 -0.55 27.44 38.98
C ALA F 255 -1.67 27.75 38.01
N ILE F 256 -1.57 27.27 36.78
CA ILE F 256 -2.63 27.44 35.80
C ILE F 256 -3.92 26.82 36.30
N ALA F 257 -3.85 25.62 36.89
CA ALA F 257 -5.05 24.95 37.35
C ALA F 257 -5.71 25.71 38.50
N GLU F 258 -4.91 26.26 39.41
CA GLU F 258 -5.51 26.99 40.53
C GLU F 258 -6.06 28.34 40.11
N ARG F 259 -5.50 28.96 39.08
CA ARG F 259 -5.93 30.31 38.75
C ARG F 259 -6.98 30.37 37.66
N TYR F 260 -6.95 29.50 36.66
CA TYR F 260 -7.85 29.62 35.52
C TYR F 260 -8.75 28.42 35.32
N LEU F 261 -8.23 27.21 35.46
CA LEU F 261 -8.99 26.02 35.08
C LEU F 261 -10.10 25.71 36.07
N VAL F 262 -9.77 25.64 37.37
CA VAL F 262 -10.76 25.24 38.37
C VAL F 262 -11.89 26.27 38.46
N PRO F 263 -11.62 27.58 38.47
CA PRO F 263 -12.74 28.54 38.41
C PRO F 263 -13.68 28.34 37.24
N GLN F 264 -13.15 28.13 36.04
CA GLN F 264 -14.01 27.95 34.88
C GLN F 264 -14.82 26.66 34.97
N ALA F 265 -14.21 25.60 35.48
CA ALA F 265 -14.94 24.36 35.65
C ALA F 265 -16.06 24.52 36.67
N ARG F 266 -15.79 25.21 37.77
CA ARG F 266 -16.85 25.50 38.74
C ARG F 266 -17.99 26.27 38.09
N ALA F 267 -17.65 27.29 37.31
CA ALA F 267 -18.69 28.05 36.61
C ALA F 267 -19.51 27.15 35.69
N LEU F 268 -18.84 26.24 34.97
CA LEU F 268 -19.55 25.38 34.04
C LEU F 268 -20.43 24.36 34.76
N CYS F 269 -20.04 23.93 35.95
CA CYS F 269 -20.80 22.95 36.69
C CYS F 269 -21.80 23.55 37.67
N GLY F 270 -21.79 24.87 37.84
CA GLY F 270 -22.72 25.51 38.75
C GLY F 270 -22.35 25.43 40.21
N LEU F 271 -21.16 24.94 40.55
CA LEU F 271 -20.71 24.86 41.92
C LEU F 271 -20.00 26.16 42.31
N ASP F 272 -19.51 26.21 43.56
CA ASP F 272 -18.74 27.35 44.02
C ASP F 272 -17.78 26.89 45.09
N GLU F 273 -16.81 27.76 45.41
CA GLU F 273 -15.66 27.35 46.22
C GLU F 273 -16.08 26.85 47.59
N SER F 274 -17.24 27.28 48.09
CA SER F 274 -17.69 26.83 49.39
C SER F 274 -18.15 25.39 49.35
N LYS F 275 -18.84 24.99 48.28
CA LYS F 275 -19.42 23.66 48.22
C LYS F 275 -18.35 22.60 47.98
N ALA F 276 -17.65 22.69 46.85
CA ALA F 276 -16.66 21.71 46.46
C ALA F 276 -15.31 22.38 46.35
N LYS F 277 -14.35 21.93 47.15
CA LYS F 277 -13.03 22.52 47.22
C LYS F 277 -11.98 21.53 46.72
N LEU F 278 -11.07 22.01 45.90
CA LEU F 278 -9.92 21.23 45.42
C LEU F 278 -8.66 21.89 45.98
N SER F 279 -8.06 21.28 46.99
CA SER F 279 -6.89 21.85 47.63
C SER F 279 -5.70 21.82 46.66
N SER F 280 -4.57 22.34 47.13
CA SER F 280 -3.39 22.40 46.28
C SER F 280 -2.72 21.04 46.16
N ASP F 281 -2.65 20.30 47.27
CA ASP F 281 -1.95 19.02 47.25
C ASP F 281 -2.68 18.00 46.37
N VAL F 282 -4.01 18.00 46.39
CA VAL F 282 -4.74 17.10 45.52
C VAL F 282 -4.55 17.48 44.06
N LEU F 283 -4.40 18.77 43.77
CA LEU F 283 -4.15 19.17 42.39
C LEU F 283 -2.76 18.75 41.93
N THR F 284 -1.76 18.91 42.79
CA THR F 284 -0.43 18.44 42.44
C THR F 284 -0.42 16.93 42.25
N LEU F 285 -1.15 16.21 43.10
CA LEU F 285 -1.25 14.76 42.95
C LEU F 285 -1.91 14.39 41.63
N LEU F 286 -2.99 15.10 41.29
CA LEU F 286 -3.69 14.83 40.05
C LEU F 286 -2.79 15.06 38.84
N ILE F 287 -2.01 16.15 38.86
CA ILE F 287 -1.10 16.42 37.75
C ILE F 287 0.01 15.38 37.70
N LYS F 288 0.56 15.02 38.86
CA LYS F 288 1.71 14.13 38.88
C LYS F 288 1.34 12.70 38.50
N GLN F 289 0.12 12.26 38.81
CA GLN F 289 -0.25 10.87 38.60
C GLN F 289 -1.26 10.66 37.47
N TYR F 290 -1.77 11.72 36.85
CA TYR F 290 -2.73 11.47 35.80
C TYR F 290 -2.42 12.21 34.50
N CYS F 291 -1.93 13.44 34.58
CA CYS F 291 -1.77 14.29 33.40
C CYS F 291 -0.31 14.71 33.27
N ARG F 292 0.40 14.11 32.31
CA ARG F 292 1.81 14.37 32.11
C ARG F 292 2.13 14.98 30.76
N GLU F 293 1.14 15.22 29.91
CA GLU F 293 1.39 15.82 28.61
C GLU F 293 1.84 17.27 28.77
N SER F 294 2.19 17.90 27.65
CA SER F 294 2.72 19.25 27.65
C SER F 294 1.64 20.32 27.82
N GLY F 295 0.36 19.96 27.66
CA GLY F 295 -0.72 20.90 27.76
C GLY F 295 -1.58 20.69 28.99
N VAL F 296 -2.72 21.36 28.98
CA VAL F 296 -3.71 21.25 30.05
C VAL F 296 -5.03 20.68 29.53
N ARG F 297 -5.00 20.00 28.39
CA ARG F 297 -6.21 19.43 27.83
C ARG F 297 -6.74 18.27 28.67
N ASN F 298 -5.86 17.51 29.29
CA ASN F 298 -6.27 16.38 30.11
C ASN F 298 -6.65 16.80 31.52
N LEU F 299 -5.87 17.71 32.12
CA LEU F 299 -6.19 18.19 33.46
C LEU F 299 -7.54 18.88 33.49
N GLN F 300 -7.93 19.52 32.38
CA GLN F 300 -9.23 20.17 32.31
C GLN F 300 -10.35 19.15 32.42
N LYS F 301 -10.27 18.08 31.64
CA LYS F 301 -11.27 17.02 31.72
C LYS F 301 -11.25 16.36 33.09
N GLN F 302 -10.08 16.25 33.72
CA GLN F 302 -10.02 15.61 35.03
C GLN F 302 -10.71 16.46 36.10
N VAL F 303 -10.47 17.77 36.10
CA VAL F 303 -11.15 18.61 37.09
C VAL F 303 -12.64 18.66 36.81
N GLU F 304 -13.05 18.65 35.54
CA GLU F 304 -14.48 18.60 35.25
C GLU F 304 -15.09 17.31 35.76
N LYS F 305 -14.36 16.20 35.62
CA LYS F 305 -14.82 14.92 36.15
C LYS F 305 -15.03 14.99 37.66
N VAL F 306 -14.04 15.52 38.38
CA VAL F 306 -14.16 15.68 39.82
C VAL F 306 -15.39 16.52 40.16
N LEU F 307 -15.59 17.62 39.44
CA LEU F 307 -16.69 18.51 39.78
C LEU F 307 -18.05 17.89 39.47
N ARG F 308 -18.14 17.05 38.44
CA ARG F 308 -19.39 16.35 38.17
C ARG F 308 -19.71 15.34 39.26
N LYS F 309 -18.71 14.55 39.66
CA LYS F 309 -18.95 13.63 40.78
C LYS F 309 -19.38 14.39 42.02
N SER F 310 -18.78 15.55 42.26
CA SER F 310 -19.13 16.35 43.43
C SER F 310 -20.54 16.88 43.34
N ALA F 311 -20.94 17.36 42.16
CA ALA F 311 -22.31 17.81 41.97
C ALA F 311 -23.30 16.71 42.25
N TYR F 312 -23.01 15.49 41.77
CA TYR F 312 -23.89 14.37 42.09
C TYR F 312 -23.94 14.11 43.58
N LYS F 313 -22.78 14.14 44.24
CA LYS F 313 -22.74 13.84 45.66
C LYS F 313 -23.50 14.87 46.49
N ILE F 314 -23.52 16.12 46.06
CA ILE F 314 -24.25 17.11 46.85
C ILE F 314 -25.73 17.14 46.50
N VAL F 315 -26.10 16.86 45.26
CA VAL F 315 -27.52 16.89 44.91
C VAL F 315 -28.23 15.65 45.42
N SER F 316 -27.66 14.48 45.16
CA SER F 316 -28.31 13.24 45.60
C SER F 316 -28.53 13.24 47.11
N GLY F 317 -27.59 13.81 47.86
CA GLY F 317 -27.69 13.86 49.31
C GLY F 317 -26.67 13.03 50.05
N GLU F 318 -25.65 12.50 49.38
CA GLU F 318 -24.62 11.77 50.10
C GLU F 318 -23.82 12.68 51.01
N ALA F 319 -23.70 13.96 50.66
CA ALA F 319 -22.93 14.91 51.47
C ALA F 319 -23.35 16.31 51.09
N GLU F 320 -23.67 17.13 52.10
CA GLU F 320 -24.06 18.51 51.86
C GLU F 320 -22.89 19.38 51.41
N SER F 321 -21.67 18.83 51.41
CA SER F 321 -20.47 19.52 50.95
C SER F 321 -19.36 18.50 50.83
N VAL F 322 -18.61 18.55 49.74
CA VAL F 322 -17.61 17.55 49.43
C VAL F 322 -16.23 18.19 49.54
N GLU F 323 -15.28 17.44 50.09
CA GLU F 323 -13.91 17.89 50.26
C GLU F 323 -13.00 16.81 49.69
N VAL F 324 -12.38 17.09 48.56
CA VAL F 324 -11.49 16.13 47.91
C VAL F 324 -10.14 16.16 48.62
N THR F 325 -9.52 15.00 48.72
CA THR F 325 -8.30 14.82 49.50
C THR F 325 -7.51 13.68 48.89
N PRO F 326 -6.19 13.69 49.02
CA PRO F 326 -5.36 12.71 48.31
C PRO F 326 -5.62 11.26 48.71
N GLU F 327 -6.55 11.02 49.64
CA GLU F 327 -6.93 9.66 49.99
C GLU F 327 -8.32 9.29 49.50
N ASN F 328 -8.98 10.13 48.72
CA ASN F 328 -10.22 9.73 48.06
C ASN F 328 -10.31 10.25 46.62
N LEU F 329 -9.21 10.73 46.04
CA LEU F 329 -9.27 11.23 44.67
C LEU F 329 -9.56 10.10 43.68
N GLN F 330 -9.09 8.89 43.98
CA GLN F 330 -9.36 7.76 43.09
C GLN F 330 -10.84 7.44 43.04
N ASP F 331 -11.59 7.78 44.09
CA ASP F 331 -13.03 7.62 44.05
C ASP F 331 -13.67 8.57 43.05
N PHE F 332 -12.94 9.59 42.61
CA PHE F 332 -13.44 10.56 41.64
C PHE F 332 -12.90 10.30 40.24
N VAL F 333 -11.62 9.98 40.10
CA VAL F 333 -11.00 9.86 38.78
C VAL F 333 -10.55 8.44 38.46
N GLY F 334 -10.65 7.51 39.40
CA GLY F 334 -10.28 6.14 39.11
C GLY F 334 -8.86 5.80 39.48
N LYS F 335 -8.23 4.91 38.71
CA LYS F 335 -6.92 4.47 39.16
C LYS F 335 -5.82 5.40 38.65
N PRO F 336 -4.78 5.61 39.45
CA PRO F 336 -3.66 6.44 39.01
C PRO F 336 -3.01 5.86 37.77
N VAL F 337 -2.58 6.75 36.88
CA VAL F 337 -1.95 6.32 35.63
C VAL F 337 -0.48 6.02 35.85
N PHE F 338 0.24 6.92 36.49
CA PHE F 338 1.67 6.76 36.72
C PHE F 338 1.90 6.16 38.11
N THR F 339 3.17 6.01 38.47
CA THR F 339 3.54 5.11 39.57
C THR F 339 4.71 5.71 40.34
N VAL F 340 5.38 4.86 41.12
CA VAL F 340 6.37 5.30 42.10
C VAL F 340 7.57 5.99 41.44
N GLU F 341 7.87 5.63 40.19
CA GLU F 341 8.91 6.22 39.34
C GLU F 341 10.31 5.76 39.75
N ARG F 342 10.45 4.98 40.83
CA ARG F 342 11.75 4.44 41.21
C ARG F 342 11.60 2.93 41.37
N MET F 343 12.15 2.18 40.43
CA MET F 343 12.20 0.73 40.56
C MET F 343 13.17 0.32 41.66
N TYR F 344 14.26 1.06 41.82
CA TYR F 344 15.23 0.86 42.89
C TYR F 344 15.23 2.08 43.79
N ASP F 345 15.42 1.85 45.09
CA ASP F 345 15.73 2.93 46.01
C ASP F 345 17.20 2.94 46.40
N VAL F 346 17.79 1.78 46.60
CA VAL F 346 19.22 1.62 46.79
C VAL F 346 19.74 0.68 45.72
N THR F 347 20.69 1.14 44.94
CA THR F 347 21.11 0.40 43.76
C THR F 347 22.16 -0.65 44.13
N PRO F 348 21.99 -1.90 43.71
CA PRO F 348 23.03 -2.90 43.94
C PRO F 348 24.26 -2.61 43.10
N PRO F 349 25.35 -3.37 43.29
CA PRO F 349 26.57 -3.13 42.53
C PRO F 349 26.40 -3.10 41.01
N GLY F 350 25.34 -3.68 40.48
CA GLY F 350 25.25 -3.78 39.04
C GLY F 350 24.47 -2.71 38.32
N VAL F 351 23.55 -2.04 38.99
CA VAL F 351 22.56 -1.22 38.29
C VAL F 351 22.90 0.25 38.45
N VAL F 352 22.55 1.03 37.42
CA VAL F 352 22.83 2.45 37.33
C VAL F 352 21.65 3.13 36.66
N MET F 353 21.25 4.29 37.16
CA MET F 353 20.06 4.98 36.67
C MET F 353 20.43 5.93 35.53
N GLY F 354 19.78 5.75 34.38
CA GLY F 354 19.89 6.67 33.28
C GLY F 354 18.58 7.41 33.07
N LEU F 355 18.64 8.40 32.20
CA LEU F 355 17.49 9.25 31.93
C LEU F 355 17.10 9.14 30.46
N ALA F 356 15.81 9.07 30.21
CA ALA F 356 15.28 8.96 28.86
C ALA F 356 14.42 10.17 28.55
N TRP F 357 14.24 10.43 27.27
CA TRP F 357 13.51 11.59 26.79
C TRP F 357 12.40 11.13 25.87
N THR F 358 11.16 11.20 26.35
CA THR F 358 10.02 10.85 25.53
C THR F 358 9.60 12.04 24.68
N ALA F 359 8.40 11.98 24.13
CA ALA F 359 7.72 13.18 23.66
C ALA F 359 6.65 13.64 24.63
N MET F 360 6.38 12.87 25.70
CA MET F 360 5.39 13.23 26.70
C MET F 360 6.04 13.46 28.06
N GLY F 361 7.28 13.92 28.07
CA GLY F 361 7.98 14.21 29.29
C GLY F 361 9.26 13.42 29.37
N GLY F 362 9.87 13.42 30.55
CA GLY F 362 11.07 12.65 30.80
C GLY F 362 10.74 11.28 31.34
N SER F 363 11.80 10.53 31.64
CA SER F 363 11.64 9.22 32.21
C SER F 363 12.97 8.77 32.79
N THR F 364 12.92 8.07 33.90
CA THR F 364 14.10 7.49 34.50
C THR F 364 14.07 5.98 34.27
N LEU F 365 15.22 5.42 33.92
CA LEU F 365 15.33 3.99 33.69
C LEU F 365 16.70 3.52 34.14
N PHE F 366 16.75 2.29 34.62
CA PHE F 366 17.96 1.71 35.15
C PHE F 366 18.60 0.79 34.13
N VAL F 367 19.87 0.53 34.31
CA VAL F 367 20.64 -0.39 33.48
C VAL F 367 21.19 -1.46 34.40
N GLU F 368 20.70 -2.69 34.23
CA GLU F 368 21.11 -3.81 35.07
C GLU F 368 22.14 -4.66 34.35
N THR F 369 23.07 -5.21 35.13
CA THR F 369 24.07 -6.13 34.62
C THR F 369 24.21 -7.28 35.60
N SER F 370 24.63 -8.43 35.09
CA SER F 370 24.78 -9.62 35.92
C SER F 370 25.70 -10.60 35.23
N LEU F 371 26.26 -11.50 36.02
CA LEU F 371 26.97 -12.64 35.47
C LEU F 371 25.98 -13.63 34.87
N ARG F 372 26.35 -14.20 33.73
CA ARG F 372 25.54 -15.19 33.05
C ARG F 372 26.06 -16.61 33.26
N ARG F 373 27.29 -16.74 33.74
CA ARG F 373 27.95 -18.02 33.97
C ARG F 373 28.73 -17.91 35.28
N PRO F 374 29.02 -19.04 35.93
CA PRO F 374 29.48 -19.00 37.33
C PRO F 374 30.74 -18.18 37.59
N GLN F 375 31.86 -18.50 36.96
CA GLN F 375 33.12 -17.89 37.36
C GLN F 375 33.25 -16.48 36.81
N ASP F 376 33.69 -15.57 37.66
CA ASP F 376 33.89 -14.18 37.27
C ASP F 376 35.16 -14.04 36.42
N LYS F 383 39.84 -17.89 25.61
CA LYS F 383 38.40 -17.75 25.73
C LYS F 383 38.03 -16.42 26.38
N ASP F 384 37.51 -15.50 25.59
CA ASP F 384 37.17 -14.18 26.08
C ASP F 384 35.71 -14.16 26.57
N GLY F 385 35.35 -13.07 27.24
CA GLY F 385 34.00 -12.92 27.71
C GLY F 385 33.08 -12.39 26.64
N SER F 386 31.80 -12.33 26.98
CA SER F 386 30.78 -11.86 26.06
C SER F 386 29.85 -10.91 26.78
N LEU F 387 29.09 -10.15 26.01
CA LEU F 387 28.04 -9.29 26.52
C LEU F 387 26.75 -9.60 25.80
N GLU F 388 25.74 -10.03 26.53
CA GLU F 388 24.41 -10.24 25.99
C GLU F 388 23.53 -9.07 26.40
N VAL F 389 22.74 -8.58 25.45
CA VAL F 389 22.01 -7.34 25.61
C VAL F 389 20.53 -7.58 25.32
N THR F 390 19.67 -7.22 26.27
CA THR F 390 18.23 -7.34 26.10
C THR F 390 17.56 -6.03 26.51
N GLY F 391 16.26 -5.96 26.28
CA GLY F 391 15.49 -4.80 26.65
C GLY F 391 14.83 -4.09 25.49
N GLN F 392 14.72 -4.77 24.35
CA GLN F 392 14.13 -4.21 23.13
C GLN F 392 14.90 -2.99 22.65
N LEU F 393 16.21 -3.17 22.48
CA LEU F 393 17.10 -2.06 22.17
C LEU F 393 17.26 -1.89 20.67
N GLY F 394 17.26 -0.64 20.22
CA GLY F 394 17.48 -0.34 18.83
C GLY F 394 18.92 -0.59 18.43
N GLU F 395 19.20 -0.36 17.15
CA GLU F 395 20.54 -0.62 16.64
C GLU F 395 21.55 0.37 17.21
N VAL F 396 21.17 1.65 17.31
CA VAL F 396 22.07 2.64 17.86
C VAL F 396 22.39 2.32 19.31
N MET F 397 21.41 1.81 20.06
CA MET F 397 21.64 1.50 21.46
C MET F 397 22.49 0.25 21.62
N LYS F 398 22.30 -0.74 20.75
CA LYS F 398 23.17 -1.92 20.80
C LYS F 398 24.60 -1.56 20.45
N GLU F 399 24.79 -0.65 19.49
CA GLU F 399 26.14 -0.22 19.18
C GLU F 399 26.74 0.58 20.33
N SER F 400 25.93 1.39 21.00
CA SER F 400 26.40 2.09 22.19
C SER F 400 26.84 1.11 23.26
N ALA F 401 26.11 0.00 23.40
CA ALA F 401 26.52 -1.03 24.34
C ALA F 401 27.85 -1.65 23.95
N ARG F 402 28.07 -1.87 22.66
CA ARG F 402 29.35 -2.43 22.20
C ARG F 402 30.49 -1.46 22.49
N ILE F 403 30.30 -0.18 22.18
CA ILE F 403 31.33 0.82 22.43
C ILE F 403 31.60 0.92 23.93
N ALA F 404 30.56 0.89 24.75
CA ALA F 404 30.73 0.97 26.19
C ALA F 404 31.45 -0.27 26.73
N TYR F 405 31.18 -1.43 26.16
CA TYR F 405 31.90 -2.64 26.55
C TYR F 405 33.39 -2.50 26.26
N THR F 406 33.71 -2.04 25.06
CA THR F 406 35.12 -1.87 24.68
C THR F 406 35.81 -0.87 25.61
N PHE F 407 35.21 0.30 25.79
CA PHE F 407 35.86 1.31 26.63
C PHE F 407 35.93 0.88 28.08
N ALA F 408 34.94 0.13 28.58
CA ALA F 408 35.01 -0.33 29.96
C ALA F 408 36.14 -1.32 30.15
N ARG F 409 36.32 -2.23 29.19
CA ARG F 409 37.48 -3.11 29.24
C ARG F 409 38.78 -2.31 29.30
N ALA F 410 38.91 -1.32 28.41
CA ALA F 410 40.14 -0.53 28.37
C ALA F 410 40.35 0.24 29.66
N PHE F 411 39.30 0.85 30.19
CA PHE F 411 39.42 1.66 31.40
C PHE F 411 39.77 0.79 32.60
N LEU F 412 39.18 -0.40 32.69
CA LEU F 412 39.53 -1.28 33.79
C LEU F 412 40.95 -1.79 33.66
N MET F 413 41.41 -2.02 32.42
CA MET F 413 42.80 -2.42 32.22
C MET F 413 43.76 -1.33 32.70
N GLN F 414 43.49 -0.09 32.33
CA GLN F 414 44.40 0.99 32.71
C GLN F 414 44.28 1.35 34.19
N HIS F 415 43.14 1.07 34.81
CA HIS F 415 42.90 1.47 36.19
C HIS F 415 43.25 0.37 37.18
N ALA F 416 42.80 -0.86 36.92
CA ALA F 416 43.08 -2.01 37.77
C ALA F 416 43.58 -3.14 36.89
N PRO F 417 44.87 -3.11 36.51
CA PRO F 417 45.38 -4.04 35.50
C PRO F 417 45.35 -5.50 35.92
N ALA F 418 44.94 -5.82 37.14
CA ALA F 418 44.92 -7.19 37.64
C ALA F 418 43.51 -7.60 38.03
N ASN F 419 42.53 -7.28 37.19
CA ASN F 419 41.14 -7.56 37.53
C ASN F 419 40.56 -8.76 36.80
N ASP F 420 40.87 -8.91 35.51
CA ASP F 420 40.53 -10.10 34.74
C ASP F 420 39.02 -10.20 34.50
N TYR F 421 38.26 -9.31 35.12
CA TYR F 421 36.84 -9.21 34.83
C TYR F 421 36.66 -8.50 33.50
N LEU F 422 35.46 -8.63 32.94
CA LEU F 422 35.11 -7.96 31.68
C LEU F 422 35.89 -8.49 30.49
N VAL F 423 36.82 -9.41 30.71
CA VAL F 423 37.53 -10.03 29.60
C VAL F 423 37.28 -11.53 29.64
N THR F 424 37.00 -12.05 30.84
CA THR F 424 36.72 -13.47 30.98
C THR F 424 35.30 -13.77 31.41
N SER F 425 34.58 -12.79 31.96
CA SER F 425 33.22 -13.02 32.43
C SER F 425 32.23 -12.87 31.29
N HIS F 426 31.12 -13.60 31.39
CA HIS F 426 30.01 -13.50 30.45
C HIS F 426 28.90 -12.70 31.12
N ILE F 427 28.66 -11.49 30.63
CA ILE F 427 27.75 -10.55 31.26
C ILE F 427 26.44 -10.55 30.48
N HIS F 428 25.35 -10.25 31.19
CA HIS F 428 24.06 -9.97 30.59
C HIS F 428 23.66 -8.56 31.01
N LEU F 429 23.29 -7.74 30.04
CA LEU F 429 22.91 -6.36 30.30
C LEU F 429 21.44 -6.17 29.93
N HIS F 430 20.64 -5.75 30.90
CA HIS F 430 19.21 -5.59 30.72
C HIS F 430 18.79 -4.19 31.11
N VAL F 431 17.98 -3.56 30.28
CA VAL F 431 17.36 -2.28 30.61
C VAL F 431 15.90 -2.57 30.92
N PRO F 432 15.50 -2.57 32.19
CA PRO F 432 14.20 -3.12 32.58
C PRO F 432 13.04 -2.38 31.93
N GLU F 433 11.85 -2.95 32.17
CA GLU F 433 10.64 -2.70 31.37
C GLU F 433 10.87 -3.18 29.93
N GLY F 434 11.01 -4.50 29.82
CA GLY F 434 11.41 -5.15 28.58
C GLY F 434 10.40 -5.09 27.47
N ALA F 435 9.20 -4.60 27.71
CA ALA F 435 8.24 -4.46 26.63
C ALA F 435 8.41 -3.15 25.87
N THR F 436 9.11 -2.18 26.43
CA THR F 436 9.22 -0.87 25.83
C THR F 436 10.39 -0.83 24.85
N PRO F 437 10.17 -0.48 23.60
CA PRO F 437 11.29 -0.29 22.68
C PRO F 437 12.02 1.00 22.99
N LYS F 438 13.33 0.93 23.08
CA LYS F 438 14.12 2.09 23.47
C LYS F 438 15.39 2.17 22.64
N ASP F 439 15.75 3.38 22.25
CA ASP F 439 16.84 3.62 21.32
C ASP F 439 17.56 4.89 21.72
N GLY F 440 18.71 5.15 21.09
CA GLY F 440 19.42 6.38 21.29
C GLY F 440 20.87 6.20 21.70
N PRO F 441 21.73 7.14 21.30
CA PRO F 441 23.15 7.04 21.64
C PRO F 441 23.48 7.39 23.07
N SER F 442 22.56 8.00 23.82
CA SER F 442 22.82 8.28 25.21
C SER F 442 22.87 6.98 26.00
N ALA F 443 23.00 7.09 27.31
CA ALA F 443 23.20 5.94 28.18
C ALA F 443 24.44 5.17 27.82
N GLY F 444 25.40 5.78 27.13
CA GLY F 444 26.68 5.15 26.96
C GLY F 444 27.50 5.19 28.24
N CYS F 445 27.62 6.38 28.84
CA CYS F 445 28.28 6.49 30.13
C CYS F 445 27.56 5.69 31.19
N THR F 446 26.24 5.58 31.09
CA THR F 446 25.49 4.75 32.03
C THR F 446 25.89 3.29 31.93
N ILE F 447 26.04 2.78 30.70
CA ILE F 447 26.42 1.39 30.51
C ILE F 447 27.86 1.15 30.94
N VAL F 448 28.75 2.11 30.68
CA VAL F 448 30.12 1.99 31.16
C VAL F 448 30.14 1.91 32.69
N THR F 449 29.36 2.78 33.34
CA THR F 449 29.34 2.79 34.80
C THR F 449 28.74 1.50 35.34
N ALA F 450 27.71 0.98 34.69
CA ALA F 450 27.12 -0.28 35.14
C ALA F 450 28.13 -1.42 35.05
N LEU F 451 28.82 -1.53 33.92
CA LEU F 451 29.82 -2.57 33.77
C LEU F 451 30.94 -2.43 34.79
N LEU F 452 31.42 -1.21 35.01
CA LEU F 452 32.50 -1.01 35.95
C LEU F 452 32.07 -1.31 37.38
N SER F 453 30.88 -0.87 37.76
CA SER F 453 30.40 -1.12 39.11
C SER F 453 30.13 -2.59 39.36
N LEU F 454 29.76 -3.34 38.32
CA LEU F 454 29.64 -4.78 38.49
C LEU F 454 31.01 -5.43 38.59
N ALA F 455 31.97 -4.97 37.79
CA ALA F 455 33.29 -5.59 37.76
C ALA F 455 34.06 -5.33 39.05
N MET F 456 33.84 -4.19 39.68
CA MET F 456 34.53 -3.85 40.92
C MET F 456 33.71 -4.21 42.16
N GLY F 457 32.49 -4.71 41.98
CA GLY F 457 31.65 -5.06 43.11
C GLY F 457 31.27 -3.90 43.98
N ARG F 458 31.13 -2.72 43.41
CA ARG F 458 30.84 -1.52 44.17
C ARG F 458 29.58 -0.85 43.63
N PRO F 459 28.64 -0.48 44.48
CA PRO F 459 27.51 0.32 44.01
C PRO F 459 27.92 1.76 43.77
N VAL F 460 27.30 2.37 42.78
CA VAL F 460 27.55 3.77 42.47
C VAL F 460 26.89 4.62 43.54
N ARG F 461 27.17 5.92 43.54
CA ARG F 461 26.45 6.84 44.43
C ARG F 461 24.96 6.63 44.30
N GLN F 462 24.24 6.87 45.39
CA GLN F 462 22.89 6.32 45.50
C GLN F 462 21.88 7.13 44.69
N ASN F 463 21.77 8.43 44.95
CA ASN F 463 20.85 9.26 44.18
C ASN F 463 21.59 9.99 43.07
N LEU F 464 22.25 9.21 42.23
CA LEU F 464 23.07 9.72 41.14
C LEU F 464 22.50 9.27 39.81
N ALA F 465 22.17 10.23 38.95
CA ALA F 465 21.76 9.97 37.58
C ALA F 465 22.81 10.49 36.62
N MET F 466 22.81 9.94 35.41
CA MET F 466 23.77 10.38 34.41
C MET F 466 23.16 10.18 33.02
N THR F 467 23.65 10.98 32.07
CA THR F 467 23.23 10.84 30.68
C THR F 467 24.32 11.44 29.81
N GLY F 468 24.74 10.69 28.79
CA GLY F 468 25.81 11.16 27.93
C GLY F 468 26.29 10.12 26.95
N GLU F 469 26.60 10.53 25.73
CA GLU F 469 27.10 9.63 24.71
C GLU F 469 28.61 9.52 24.84
N VAL F 470 29.10 8.31 24.99
CA VAL F 470 30.53 8.05 25.12
C VAL F 470 31.06 7.63 23.76
N SER F 471 32.31 7.99 23.50
CA SER F 471 33.00 7.55 22.29
C SER F 471 33.97 6.45 22.64
N LEU F 472 34.66 5.94 21.62
CA LEU F 472 35.52 4.77 21.80
C LEU F 472 36.70 5.05 22.72
N THR F 473 37.10 6.30 22.86
CA THR F 473 38.23 6.66 23.69
C THR F 473 37.83 7.29 25.02
N GLY F 474 36.54 7.52 25.24
CA GLY F 474 36.05 8.02 26.50
C GLY F 474 35.46 9.40 26.47
N LYS F 475 35.56 10.12 25.34
CA LYS F 475 34.98 11.44 25.27
C LYS F 475 33.47 11.38 25.43
N ILE F 476 32.92 12.32 26.19
CA ILE F 476 31.50 12.40 26.45
C ILE F 476 30.92 13.46 25.54
N LEU F 477 30.17 13.05 24.60
CA LEU F 477 29.54 13.80 23.53
C LEU F 477 28.16 14.28 23.96
N PRO F 478 27.66 15.39 23.42
CA PRO F 478 26.42 15.98 23.92
C PRO F 478 25.21 15.10 23.62
N VAL F 479 24.13 15.39 24.33
CA VAL F 479 22.87 14.69 24.19
C VAL F 479 21.76 15.71 24.01
N GLY F 480 20.53 15.21 23.86
CA GLY F 480 19.38 16.05 23.66
C GLY F 480 18.31 15.80 24.72
N GLY F 481 17.37 16.72 24.79
CA GLY F 481 16.31 16.62 25.78
C GLY F 481 16.78 16.77 27.20
N ILE F 482 17.66 17.74 27.47
CA ILE F 482 18.17 17.93 28.82
C ILE F 482 17.08 18.39 29.76
N LYS F 483 16.13 19.18 29.26
CA LYS F 483 15.05 19.67 30.10
C LYS F 483 14.21 18.53 30.67
N GLU F 484 13.74 17.64 29.79
CA GLU F 484 12.88 16.55 30.22
C GLU F 484 13.63 15.57 31.11
N LYS F 485 14.88 15.26 30.75
CA LYS F 485 15.67 14.34 31.57
C LYS F 485 15.90 14.91 32.96
N THR F 486 16.21 16.21 33.05
CA THR F 486 16.44 16.82 34.35
C THR F 486 15.17 16.88 35.17
N ILE F 487 14.04 17.17 34.51
CA ILE F 487 12.76 17.16 35.22
C ILE F 487 12.49 15.77 35.81
N ALA F 488 12.64 14.73 34.98
CA ALA F 488 12.39 13.38 35.44
C ALA F 488 13.36 12.95 36.52
N ALA F 489 14.58 13.50 36.51
CA ALA F 489 15.54 13.17 37.55
C ALA F 489 15.16 13.84 38.87
N LYS F 490 14.79 15.12 38.82
CA LYS F 490 14.33 15.80 40.02
C LYS F 490 13.07 15.15 40.58
N ARG F 491 12.22 14.62 39.70
CA ARG F 491 10.98 13.99 40.15
C ARG F 491 11.24 12.63 40.81
N ALA F 492 12.38 12.01 40.55
CA ALA F 492 12.69 10.70 41.08
C ALA F 492 13.63 10.76 42.28
N GLY F 493 13.86 11.95 42.83
CA GLY F 493 14.69 12.07 43.99
C GLY F 493 16.17 12.03 43.72
N VAL F 494 16.60 12.48 42.55
CA VAL F 494 18.02 12.55 42.23
C VAL F 494 18.62 13.78 42.89
N THR F 495 19.76 13.61 43.54
CA THR F 495 20.47 14.72 44.16
C THR F 495 21.71 15.16 43.39
N CYS F 496 22.37 14.24 42.69
CA CYS F 496 23.53 14.57 41.87
C CYS F 496 23.28 14.05 40.45
N ILE F 497 23.46 14.91 39.47
CA ILE F 497 23.23 14.57 38.07
C ILE F 497 24.47 14.92 37.26
N VAL F 498 24.81 14.09 36.28
CA VAL F 498 26.03 14.21 35.50
C VAL F 498 25.65 14.41 34.04
N LEU F 499 26.13 15.49 33.44
CA LEU F 499 25.82 15.87 32.08
C LEU F 499 27.08 16.07 31.27
N PRO F 500 26.98 16.04 29.94
CA PRO F 500 28.12 16.45 29.12
C PRO F 500 28.35 17.95 29.21
N ALA F 501 29.63 18.34 29.08
CA ALA F 501 29.98 19.75 29.25
C ALA F 501 29.45 20.62 28.12
N GLU F 502 29.12 20.03 26.97
CA GLU F 502 28.53 20.80 25.89
C GLU F 502 27.04 21.04 26.07
N ASN F 503 26.46 20.55 27.16
CA ASN F 503 25.06 20.79 27.50
C ASN F 503 24.93 21.75 28.67
N LYS F 504 26.00 22.46 29.02
CA LYS F 504 25.90 23.47 30.07
C LYS F 504 24.88 24.54 29.73
N LYS F 505 24.88 24.99 28.47
CA LYS F 505 23.89 25.97 28.04
C LYS F 505 22.49 25.42 28.20
N ASP F 506 22.25 24.21 27.68
CA ASP F 506 20.91 23.63 27.76
C ASP F 506 20.45 23.48 29.20
N PHE F 507 21.39 23.16 30.11
CA PHE F 507 21.00 22.99 31.50
C PHE F 507 20.70 24.33 32.16
N TYR F 508 21.43 25.37 31.80
CA TYR F 508 21.24 26.66 32.44
C TYR F 508 20.12 27.48 31.82
N ASP F 509 19.60 27.08 30.67
CA ASP F 509 18.40 27.71 30.13
C ASP F 509 17.15 27.06 30.70
N LEU F 510 17.14 26.87 32.01
CA LEU F 510 16.03 26.25 32.72
C LEU F 510 15.63 27.14 33.88
N ALA F 511 14.34 27.12 34.21
CA ALA F 511 13.84 27.93 35.30
C ALA F 511 14.59 27.60 36.59
N ALA F 512 14.78 28.61 37.43
CA ALA F 512 15.62 28.44 38.62
C ALA F 512 15.06 27.41 39.58
N PHE F 513 13.75 27.13 39.54
CA PHE F 513 13.18 26.15 40.45
C PHE F 513 13.30 24.72 39.94
N ILE F 514 13.67 24.53 38.68
CA ILE F 514 13.89 23.19 38.16
C ILE F 514 15.25 22.68 38.60
N THR F 515 16.26 23.54 38.56
CA THR F 515 17.64 23.16 38.83
C THR F 515 18.12 23.65 40.19
N GLU F 516 17.19 23.84 41.13
CA GLU F 516 17.54 24.55 42.35
C GLU F 516 18.35 23.69 43.30
N GLY F 517 18.02 22.41 43.41
CA GLY F 517 18.64 21.58 44.44
C GLY F 517 19.47 20.43 43.93
N LEU F 518 19.93 20.53 42.69
CA LEU F 518 20.69 19.47 42.04
C LEU F 518 22.17 19.80 42.08
N GLU F 519 22.97 18.87 42.59
CA GLU F 519 24.42 18.98 42.48
C GLU F 519 24.83 18.53 41.09
N VAL F 520 25.17 19.47 40.23
CA VAL F 520 25.38 19.20 38.82
C VAL F 520 26.88 19.12 38.54
N HIS F 521 27.25 18.20 37.64
CA HIS F 521 28.63 18.04 37.22
C HIS F 521 28.66 17.99 35.70
N PHE F 522 29.58 18.74 35.10
CA PHE F 522 29.73 18.77 33.66
C PHE F 522 31.09 18.17 33.31
N VAL F 523 31.06 17.04 32.61
CA VAL F 523 32.27 16.28 32.32
C VAL F 523 32.53 16.30 30.82
N GLU F 524 33.79 16.12 30.46
CA GLU F 524 34.21 16.01 29.07
C GLU F 524 34.78 14.66 28.73
N HIS F 525 35.45 14.01 29.68
CA HIS F 525 35.92 12.66 29.55
C HIS F 525 35.25 11.80 30.62
N TYR F 526 35.36 10.49 30.46
CA TYR F 526 34.70 9.59 31.39
C TYR F 526 35.41 9.50 32.73
N ARG F 527 36.71 9.77 32.79
CA ARG F 527 37.42 9.66 34.06
C ARG F 527 36.79 10.54 35.13
N GLU F 528 36.24 11.68 34.76
CA GLU F 528 35.54 12.52 35.72
C GLU F 528 34.26 11.85 36.21
N ILE F 529 33.54 11.19 35.31
CA ILE F 529 32.37 10.43 35.72
C ILE F 529 32.76 9.34 36.70
N PHE F 530 33.89 8.69 36.45
CA PHE F 530 34.36 7.65 37.37
C PHE F 530 34.69 8.25 38.72
N ASP F 531 35.26 9.45 38.74
CA ASP F 531 35.57 10.06 40.03
C ASP F 531 34.32 10.49 40.77
N ILE F 532 33.26 10.85 40.04
CA ILE F 532 32.02 11.28 40.70
C ILE F 532 31.25 10.07 41.22
N ALA F 533 31.13 9.03 40.41
CA ALA F 533 30.27 7.90 40.75
C ALA F 533 30.90 7.00 41.80
N PHE F 534 32.22 6.93 41.88
CA PHE F 534 32.88 6.08 42.86
C PHE F 534 33.78 6.88 43.79
N UNK G 1 -38.70 27.08 -10.14
CA UNK G 1 -38.77 25.77 -9.53
C UNK G 1 -37.99 24.74 -10.34
N UNK G 2 -36.67 24.76 -10.19
CA UNK G 2 -35.81 23.84 -10.92
C UNK G 2 -35.88 22.45 -10.31
N UNK G 3 -35.47 21.46 -11.09
CA UNK G 3 -35.48 20.06 -10.68
C UNK G 3 -34.05 19.58 -10.49
N UNK G 4 -33.72 19.14 -9.28
CA UNK G 4 -32.38 18.67 -8.97
C UNK G 4 -32.21 17.23 -9.43
N UNK G 5 -31.14 16.95 -10.17
CA UNK G 5 -30.87 15.64 -10.73
C UNK G 5 -29.56 15.11 -10.17
N UNK G 6 -29.56 13.86 -9.72
CA UNK G 6 -28.37 13.28 -9.14
C UNK G 6 -27.36 12.92 -10.23
N UNK G 7 -26.09 12.97 -9.87
CA UNK G 7 -25.00 12.70 -10.81
C UNK G 7 -23.93 11.88 -10.14
N UNK G 8 -23.56 10.76 -10.76
CA UNK G 8 -22.49 9.94 -10.23
C UNK G 8 -21.13 10.60 -10.49
N UNK G 9 -20.10 10.08 -9.83
CA UNK G 9 -18.77 10.66 -9.96
C UNK G 9 -17.73 9.60 -9.66
N UNK G 10 -16.77 9.44 -10.56
CA UNK G 10 -15.67 8.49 -10.41
C UNK G 10 -14.37 9.27 -10.31
N UNK G 11 -13.84 9.38 -9.09
CA UNK G 11 -12.60 10.10 -8.85
C UNK G 11 -11.93 9.52 -7.61
N UNK G 12 -10.87 10.17 -7.16
CA UNK G 12 -10.13 9.75 -5.98
C UNK G 12 -9.51 10.94 -5.27
#